data_6L7K
#
_entry.id   6L7K
#
_entity_poly.entity_id   1
_entity_poly.type   'polypeptide(L)'
_entity_poly.pdbx_seq_one_letter_code
;AFDSTWKVDRSENYDKFMEKMGVNIVKRKLAAHDNLKLTITQEGNKFTVKESSAFRNIECVFELGVTFNCNLADGTELRG
TWSLEGNKLIGKFKRTDNGNELNTVREIIGDELVQTYVYEGVEAKRIFKKD
;
_entity_poly.pdbx_strand_id   A
#
# COMPACT_ATOMS: atom_id res chain seq x y z
N ALA A 1 -10.22 0.50 10.39
CA ALA A 1 -11.16 1.52 9.83
C ALA A 1 -11.23 1.36 8.31
N PHE A 2 -11.57 2.41 7.61
CA PHE A 2 -11.66 2.33 6.13
C PHE A 2 -12.57 1.16 5.75
N ASP A 3 -13.74 1.10 6.31
CA ASP A 3 -14.68 0.00 5.99
C ASP A 3 -15.54 0.40 4.79
N SER A 4 -15.08 0.12 3.59
CA SER A 4 -15.88 0.48 2.39
C SER A 4 -15.00 0.41 1.14
N THR A 5 -15.44 0.98 0.04
CA THR A 5 -14.64 0.93 -1.20
C THR A 5 -13.92 2.27 -1.41
N TRP A 6 -12.75 2.25 -1.97
CA TRP A 6 -12.00 3.52 -2.20
C TRP A 6 -11.09 3.36 -3.42
N LYS A 7 -10.52 4.43 -3.90
CA LYS A 7 -9.63 4.33 -5.08
C LYS A 7 -8.59 5.45 -5.05
N VAL A 8 -7.34 5.11 -5.18
CA VAL A 8 -6.29 6.17 -5.14
C VAL A 8 -6.79 7.42 -5.85
N ASP A 9 -7.10 8.44 -5.09
CA ASP A 9 -7.59 9.70 -5.70
C ASP A 9 -6.41 10.66 -5.81
N ARG A 10 -5.43 10.49 -4.97
CA ARG A 10 -4.24 11.40 -5.03
C ARG A 10 -2.95 10.60 -4.79
N SER A 11 -1.83 11.13 -5.20
CA SER A 11 -0.54 10.42 -4.99
C SER A 11 0.60 11.27 -5.56
N GLU A 12 1.81 11.07 -5.11
CA GLU A 12 2.94 11.89 -5.65
C GLU A 12 4.28 11.28 -5.23
N ASN A 13 5.35 11.70 -5.84
CA ASN A 13 6.70 11.16 -5.49
C ASN A 13 6.80 9.70 -5.91
N TYR A 14 5.71 9.12 -6.36
CA TYR A 14 5.74 7.69 -6.78
C TYR A 14 6.94 7.45 -7.70
N ASP A 15 7.44 8.46 -8.32
CA ASP A 15 8.60 8.25 -9.23
C ASP A 15 9.85 7.97 -8.37
N LYS A 16 10.07 8.77 -7.37
CA LYS A 16 11.25 8.53 -6.50
C LYS A 16 11.10 7.15 -5.87
N PHE A 17 9.90 6.77 -5.55
CA PHE A 17 9.67 5.43 -4.96
C PHE A 17 9.94 4.37 -6.02
N MET A 18 9.16 4.37 -7.05
CA MET A 18 9.36 3.37 -8.13
C MET A 18 10.79 3.48 -8.67
N GLU A 19 11.42 4.61 -8.50
CA GLU A 19 12.82 4.75 -8.99
C GLU A 19 13.77 4.16 -7.96
N LYS A 20 13.37 4.10 -6.73
CA LYS A 20 14.26 3.52 -5.69
C LYS A 20 14.30 2.01 -5.84
N MET A 21 13.17 1.40 -6.06
CA MET A 21 13.17 -0.08 -6.25
C MET A 21 14.06 -0.44 -7.43
N GLY A 22 14.42 0.54 -8.22
CA GLY A 22 15.28 0.26 -9.40
C GLY A 22 14.43 -0.28 -10.54
N VAL A 23 13.20 0.11 -10.61
CA VAL A 23 12.31 -0.37 -11.70
C VAL A 23 12.60 0.41 -12.98
N ASN A 24 12.59 -0.25 -14.11
CA ASN A 24 12.86 0.45 -15.39
C ASN A 24 12.11 1.79 -15.41
N ILE A 25 12.41 2.64 -16.35
CA ILE A 25 11.71 3.95 -16.41
C ILE A 25 10.33 3.75 -17.04
N VAL A 26 10.05 2.56 -17.43
CA VAL A 26 8.74 2.26 -18.05
C VAL A 26 7.70 2.06 -16.94
N LYS A 27 7.91 1.12 -16.09
CA LYS A 27 6.93 0.89 -14.99
C LYS A 27 6.88 2.14 -14.10
N ARG A 28 7.94 2.91 -14.11
CA ARG A 28 7.96 4.15 -13.29
C ARG A 28 7.04 5.19 -13.93
N LYS A 29 7.16 5.39 -15.21
CA LYS A 29 6.30 6.40 -15.89
C LYS A 29 4.85 5.91 -15.90
N LEU A 30 4.64 4.63 -15.99
CA LEU A 30 3.25 4.09 -16.02
C LEU A 30 2.76 3.86 -14.60
N ALA A 31 3.65 3.92 -13.67
CA ALA A 31 3.27 3.72 -12.25
C ALA A 31 2.61 4.98 -11.70
N ALA A 32 3.25 6.11 -11.84
CA ALA A 32 2.66 7.37 -11.32
C ALA A 32 1.16 7.40 -11.61
N HIS A 33 0.73 6.75 -12.65
CA HIS A 33 -0.72 6.73 -13.00
C HIS A 33 -1.46 5.81 -12.02
N ASP A 34 -1.19 5.93 -10.75
CA ASP A 34 -1.88 5.06 -9.75
C ASP A 34 -3.37 5.41 -9.72
N ASN A 35 -4.21 4.48 -10.11
CA ASN A 35 -5.67 4.74 -10.11
C ASN A 35 -6.41 3.42 -9.80
N LEU A 36 -5.93 2.66 -8.86
CA LEU A 36 -6.58 1.36 -8.55
C LEU A 36 -7.67 1.53 -7.49
N LYS A 37 -8.51 0.53 -7.37
CA LYS A 37 -9.61 0.56 -6.37
C LYS A 37 -9.28 -0.44 -5.24
N LEU A 38 -9.72 -0.18 -4.04
CA LEU A 38 -9.41 -1.13 -2.93
C LEU A 38 -10.60 -1.21 -1.97
N THR A 39 -11.07 -2.40 -1.69
CA THR A 39 -12.19 -2.57 -0.74
C THR A 39 -11.63 -3.06 0.59
N ILE A 40 -11.66 -2.24 1.61
CA ILE A 40 -11.09 -2.67 2.92
C ILE A 40 -12.18 -2.92 3.96
N THR A 41 -11.98 -3.92 4.78
CA THR A 41 -12.96 -4.24 5.84
C THR A 41 -12.18 -4.51 7.13
N GLN A 42 -12.76 -4.27 8.26
CA GLN A 42 -12.02 -4.51 9.53
C GLN A 42 -12.92 -5.23 10.54
N GLU A 43 -12.37 -6.14 11.30
CA GLU A 43 -13.19 -6.86 12.31
C GLU A 43 -12.36 -7.08 13.57
N GLY A 44 -12.23 -6.07 14.38
CA GLY A 44 -11.44 -6.19 15.65
C GLY A 44 -10.05 -6.74 15.34
N ASN A 45 -9.90 -8.04 15.32
CA ASN A 45 -8.57 -8.65 15.05
C ASN A 45 -8.60 -9.41 13.73
N LYS A 46 -9.42 -8.99 12.80
CA LYS A 46 -9.49 -9.68 11.50
C LYS A 46 -9.74 -8.62 10.44
N PHE A 47 -8.75 -8.39 9.63
CA PHE A 47 -8.87 -7.37 8.55
C PHE A 47 -9.06 -8.09 7.22
N THR A 48 -9.53 -7.38 6.23
CA THR A 48 -9.72 -8.01 4.92
C THR A 48 -9.64 -6.93 3.84
N VAL A 49 -8.53 -6.86 3.16
CA VAL A 49 -8.37 -5.82 2.11
C VAL A 49 -8.44 -6.47 0.73
N LYS A 50 -9.25 -5.94 -0.13
CA LYS A 50 -9.37 -6.53 -1.50
C LYS A 50 -8.96 -5.49 -2.54
N GLU A 51 -7.75 -5.57 -3.04
CA GLU A 51 -7.29 -4.59 -4.06
C GLU A 51 -7.98 -4.91 -5.39
N SER A 52 -8.02 -3.97 -6.30
CA SER A 52 -8.67 -4.24 -7.60
C SER A 52 -8.18 -3.21 -8.61
N SER A 53 -7.36 -3.65 -9.50
CA SER A 53 -6.83 -2.74 -10.55
C SER A 53 -7.03 -3.43 -11.91
N ALA A 54 -7.32 -2.68 -12.93
CA ALA A 54 -7.52 -3.32 -14.26
C ALA A 54 -6.26 -4.06 -14.67
N PHE A 55 -5.31 -4.17 -13.77
CA PHE A 55 -4.03 -4.86 -14.12
C PHE A 55 -3.85 -6.15 -13.30
N ARG A 56 -4.52 -6.28 -12.18
CA ARG A 56 -4.35 -7.52 -11.37
C ARG A 56 -4.93 -7.30 -9.98
N ASN A 57 -6.19 -7.56 -9.82
CA ASN A 57 -6.82 -7.37 -8.48
C ASN A 57 -6.16 -8.32 -7.47
N ILE A 58 -6.11 -7.93 -6.22
CA ILE A 58 -5.48 -8.80 -5.20
C ILE A 58 -6.32 -8.82 -3.93
N GLU A 59 -5.94 -9.64 -2.99
CA GLU A 59 -6.70 -9.72 -1.70
C GLU A 59 -5.77 -10.20 -0.59
N CYS A 60 -5.98 -9.73 0.61
CA CYS A 60 -5.12 -10.14 1.74
C CYS A 60 -5.93 -10.08 3.05
N VAL A 61 -6.22 -11.22 3.63
CA VAL A 61 -6.99 -11.22 4.90
C VAL A 61 -6.07 -11.63 6.04
N PHE A 62 -6.22 -11.03 7.19
CA PHE A 62 -5.32 -11.42 8.32
C PHE A 62 -5.56 -10.52 9.54
N GLU A 63 -4.96 -10.86 10.65
CA GLU A 63 -5.11 -10.04 11.89
C GLU A 63 -3.91 -9.11 12.00
N LEU A 64 -3.97 -8.10 12.83
CA LEU A 64 -2.81 -7.19 12.96
C LEU A 64 -1.78 -7.80 13.91
N GLY A 65 -0.54 -7.84 13.51
CA GLY A 65 0.52 -8.42 14.39
C GLY A 65 1.07 -9.71 13.78
N VAL A 66 0.26 -10.45 13.07
CA VAL A 66 0.74 -11.71 12.46
C VAL A 66 1.33 -11.44 11.08
N THR A 67 2.60 -11.70 10.91
CA THR A 67 3.25 -11.45 9.58
C THR A 67 2.51 -12.20 8.50
N PHE A 68 2.43 -11.62 7.34
CA PHE A 68 1.76 -12.28 6.20
C PHE A 68 2.38 -11.73 4.92
N ASN A 69 1.83 -12.04 3.78
CA ASN A 69 2.42 -11.53 2.52
C ASN A 69 1.33 -10.92 1.65
N CYS A 70 1.69 -9.95 0.86
CA CYS A 70 0.69 -9.29 -0.02
C CYS A 70 1.44 -8.71 -1.22
N ASN A 71 0.95 -8.91 -2.40
CA ASN A 71 1.66 -8.38 -3.60
C ASN A 71 1.18 -6.97 -3.91
N LEU A 72 2.05 -6.15 -4.46
CA LEU A 72 1.65 -4.76 -4.80
C LEU A 72 1.31 -4.67 -6.29
N ALA A 73 0.37 -3.83 -6.64
CA ALA A 73 -0.01 -3.69 -8.07
C ALA A 73 1.24 -3.66 -8.95
N ASP A 74 2.31 -3.11 -8.45
CA ASP A 74 3.56 -3.06 -9.25
C ASP A 74 4.08 -4.49 -9.49
N GLY A 75 3.27 -5.47 -9.20
CA GLY A 75 3.72 -6.88 -9.41
C GLY A 75 4.81 -7.23 -8.40
N THR A 76 4.78 -6.59 -7.25
CA THR A 76 5.81 -6.88 -6.21
C THR A 76 5.22 -7.83 -5.17
N GLU A 77 6.07 -8.46 -4.41
CA GLU A 77 5.59 -9.40 -3.36
C GLU A 77 6.32 -9.09 -2.06
N LEU A 78 5.60 -8.72 -1.02
CA LEU A 78 6.29 -8.39 0.26
C LEU A 78 5.54 -9.03 1.45
N ARG A 79 6.20 -9.13 2.57
CA ARG A 79 5.55 -9.73 3.77
C ARG A 79 5.97 -8.97 5.04
N GLY A 80 5.08 -8.80 5.97
CA GLY A 80 5.42 -8.08 7.22
C GLY A 80 4.14 -7.92 8.03
N THR A 81 3.72 -6.72 8.26
CA THR A 81 2.45 -6.53 9.04
C THR A 81 2.23 -5.06 9.37
N TRP A 82 1.00 -4.70 9.63
CA TRP A 82 0.69 -3.29 9.99
C TRP A 82 0.50 -3.20 11.50
N SER A 83 0.96 -2.15 12.11
CA SER A 83 0.79 -2.02 13.59
C SER A 83 0.51 -0.56 13.92
N LEU A 84 -0.12 -0.28 15.02
CA LEU A 84 -0.40 1.14 15.33
C LEU A 84 0.82 1.79 15.98
N GLU A 85 1.32 2.81 15.37
CA GLU A 85 2.49 3.53 15.92
C GLU A 85 2.03 4.90 16.38
N GLY A 86 1.96 5.12 17.65
CA GLY A 86 1.48 6.44 18.15
C GLY A 86 0.05 6.64 17.67
N ASN A 87 -0.15 7.44 16.65
CA ASN A 87 -1.53 7.66 16.14
C ASN A 87 -1.59 7.32 14.65
N LYS A 88 -0.83 6.35 14.20
CA LYS A 88 -0.86 5.99 12.75
C LYS A 88 -0.77 4.47 12.59
N LEU A 89 -1.10 3.97 11.44
CA LEU A 89 -1.02 2.50 11.21
C LEU A 89 0.24 2.20 10.39
N ILE A 90 1.26 1.69 11.01
CA ILE A 90 2.51 1.40 10.26
C ILE A 90 2.32 0.18 9.38
N GLY A 91 3.21 -0.01 8.44
CA GLY A 91 3.12 -1.17 7.52
C GLY A 91 4.56 -1.60 7.16
N LYS A 92 5.09 -2.55 7.88
CA LYS A 92 6.46 -3.00 7.58
C LYS A 92 6.41 -4.10 6.54
N PHE A 93 6.77 -3.80 5.32
CA PHE A 93 6.74 -4.83 4.24
C PHE A 93 8.14 -5.11 3.73
N LYS A 94 8.44 -6.35 3.53
CA LYS A 94 9.79 -6.73 3.03
C LYS A 94 9.64 -7.41 1.66
N ARG A 95 10.17 -6.80 0.64
CA ARG A 95 10.06 -7.41 -0.72
C ARG A 95 10.57 -8.85 -0.65
N THR A 96 9.71 -9.80 -0.88
CA THR A 96 10.15 -11.22 -0.81
C THR A 96 11.04 -11.52 -2.00
N ASP A 97 11.04 -10.64 -2.92
CA ASP A 97 11.87 -10.80 -4.15
C ASP A 97 13.32 -10.48 -3.82
N ASN A 98 13.56 -9.34 -3.22
CA ASN A 98 14.96 -8.95 -2.88
C ASN A 98 15.04 -8.47 -1.43
N GLY A 99 14.00 -8.66 -0.66
CA GLY A 99 14.03 -8.20 0.76
C GLY A 99 14.56 -6.77 0.83
N ASN A 100 14.14 -5.92 -0.09
CA ASN A 100 14.63 -4.52 -0.08
C ASN A 100 13.88 -3.73 1.01
N GLU A 101 13.31 -4.43 1.93
CA GLU A 101 12.56 -3.80 3.05
C GLU A 101 11.68 -2.64 2.53
N LEU A 102 10.66 -2.30 3.29
CA LEU A 102 9.75 -1.19 2.88
C LEU A 102 9.07 -0.66 4.14
N ASN A 103 9.13 0.62 4.38
CA ASN A 103 8.49 1.17 5.61
C ASN A 103 7.37 2.13 5.20
N THR A 104 6.15 1.79 5.48
CA THR A 104 5.03 2.68 5.08
C THR A 104 4.14 3.03 6.27
N VAL A 105 3.18 3.88 6.05
CA VAL A 105 2.25 4.29 7.13
C VAL A 105 0.85 4.49 6.54
N ARG A 106 -0.17 4.21 7.29
CA ARG A 106 -1.56 4.38 6.75
C ARG A 106 -2.35 5.36 7.62
N GLU A 107 -3.02 6.30 7.01
CA GLU A 107 -3.81 7.29 7.80
C GLU A 107 -5.18 7.43 7.13
N ILE A 108 -6.18 7.87 7.85
CA ILE A 108 -7.52 8.02 7.25
C ILE A 108 -7.99 9.45 7.48
N ILE A 109 -7.56 10.35 6.65
CA ILE A 109 -7.98 11.77 6.82
C ILE A 109 -9.48 11.88 6.66
N GLY A 110 -10.21 11.78 7.73
CA GLY A 110 -11.69 11.88 7.66
C GLY A 110 -12.24 10.86 6.67
N ASP A 111 -12.16 11.13 5.39
CA ASP A 111 -12.70 10.17 4.39
C ASP A 111 -11.67 9.90 3.31
N GLU A 112 -10.41 9.98 3.63
CA GLU A 112 -9.35 9.72 2.63
C GLU A 112 -8.27 8.84 3.26
N LEU A 113 -7.79 7.85 2.56
CA LEU A 113 -6.73 6.97 3.16
C LEU A 113 -5.37 7.41 2.69
N VAL A 114 -4.56 7.95 3.56
CA VAL A 114 -3.21 8.38 3.14
C VAL A 114 -2.23 7.23 3.40
N GLN A 115 -1.69 6.66 2.36
CA GLN A 115 -0.74 5.53 2.54
C GLN A 115 0.63 5.95 2.04
N THR A 116 1.53 6.27 2.93
CA THR A 116 2.87 6.70 2.49
C THR A 116 3.86 5.55 2.66
N TYR A 117 4.79 5.43 1.76
CA TYR A 117 5.80 4.34 1.87
C TYR A 117 7.20 4.93 1.84
N VAL A 118 8.10 4.28 2.48
CA VAL A 118 9.52 4.75 2.50
C VAL A 118 10.37 3.68 1.85
N TYR A 119 11.40 4.09 1.20
CA TYR A 119 12.27 3.09 0.53
C TYR A 119 13.73 3.53 0.59
N GLU A 120 14.51 2.83 1.36
CA GLU A 120 15.97 3.13 1.47
C GLU A 120 16.20 4.62 1.72
N GLY A 121 15.20 5.32 2.16
CA GLY A 121 15.37 6.77 2.43
C GLY A 121 14.55 7.56 1.43
N VAL A 122 13.49 6.99 0.94
CA VAL A 122 12.63 7.70 -0.03
C VAL A 122 11.24 7.72 0.55
N GLU A 123 10.34 8.34 -0.10
CA GLU A 123 8.96 8.39 0.46
C GLU A 123 7.92 8.60 -0.64
N ALA A 124 7.04 7.64 -0.83
CA ALA A 124 5.98 7.79 -1.85
C ALA A 124 4.65 8.04 -1.12
N LYS A 125 3.73 8.74 -1.73
CA LYS A 125 2.44 9.00 -1.03
C LYS A 125 1.27 8.59 -1.92
N ARG A 126 0.28 7.96 -1.35
CA ARG A 126 -0.92 7.54 -2.14
C ARG A 126 -2.15 7.77 -1.28
N ILE A 127 -3.01 8.68 -1.67
CA ILE A 127 -4.22 8.96 -0.84
C ILE A 127 -5.48 8.47 -1.53
N PHE A 128 -6.29 7.74 -0.81
CA PHE A 128 -7.56 7.23 -1.39
C PHE A 128 -8.72 8.13 -0.95
N LYS A 129 -9.91 7.85 -1.44
CA LYS A 129 -11.10 8.66 -1.06
C LYS A 129 -12.36 7.88 -1.47
N LYS A 130 -13.45 8.09 -0.77
CA LYS A 130 -14.70 7.37 -1.11
C LYS A 130 -14.95 7.45 -2.63
N ASP A 131 -15.26 6.35 -3.24
CA ASP A 131 -15.51 6.37 -4.71
C ASP A 131 -16.59 7.40 -5.02
N ALA A 1 -11.22 0.80 10.06
CA ALA A 1 -11.59 2.08 9.39
C ALA A 1 -11.60 1.88 7.87
N PHE A 2 -11.84 2.92 7.12
CA PHE A 2 -11.87 2.79 5.64
C PHE A 2 -12.63 1.50 5.27
N ASP A 3 -13.65 1.16 6.01
CA ASP A 3 -14.41 -0.07 5.70
C ASP A 3 -15.41 0.19 4.57
N SER A 4 -14.95 0.24 3.35
CA SER A 4 -15.88 0.50 2.21
C SER A 4 -15.09 0.49 0.90
N THR A 5 -15.67 1.02 -0.15
CA THR A 5 -14.95 1.04 -1.46
C THR A 5 -14.20 2.36 -1.58
N TRP A 6 -13.07 2.36 -2.24
CA TRP A 6 -12.28 3.62 -2.38
C TRP A 6 -11.48 3.59 -3.68
N LYS A 7 -10.91 4.69 -4.06
CA LYS A 7 -10.13 4.73 -5.33
C LYS A 7 -9.02 5.78 -5.21
N VAL A 8 -7.81 5.42 -5.50
CA VAL A 8 -6.70 6.42 -5.41
C VAL A 8 -7.18 7.74 -6.00
N ASP A 9 -7.44 8.70 -5.16
CA ASP A 9 -7.89 10.03 -5.65
C ASP A 9 -6.68 10.94 -5.75
N ARG A 10 -5.70 10.74 -4.91
CA ARG A 10 -4.48 11.60 -4.98
C ARG A 10 -3.25 10.80 -4.55
N SER A 11 -2.08 11.31 -4.83
CA SER A 11 -0.83 10.58 -4.44
C SER A 11 0.37 11.49 -4.71
N GLU A 12 1.56 11.06 -4.39
CA GLU A 12 2.76 11.92 -4.64
C GLU A 12 4.01 11.05 -4.78
N ASN A 13 5.03 11.58 -5.40
CA ASN A 13 6.30 10.81 -5.58
C ASN A 13 6.01 9.50 -6.31
N TYR A 14 6.10 8.40 -5.63
CA TYR A 14 5.83 7.09 -6.29
C TYR A 14 6.97 6.74 -7.24
N ASP A 15 7.34 7.64 -8.12
CA ASP A 15 8.44 7.34 -9.06
C ASP A 15 9.73 7.13 -8.26
N LYS A 16 9.94 7.92 -7.25
CA LYS A 16 11.17 7.75 -6.43
C LYS A 16 11.02 6.45 -5.62
N PHE A 17 9.81 6.12 -5.27
CA PHE A 17 9.59 4.87 -4.51
C PHE A 17 9.75 3.68 -5.44
N MET A 18 8.99 3.66 -6.50
CA MET A 18 9.10 2.54 -7.47
C MET A 18 10.52 2.50 -8.04
N GLU A 19 11.15 3.64 -8.18
CA GLU A 19 12.54 3.65 -8.72
C GLU A 19 13.50 3.06 -7.70
N LYS A 20 13.28 3.32 -6.44
CA LYS A 20 14.17 2.75 -5.40
C LYS A 20 14.07 1.23 -5.40
N MET A 21 12.90 0.70 -5.55
CA MET A 21 12.75 -0.78 -5.57
C MET A 21 13.44 -1.34 -6.81
N GLY A 22 13.87 -0.47 -7.70
CA GLY A 22 14.54 -0.96 -8.94
C GLY A 22 13.50 -1.20 -10.02
N VAL A 23 12.44 -0.43 -10.05
CA VAL A 23 11.39 -0.61 -11.08
C VAL A 23 11.67 0.32 -12.26
N ASN A 24 11.46 -0.15 -13.45
CA ASN A 24 11.70 0.72 -14.65
C ASN A 24 10.87 2.00 -14.52
N ILE A 25 11.27 3.04 -15.19
CA ILE A 25 10.51 4.32 -15.11
C ILE A 25 9.31 4.25 -16.06
N VAL A 26 9.21 3.17 -16.75
CA VAL A 26 8.08 2.99 -17.70
C VAL A 26 6.82 2.57 -16.94
N LYS A 27 6.88 1.47 -16.26
CA LYS A 27 5.70 1.01 -15.48
C LYS A 27 5.29 2.11 -14.51
N ARG A 28 6.25 2.85 -14.00
CA ARG A 28 5.92 3.94 -13.05
C ARG A 28 5.13 5.02 -13.79
N LYS A 29 5.64 5.49 -14.90
CA LYS A 29 4.91 6.54 -15.66
C LYS A 29 3.48 6.07 -15.94
N LEU A 30 3.29 4.80 -16.15
CA LEU A 30 1.93 4.27 -16.41
C LEU A 30 1.21 3.99 -15.10
N ALA A 31 1.96 3.98 -14.05
CA ALA A 31 1.38 3.71 -12.71
C ALA A 31 0.81 5.01 -12.12
N ALA A 32 1.60 6.06 -12.11
CA ALA A 32 1.10 7.34 -11.54
C ALA A 32 -0.33 7.59 -12.02
N HIS A 33 -0.54 7.61 -13.30
CA HIS A 33 -1.92 7.86 -13.83
C HIS A 33 -2.75 6.58 -13.67
N ASP A 34 -2.67 5.95 -12.53
CA ASP A 34 -3.45 4.70 -12.31
C ASP A 34 -4.48 4.93 -11.19
N ASN A 35 -5.72 5.14 -11.55
CA ASN A 35 -6.76 5.36 -10.52
C ASN A 35 -7.29 4.01 -10.02
N LEU A 36 -6.40 3.08 -9.77
CA LEU A 36 -6.85 1.73 -9.32
C LEU A 36 -7.89 1.86 -8.19
N LYS A 37 -8.71 0.85 -8.03
CA LYS A 37 -9.75 0.87 -6.97
C LYS A 37 -9.33 -0.07 -5.83
N LEU A 38 -9.71 0.25 -4.62
CA LEU A 38 -9.34 -0.63 -3.49
C LEU A 38 -10.52 -0.75 -2.52
N THR A 39 -10.95 -1.95 -2.25
CA THR A 39 -12.09 -2.15 -1.29
C THR A 39 -11.50 -2.60 0.04
N ILE A 40 -11.51 -1.75 1.03
CA ILE A 40 -10.93 -2.13 2.34
C ILE A 40 -12.03 -2.51 3.33
N THR A 41 -11.85 -3.61 4.02
CA THR A 41 -12.85 -4.07 5.01
C THR A 41 -12.13 -4.33 6.33
N GLN A 42 -12.81 -4.20 7.43
CA GLN A 42 -12.14 -4.45 8.75
C GLN A 42 -13.00 -5.38 9.59
N GLU A 43 -12.37 -6.20 10.41
CA GLU A 43 -13.15 -7.14 11.27
C GLU A 43 -12.45 -7.31 12.61
N GLY A 44 -12.61 -6.37 13.51
CA GLY A 44 -11.97 -6.48 14.84
C GLY A 44 -10.44 -6.47 14.71
N ASN A 45 -9.85 -7.63 14.51
CA ASN A 45 -8.37 -7.70 14.39
C ASN A 45 -7.98 -8.40 13.09
N LYS A 46 -8.80 -8.32 12.08
CA LYS A 46 -8.49 -8.96 10.80
C LYS A 46 -9.08 -8.10 9.70
N PHE A 47 -8.24 -7.46 8.95
CA PHE A 47 -8.72 -6.59 7.84
C PHE A 47 -8.66 -7.34 6.52
N THR A 48 -9.15 -6.75 5.47
CA THR A 48 -9.12 -7.42 4.14
C THR A 48 -9.09 -6.35 3.07
N VAL A 49 -7.95 -6.13 2.49
CA VAL A 49 -7.83 -5.09 1.43
C VAL A 49 -7.96 -5.75 0.05
N LYS A 50 -8.99 -5.43 -0.67
CA LYS A 50 -9.17 -6.04 -2.02
C LYS A 50 -8.84 -5.00 -3.09
N GLU A 51 -7.65 -5.09 -3.65
CA GLU A 51 -7.27 -4.11 -4.70
C GLU A 51 -7.99 -4.46 -6.00
N SER A 52 -8.24 -3.50 -6.85
CA SER A 52 -8.92 -3.79 -8.12
C SER A 52 -8.51 -2.75 -9.14
N SER A 53 -7.68 -3.15 -10.05
CA SER A 53 -7.21 -2.24 -11.12
C SER A 53 -7.38 -2.94 -12.46
N ALA A 54 -7.71 -2.23 -13.49
CA ALA A 54 -7.88 -2.88 -14.82
C ALA A 54 -6.58 -3.58 -15.21
N PHE A 55 -5.64 -3.66 -14.30
CA PHE A 55 -4.34 -4.33 -14.62
C PHE A 55 -4.20 -5.66 -13.87
N ARG A 56 -4.84 -5.83 -12.75
CA ARG A 56 -4.70 -7.11 -12.00
C ARG A 56 -5.25 -6.93 -10.59
N ASN A 57 -6.51 -7.14 -10.40
CA ASN A 57 -7.12 -6.98 -9.04
C ASN A 57 -6.48 -7.99 -8.09
N ILE A 58 -6.21 -7.58 -6.87
CA ILE A 58 -5.58 -8.49 -5.89
C ILE A 58 -6.32 -8.43 -4.56
N GLU A 59 -5.94 -9.28 -3.65
CA GLU A 59 -6.60 -9.30 -2.31
C GLU A 59 -5.60 -9.79 -1.27
N CYS A 60 -5.63 -9.24 -0.09
CA CYS A 60 -4.67 -9.68 0.96
C CYS A 60 -5.21 -9.32 2.34
N VAL A 61 -5.28 -10.28 3.22
CA VAL A 61 -5.79 -10.00 4.60
C VAL A 61 -4.69 -9.33 5.41
N PHE A 62 -5.05 -8.71 6.50
CA PHE A 62 -4.02 -8.05 7.35
C PHE A 62 -4.37 -8.21 8.83
N GLU A 63 -3.52 -8.87 9.57
CA GLU A 63 -3.78 -9.08 11.02
C GLU A 63 -2.76 -8.26 11.83
N LEU A 64 -3.02 -8.05 13.10
CA LEU A 64 -2.07 -7.26 13.93
C LEU A 64 -1.24 -8.20 14.82
N GLY A 65 0.05 -8.21 14.64
CA GLY A 65 0.91 -9.09 15.49
C GLY A 65 1.14 -10.44 14.80
N VAL A 66 0.90 -10.52 13.52
CA VAL A 66 1.13 -11.81 12.80
C VAL A 66 1.74 -11.55 11.43
N THR A 67 3.00 -11.82 11.27
CA THR A 67 3.65 -11.58 9.95
C THR A 67 2.91 -12.35 8.87
N PHE A 68 2.83 -11.75 7.72
CA PHE A 68 2.16 -12.41 6.57
C PHE A 68 2.76 -11.83 5.29
N ASN A 69 2.20 -12.14 4.16
CA ASN A 69 2.77 -11.60 2.90
C ASN A 69 1.68 -11.00 2.02
N CYS A 70 2.03 -10.02 1.23
CA CYS A 70 1.05 -9.38 0.32
C CYS A 70 1.79 -8.91 -0.92
N ASN A 71 1.33 -9.27 -2.08
CA ASN A 71 2.04 -8.84 -3.32
C ASN A 71 1.50 -7.50 -3.81
N LEU A 72 2.35 -6.68 -4.35
CA LEU A 72 1.90 -5.35 -4.85
C LEU A 72 1.70 -5.42 -6.37
N ALA A 73 0.75 -4.69 -6.88
CA ALA A 73 0.49 -4.70 -8.35
C ALA A 73 1.82 -4.65 -9.11
N ASP A 74 2.82 -4.04 -8.54
CA ASP A 74 4.14 -3.97 -9.23
C ASP A 74 4.73 -5.38 -9.33
N GLY A 75 3.91 -6.39 -9.16
CA GLY A 75 4.43 -7.78 -9.25
C GLY A 75 5.45 -8.02 -8.14
N THR A 76 5.33 -7.31 -7.06
CA THR A 76 6.30 -7.49 -5.94
C THR A 76 5.68 -8.37 -4.86
N GLU A 77 6.49 -8.92 -4.02
CA GLU A 77 5.99 -9.78 -2.92
C GLU A 77 6.66 -9.35 -1.62
N LEU A 78 5.90 -8.89 -0.65
CA LEU A 78 6.53 -8.44 0.63
C LEU A 78 5.87 -9.11 1.82
N ARG A 79 6.57 -9.19 2.92
CA ARG A 79 6.00 -9.84 4.14
C ARG A 79 6.41 -9.04 5.39
N GLY A 80 5.52 -8.92 6.35
CA GLY A 80 5.85 -8.17 7.57
C GLY A 80 4.58 -8.03 8.39
N THR A 81 4.15 -6.83 8.64
CA THR A 81 2.90 -6.65 9.43
C THR A 81 2.67 -5.17 9.73
N TRP A 82 1.46 -4.81 10.04
CA TRP A 82 1.16 -3.39 10.37
C TRP A 82 1.03 -3.25 11.89
N SER A 83 1.49 -2.16 12.43
CA SER A 83 1.39 -1.95 13.90
C SER A 83 0.97 -0.51 14.16
N LEU A 84 0.38 -0.21 15.28
CA LEU A 84 -0.02 1.19 15.52
C LEU A 84 1.05 1.86 16.37
N GLU A 85 1.53 3.00 15.93
CA GLU A 85 2.58 3.71 16.70
C GLU A 85 2.13 5.16 16.91
N GLY A 86 1.95 5.55 18.14
CA GLY A 86 1.50 6.94 18.39
C GLY A 86 0.14 7.15 17.73
N ASN A 87 0.09 7.87 16.65
CA ASN A 87 -1.22 8.10 15.96
C ASN A 87 -1.13 7.69 14.49
N LYS A 88 -0.38 6.67 14.17
CA LYS A 88 -0.28 6.26 12.74
C LYS A 88 -0.17 4.74 12.64
N LEU A 89 -0.71 4.18 11.59
CA LEU A 89 -0.63 2.69 11.41
C LEU A 89 0.61 2.39 10.57
N ILE A 90 1.59 1.74 11.15
CA ILE A 90 2.83 1.43 10.39
C ILE A 90 2.66 0.13 9.60
N GLY A 91 3.54 -0.08 8.67
CA GLY A 91 3.50 -1.31 7.83
C GLY A 91 4.94 -1.72 7.50
N LYS A 92 5.48 -2.62 8.26
CA LYS A 92 6.87 -3.05 8.00
C LYS A 92 6.85 -4.19 6.99
N PHE A 93 7.23 -3.91 5.76
CA PHE A 93 7.22 -4.97 4.72
C PHE A 93 8.62 -5.20 4.19
N LYS A 94 8.91 -6.42 3.84
CA LYS A 94 10.25 -6.75 3.31
C LYS A 94 10.08 -7.46 1.96
N ARG A 95 10.69 -6.94 0.94
CA ARG A 95 10.57 -7.58 -0.39
C ARG A 95 11.07 -9.01 -0.29
N THR A 96 10.20 -9.97 -0.49
CA THR A 96 10.64 -11.39 -0.39
C THR A 96 11.56 -11.72 -1.54
N ASP A 97 11.58 -10.86 -2.48
CA ASP A 97 12.44 -11.06 -3.68
C ASP A 97 13.87 -10.61 -3.39
N ASN A 98 14.03 -9.47 -2.78
CA ASN A 98 15.40 -8.98 -2.46
C ASN A 98 15.46 -8.48 -1.01
N GLY A 99 14.42 -8.71 -0.25
CA GLY A 99 14.43 -8.25 1.17
C GLY A 99 14.99 -6.83 1.24
N ASN A 100 14.62 -5.98 0.31
CA ASN A 100 15.15 -4.59 0.33
C ASN A 100 14.42 -3.78 1.40
N GLU A 101 13.76 -4.45 2.29
CA GLU A 101 13.05 -3.75 3.39
C GLU A 101 12.11 -2.67 2.83
N LEU A 102 11.03 -2.40 3.53
CA LEU A 102 10.08 -1.36 3.06
C LEU A 102 9.37 -0.78 4.30
N ASN A 103 9.36 0.51 4.45
CA ASN A 103 8.68 1.11 5.64
C ASN A 103 7.52 1.97 5.15
N THR A 104 6.32 1.63 5.55
CA THR A 104 5.15 2.43 5.10
C THR A 104 4.28 2.85 6.28
N VAL A 105 3.27 3.60 6.02
CA VAL A 105 2.35 4.06 7.10
C VAL A 105 0.93 4.15 6.54
N ARG A 106 -0.06 4.15 7.40
CA ARG A 106 -1.47 4.23 6.91
C ARG A 106 -2.25 5.24 7.77
N GLU A 107 -3.02 6.09 7.13
CA GLU A 107 -3.80 7.10 7.88
C GLU A 107 -5.18 7.25 7.24
N ILE A 108 -6.15 7.74 7.98
CA ILE A 108 -7.50 7.90 7.41
C ILE A 108 -7.90 9.37 7.53
N ILE A 109 -7.45 10.17 6.61
CA ILE A 109 -7.79 11.61 6.69
C ILE A 109 -9.30 11.78 6.54
N GLY A 110 -9.99 11.80 7.65
CA GLY A 110 -11.48 11.96 7.59
C GLY A 110 -12.09 10.90 6.69
N ASP A 111 -12.07 11.08 5.40
CA ASP A 111 -12.67 10.09 4.48
C ASP A 111 -11.68 9.74 3.36
N GLU A 112 -10.41 9.81 3.64
CA GLU A 112 -9.40 9.47 2.60
C GLU A 112 -8.35 8.54 3.20
N LEU A 113 -7.88 7.57 2.47
CA LEU A 113 -6.85 6.65 3.05
C LEU A 113 -5.48 7.06 2.51
N VAL A 114 -4.61 7.53 3.37
CA VAL A 114 -3.26 7.94 2.90
C VAL A 114 -2.24 6.89 3.31
N GLN A 115 -1.76 6.12 2.36
CA GLN A 115 -0.76 5.08 2.69
C GLN A 115 0.60 5.55 2.18
N THR A 116 1.48 5.91 3.08
CA THR A 116 2.82 6.39 2.63
C THR A 116 3.82 5.26 2.71
N TYR A 117 4.77 5.26 1.82
CA TYR A 117 5.81 4.19 1.84
C TYR A 117 7.17 4.82 2.00
N VAL A 118 8.10 4.05 2.45
CA VAL A 118 9.49 4.56 2.61
C VAL A 118 10.43 3.55 1.99
N TYR A 119 11.50 4.01 1.44
CA TYR A 119 12.46 3.07 0.82
C TYR A 119 13.89 3.58 0.95
N GLU A 120 14.67 2.92 1.77
CA GLU A 120 16.09 3.30 1.96
C GLU A 120 16.24 4.80 2.16
N GLY A 121 15.20 5.46 2.54
CA GLY A 121 15.30 6.94 2.76
C GLY A 121 14.46 7.66 1.71
N VAL A 122 13.44 7.02 1.22
CA VAL A 122 12.57 7.66 0.22
C VAL A 122 11.18 7.63 0.77
N GLU A 123 10.25 8.21 0.08
CA GLU A 123 8.87 8.18 0.61
C GLU A 123 7.84 8.36 -0.51
N ALA A 124 6.89 7.45 -0.59
CA ALA A 124 5.83 7.56 -1.63
C ALA A 124 4.50 7.79 -0.93
N LYS A 125 3.51 8.33 -1.61
CA LYS A 125 2.21 8.57 -0.93
C LYS A 125 1.05 8.09 -1.80
N ARG A 126 0.09 7.44 -1.20
CA ARG A 126 -1.11 6.96 -1.95
C ARG A 126 -2.35 7.41 -1.19
N ILE A 127 -3.14 8.29 -1.78
CA ILE A 127 -4.35 8.79 -1.05
C ILE A 127 -5.63 8.30 -1.74
N PHE A 128 -6.46 7.61 -1.01
CA PHE A 128 -7.75 7.14 -1.59
C PHE A 128 -8.90 8.00 -1.05
N LYS A 129 -10.08 7.80 -1.55
CA LYS A 129 -11.25 8.59 -1.08
C LYS A 129 -12.55 7.87 -1.46
N LYS A 130 -13.63 8.19 -0.79
CA LYS A 130 -14.92 7.52 -1.12
C LYS A 130 -15.13 7.53 -2.63
N ASP A 131 -15.48 6.41 -3.20
CA ASP A 131 -15.70 6.34 -4.67
C ASP A 131 -17.00 7.06 -5.02
N ALA A 1 -10.94 3.13 7.72
CA ALA A 1 -11.43 3.67 6.42
C ALA A 1 -12.94 3.48 6.33
N PHE A 2 -13.51 3.67 5.17
CA PHE A 2 -14.98 3.51 5.03
C PHE A 2 -15.30 2.02 5.10
N ASP A 3 -14.45 1.24 5.69
CA ASP A 3 -14.71 -0.22 5.77
C ASP A 3 -15.47 -0.63 4.50
N SER A 4 -14.88 -0.37 3.36
CA SER A 4 -15.56 -0.68 2.08
C SER A 4 -14.65 -0.35 0.90
N THR A 5 -15.21 0.23 -0.13
CA THR A 5 -14.40 0.57 -1.34
C THR A 5 -13.81 1.98 -1.23
N TRP A 6 -12.65 2.16 -1.82
CA TRP A 6 -11.95 3.49 -1.81
C TRP A 6 -11.24 3.64 -3.16
N LYS A 7 -10.75 4.82 -3.48
CA LYS A 7 -10.06 4.97 -4.80
C LYS A 7 -9.01 6.09 -4.74
N VAL A 8 -7.80 5.78 -5.09
CA VAL A 8 -6.73 6.83 -5.06
C VAL A 8 -7.27 8.13 -5.66
N ASP A 9 -7.52 9.10 -4.84
CA ASP A 9 -8.02 10.40 -5.35
C ASP A 9 -6.82 11.29 -5.63
N ARG A 10 -5.76 11.11 -4.86
CA ARG A 10 -4.53 11.93 -5.08
C ARG A 10 -3.30 11.14 -4.64
N SER A 11 -2.13 11.69 -4.85
CA SER A 11 -0.89 10.97 -4.45
C SER A 11 0.32 11.91 -4.62
N GLU A 12 1.49 11.47 -4.27
CA GLU A 12 2.69 12.36 -4.41
C GLU A 12 3.94 11.52 -4.63
N ASN A 13 4.94 12.08 -5.26
CA ASN A 13 6.20 11.33 -5.50
C ASN A 13 5.90 10.06 -6.30
N TYR A 14 6.01 8.92 -5.67
CA TYR A 14 5.74 7.64 -6.39
C TYR A 14 6.88 7.32 -7.35
N ASP A 15 7.24 8.25 -8.20
CA ASP A 15 8.36 7.98 -9.13
C ASP A 15 9.62 7.67 -8.32
N LYS A 16 9.89 8.46 -7.32
CA LYS A 16 11.08 8.18 -6.48
C LYS A 16 10.90 6.82 -5.82
N PHE A 17 9.68 6.50 -5.48
CA PHE A 17 9.42 5.17 -4.86
C PHE A 17 9.62 4.08 -5.90
N MET A 18 8.82 4.11 -6.92
CA MET A 18 8.95 3.08 -8.00
C MET A 18 10.38 3.12 -8.55
N GLU A 19 11.04 4.23 -8.43
CA GLU A 19 12.45 4.31 -8.94
C GLU A 19 13.40 3.73 -7.91
N LYS A 20 13.01 3.70 -6.67
CA LYS A 20 13.91 3.13 -5.62
C LYS A 20 13.87 1.60 -5.70
N MET A 21 12.73 1.04 -5.98
CA MET A 21 12.65 -0.45 -6.08
C MET A 21 13.45 -0.90 -7.30
N GLY A 22 13.84 0.03 -8.14
CA GLY A 22 14.63 -0.34 -9.35
C GLY A 22 13.69 -0.85 -10.45
N VAL A 23 12.49 -0.35 -10.48
CA VAL A 23 11.52 -0.80 -11.53
C VAL A 23 11.85 -0.11 -12.85
N ASN A 24 11.82 -0.84 -13.93
CA ASN A 24 12.11 -0.22 -15.26
C ASN A 24 11.42 1.15 -15.34
N ILE A 25 11.82 1.97 -16.27
CA ILE A 25 11.18 3.31 -16.40
C ILE A 25 9.88 3.17 -17.17
N VAL A 26 9.59 1.99 -17.59
CA VAL A 26 8.34 1.73 -18.36
C VAL A 26 7.17 1.60 -17.38
N LYS A 27 7.24 0.64 -16.50
CA LYS A 27 6.14 0.46 -15.51
C LYS A 27 6.09 1.69 -14.61
N ARG A 28 7.21 2.33 -14.41
CA ARG A 28 7.24 3.55 -13.55
C ARG A 28 6.53 4.69 -14.28
N LYS A 29 6.77 4.85 -15.56
CA LYS A 29 6.11 5.95 -16.31
C LYS A 29 4.60 5.70 -16.32
N LEU A 30 4.19 4.47 -16.38
CA LEU A 30 2.72 4.17 -16.39
C LEU A 30 2.22 4.07 -14.97
N ALA A 31 3.11 4.00 -14.05
CA ALA A 31 2.73 3.89 -12.61
C ALA A 31 2.11 5.21 -12.16
N ALA A 32 2.69 6.31 -12.53
CA ALA A 32 2.14 7.62 -12.11
C ALA A 32 0.62 7.62 -12.29
N HIS A 33 0.11 6.69 -13.04
CA HIS A 33 -1.37 6.62 -13.25
C HIS A 33 -2.05 6.18 -11.95
N ASP A 34 -1.61 6.68 -10.84
CA ASP A 34 -2.24 6.29 -9.54
C ASP A 34 -3.75 6.44 -9.63
N ASN A 35 -4.43 5.42 -10.07
CA ASN A 35 -5.92 5.49 -10.18
C ASN A 35 -6.52 4.12 -9.91
N LEU A 36 -6.04 3.42 -8.91
CA LEU A 36 -6.58 2.07 -8.61
C LEU A 36 -7.65 2.14 -7.51
N LYS A 37 -8.27 1.04 -7.21
CA LYS A 37 -9.32 1.02 -6.15
C LYS A 37 -9.04 -0.13 -5.19
N LEU A 38 -9.46 0.00 -3.96
CA LEU A 38 -9.21 -1.09 -2.97
C LEU A 38 -10.42 -1.22 -2.03
N THR A 39 -10.66 -2.41 -1.54
CA THR A 39 -11.82 -2.60 -0.63
C THR A 39 -11.32 -2.91 0.79
N ILE A 40 -11.44 -1.97 1.69
CA ILE A 40 -10.95 -2.23 3.07
C ILE A 40 -12.13 -2.67 3.95
N THR A 41 -11.99 -3.82 4.57
CA THR A 41 -13.06 -4.32 5.48
C THR A 41 -12.41 -4.69 6.81
N GLN A 42 -13.15 -4.62 7.88
CA GLN A 42 -12.53 -4.95 9.21
C GLN A 42 -13.34 -6.03 9.92
N GLU A 43 -12.69 -6.84 10.71
CA GLU A 43 -13.41 -7.91 11.45
C GLU A 43 -12.76 -8.10 12.82
N GLY A 44 -13.06 -7.24 13.75
CA GLY A 44 -12.47 -7.36 15.12
C GLY A 44 -10.93 -7.32 15.02
N ASN A 45 -10.31 -8.45 14.84
CA ASN A 45 -8.82 -8.49 14.76
C ASN A 45 -8.40 -9.11 13.43
N LYS A 46 -9.19 -8.98 12.42
CA LYS A 46 -8.84 -9.53 11.11
C LYS A 46 -9.38 -8.60 10.04
N PHE A 47 -8.52 -7.93 9.38
CA PHE A 47 -8.93 -6.97 8.31
C PHE A 47 -8.92 -7.69 6.96
N THR A 48 -9.40 -7.03 5.93
CA THR A 48 -9.41 -7.67 4.60
C THR A 48 -9.35 -6.57 3.53
N VAL A 49 -8.22 -6.39 2.94
CA VAL A 49 -8.07 -5.34 1.89
C VAL A 49 -8.16 -5.99 0.51
N LYS A 50 -9.10 -5.57 -0.29
CA LYS A 50 -9.22 -6.16 -1.66
C LYS A 50 -8.78 -5.14 -2.70
N GLU A 51 -7.58 -5.26 -3.19
CA GLU A 51 -7.10 -4.30 -4.22
C GLU A 51 -7.86 -4.54 -5.52
N SER A 52 -7.97 -3.54 -6.36
CA SER A 52 -8.70 -3.72 -7.63
C SER A 52 -8.24 -2.66 -8.62
N SER A 53 -7.48 -3.07 -9.58
CA SER A 53 -6.98 -2.13 -10.61
C SER A 53 -6.99 -2.85 -11.96
N ALA A 54 -7.28 -2.15 -13.03
CA ALA A 54 -7.30 -2.81 -14.36
C ALA A 54 -5.93 -3.46 -14.61
N PHE A 55 -5.08 -3.47 -13.63
CA PHE A 55 -3.73 -4.07 -13.82
C PHE A 55 -3.63 -5.43 -13.12
N ARG A 56 -4.41 -5.67 -12.09
CA ARG A 56 -4.34 -6.98 -11.39
C ARG A 56 -4.95 -6.83 -9.99
N ASN A 57 -6.22 -7.03 -9.88
CA ASN A 57 -6.88 -6.90 -8.54
C ASN A 57 -6.31 -7.95 -7.60
N ILE A 58 -6.17 -7.62 -6.34
CA ILE A 58 -5.59 -8.60 -5.38
C ILE A 58 -6.40 -8.58 -4.07
N GLU A 59 -6.07 -9.48 -3.19
CA GLU A 59 -6.78 -9.55 -1.88
C GLU A 59 -5.81 -10.06 -0.82
N CYS A 60 -5.71 -9.38 0.29
CA CYS A 60 -4.78 -9.82 1.36
C CYS A 60 -5.37 -9.51 2.73
N VAL A 61 -5.42 -10.48 3.60
CA VAL A 61 -5.98 -10.23 4.96
C VAL A 61 -4.95 -9.46 5.77
N PHE A 62 -5.36 -8.90 6.87
CA PHE A 62 -4.41 -8.13 7.72
C PHE A 62 -4.75 -8.32 9.20
N GLU A 63 -3.86 -8.92 9.94
CA GLU A 63 -4.11 -9.14 11.38
C GLU A 63 -3.07 -8.36 12.19
N LEU A 64 -3.19 -8.34 13.49
CA LEU A 64 -2.21 -7.58 14.32
C LEU A 64 -1.18 -8.54 14.92
N GLY A 65 0.08 -8.34 14.61
CA GLY A 65 1.14 -9.21 15.18
C GLY A 65 1.33 -10.48 14.34
N VAL A 66 0.50 -10.69 13.35
CA VAL A 66 0.64 -11.92 12.52
C VAL A 66 1.27 -11.57 11.17
N THR A 67 2.53 -11.90 10.99
CA THR A 67 3.21 -11.60 9.70
C THR A 67 2.50 -12.33 8.57
N PHE A 68 2.41 -11.69 7.45
CA PHE A 68 1.75 -12.32 6.27
C PHE A 68 2.44 -11.80 5.02
N ASN A 69 1.92 -12.08 3.87
CA ASN A 69 2.59 -11.60 2.64
C ASN A 69 1.55 -11.10 1.63
N CYS A 70 1.94 -10.19 0.78
CA CYS A 70 1.01 -9.66 -0.24
C CYS A 70 1.85 -9.08 -1.38
N ASN A 71 1.47 -9.32 -2.60
CA ASN A 71 2.29 -8.79 -3.73
C ASN A 71 1.73 -7.46 -4.20
N LEU A 72 2.60 -6.55 -4.58
CA LEU A 72 2.13 -5.22 -5.06
C LEU A 72 1.97 -5.26 -6.58
N ALA A 73 1.01 -4.53 -7.10
CA ALA A 73 0.79 -4.51 -8.57
C ALA A 73 2.13 -4.45 -9.30
N ASP A 74 3.10 -3.79 -8.73
CA ASP A 74 4.43 -3.70 -9.40
C ASP A 74 5.01 -5.11 -9.57
N GLY A 75 4.22 -6.12 -9.31
CA GLY A 75 4.72 -7.51 -9.45
C GLY A 75 5.72 -7.81 -8.33
N THR A 76 5.61 -7.14 -7.23
CA THR A 76 6.55 -7.38 -6.10
C THR A 76 5.89 -8.30 -5.07
N GLU A 77 6.68 -8.88 -4.23
CA GLU A 77 6.13 -9.78 -3.17
C GLU A 77 6.78 -9.42 -1.84
N LEU A 78 6.01 -9.05 -0.84
CA LEU A 78 6.62 -8.69 0.46
C LEU A 78 5.81 -9.26 1.63
N ARG A 79 6.41 -9.32 2.79
CA ARG A 79 5.70 -9.87 3.99
C ARG A 79 6.09 -9.08 5.24
N GLY A 80 5.19 -8.92 6.17
CA GLY A 80 5.50 -8.17 7.39
C GLY A 80 4.22 -8.01 8.20
N THR A 81 3.79 -6.80 8.43
CA THR A 81 2.53 -6.61 9.20
C THR A 81 2.31 -5.14 9.51
N TRP A 82 1.08 -4.77 9.75
CA TRP A 82 0.77 -3.36 10.10
C TRP A 82 0.56 -3.25 11.61
N SER A 83 1.03 -2.19 12.21
CA SER A 83 0.85 -2.04 13.68
C SER A 83 0.51 -0.58 13.97
N LEU A 84 -0.13 -0.30 15.07
CA LEU A 84 -0.45 1.12 15.35
C LEU A 84 0.75 1.74 16.10
N GLU A 85 1.21 2.86 15.65
CA GLU A 85 2.36 3.52 16.32
C GLU A 85 2.00 4.98 16.56
N GLY A 86 2.03 5.43 17.78
CA GLY A 86 1.68 6.84 18.06
C GLY A 86 0.25 7.09 17.56
N ASN A 87 0.09 7.82 16.49
CA ASN A 87 -1.28 8.09 15.96
C ASN A 87 -1.37 7.67 14.49
N LYS A 88 -0.68 6.63 14.10
CA LYS A 88 -0.75 6.20 12.67
C LYS A 88 -0.62 4.69 12.56
N LEU A 89 -1.05 4.12 11.46
CA LEU A 89 -0.94 2.65 11.28
C LEU A 89 0.32 2.35 10.46
N ILE A 90 1.28 1.71 11.05
CA ILE A 90 2.53 1.40 10.31
C ILE A 90 2.35 0.14 9.47
N GLY A 91 3.24 -0.07 8.54
CA GLY A 91 3.19 -1.25 7.66
C GLY A 91 4.62 -1.68 7.31
N LYS A 92 5.15 -2.62 8.04
CA LYS A 92 6.54 -3.06 7.77
C LYS A 92 6.51 -4.19 6.74
N PHE A 93 6.90 -3.91 5.52
CA PHE A 93 6.89 -4.97 4.47
C PHE A 93 8.30 -5.24 3.99
N LYS A 94 8.62 -6.49 3.83
CA LYS A 94 9.98 -6.87 3.37
C LYS A 94 9.88 -7.55 2.00
N ARG A 95 10.47 -6.95 1.00
CA ARG A 95 10.41 -7.57 -0.36
C ARG A 95 10.99 -8.98 -0.28
N THR A 96 10.18 -9.98 -0.52
CA THR A 96 10.68 -11.36 -0.44
C THR A 96 11.52 -11.67 -1.68
N ASP A 97 11.42 -10.80 -2.62
CA ASP A 97 12.18 -10.97 -3.88
C ASP A 97 13.54 -10.27 -3.76
N ASN A 98 13.60 -9.15 -3.08
CA ASN A 98 14.89 -8.43 -2.95
C ASN A 98 15.13 -8.04 -1.48
N GLY A 99 14.27 -8.44 -0.59
CA GLY A 99 14.46 -8.07 0.84
C GLY A 99 14.91 -6.61 0.95
N ASN A 100 14.50 -5.78 0.02
CA ASN A 100 14.91 -4.35 0.07
C ASN A 100 14.08 -3.63 1.13
N GLU A 101 13.49 -4.38 2.01
CA GLU A 101 12.65 -3.81 3.10
C GLU A 101 11.74 -2.70 2.56
N LEU A 102 10.73 -2.35 3.32
CA LEU A 102 9.79 -1.27 2.89
C LEU A 102 9.11 -0.73 4.14
N ASN A 103 9.12 0.56 4.33
CA ASN A 103 8.47 1.14 5.54
C ASN A 103 7.31 2.03 5.09
N THR A 104 6.11 1.67 5.43
CA THR A 104 4.95 2.49 5.00
C THR A 104 4.07 2.86 6.20
N VAL A 105 3.06 3.65 5.95
CA VAL A 105 2.14 4.07 7.03
C VAL A 105 0.73 4.25 6.44
N ARG A 106 -0.28 4.15 7.25
CA ARG A 106 -1.68 4.31 6.74
C ARG A 106 -2.44 5.29 7.62
N GLU A 107 -3.16 6.22 7.02
CA GLU A 107 -3.94 7.20 7.81
C GLU A 107 -5.26 7.48 7.10
N ILE A 108 -6.24 7.95 7.82
CA ILE A 108 -7.55 8.23 7.19
C ILE A 108 -7.93 9.67 7.51
N ILE A 109 -7.42 10.58 6.76
CA ILE A 109 -7.74 12.01 7.02
C ILE A 109 -9.23 12.25 6.80
N GLY A 110 -10.00 12.14 7.85
CA GLY A 110 -11.46 12.38 7.73
C GLY A 110 -12.06 11.47 6.64
N ASP A 111 -11.93 11.84 5.40
CA ASP A 111 -12.50 11.00 4.30
C ASP A 111 -11.44 10.73 3.23
N GLU A 112 -10.20 10.69 3.63
CA GLU A 112 -9.11 10.42 2.64
C GLU A 112 -8.16 9.37 3.22
N LEU A 113 -7.84 8.34 2.48
CA LEU A 113 -6.91 7.30 3.03
C LEU A 113 -5.50 7.63 2.56
N VAL A 114 -4.63 8.00 3.46
CA VAL A 114 -3.25 8.35 3.04
C VAL A 114 -2.31 7.18 3.33
N GLN A 115 -1.88 6.49 2.31
CA GLN A 115 -0.96 5.36 2.52
C GLN A 115 0.44 5.80 2.04
N THR A 116 1.33 6.06 2.94
CA THR A 116 2.69 6.50 2.51
C THR A 116 3.68 5.35 2.63
N TYR A 117 4.63 5.31 1.74
CA TYR A 117 5.65 4.23 1.79
C TYR A 117 7.03 4.85 1.85
N VAL A 118 7.96 4.12 2.39
CA VAL A 118 9.36 4.60 2.46
C VAL A 118 10.24 3.56 1.80
N TYR A 119 11.29 3.99 1.19
CA TYR A 119 12.18 3.01 0.52
C TYR A 119 13.64 3.45 0.60
N GLU A 120 14.41 2.74 1.37
CA GLU A 120 15.86 3.04 1.52
C GLU A 120 16.08 4.53 1.77
N GLY A 121 15.07 5.22 2.21
CA GLY A 121 15.23 6.68 2.49
C GLY A 121 14.42 7.47 1.50
N VAL A 122 13.36 6.89 1.00
CA VAL A 122 12.49 7.61 0.05
C VAL A 122 11.11 7.62 0.61
N GLU A 123 10.20 8.26 -0.03
CA GLU A 123 8.83 8.28 0.52
C GLU A 123 7.79 8.52 -0.58
N ALA A 124 6.82 7.65 -0.68
CA ALA A 124 5.75 7.82 -1.69
C ALA A 124 4.44 8.02 -0.95
N LYS A 125 3.51 8.76 -1.51
CA LYS A 125 2.22 8.97 -0.79
C LYS A 125 1.04 8.67 -1.70
N ARG A 126 0.04 8.02 -1.16
CA ARG A 126 -1.16 7.68 -1.97
C ARG A 126 -2.41 8.07 -1.18
N ILE A 127 -3.18 9.01 -1.66
CA ILE A 127 -4.39 9.44 -0.92
C ILE A 127 -5.65 8.90 -1.60
N PHE A 128 -6.45 8.17 -0.87
CA PHE A 128 -7.70 7.60 -1.47
C PHE A 128 -8.92 8.43 -1.04
N LYS A 129 -10.08 8.07 -1.54
CA LYS A 129 -11.32 8.79 -1.19
C LYS A 129 -12.51 7.84 -1.39
N LYS A 130 -13.67 8.20 -0.91
CA LYS A 130 -14.85 7.31 -1.07
C LYS A 130 -14.99 6.89 -2.54
N ASP A 131 -15.31 5.64 -2.77
CA ASP A 131 -15.45 5.17 -4.18
C ASP A 131 -16.24 6.22 -4.98
N ALA A 1 -12.99 1.95 10.18
CA ALA A 1 -11.73 2.48 9.61
C ALA A 1 -11.73 2.26 8.09
N PHE A 2 -11.93 3.31 7.34
CA PHE A 2 -11.94 3.18 5.86
C PHE A 2 -12.71 1.91 5.47
N ASP A 3 -13.71 1.56 6.24
CA ASP A 3 -14.50 0.34 5.91
C ASP A 3 -15.45 0.63 4.75
N SER A 4 -15.04 0.31 3.54
CA SER A 4 -15.92 0.56 2.37
C SER A 4 -15.08 0.54 1.09
N THR A 5 -15.61 1.04 0.01
CA THR A 5 -14.84 1.04 -1.27
C THR A 5 -14.15 2.40 -1.44
N TRP A 6 -12.97 2.39 -1.99
CA TRP A 6 -12.22 3.67 -2.19
C TRP A 6 -11.33 3.55 -3.41
N LYS A 7 -10.76 4.64 -3.87
CA LYS A 7 -9.88 4.56 -5.07
C LYS A 7 -8.85 5.68 -5.02
N VAL A 8 -7.61 5.37 -5.27
CA VAL A 8 -6.56 6.42 -5.25
C VAL A 8 -7.13 7.73 -5.82
N ASP A 9 -7.38 8.67 -4.96
CA ASP A 9 -7.92 9.98 -5.43
C ASP A 9 -6.75 10.96 -5.52
N ARG A 10 -5.77 10.79 -4.69
CA ARG A 10 -4.59 11.70 -4.74
C ARG A 10 -3.32 10.92 -4.36
N SER A 11 -2.18 11.47 -4.66
CA SER A 11 -0.91 10.76 -4.32
C SER A 11 0.27 11.74 -4.44
N GLU A 12 1.47 11.30 -4.14
CA GLU A 12 2.63 12.22 -4.24
C GLU A 12 3.93 11.40 -4.42
N ASN A 13 4.93 12.01 -5.02
CA ASN A 13 6.22 11.29 -5.23
C ASN A 13 5.99 10.02 -6.06
N TYR A 14 6.11 8.88 -5.46
CA TYR A 14 5.89 7.61 -6.20
C TYR A 14 7.07 7.34 -7.13
N ASP A 15 7.44 8.29 -7.94
CA ASP A 15 8.59 8.06 -8.87
C ASP A 15 9.83 7.74 -8.04
N LYS A 16 10.12 8.54 -7.06
CA LYS A 16 11.30 8.27 -6.20
C LYS A 16 11.13 6.90 -5.56
N PHE A 17 9.91 6.54 -5.26
CA PHE A 17 9.66 5.22 -4.64
C PHE A 17 9.88 4.14 -5.69
N MET A 18 9.08 4.16 -6.71
CA MET A 18 9.22 3.15 -7.80
C MET A 18 10.66 3.17 -8.33
N GLU A 19 11.35 4.27 -8.19
CA GLU A 19 12.75 4.33 -8.69
C GLU A 19 13.67 3.63 -7.71
N LYS A 20 13.38 3.71 -6.43
CA LYS A 20 14.25 3.04 -5.44
C LYS A 20 14.13 1.52 -5.60
N MET A 21 12.95 1.02 -5.83
CA MET A 21 12.79 -0.44 -6.00
C MET A 21 13.47 -0.87 -7.30
N GLY A 22 13.94 0.06 -8.08
CA GLY A 22 14.62 -0.30 -9.36
C GLY A 22 13.59 -0.79 -10.38
N VAL A 23 12.39 -0.27 -10.34
CA VAL A 23 11.36 -0.71 -11.31
C VAL A 23 11.65 -0.11 -12.68
N ASN A 24 11.67 -0.91 -13.71
CA ASN A 24 11.96 -0.38 -15.07
C ASN A 24 11.20 0.94 -15.27
N ILE A 25 11.57 1.71 -16.25
CA ILE A 25 10.88 3.00 -16.49
C ILE A 25 9.58 2.74 -17.24
N VAL A 26 9.35 1.51 -17.55
CA VAL A 26 8.10 1.14 -18.29
C VAL A 26 6.95 1.01 -17.29
N LYS A 27 7.08 0.12 -16.35
CA LYS A 27 6.01 -0.06 -15.34
C LYS A 27 5.78 1.29 -14.64
N ARG A 28 6.83 2.03 -14.41
CA ARG A 28 6.69 3.35 -13.75
C ARG A 28 5.83 4.26 -14.65
N LYS A 29 6.19 4.39 -15.89
CA LYS A 29 5.40 5.26 -16.82
C LYS A 29 3.91 4.89 -16.69
N LEU A 30 3.62 3.63 -16.56
CA LEU A 30 2.20 3.19 -16.44
C LEU A 30 1.76 3.26 -14.98
N ALA A 31 2.70 3.40 -14.12
CA ALA A 31 2.39 3.47 -12.66
C ALA A 31 1.87 4.87 -12.32
N ALA A 32 2.57 5.89 -12.73
CA ALA A 32 2.14 7.27 -12.42
C ALA A 32 0.62 7.38 -12.58
N HIS A 33 0.03 6.48 -13.33
CA HIS A 33 -1.44 6.53 -13.51
C HIS A 33 -2.14 6.06 -12.23
N ASP A 34 -1.57 6.36 -11.10
CA ASP A 34 -2.19 5.93 -9.81
C ASP A 34 -3.70 6.18 -9.87
N ASN A 35 -4.45 5.23 -10.34
CA ASN A 35 -5.93 5.40 -10.42
C ASN A 35 -6.62 4.05 -10.21
N LEU A 36 -6.17 3.27 -9.27
CA LEU A 36 -6.78 1.94 -9.04
C LEU A 36 -7.84 2.02 -7.93
N LYS A 37 -8.63 0.99 -7.79
CA LYS A 37 -9.68 0.97 -6.74
C LYS A 37 -9.27 -0.02 -5.64
N LEU A 38 -9.54 0.29 -4.41
CA LEU A 38 -9.16 -0.64 -3.31
C LEU A 38 -10.31 -0.73 -2.30
N THR A 39 -10.71 -1.92 -1.96
CA THR A 39 -11.83 -2.09 -0.98
C THR A 39 -11.22 -2.48 0.38
N ILE A 40 -11.40 -1.69 1.39
CA ILE A 40 -10.81 -2.03 2.72
C ILE A 40 -11.89 -2.48 3.69
N THR A 41 -11.80 -3.68 4.19
CA THR A 41 -12.79 -4.18 5.16
C THR A 41 -12.07 -4.50 6.47
N GLN A 42 -12.76 -4.41 7.58
CA GLN A 42 -12.09 -4.70 8.88
C GLN A 42 -12.90 -5.74 9.66
N GLU A 43 -12.24 -6.60 10.39
CA GLU A 43 -12.97 -7.63 11.17
C GLU A 43 -12.30 -7.81 12.53
N GLY A 44 -12.56 -6.92 13.46
CA GLY A 44 -11.96 -7.04 14.81
C GLY A 44 -10.44 -7.10 14.71
N ASN A 45 -9.89 -8.27 14.47
CA ASN A 45 -8.41 -8.41 14.38
C ASN A 45 -8.02 -9.04 13.05
N LYS A 46 -8.80 -8.84 12.03
CA LYS A 46 -8.50 -9.42 10.72
C LYS A 46 -9.08 -8.50 9.65
N PHE A 47 -8.24 -7.83 8.95
CA PHE A 47 -8.70 -6.89 7.89
C PHE A 47 -8.69 -7.60 6.53
N THR A 48 -9.20 -6.96 5.52
CA THR A 48 -9.22 -7.58 4.18
C THR A 48 -9.21 -6.48 3.12
N VAL A 49 -8.10 -6.26 2.51
CA VAL A 49 -8.02 -5.20 1.47
C VAL A 49 -8.12 -5.83 0.08
N LYS A 50 -9.16 -5.52 -0.65
CA LYS A 50 -9.31 -6.11 -2.01
C LYS A 50 -8.89 -5.09 -3.06
N GLU A 51 -7.70 -5.22 -3.59
CA GLU A 51 -7.23 -4.25 -4.62
C GLU A 51 -8.04 -4.48 -5.90
N SER A 52 -8.10 -3.51 -6.76
CA SER A 52 -8.86 -3.67 -8.02
C SER A 52 -8.40 -2.64 -9.02
N SER A 53 -7.67 -3.10 -10.00
CA SER A 53 -7.17 -2.18 -11.05
C SER A 53 -7.29 -2.89 -12.40
N ALA A 54 -7.59 -2.17 -13.45
CA ALA A 54 -7.72 -2.81 -14.78
C ALA A 54 -6.42 -3.56 -15.11
N PHE A 55 -5.51 -3.65 -14.17
CA PHE A 55 -4.22 -4.34 -14.44
C PHE A 55 -4.17 -5.69 -13.72
N ARG A 56 -4.90 -5.87 -12.64
CA ARG A 56 -4.87 -7.17 -11.92
C ARG A 56 -5.36 -6.97 -10.49
N ASN A 57 -6.63 -7.10 -10.29
CA ASN A 57 -7.20 -6.92 -8.92
C ASN A 57 -6.60 -7.96 -7.98
N ILE A 58 -6.44 -7.63 -6.72
CA ILE A 58 -5.84 -8.60 -5.76
C ILE A 58 -6.63 -8.61 -4.46
N GLU A 59 -6.28 -9.50 -3.58
CA GLU A 59 -6.97 -9.60 -2.27
C GLU A 59 -5.96 -10.12 -1.23
N CYS A 60 -5.83 -9.41 -0.13
CA CYS A 60 -4.86 -9.86 0.90
C CYS A 60 -5.40 -9.55 2.29
N VAL A 61 -5.35 -10.51 3.18
CA VAL A 61 -5.86 -10.28 4.57
C VAL A 61 -4.73 -9.65 5.39
N PHE A 62 -5.07 -8.91 6.41
CA PHE A 62 -4.01 -8.28 7.24
C PHE A 62 -4.33 -8.44 8.73
N GLU A 63 -3.48 -9.14 9.44
CA GLU A 63 -3.72 -9.34 10.90
C GLU A 63 -2.78 -8.43 11.69
N LEU A 64 -2.93 -8.36 12.99
CA LEU A 64 -2.05 -7.47 13.80
C LEU A 64 -1.01 -8.32 14.54
N GLY A 65 0.25 -8.20 14.18
CA GLY A 65 1.31 -8.97 14.88
C GLY A 65 1.66 -10.23 14.09
N VAL A 66 0.71 -10.80 13.40
CA VAL A 66 1.01 -12.04 12.62
C VAL A 66 1.63 -11.67 11.27
N THR A 67 2.90 -11.96 11.09
CA THR A 67 3.56 -11.64 9.79
C THR A 67 2.85 -12.36 8.66
N PHE A 68 2.75 -11.72 7.55
CA PHE A 68 2.08 -12.35 6.38
C PHE A 68 2.71 -11.76 5.12
N ASN A 69 2.17 -12.03 3.98
CA ASN A 69 2.78 -11.47 2.75
C ASN A 69 1.69 -10.98 1.79
N CYS A 70 2.00 -10.00 1.01
CA CYS A 70 1.02 -9.45 0.04
C CYS A 70 1.80 -8.87 -1.14
N ASN A 71 1.39 -9.13 -2.34
CA ASN A 71 2.14 -8.60 -3.50
C ASN A 71 1.49 -7.31 -4.00
N LEU A 72 2.29 -6.39 -4.48
CA LEU A 72 1.71 -5.12 -5.00
C LEU A 72 1.51 -5.22 -6.52
N ALA A 73 0.49 -4.57 -7.02
CA ALA A 73 0.22 -4.62 -8.48
C ALA A 73 1.54 -4.47 -9.25
N ASP A 74 2.44 -3.69 -8.74
CA ASP A 74 3.74 -3.50 -9.44
C ASP A 74 4.41 -4.87 -9.63
N GLY A 75 3.76 -5.92 -9.22
CA GLY A 75 4.35 -7.28 -9.37
C GLY A 75 5.39 -7.50 -8.27
N THR A 76 5.24 -6.82 -7.17
CA THR A 76 6.22 -6.99 -6.06
C THR A 76 5.64 -7.93 -5.00
N GLU A 77 6.49 -8.46 -4.18
CA GLU A 77 6.02 -9.39 -3.11
C GLU A 77 6.69 -9.00 -1.79
N LEU A 78 5.92 -8.70 -0.76
CA LEU A 78 6.57 -8.31 0.53
C LEU A 78 5.87 -9.00 1.71
N ARG A 79 6.52 -9.03 2.84
CA ARG A 79 5.91 -9.68 4.04
C ARG A 79 6.31 -8.92 5.31
N GLY A 80 5.42 -8.84 6.28
CA GLY A 80 5.74 -8.11 7.52
C GLY A 80 4.47 -8.00 8.34
N THR A 81 4.02 -6.81 8.59
CA THR A 81 2.76 -6.65 9.38
C THR A 81 2.52 -5.18 9.72
N TRP A 82 1.29 -4.84 10.00
CA TRP A 82 0.97 -3.43 10.36
C TRP A 82 0.80 -3.34 11.88
N SER A 83 1.23 -2.24 12.46
CA SER A 83 1.09 -2.09 13.93
C SER A 83 0.70 -0.65 14.23
N LEU A 84 0.10 -0.38 15.35
CA LEU A 84 -0.27 1.02 15.64
C LEU A 84 0.90 1.68 16.37
N GLU A 85 1.32 2.83 15.90
CA GLU A 85 2.45 3.54 16.55
C GLU A 85 2.03 4.98 16.79
N GLY A 86 2.00 5.40 18.01
CA GLY A 86 1.58 6.80 18.29
C GLY A 86 0.15 7.00 17.78
N ASN A 87 -0.02 7.71 16.70
CA ASN A 87 -1.39 7.93 16.16
C ASN A 87 -1.46 7.50 14.69
N LYS A 88 -0.74 6.47 14.31
CA LYS A 88 -0.78 6.04 12.89
C LYS A 88 -0.61 4.52 12.78
N LEU A 89 -1.07 3.94 11.71
CA LEU A 89 -0.90 2.47 11.54
C LEU A 89 0.35 2.19 10.72
N ILE A 90 1.36 1.64 11.32
CA ILE A 90 2.61 1.37 10.57
C ILE A 90 2.45 0.11 9.71
N GLY A 91 3.35 -0.06 8.78
CA GLY A 91 3.31 -1.25 7.89
C GLY A 91 4.74 -1.64 7.53
N LYS A 92 5.29 -2.58 8.24
CA LYS A 92 6.68 -3.01 7.95
C LYS A 92 6.66 -4.10 6.90
N PHE A 93 7.02 -3.78 5.68
CA PHE A 93 7.01 -4.80 4.61
C PHE A 93 8.41 -5.01 4.05
N LYS A 94 8.75 -6.24 3.78
CA LYS A 94 10.10 -6.54 3.23
C LYS A 94 9.94 -7.25 1.89
N ARG A 95 10.48 -6.68 0.85
CA ARG A 95 10.37 -7.33 -0.48
C ARG A 95 10.87 -8.77 -0.38
N THR A 96 10.00 -9.72 -0.57
CA THR A 96 10.44 -11.14 -0.47
C THR A 96 11.34 -11.48 -1.63
N ASP A 97 11.36 -10.61 -2.58
CA ASP A 97 12.21 -10.81 -3.79
C ASP A 97 13.64 -10.43 -3.46
N ASN A 98 13.85 -9.27 -2.89
CA ASN A 98 15.24 -8.84 -2.55
C ASN A 98 15.31 -8.33 -1.11
N GLY A 99 14.28 -8.55 -0.33
CA GLY A 99 14.30 -8.08 1.08
C GLY A 99 14.80 -6.63 1.12
N ASN A 100 14.32 -5.81 0.23
CA ASN A 100 14.77 -4.38 0.21
C ASN A 100 14.03 -3.59 1.28
N GLU A 101 13.49 -4.29 2.24
CA GLU A 101 12.75 -3.62 3.35
C GLU A 101 11.83 -2.52 2.82
N LEU A 102 10.83 -2.16 3.60
CA LEU A 102 9.89 -1.08 3.18
C LEU A 102 9.18 -0.57 4.43
N ASN A 103 9.25 0.71 4.69
CA ASN A 103 8.57 1.25 5.90
C ASN A 103 7.41 2.14 5.49
N THR A 104 6.21 1.74 5.76
CA THR A 104 5.04 2.57 5.34
C THR A 104 4.14 2.88 6.52
N VAL A 105 3.11 3.66 6.29
CA VAL A 105 2.17 4.02 7.38
C VAL A 105 0.77 4.23 6.79
N ARG A 106 -0.25 4.08 7.58
CA ARG A 106 -1.63 4.26 7.05
C ARG A 106 -2.36 5.32 7.88
N GLU A 107 -3.03 6.23 7.23
CA GLU A 107 -3.77 7.31 7.97
C GLU A 107 -5.16 7.47 7.34
N ILE A 108 -6.10 8.00 8.07
CA ILE A 108 -7.46 8.17 7.53
C ILE A 108 -7.82 9.64 7.60
N ILE A 109 -7.38 10.40 6.64
CA ILE A 109 -7.70 11.85 6.66
C ILE A 109 -9.20 12.04 6.56
N GLY A 110 -9.87 12.13 7.68
CA GLY A 110 -11.34 12.32 7.66
C GLY A 110 -12.02 11.25 6.80
N ASP A 111 -12.03 11.42 5.50
CA ASP A 111 -12.68 10.42 4.62
C ASP A 111 -11.72 9.98 3.52
N GLU A 112 -10.45 10.00 3.78
CA GLU A 112 -9.46 9.56 2.75
C GLU A 112 -8.41 8.67 3.41
N LEU A 113 -7.92 7.68 2.71
CA LEU A 113 -6.89 6.79 3.33
C LEU A 113 -5.51 7.15 2.78
N VAL A 114 -4.65 7.65 3.63
CA VAL A 114 -3.29 8.03 3.14
C VAL A 114 -2.30 6.91 3.49
N GLN A 115 -1.83 6.20 2.52
CA GLN A 115 -0.85 5.12 2.78
C GLN A 115 0.52 5.60 2.29
N THR A 116 1.39 5.97 3.19
CA THR A 116 2.72 6.46 2.78
C THR A 116 3.76 5.35 2.96
N TYR A 117 4.73 5.30 2.09
CA TYR A 117 5.79 4.26 2.22
C TYR A 117 7.16 4.93 2.17
N VAL A 118 8.10 4.32 2.79
CA VAL A 118 9.49 4.84 2.78
C VAL A 118 10.38 3.80 2.15
N TYR A 119 11.39 4.23 1.49
CA TYR A 119 12.30 3.25 0.84
C TYR A 119 13.75 3.72 0.91
N GLU A 120 14.53 3.03 1.69
CA GLU A 120 15.98 3.37 1.83
C GLU A 120 16.17 4.86 2.06
N GLY A 121 15.14 5.54 2.48
CA GLY A 121 15.28 6.99 2.74
C GLY A 121 14.46 7.76 1.72
N VAL A 122 13.41 7.15 1.23
CA VAL A 122 12.55 7.83 0.24
C VAL A 122 11.15 7.85 0.81
N GLU A 123 10.25 8.46 0.14
CA GLU A 123 8.87 8.49 0.69
C GLU A 123 7.83 8.65 -0.41
N ALA A 124 6.91 7.73 -0.50
CA ALA A 124 5.84 7.83 -1.53
C ALA A 124 4.50 7.97 -0.80
N LYS A 125 3.49 8.51 -1.43
CA LYS A 125 2.18 8.66 -0.73
C LYS A 125 1.02 8.26 -1.63
N ARG A 126 0.06 7.58 -1.08
CA ARG A 126 -1.15 7.17 -1.87
C ARG A 126 -2.38 7.54 -1.06
N ILE A 127 -3.17 8.47 -1.54
CA ILE A 127 -4.38 8.88 -0.78
C ILE A 127 -5.66 8.40 -1.46
N PHE A 128 -6.47 7.65 -0.75
CA PHE A 128 -7.74 7.17 -1.35
C PHE A 128 -8.90 8.04 -0.85
N LYS A 129 -10.08 7.81 -1.37
CA LYS A 129 -11.26 8.61 -0.93
C LYS A 129 -12.54 7.88 -1.34
N LYS A 130 -13.65 8.20 -0.75
CA LYS A 130 -14.92 7.52 -1.10
C LYS A 130 -15.08 7.50 -2.62
N ASP A 131 -15.42 6.36 -3.17
CA ASP A 131 -15.59 6.27 -4.65
C ASP A 131 -16.63 7.29 -5.11
N ALA A 1 -14.01 4.31 9.73
CA ALA A 1 -12.73 3.75 9.20
C ALA A 1 -12.87 3.54 7.69
N PHE A 2 -11.80 3.15 7.04
CA PHE A 2 -11.88 2.94 5.57
C PHE A 2 -12.62 1.64 5.28
N ASP A 3 -13.48 1.24 6.17
CA ASP A 3 -14.25 -0.01 5.98
C ASP A 3 -15.26 0.18 4.84
N SER A 4 -14.83 0.05 3.62
CA SER A 4 -15.77 0.23 2.47
C SER A 4 -14.99 0.25 1.16
N THR A 5 -15.56 0.80 0.12
CA THR A 5 -14.85 0.85 -1.18
C THR A 5 -14.13 2.20 -1.32
N TRP A 6 -12.97 2.20 -1.90
CA TRP A 6 -12.21 3.48 -2.06
C TRP A 6 -11.33 3.40 -3.32
N LYS A 7 -10.78 4.50 -3.74
CA LYS A 7 -9.92 4.47 -4.95
C LYS A 7 -8.90 5.61 -4.89
N VAL A 8 -7.65 5.31 -5.13
CA VAL A 8 -6.62 6.38 -5.08
C VAL A 8 -7.16 7.65 -5.72
N ASP A 9 -7.48 8.62 -4.91
CA ASP A 9 -7.99 9.90 -5.46
C ASP A 9 -6.81 10.84 -5.65
N ARG A 10 -5.80 10.69 -4.83
CA ARG A 10 -4.61 11.58 -4.97
C ARG A 10 -3.35 10.80 -4.56
N SER A 11 -2.19 11.32 -4.89
CA SER A 11 -0.93 10.62 -4.53
C SER A 11 0.25 11.57 -4.77
N GLU A 12 1.45 11.16 -4.47
CA GLU A 12 2.63 12.04 -4.69
C GLU A 12 3.88 11.20 -4.93
N ASN A 13 4.82 11.73 -5.69
CA ASN A 13 6.08 10.99 -5.97
C ASN A 13 5.75 9.65 -6.66
N TYR A 14 5.92 8.57 -5.96
CA TYR A 14 5.63 7.24 -6.55
C TYR A 14 6.76 6.85 -7.50
N ASP A 15 7.09 7.68 -8.44
CA ASP A 15 8.18 7.33 -9.39
C ASP A 15 9.46 7.07 -8.59
N LYS A 16 9.83 7.99 -7.75
CA LYS A 16 11.06 7.79 -6.94
C LYS A 16 10.90 6.51 -6.12
N PHE A 17 9.69 6.21 -5.71
CA PHE A 17 9.47 4.97 -4.93
C PHE A 17 9.62 3.77 -5.85
N MET A 18 8.79 3.69 -6.84
CA MET A 18 8.87 2.55 -7.80
C MET A 18 10.27 2.49 -8.39
N GLU A 19 10.97 3.60 -8.44
CA GLU A 19 12.34 3.58 -9.02
C GLU A 19 13.31 3.07 -7.96
N LYS A 20 13.02 3.28 -6.71
CA LYS A 20 13.93 2.81 -5.64
C LYS A 20 13.85 1.28 -5.53
N MET A 21 12.68 0.73 -5.72
CA MET A 21 12.55 -0.75 -5.63
C MET A 21 13.20 -1.38 -6.87
N GLY A 22 13.62 -0.57 -7.80
CA GLY A 22 14.26 -1.12 -9.03
C GLY A 22 13.20 -1.73 -9.94
N VAL A 23 12.02 -1.18 -9.95
CA VAL A 23 10.94 -1.73 -10.82
C VAL A 23 11.24 -1.37 -12.28
N ASN A 24 11.09 -2.30 -13.18
CA ASN A 24 11.36 -2.00 -14.61
C ASN A 24 10.76 -0.64 -14.96
N ILE A 25 11.24 -0.02 -16.01
CA ILE A 25 10.70 1.31 -16.39
C ILE A 25 9.39 1.13 -17.13
N VAL A 26 9.03 -0.10 -17.35
CA VAL A 26 7.75 -0.39 -18.06
C VAL A 26 6.61 -0.37 -17.05
N LYS A 27 6.67 -1.23 -16.06
CA LYS A 27 5.60 -1.24 -15.04
C LYS A 27 5.58 0.12 -14.34
N ARG A 28 6.72 0.76 -14.27
CA ARG A 28 6.78 2.10 -13.63
C ARG A 28 6.02 3.11 -14.48
N LYS A 29 6.31 3.17 -15.76
CA LYS A 29 5.60 4.12 -16.64
C LYS A 29 4.09 3.91 -16.51
N LEU A 30 3.67 2.69 -16.35
CA LEU A 30 2.22 2.40 -16.22
C LEU A 30 1.79 2.55 -14.76
N ALA A 31 2.74 2.61 -13.90
CA ALA A 31 2.45 2.75 -12.45
C ALA A 31 2.01 4.19 -12.14
N ALA A 32 2.75 5.16 -12.63
CA ALA A 32 2.39 6.57 -12.36
C ALA A 32 0.87 6.75 -12.49
N HIS A 33 0.22 5.85 -13.17
CA HIS A 33 -1.26 5.97 -13.32
C HIS A 33 -1.93 5.67 -11.99
N ASP A 34 -1.43 6.25 -10.93
CA ASP A 34 -2.03 6.00 -9.58
C ASP A 34 -3.54 6.26 -9.63
N ASN A 35 -4.29 5.32 -10.12
CA ASN A 35 -5.77 5.49 -10.19
C ASN A 35 -6.45 4.13 -10.03
N LEU A 36 -5.99 3.32 -9.11
CA LEU A 36 -6.60 1.98 -8.93
C LEU A 36 -7.68 2.02 -7.84
N LYS A 37 -8.46 0.96 -7.74
CA LYS A 37 -9.53 0.91 -6.71
C LYS A 37 -9.11 -0.06 -5.61
N LEU A 38 -9.47 0.23 -4.39
CA LEU A 38 -9.09 -0.68 -3.27
C LEU A 38 -10.27 -0.83 -2.30
N THR A 39 -10.67 -2.04 -2.03
CA THR A 39 -11.80 -2.25 -1.09
C THR A 39 -11.23 -2.71 0.25
N ILE A 40 -11.34 -1.91 1.28
CA ILE A 40 -10.77 -2.29 2.60
C ILE A 40 -11.88 -2.76 3.55
N THR A 41 -11.76 -3.96 4.05
CA THR A 41 -12.77 -4.49 4.99
C THR A 41 -12.08 -4.76 6.33
N GLN A 42 -12.80 -4.70 7.42
CA GLN A 42 -12.16 -4.94 8.75
C GLN A 42 -13.00 -5.92 9.57
N GLU A 43 -12.37 -6.83 10.25
CA GLU A 43 -13.14 -7.81 11.08
C GLU A 43 -12.46 -7.96 12.44
N GLY A 44 -12.68 -7.03 13.33
CA GLY A 44 -12.05 -7.12 14.68
C GLY A 44 -10.53 -7.22 14.55
N ASN A 45 -10.01 -8.42 14.45
CA ASN A 45 -8.53 -8.60 14.34
C ASN A 45 -8.18 -9.26 13.01
N LYS A 46 -8.98 -9.04 12.00
CA LYS A 46 -8.68 -9.63 10.68
C LYS A 46 -9.25 -8.71 9.62
N PHE A 47 -8.39 -8.07 8.90
CA PHE A 47 -8.82 -7.14 7.84
C PHE A 47 -8.71 -7.82 6.47
N THR A 48 -9.17 -7.17 5.44
CA THR A 48 -9.09 -7.77 4.08
C THR A 48 -9.02 -6.65 3.06
N VAL A 49 -7.85 -6.39 2.54
CA VAL A 49 -7.70 -5.32 1.53
C VAL A 49 -7.77 -5.93 0.12
N LYS A 50 -8.81 -5.65 -0.61
CA LYS A 50 -8.92 -6.22 -1.98
C LYS A 50 -8.56 -5.16 -3.01
N GLU A 51 -7.36 -5.22 -3.54
CA GLU A 51 -6.95 -4.22 -4.56
C GLU A 51 -7.67 -4.52 -5.87
N SER A 52 -7.79 -3.56 -6.74
CA SER A 52 -8.47 -3.82 -8.03
C SER A 52 -8.07 -2.74 -9.03
N SER A 53 -7.27 -3.11 -9.97
CA SER A 53 -6.81 -2.16 -11.01
C SER A 53 -6.93 -2.85 -12.38
N ALA A 54 -7.28 -2.13 -13.39
CA ALA A 54 -7.41 -2.76 -14.73
C ALA A 54 -6.09 -3.41 -15.12
N PHE A 55 -5.15 -3.48 -14.22
CA PHE A 55 -3.83 -4.09 -14.56
C PHE A 55 -3.61 -5.39 -13.78
N ARG A 56 -4.25 -5.58 -12.65
CA ARG A 56 -4.04 -6.84 -11.88
C ARG A 56 -4.61 -6.68 -10.48
N ASN A 57 -5.88 -6.96 -10.33
CA ASN A 57 -6.50 -6.84 -8.98
C ASN A 57 -5.83 -7.80 -8.01
N ILE A 58 -5.74 -7.44 -6.75
CA ILE A 58 -5.07 -8.33 -5.77
C ILE A 58 -5.85 -8.35 -4.47
N GLU A 59 -5.43 -9.18 -3.56
CA GLU A 59 -6.11 -9.26 -2.23
C GLU A 59 -5.09 -9.67 -1.18
N CYS A 60 -5.17 -9.10 0.00
CA CYS A 60 -4.20 -9.45 1.06
C CYS A 60 -4.86 -9.25 2.44
N VAL A 61 -4.82 -10.26 3.27
CA VAL A 61 -5.44 -10.12 4.62
C VAL A 61 -4.51 -9.27 5.49
N PHE A 62 -5.06 -8.57 6.45
CA PHE A 62 -4.21 -7.72 7.33
C PHE A 62 -4.60 -7.96 8.79
N GLU A 63 -3.71 -8.48 9.58
CA GLU A 63 -4.01 -8.75 11.01
C GLU A 63 -2.95 -8.08 11.88
N LEU A 64 -3.18 -8.02 13.17
CA LEU A 64 -2.18 -7.36 14.06
C LEU A 64 -1.34 -8.41 14.78
N GLY A 65 -0.04 -8.29 14.73
CA GLY A 65 0.84 -9.26 15.43
C GLY A 65 0.91 -10.58 14.64
N VAL A 66 0.71 -10.53 13.35
CA VAL A 66 0.78 -11.77 12.55
C VAL A 66 1.39 -11.47 11.19
N THR A 67 2.64 -11.80 11.00
CA THR A 67 3.29 -11.52 9.69
C THR A 67 2.55 -12.21 8.57
N PHE A 68 2.42 -11.54 7.47
CA PHE A 68 1.75 -12.13 6.28
C PHE A 68 2.43 -11.56 5.05
N ASN A 69 1.89 -11.79 3.88
CA ASN A 69 2.55 -11.25 2.67
C ASN A 69 1.51 -10.72 1.69
N CYS A 70 1.89 -9.72 0.93
CA CYS A 70 0.96 -9.13 -0.07
C CYS A 70 1.79 -8.85 -1.33
N ASN A 71 1.16 -8.50 -2.41
CA ASN A 71 1.95 -8.22 -3.64
C ASN A 71 1.61 -6.84 -4.20
N LEU A 72 2.60 -6.14 -4.70
CA LEU A 72 2.34 -4.79 -5.26
C LEU A 72 2.11 -4.91 -6.76
N ALA A 73 1.28 -4.07 -7.32
CA ALA A 73 1.00 -4.13 -8.78
C ALA A 73 2.31 -4.32 -9.54
N ASP A 74 3.40 -3.84 -9.00
CA ASP A 74 4.71 -4.00 -9.69
C ASP A 74 5.12 -5.48 -9.66
N GLY A 75 4.18 -6.36 -9.44
CA GLY A 75 4.52 -7.81 -9.40
C GLY A 75 5.51 -8.07 -8.26
N THR A 76 5.45 -7.29 -7.22
CA THR A 76 6.38 -7.48 -6.09
C THR A 76 5.66 -8.23 -4.97
N GLU A 77 6.40 -8.79 -4.06
CA GLU A 77 5.79 -9.54 -2.93
C GLU A 77 6.44 -9.09 -1.61
N LEU A 78 5.68 -8.46 -0.74
CA LEU A 78 6.28 -8.00 0.56
C LEU A 78 5.58 -8.69 1.73
N ARG A 79 6.28 -8.89 2.82
CA ARG A 79 5.68 -9.55 4.01
C ARG A 79 6.08 -8.81 5.28
N GLY A 80 5.18 -8.70 6.24
CA GLY A 80 5.51 -8.00 7.49
C GLY A 80 4.23 -7.86 8.31
N THR A 81 3.82 -6.66 8.58
CA THR A 81 2.56 -6.47 9.37
C THR A 81 2.35 -5.00 9.72
N TRP A 82 1.14 -4.61 9.96
CA TRP A 82 0.86 -3.19 10.33
C TRP A 82 0.63 -3.11 11.84
N SER A 83 1.09 -2.06 12.45
CA SER A 83 0.90 -1.91 13.93
C SER A 83 0.59 -0.45 14.24
N LEU A 84 -0.04 -0.17 15.34
CA LEU A 84 -0.33 1.25 15.63
C LEU A 84 0.86 1.83 16.42
N GLU A 85 1.35 2.96 16.01
CA GLU A 85 2.50 3.57 16.73
C GLU A 85 2.21 5.06 16.89
N GLY A 86 2.24 5.55 18.10
CA GLY A 86 1.94 6.99 18.31
C GLY A 86 0.52 7.27 17.83
N ASN A 87 0.37 7.99 16.76
CA ASN A 87 -1.00 8.30 16.25
C ASN A 87 -1.14 7.86 14.78
N LYS A 88 -0.49 6.80 14.39
CA LYS A 88 -0.61 6.36 12.97
C LYS A 88 -0.49 4.84 12.86
N LEU A 89 -0.91 4.28 11.77
CA LEU A 89 -0.81 2.81 11.58
C LEU A 89 0.44 2.50 10.77
N ILE A 90 1.41 1.86 11.35
CA ILE A 90 2.65 1.55 10.61
C ILE A 90 2.46 0.31 9.74
N GLY A 91 3.36 0.11 8.82
CA GLY A 91 3.29 -1.07 7.92
C GLY A 91 4.70 -1.49 7.57
N LYS A 92 5.23 -2.46 8.27
CA LYS A 92 6.61 -2.92 7.99
C LYS A 92 6.55 -4.03 6.95
N PHE A 93 6.95 -3.74 5.74
CA PHE A 93 6.91 -4.77 4.67
C PHE A 93 8.31 -5.09 4.18
N LYS A 94 8.51 -6.31 3.77
CA LYS A 94 9.85 -6.71 3.26
C LYS A 94 9.71 -7.49 1.96
N ARG A 95 10.24 -6.96 0.90
CA ARG A 95 10.16 -7.67 -0.40
C ARG A 95 10.67 -9.10 -0.21
N THR A 96 9.83 -10.07 -0.37
CA THR A 96 10.28 -11.48 -0.18
C THR A 96 11.19 -11.88 -1.33
N ASP A 97 11.18 -11.08 -2.33
CA ASP A 97 12.02 -11.36 -3.52
C ASP A 97 13.41 -10.75 -3.34
N ASN A 98 13.49 -9.58 -2.75
CA ASN A 98 14.82 -8.94 -2.55
C ASN A 98 14.96 -8.45 -1.11
N GLY A 99 14.01 -8.74 -0.26
CA GLY A 99 14.11 -8.28 1.15
C GLY A 99 14.60 -6.83 1.19
N ASN A 100 14.23 -6.04 0.22
CA ASN A 100 14.68 -4.62 0.20
C ASN A 100 13.90 -3.82 1.23
N GLU A 101 13.35 -4.49 2.19
CA GLU A 101 12.56 -3.82 3.28
C GLU A 101 11.61 -2.77 2.69
N LEU A 102 10.69 -2.32 3.49
CA LEU A 102 9.71 -1.30 3.04
C LEU A 102 9.09 -0.68 4.29
N ASN A 103 9.22 0.61 4.47
CA ASN A 103 8.64 1.25 5.70
C ASN A 103 7.49 2.16 5.28
N THR A 104 6.28 1.83 5.67
CA THR A 104 5.14 2.68 5.26
C THR A 104 4.26 3.04 6.47
N VAL A 105 3.26 3.84 6.24
CA VAL A 105 2.34 4.24 7.34
C VAL A 105 0.94 4.43 6.76
N ARG A 106 -0.08 4.36 7.58
CA ARG A 106 -1.47 4.51 7.04
C ARG A 106 -2.26 5.51 7.91
N GLU A 107 -3.00 6.37 7.28
CA GLU A 107 -3.81 7.37 8.04
C GLU A 107 -5.16 7.54 7.36
N ILE A 108 -6.15 8.01 8.08
CA ILE A 108 -7.49 8.18 7.47
C ILE A 108 -7.93 9.63 7.64
N ILE A 109 -7.47 10.49 6.77
CA ILE A 109 -7.85 11.91 6.89
C ILE A 109 -9.37 12.04 6.75
N GLY A 110 -10.06 12.01 7.85
CA GLY A 110 -11.55 12.14 7.79
C GLY A 110 -12.14 11.06 6.88
N ASP A 111 -12.11 11.27 5.59
CA ASP A 111 -12.69 10.27 4.65
C ASP A 111 -11.69 9.93 3.55
N GLU A 112 -10.42 10.01 3.83
CA GLU A 112 -9.40 9.69 2.81
C GLU A 112 -8.32 8.81 3.44
N LEU A 113 -7.87 7.79 2.76
CA LEU A 113 -6.83 6.91 3.37
C LEU A 113 -5.45 7.31 2.83
N VAL A 114 -4.62 7.83 3.68
CA VAL A 114 -3.26 8.23 3.21
C VAL A 114 -2.26 7.14 3.57
N GLN A 115 -1.75 6.45 2.57
CA GLN A 115 -0.77 5.38 2.85
C GLN A 115 0.58 5.79 2.28
N THR A 116 1.51 6.16 3.13
CA THR A 116 2.83 6.59 2.62
C THR A 116 3.84 5.47 2.82
N TYR A 117 4.78 5.34 1.91
CA TYR A 117 5.81 4.28 2.06
C TYR A 117 7.18 4.91 1.96
N VAL A 118 8.14 4.25 2.52
CA VAL A 118 9.54 4.73 2.46
C VAL A 118 10.40 3.65 1.86
N TYR A 119 11.42 4.03 1.16
CA TYR A 119 12.28 3.01 0.54
C TYR A 119 13.75 3.44 0.58
N GLU A 120 14.53 2.78 1.38
CA GLU A 120 15.99 3.10 1.49
C GLU A 120 16.22 4.59 1.64
N GLY A 121 15.21 5.31 2.05
CA GLY A 121 15.38 6.77 2.24
C GLY A 121 14.55 7.52 1.21
N VAL A 122 13.47 6.91 0.77
CA VAL A 122 12.60 7.58 -0.21
C VAL A 122 11.23 7.64 0.39
N GLU A 123 10.31 8.24 -0.28
CA GLU A 123 8.95 8.31 0.31
C GLU A 123 7.88 8.50 -0.77
N ALA A 124 6.92 7.61 -0.82
CA ALA A 124 5.82 7.74 -1.81
C ALA A 124 4.51 7.92 -1.06
N LYS A 125 3.54 8.57 -1.63
CA LYS A 125 2.26 8.77 -0.89
C LYS A 125 1.06 8.34 -1.74
N ARG A 126 0.10 7.70 -1.13
CA ARG A 126 -1.11 7.27 -1.87
C ARG A 126 -2.35 7.66 -1.06
N ILE A 127 -3.15 8.57 -1.55
CA ILE A 127 -4.35 9.00 -0.77
C ILE A 127 -5.63 8.47 -1.42
N PHE A 128 -6.41 7.74 -0.68
CA PHE A 128 -7.69 7.22 -1.24
C PHE A 128 -8.86 8.08 -0.76
N LYS A 129 -10.03 7.81 -1.25
CA LYS A 129 -11.23 8.59 -0.83
C LYS A 129 -12.50 7.82 -1.21
N LYS A 130 -13.58 8.06 -0.52
CA LYS A 130 -14.84 7.33 -0.84
C LYS A 130 -15.09 7.35 -2.35
N ASP A 131 -15.46 6.23 -2.91
CA ASP A 131 -15.73 6.19 -4.37
C ASP A 131 -16.68 7.33 -4.75
N ALA A 1 -12.61 1.94 10.26
CA ALA A 1 -11.43 2.57 9.61
C ALA A 1 -11.51 2.35 8.09
N PHE A 2 -11.70 3.40 7.34
CA PHE A 2 -11.78 3.26 5.86
C PHE A 2 -12.61 2.01 5.52
N ASP A 3 -13.57 1.70 6.35
CA ASP A 3 -14.41 0.49 6.07
C ASP A 3 -15.36 0.77 4.92
N SER A 4 -15.00 0.36 3.72
CA SER A 4 -15.88 0.59 2.55
C SER A 4 -15.04 0.51 1.26
N THR A 5 -15.60 0.87 0.15
CA THR A 5 -14.84 0.83 -1.12
C THR A 5 -14.05 2.13 -1.29
N TRP A 6 -12.92 2.07 -1.94
CA TRP A 6 -12.10 3.31 -2.13
C TRP A 6 -11.30 3.21 -3.42
N LYS A 7 -10.72 4.29 -3.85
CA LYS A 7 -9.92 4.26 -5.11
C LYS A 7 -8.85 5.36 -5.06
N VAL A 8 -7.61 5.01 -5.26
CA VAL A 8 -6.55 6.04 -5.23
C VAL A 8 -7.06 7.33 -5.87
N ASP A 9 -7.31 8.32 -5.07
CA ASP A 9 -7.81 9.61 -5.61
C ASP A 9 -6.64 10.58 -5.69
N ARG A 10 -5.67 10.42 -4.82
CA ARG A 10 -4.50 11.34 -4.86
C ARG A 10 -3.22 10.57 -4.53
N SER A 11 -2.09 11.22 -4.63
CA SER A 11 -0.79 10.53 -4.35
C SER A 11 0.35 11.54 -4.51
N GLU A 12 1.56 11.14 -4.27
CA GLU A 12 2.70 12.10 -4.42
C GLU A 12 4.01 11.33 -4.65
N ASN A 13 4.97 11.95 -5.26
CA ASN A 13 6.27 11.28 -5.52
C ASN A 13 6.04 9.99 -6.32
N TYR A 14 6.24 8.86 -5.71
CA TYR A 14 6.03 7.57 -6.43
C TYR A 14 7.19 7.32 -7.39
N ASP A 15 7.49 8.27 -8.23
CA ASP A 15 8.62 8.06 -9.18
C ASP A 15 9.87 7.75 -8.37
N LYS A 16 10.16 8.55 -7.38
CA LYS A 16 11.36 8.28 -6.56
C LYS A 16 11.20 6.91 -5.91
N PHE A 17 9.98 6.57 -5.57
CA PHE A 17 9.73 5.24 -4.95
C PHE A 17 9.95 4.16 -5.98
N MET A 18 9.15 4.17 -7.00
CA MET A 18 9.29 3.15 -8.08
C MET A 18 10.71 3.21 -8.64
N GLU A 19 11.38 4.31 -8.46
CA GLU A 19 12.78 4.42 -8.98
C GLU A 19 13.73 3.68 -8.03
N LYS A 20 13.45 3.73 -6.76
CA LYS A 20 14.34 3.03 -5.79
C LYS A 20 14.23 1.53 -6.01
N MET A 21 13.04 1.03 -6.17
CA MET A 21 12.86 -0.43 -6.40
C MET A 21 13.56 -0.82 -7.70
N GLY A 22 14.00 0.15 -8.46
CA GLY A 22 14.68 -0.17 -9.75
C GLY A 22 13.64 -0.50 -10.82
N VAL A 23 12.49 0.11 -10.74
CA VAL A 23 11.43 -0.17 -11.74
C VAL A 23 11.77 0.54 -13.05
N ASN A 24 11.65 -0.14 -14.16
CA ASN A 24 11.97 0.50 -15.48
C ASN A 24 11.30 1.86 -15.55
N ILE A 25 11.54 2.61 -16.59
CA ILE A 25 10.91 3.95 -16.72
C ILE A 25 9.52 3.79 -17.34
N VAL A 26 9.19 2.60 -17.68
CA VAL A 26 7.86 2.33 -18.28
C VAL A 26 6.81 2.26 -17.18
N LYS A 27 6.97 1.35 -16.27
CA LYS A 27 5.99 1.23 -15.16
C LYS A 27 6.10 2.48 -14.29
N ARG A 28 7.22 3.15 -14.34
CA ARG A 28 7.40 4.39 -13.54
C ARG A 28 6.59 5.53 -14.17
N LYS A 29 6.62 5.63 -15.47
CA LYS A 29 5.85 6.73 -16.14
C LYS A 29 4.36 6.40 -16.08
N LEU A 30 4.02 5.15 -16.15
CA LEU A 30 2.57 4.77 -16.11
C LEU A 30 2.13 4.61 -14.67
N ALA A 31 3.07 4.56 -13.79
CA ALA A 31 2.76 4.41 -12.35
C ALA A 31 2.17 5.72 -11.80
N ALA A 32 2.85 6.81 -12.00
CA ALA A 32 2.34 8.11 -11.49
C ALA A 32 0.83 8.20 -11.74
N HIS A 33 0.33 7.44 -12.69
CA HIS A 33 -1.13 7.47 -12.98
C HIS A 33 -1.85 6.42 -12.13
N ASP A 34 -1.54 6.35 -10.86
CA ASP A 34 -2.20 5.34 -10.00
C ASP A 34 -3.70 5.62 -9.94
N ASN A 35 -4.50 4.66 -10.34
CA ASN A 35 -5.98 4.86 -10.30
C ASN A 35 -6.64 3.50 -10.03
N LEU A 36 -6.12 2.74 -9.12
CA LEU A 36 -6.71 1.41 -8.83
C LEU A 36 -7.82 1.52 -7.78
N LYS A 37 -8.64 0.50 -7.70
CA LYS A 37 -9.76 0.48 -6.72
C LYS A 37 -9.51 -0.64 -5.71
N LEU A 38 -9.82 -0.41 -4.46
CA LEU A 38 -9.60 -1.48 -3.45
C LEU A 38 -10.63 -1.37 -2.34
N THR A 39 -11.07 -2.48 -1.82
CA THR A 39 -12.07 -2.46 -0.72
C THR A 39 -11.35 -2.77 0.59
N ILE A 40 -11.74 -2.15 1.67
CA ILE A 40 -11.05 -2.44 2.96
C ILE A 40 -12.08 -2.67 4.07
N THR A 41 -11.94 -3.75 4.79
CA THR A 41 -12.88 -4.05 5.89
C THR A 41 -12.09 -4.41 7.15
N GLN A 42 -12.65 -4.17 8.29
CA GLN A 42 -11.92 -4.50 9.56
C GLN A 42 -12.85 -5.27 10.49
N GLU A 43 -12.37 -6.32 11.09
CA GLU A 43 -13.23 -7.10 12.02
C GLU A 43 -12.48 -7.31 13.35
N GLY A 44 -12.48 -6.31 14.18
CA GLY A 44 -11.78 -6.44 15.50
C GLY A 44 -10.34 -6.88 15.30
N ASN A 45 -10.13 -8.15 15.06
CA ASN A 45 -8.74 -8.67 14.89
C ASN A 45 -8.62 -9.40 13.55
N LYS A 46 -9.40 -9.01 12.59
CA LYS A 46 -9.33 -9.66 11.25
C LYS A 46 -9.60 -8.60 10.20
N PHE A 47 -8.58 -8.28 9.46
CA PHE A 47 -8.72 -7.26 8.39
C PHE A 47 -9.00 -7.97 7.06
N THR A 48 -9.53 -7.27 6.11
CA THR A 48 -9.80 -7.91 4.80
C THR A 48 -9.75 -6.83 3.72
N VAL A 49 -8.68 -6.78 2.99
CA VAL A 49 -8.54 -5.75 1.92
C VAL A 49 -8.60 -6.43 0.55
N LYS A 50 -9.40 -5.91 -0.35
CA LYS A 50 -9.51 -6.51 -1.70
C LYS A 50 -9.11 -5.48 -2.75
N GLU A 51 -7.90 -5.56 -3.25
CA GLU A 51 -7.45 -4.58 -4.28
C GLU A 51 -8.09 -4.94 -5.62
N SER A 52 -8.22 -3.97 -6.50
CA SER A 52 -8.83 -4.26 -7.82
C SER A 52 -8.39 -3.19 -8.81
N SER A 53 -7.52 -3.54 -9.69
CA SER A 53 -7.03 -2.60 -10.71
C SER A 53 -7.06 -3.29 -12.07
N ALA A 54 -7.36 -2.57 -13.11
CA ALA A 54 -7.39 -3.20 -14.46
C ALA A 54 -6.02 -3.81 -14.77
N PHE A 55 -5.13 -3.83 -13.80
CA PHE A 55 -3.78 -4.40 -14.06
C PHE A 55 -3.56 -5.69 -13.25
N ARG A 56 -4.32 -5.93 -12.21
CA ARG A 56 -4.10 -7.18 -11.42
C ARG A 56 -4.76 -7.03 -10.05
N ASN A 57 -6.02 -7.35 -9.94
CA ASN A 57 -6.71 -7.23 -8.63
C ASN A 57 -6.06 -8.18 -7.62
N ILE A 58 -6.03 -7.79 -6.38
CA ILE A 58 -5.40 -8.65 -5.33
C ILE A 58 -6.29 -8.71 -4.09
N GLU A 59 -5.90 -9.52 -3.15
CA GLU A 59 -6.69 -9.65 -1.90
C GLU A 59 -5.77 -10.07 -0.75
N CYS A 60 -6.03 -9.61 0.44
CA CYS A 60 -5.16 -9.99 1.59
C CYS A 60 -5.98 -9.93 2.88
N VAL A 61 -6.26 -11.07 3.47
CA VAL A 61 -7.03 -11.09 4.73
C VAL A 61 -6.11 -11.52 5.87
N PHE A 62 -6.23 -10.93 7.02
CA PHE A 62 -5.34 -11.34 8.14
C PHE A 62 -5.55 -10.45 9.36
N GLU A 63 -5.07 -10.88 10.50
CA GLU A 63 -5.21 -10.08 11.74
C GLU A 63 -4.01 -9.12 11.85
N LEU A 64 -4.04 -8.18 12.74
CA LEU A 64 -2.89 -7.24 12.87
C LEU A 64 -1.87 -7.82 13.85
N GLY A 65 -0.62 -7.84 13.46
CA GLY A 65 0.43 -8.39 14.37
C GLY A 65 1.02 -9.67 13.77
N VAL A 66 0.27 -10.37 12.97
CA VAL A 66 0.79 -11.63 12.36
C VAL A 66 1.39 -11.33 10.99
N THR A 67 2.66 -11.55 10.82
CA THR A 67 3.31 -11.29 9.50
C THR A 67 2.56 -12.03 8.40
N PHE A 68 2.48 -11.41 7.26
CA PHE A 68 1.81 -12.04 6.10
C PHE A 68 2.47 -11.49 4.84
N ASN A 69 1.92 -11.76 3.69
CA ASN A 69 2.56 -11.25 2.46
C ASN A 69 1.49 -10.85 1.44
N CYS A 70 1.82 -9.90 0.60
CA CYS A 70 0.86 -9.45 -0.44
C CYS A 70 1.67 -9.04 -1.67
N ASN A 71 1.34 -9.56 -2.82
CA ASN A 71 2.12 -9.21 -4.04
C ASN A 71 1.56 -7.93 -4.66
N LEU A 72 2.43 -7.10 -5.18
CA LEU A 72 1.96 -5.83 -5.81
C LEU A 72 1.82 -6.03 -7.32
N ALA A 73 0.87 -5.37 -7.93
CA ALA A 73 0.67 -5.52 -9.40
C ALA A 73 2.03 -5.50 -10.11
N ASP A 74 2.99 -4.82 -9.56
CA ASP A 74 4.34 -4.78 -10.21
C ASP A 74 4.98 -6.16 -10.12
N GLY A 75 4.19 -7.18 -9.89
CA GLY A 75 4.76 -8.55 -9.80
C GLY A 75 5.75 -8.61 -8.62
N THR A 76 5.54 -7.78 -7.63
CA THR A 76 6.46 -7.79 -6.47
C THR A 76 5.85 -8.58 -5.32
N GLU A 77 6.64 -8.96 -4.38
CA GLU A 77 6.14 -9.75 -3.22
C GLU A 77 6.62 -9.06 -1.93
N LEU A 78 5.71 -8.63 -1.09
CA LEU A 78 6.14 -7.94 0.17
C LEU A 78 5.51 -8.63 1.39
N ARG A 79 6.24 -8.75 2.46
CA ARG A 79 5.69 -9.39 3.68
C ARG A 79 6.09 -8.60 4.93
N GLY A 80 5.22 -8.55 5.92
CA GLY A 80 5.54 -7.81 7.15
C GLY A 80 4.27 -7.73 7.98
N THR A 81 3.82 -6.54 8.27
CA THR A 81 2.55 -6.42 9.05
C THR A 81 2.28 -4.97 9.43
N TRP A 82 1.04 -4.67 9.75
CA TRP A 82 0.69 -3.29 10.16
C TRP A 82 0.56 -3.23 11.67
N SER A 83 1.02 -2.17 12.29
CA SER A 83 0.91 -2.07 13.77
C SER A 83 0.50 -0.64 14.11
N LEU A 84 -0.09 -0.42 15.25
CA LEU A 84 -0.49 0.96 15.59
C LEU A 84 0.59 1.57 16.49
N GLU A 85 1.07 2.72 16.15
CA GLU A 85 2.12 3.38 16.97
C GLU A 85 1.74 4.84 17.17
N GLY A 86 1.62 5.28 18.38
CA GLY A 86 1.23 6.70 18.60
C GLY A 86 -0.16 6.93 18.01
N ASN A 87 -0.25 7.68 16.94
CA ASN A 87 -1.57 7.92 16.31
C ASN A 87 -1.56 7.54 14.83
N LYS A 88 -0.83 6.52 14.45
CA LYS A 88 -0.80 6.16 13.00
C LYS A 88 -0.68 4.64 12.85
N LEU A 89 -1.08 4.12 11.72
CA LEU A 89 -0.97 2.65 11.49
C LEU A 89 0.30 2.38 10.70
N ILE A 90 1.28 1.76 11.32
CA ILE A 90 2.55 1.49 10.60
C ILE A 90 2.39 0.27 9.69
N GLY A 91 3.31 0.10 8.79
CA GLY A 91 3.27 -1.05 7.84
C GLY A 91 4.70 -1.47 7.53
N LYS A 92 5.20 -2.44 8.23
CA LYS A 92 6.59 -2.89 7.97
C LYS A 92 6.58 -3.93 6.85
N PHE A 93 6.93 -3.55 5.66
CA PHE A 93 6.92 -4.50 4.53
C PHE A 93 8.33 -4.70 3.99
N LYS A 94 8.60 -5.87 3.48
CA LYS A 94 9.94 -6.14 2.92
C LYS A 94 9.82 -7.02 1.68
N ARG A 95 10.34 -6.58 0.57
CA ARG A 95 10.24 -7.39 -0.67
C ARG A 95 10.66 -8.83 -0.35
N THR A 96 9.75 -9.76 -0.45
CA THR A 96 10.10 -11.17 -0.14
C THR A 96 11.01 -11.71 -1.22
N ASP A 97 11.18 -10.94 -2.24
CA ASP A 97 12.06 -11.35 -3.37
C ASP A 97 13.49 -10.89 -3.10
N ASN A 98 13.66 -9.70 -2.59
CA ASN A 98 15.03 -9.20 -2.31
C ASN A 98 15.10 -8.60 -0.90
N GLY A 99 14.07 -8.78 -0.12
CA GLY A 99 14.07 -8.21 1.26
C GLY A 99 14.57 -6.77 1.22
N ASN A 100 14.13 -6.00 0.26
CA ASN A 100 14.58 -4.59 0.17
C ASN A 100 13.88 -3.75 1.24
N GLU A 101 13.34 -4.42 2.22
CA GLU A 101 12.63 -3.72 3.33
C GLU A 101 11.81 -2.53 2.83
N LEU A 102 10.77 -2.18 3.54
CA LEU A 102 9.92 -1.03 3.16
C LEU A 102 9.27 -0.47 4.43
N ASN A 103 9.37 0.81 4.65
CA ASN A 103 8.77 1.38 5.89
C ASN A 103 7.61 2.31 5.51
N THR A 104 6.39 1.90 5.77
CA THR A 104 5.24 2.76 5.37
C THR A 104 4.36 3.10 6.57
N VAL A 105 3.37 3.91 6.34
CA VAL A 105 2.43 4.30 7.42
C VAL A 105 1.03 4.48 6.83
N ARG A 106 0.00 4.38 7.62
CA ARG A 106 -1.38 4.52 7.08
C ARG A 106 -2.15 5.58 7.88
N GLU A 107 -2.86 6.44 7.20
CA GLU A 107 -3.64 7.50 7.91
C GLU A 107 -5.01 7.64 7.25
N ILE A 108 -5.97 8.17 7.95
CA ILE A 108 -7.32 8.34 7.36
C ILE A 108 -7.69 9.81 7.41
N ILE A 109 -7.23 10.57 6.47
CA ILE A 109 -7.55 12.02 6.48
C ILE A 109 -9.06 12.19 6.33
N GLY A 110 -9.76 12.27 7.44
CA GLY A 110 -11.23 12.44 7.38
C GLY A 110 -11.86 11.28 6.60
N ASP A 111 -11.87 11.36 5.29
CA ASP A 111 -12.48 10.28 4.49
C ASP A 111 -11.51 9.83 3.38
N GLU A 112 -10.24 9.97 3.61
CA GLU A 112 -9.24 9.56 2.58
C GLU A 112 -8.18 8.69 3.25
N LEU A 113 -7.73 7.64 2.60
CA LEU A 113 -6.70 6.78 3.23
C LEU A 113 -5.33 7.16 2.68
N VAL A 114 -4.49 7.72 3.51
CA VAL A 114 -3.14 8.11 3.02
C VAL A 114 -2.12 7.06 3.43
N GLN A 115 -1.59 6.34 2.48
CA GLN A 115 -0.58 5.29 2.81
C GLN A 115 0.77 5.74 2.27
N THR A 116 1.65 6.14 3.12
CA THR A 116 2.99 6.60 2.65
C THR A 116 4.02 5.50 2.89
N TYR A 117 4.94 5.35 1.99
CA TYR A 117 5.98 4.30 2.17
C TYR A 117 7.36 4.92 2.03
N VAL A 118 8.30 4.38 2.73
CA VAL A 118 9.70 4.87 2.66
C VAL A 118 10.54 3.80 2.01
N TYR A 119 11.53 4.20 1.31
CA TYR A 119 12.39 3.19 0.65
C TYR A 119 13.85 3.65 0.64
N GLU A 120 14.66 2.97 1.41
CA GLU A 120 16.11 3.30 1.47
C GLU A 120 16.34 4.78 1.70
N GLY A 121 15.33 5.46 2.16
CA GLY A 121 15.48 6.93 2.41
C GLY A 121 14.63 7.70 1.42
N VAL A 122 13.57 7.11 0.96
CA VAL A 122 12.68 7.79 0.01
C VAL A 122 11.30 7.81 0.62
N GLU A 123 10.37 8.43 -0.04
CA GLU A 123 9.02 8.46 0.54
C GLU A 123 7.95 8.64 -0.55
N ALA A 124 7.10 7.67 -0.70
CA ALA A 124 6.01 7.77 -1.72
C ALA A 124 4.68 7.92 -0.98
N LYS A 125 3.70 8.53 -1.58
CA LYS A 125 2.40 8.69 -0.86
C LYS A 125 1.23 8.31 -1.76
N ARG A 126 0.27 7.62 -1.22
CA ARG A 126 -0.94 7.22 -2.00
C ARG A 126 -2.19 7.56 -1.18
N ILE A 127 -3.07 8.38 -1.69
CA ILE A 127 -4.28 8.75 -0.90
C ILE A 127 -5.55 8.23 -1.56
N PHE A 128 -6.33 7.46 -0.84
CA PHE A 128 -7.60 6.94 -1.39
C PHE A 128 -8.76 7.80 -0.90
N LYS A 129 -9.96 7.54 -1.37
CA LYS A 129 -11.13 8.33 -0.93
C LYS A 129 -12.41 7.61 -1.33
N LYS A 130 -13.52 7.91 -0.69
CA LYS A 130 -14.79 7.22 -1.04
C LYS A 130 -14.96 7.21 -2.56
N ASP A 131 -15.31 6.08 -3.11
CA ASP A 131 -15.49 5.99 -4.59
C ASP A 131 -16.68 6.88 -4.99
N ALA A 1 -12.49 1.20 10.18
CA ALA A 1 -11.35 1.94 9.56
C ALA A 1 -11.40 1.77 8.04
N PHE A 2 -11.57 2.84 7.31
CA PHE A 2 -11.62 2.74 5.83
C PHE A 2 -12.42 1.50 5.43
N ASP A 3 -13.38 1.12 6.22
CA ASP A 3 -14.20 -0.08 5.89
C ASP A 3 -15.17 0.24 4.76
N SER A 4 -14.69 0.27 3.54
CA SER A 4 -15.59 0.58 2.39
C SER A 4 -14.81 0.54 1.08
N THR A 5 -15.39 1.00 0.01
CA THR A 5 -14.68 0.99 -1.31
C THR A 5 -14.00 2.34 -1.52
N TRP A 6 -12.83 2.35 -2.10
CA TRP A 6 -12.12 3.64 -2.33
C TRP A 6 -11.21 3.52 -3.55
N LYS A 7 -10.68 4.61 -4.02
CA LYS A 7 -9.77 4.57 -5.19
C LYS A 7 -8.79 5.72 -5.12
N VAL A 8 -7.55 5.48 -5.47
CA VAL A 8 -6.53 6.57 -5.42
C VAL A 8 -7.17 7.91 -5.76
N ASP A 9 -7.36 8.74 -4.77
CA ASP A 9 -7.95 10.07 -5.03
C ASP A 9 -6.81 11.06 -5.22
N ARG A 10 -5.71 10.83 -4.56
CA ARG A 10 -4.55 11.75 -4.70
C ARG A 10 -3.26 10.98 -4.40
N SER A 11 -2.12 11.59 -4.60
CA SER A 11 -0.83 10.90 -4.33
C SER A 11 0.34 11.87 -4.56
N GLU A 12 1.54 11.43 -4.32
CA GLU A 12 2.71 12.33 -4.54
C GLU A 12 3.98 11.50 -4.76
N ASN A 13 4.93 12.06 -5.45
CA ASN A 13 6.21 11.31 -5.72
C ASN A 13 5.90 10.00 -6.44
N TYR A 14 6.07 8.89 -5.78
CA TYR A 14 5.79 7.58 -6.43
C TYR A 14 6.92 7.22 -7.39
N ASP A 15 7.25 8.10 -8.30
CA ASP A 15 8.35 7.78 -9.25
C ASP A 15 9.62 7.51 -8.46
N LYS A 16 9.93 8.35 -7.51
CA LYS A 16 11.14 8.12 -6.69
C LYS A 16 10.97 6.81 -5.92
N PHE A 17 9.75 6.49 -5.56
CA PHE A 17 9.49 5.23 -4.83
C PHE A 17 9.65 4.06 -5.81
N MET A 18 8.83 4.04 -6.82
CA MET A 18 8.92 2.94 -7.81
C MET A 18 10.33 2.92 -8.43
N GLU A 19 11.02 4.04 -8.40
CA GLU A 19 12.38 4.07 -8.99
C GLU A 19 13.36 3.42 -8.01
N LYS A 20 13.14 3.59 -6.74
CA LYS A 20 14.05 2.98 -5.73
C LYS A 20 13.93 1.47 -5.81
N MET A 21 12.74 0.95 -5.95
CA MET A 21 12.57 -0.52 -6.04
C MET A 21 13.34 -1.03 -7.25
N GLY A 22 13.76 -0.14 -8.11
CA GLY A 22 14.52 -0.57 -9.32
C GLY A 22 13.54 -1.02 -10.41
N VAL A 23 12.33 -0.55 -10.34
CA VAL A 23 11.33 -0.94 -11.36
C VAL A 23 11.63 -0.23 -12.68
N ASN A 24 11.60 -0.95 -13.78
CA ASN A 24 11.89 -0.30 -15.09
C ASN A 24 11.22 1.07 -15.16
N ILE A 25 11.59 1.88 -16.10
CA ILE A 25 10.96 3.23 -16.21
C ILE A 25 9.59 3.09 -16.86
N VAL A 26 9.25 1.90 -17.20
CA VAL A 26 7.93 1.64 -17.84
C VAL A 26 6.84 1.70 -16.77
N LYS A 27 6.93 0.86 -15.79
CA LYS A 27 5.91 0.86 -14.71
C LYS A 27 5.89 2.24 -14.05
N ARG A 28 7.04 2.82 -13.85
CA ARG A 28 7.10 4.17 -13.22
C ARG A 28 6.36 5.18 -14.09
N LYS A 29 6.51 5.07 -15.39
CA LYS A 29 5.81 6.03 -16.29
C LYS A 29 4.30 5.92 -16.10
N LEU A 30 3.79 4.72 -16.09
CA LEU A 30 2.32 4.54 -15.92
C LEU A 30 1.97 4.49 -14.44
N ALA A 31 2.96 4.35 -13.62
CA ALA A 31 2.73 4.28 -12.16
C ALA A 31 1.87 5.48 -11.71
N ALA A 32 2.29 6.66 -12.06
CA ALA A 32 1.50 7.87 -11.66
C ALA A 32 0.08 7.75 -12.21
N HIS A 33 -0.08 7.11 -13.34
CA HIS A 33 -1.43 6.97 -13.93
C HIS A 33 -2.05 5.65 -13.47
N ASP A 34 -1.77 5.25 -12.25
CA ASP A 34 -2.34 3.98 -11.72
C ASP A 34 -3.23 4.28 -10.52
N ASN A 35 -4.39 4.82 -10.76
CA ASN A 35 -5.31 5.14 -9.63
C ASN A 35 -6.16 3.91 -9.32
N LEU A 36 -5.56 2.76 -9.28
CA LEU A 36 -6.31 1.50 -9.00
C LEU A 36 -7.38 1.72 -7.93
N LYS A 37 -8.26 0.76 -7.79
CA LYS A 37 -9.34 0.84 -6.77
C LYS A 37 -8.99 -0.11 -5.62
N LEU A 38 -9.35 0.23 -4.42
CA LEU A 38 -9.03 -0.67 -3.28
C LEU A 38 -10.19 -0.73 -2.30
N THR A 39 -10.68 -1.91 -2.03
CA THR A 39 -11.80 -2.06 -1.06
C THR A 39 -11.23 -2.59 0.26
N ILE A 40 -11.28 -1.80 1.30
CA ILE A 40 -10.71 -2.26 2.60
C ILE A 40 -11.82 -2.60 3.60
N THR A 41 -11.65 -3.65 4.34
CA THR A 41 -12.67 -4.04 5.35
C THR A 41 -11.95 -4.33 6.67
N GLN A 42 -12.61 -4.14 7.78
CA GLN A 42 -11.95 -4.40 9.08
C GLN A 42 -12.92 -5.14 10.01
N GLU A 43 -12.43 -6.02 10.84
CA GLU A 43 -13.35 -6.76 11.75
C GLU A 43 -12.62 -7.10 13.06
N GLY A 44 -12.50 -6.16 13.94
CA GLY A 44 -11.81 -6.43 15.24
C GLY A 44 -10.34 -6.78 15.01
N ASN A 45 -10.04 -8.05 14.85
CA ASN A 45 -8.62 -8.46 14.66
C ASN A 45 -8.46 -9.19 13.32
N LYS A 46 -9.26 -8.87 12.35
CA LYS A 46 -9.14 -9.52 11.04
C LYS A 46 -9.66 -8.56 9.98
N PHE A 47 -8.77 -8.10 9.17
CA PHE A 47 -9.15 -7.13 8.11
C PHE A 47 -9.11 -7.83 6.76
N THR A 48 -9.53 -7.15 5.72
CA THR A 48 -9.51 -7.76 4.38
C THR A 48 -9.26 -6.68 3.34
N VAL A 49 -8.06 -6.62 2.84
CA VAL A 49 -7.73 -5.59 1.82
C VAL A 49 -7.96 -6.18 0.42
N LYS A 50 -8.89 -5.64 -0.32
CA LYS A 50 -9.16 -6.18 -1.68
C LYS A 50 -8.76 -5.15 -2.74
N GLU A 51 -7.62 -5.32 -3.35
CA GLU A 51 -7.17 -4.36 -4.38
C GLU A 51 -7.83 -4.73 -5.72
N SER A 52 -7.95 -3.80 -6.63
CA SER A 52 -8.56 -4.12 -7.94
C SER A 52 -8.11 -3.09 -8.96
N SER A 53 -7.25 -3.51 -9.84
CA SER A 53 -6.75 -2.60 -10.90
C SER A 53 -6.79 -3.34 -12.23
N ALA A 54 -7.09 -2.66 -13.29
CA ALA A 54 -7.14 -3.35 -14.61
C ALA A 54 -5.78 -4.00 -14.90
N PHE A 55 -4.89 -4.00 -13.94
CA PHE A 55 -3.55 -4.60 -14.17
C PHE A 55 -3.36 -5.88 -13.33
N ARG A 56 -4.12 -6.07 -12.27
CA ARG A 56 -3.93 -7.30 -11.45
C ARG A 56 -4.61 -7.11 -10.09
N ASN A 57 -5.87 -7.37 -10.01
CA ASN A 57 -6.59 -7.22 -8.70
C ASN A 57 -6.00 -8.20 -7.69
N ILE A 58 -5.95 -7.83 -6.44
CA ILE A 58 -5.38 -8.73 -5.41
C ILE A 58 -6.23 -8.70 -4.15
N GLU A 59 -5.90 -9.55 -3.21
CA GLU A 59 -6.68 -9.60 -1.94
C GLU A 59 -5.75 -10.04 -0.80
N CYS A 60 -5.93 -9.50 0.37
CA CYS A 60 -5.06 -9.90 1.52
C CYS A 60 -5.87 -9.84 2.81
N VAL A 61 -6.15 -10.98 3.40
CA VAL A 61 -6.93 -10.98 4.67
C VAL A 61 -6.00 -11.38 5.82
N PHE A 62 -6.16 -10.78 6.95
CA PHE A 62 -5.27 -11.16 8.09
C PHE A 62 -5.53 -10.27 9.31
N GLU A 63 -4.80 -10.49 10.37
CA GLU A 63 -4.97 -9.67 11.60
C GLU A 63 -3.80 -8.70 11.71
N LEU A 64 -3.82 -7.83 12.68
CA LEU A 64 -2.69 -6.87 12.84
C LEU A 64 -1.67 -7.44 13.82
N GLY A 65 -0.46 -7.66 13.38
CA GLY A 65 0.58 -8.21 14.29
C GLY A 65 1.12 -9.54 13.74
N VAL A 66 0.29 -10.32 13.09
CA VAL A 66 0.77 -11.62 12.54
C VAL A 66 1.42 -11.39 11.17
N THR A 67 2.70 -11.64 11.05
CA THR A 67 3.40 -11.44 9.74
C THR A 67 2.68 -12.24 8.65
N PHE A 68 2.71 -11.71 7.47
CA PHE A 68 2.09 -12.40 6.32
C PHE A 68 2.69 -11.83 5.04
N ASN A 69 2.16 -12.16 3.90
CA ASN A 69 2.73 -11.63 2.64
C ASN A 69 1.63 -11.02 1.78
N CYS A 70 1.98 -10.04 1.00
CA CYS A 70 0.98 -9.39 0.12
C CYS A 70 1.71 -8.82 -1.09
N ASN A 71 1.23 -9.06 -2.26
CA ASN A 71 1.94 -8.54 -3.47
C ASN A 71 1.38 -7.17 -3.86
N LEU A 72 2.23 -6.32 -4.36
CA LEU A 72 1.76 -4.96 -4.78
C LEU A 72 1.42 -4.97 -6.27
N ALA A 73 0.44 -4.20 -6.66
CA ALA A 73 0.05 -4.16 -8.09
C ALA A 73 1.29 -4.17 -8.98
N ASP A 74 2.35 -3.54 -8.54
CA ASP A 74 3.59 -3.51 -9.37
C ASP A 74 4.12 -4.94 -9.55
N GLY A 75 3.34 -5.92 -9.21
CA GLY A 75 3.79 -7.33 -9.35
C GLY A 75 4.91 -7.62 -8.35
N THR A 76 4.89 -6.93 -7.23
CA THR A 76 5.95 -7.16 -6.21
C THR A 76 5.40 -8.08 -5.11
N GLU A 77 6.27 -8.66 -4.34
CA GLU A 77 5.82 -9.56 -3.24
C GLU A 77 6.56 -9.21 -1.96
N LEU A 78 5.85 -8.83 -0.92
CA LEU A 78 6.55 -8.46 0.35
C LEU A 78 5.84 -9.09 1.54
N ARG A 79 6.50 -9.15 2.68
CA ARG A 79 5.87 -9.75 3.88
C ARG A 79 6.28 -8.96 5.13
N GLY A 80 5.39 -8.86 6.09
CA GLY A 80 5.72 -8.11 7.32
C GLY A 80 4.42 -7.97 8.12
N THR A 81 3.97 -6.78 8.35
CA THR A 81 2.70 -6.60 9.10
C THR A 81 2.47 -5.13 9.44
N TRP A 82 1.24 -4.78 9.72
CA TRP A 82 0.93 -3.37 10.08
C TRP A 82 0.76 -3.28 11.59
N SER A 83 1.17 -2.18 12.18
CA SER A 83 1.03 -2.03 13.65
C SER A 83 0.62 -0.59 13.94
N LEU A 84 0.02 -0.33 15.06
CA LEU A 84 -0.36 1.07 15.35
C LEU A 84 0.71 1.69 16.24
N GLU A 85 1.29 2.77 15.81
CA GLU A 85 2.34 3.45 16.61
C GLU A 85 1.87 4.86 16.92
N GLY A 86 1.59 5.15 18.16
CA GLY A 86 1.10 6.51 18.49
C GLY A 86 -0.24 6.73 17.81
N ASN A 87 -0.27 7.50 16.76
CA ASN A 87 -1.55 7.74 16.03
C ASN A 87 -1.41 7.39 14.55
N LYS A 88 -0.62 6.40 14.22
CA LYS A 88 -0.46 6.05 12.79
C LYS A 88 -0.40 4.52 12.62
N LEU A 89 -0.89 4.03 11.51
CA LEU A 89 -0.85 2.55 11.28
C LEU A 89 0.40 2.23 10.46
N ILE A 90 1.41 1.69 11.08
CA ILE A 90 2.66 1.38 10.33
C ILE A 90 2.46 0.15 9.45
N GLY A 91 3.35 -0.03 8.52
CA GLY A 91 3.28 -1.20 7.59
C GLY A 91 4.71 -1.62 7.24
N LYS A 92 5.23 -2.57 7.94
CA LYS A 92 6.61 -3.02 7.67
C LYS A 92 6.59 -4.13 6.61
N PHE A 93 6.91 -3.81 5.40
CA PHE A 93 6.90 -4.83 4.31
C PHE A 93 8.30 -5.00 3.74
N LYS A 94 8.69 -6.21 3.50
CA LYS A 94 10.04 -6.47 2.94
C LYS A 94 9.90 -7.31 1.66
N ARG A 95 10.40 -6.81 0.56
CA ARG A 95 10.29 -7.56 -0.71
C ARG A 95 10.80 -8.98 -0.50
N THR A 96 9.96 -9.95 -0.68
CA THR A 96 10.40 -11.36 -0.47
C THR A 96 11.35 -11.75 -1.59
N ASP A 97 11.41 -10.93 -2.56
CA ASP A 97 12.29 -11.18 -3.73
C ASP A 97 13.72 -10.76 -3.38
N ASN A 98 13.88 -9.58 -2.85
CA ASN A 98 15.24 -9.10 -2.50
C ASN A 98 15.24 -8.52 -1.09
N GLY A 99 14.17 -8.68 -0.36
CA GLY A 99 14.12 -8.13 1.03
C GLY A 99 14.67 -6.71 1.03
N ASN A 100 14.29 -5.91 0.07
CA ASN A 100 14.81 -4.51 0.02
C ASN A 100 14.15 -3.69 1.13
N GLU A 101 13.49 -4.35 2.03
CA GLU A 101 12.83 -3.67 3.17
C GLU A 101 12.02 -2.45 2.69
N LEU A 102 10.80 -2.33 3.14
CA LEU A 102 9.95 -1.17 2.75
C LEU A 102 9.26 -0.65 4.03
N ASN A 103 9.29 0.64 4.25
CA ASN A 103 8.64 1.18 5.48
C ASN A 103 7.50 2.10 5.07
N THR A 104 6.28 1.75 5.42
CA THR A 104 5.14 2.60 5.01
C THR A 104 4.27 2.94 6.23
N VAL A 105 3.27 3.75 6.02
CA VAL A 105 2.35 4.14 7.14
C VAL A 105 0.94 4.32 6.56
N ARG A 106 -0.07 4.17 7.39
CA ARG A 106 -1.47 4.34 6.88
C ARG A 106 -2.22 5.35 7.76
N GLU A 107 -2.95 6.23 7.14
CA GLU A 107 -3.72 7.24 7.91
C GLU A 107 -5.11 7.36 7.28
N ILE A 108 -6.08 7.85 8.01
CA ILE A 108 -7.44 7.99 7.44
C ILE A 108 -7.89 9.43 7.59
N ILE A 109 -7.48 10.27 6.69
CA ILE A 109 -7.87 11.70 6.78
C ILE A 109 -9.39 11.79 6.66
N GLY A 110 -10.07 11.78 7.77
CA GLY A 110 -11.56 11.89 7.73
C GLY A 110 -12.16 10.77 6.87
N ASP A 111 -12.14 10.94 5.57
CA ASP A 111 -12.73 9.90 4.68
C ASP A 111 -11.75 9.54 3.56
N GLU A 112 -10.48 9.65 3.80
CA GLU A 112 -9.49 9.31 2.75
C GLU A 112 -8.40 8.42 3.36
N LEU A 113 -7.92 7.44 2.64
CA LEU A 113 -6.85 6.57 3.21
C LEU A 113 -5.49 7.04 2.73
N VAL A 114 -4.70 7.60 3.61
CA VAL A 114 -3.36 8.08 3.19
C VAL A 114 -2.33 7.00 3.49
N GLN A 115 -1.77 6.41 2.46
CA GLN A 115 -0.76 5.34 2.69
C GLN A 115 0.58 5.83 2.17
N THR A 116 1.49 6.15 3.05
CA THR A 116 2.82 6.64 2.58
C THR A 116 3.84 5.50 2.68
N TYR A 117 4.76 5.47 1.78
CA TYR A 117 5.80 4.41 1.82
C TYR A 117 7.17 5.04 1.86
N VAL A 118 8.11 4.33 2.40
CA VAL A 118 9.50 4.83 2.46
C VAL A 118 10.41 3.81 1.82
N TYR A 119 11.45 4.25 1.20
CA TYR A 119 12.37 3.28 0.56
C TYR A 119 13.82 3.75 0.64
N GLU A 120 14.59 3.06 1.43
CA GLU A 120 16.04 3.41 1.59
C GLU A 120 16.23 4.90 1.82
N GLY A 121 15.20 5.57 2.24
CA GLY A 121 15.33 7.03 2.49
C GLY A 121 14.50 7.79 1.47
N VAL A 122 13.47 7.19 0.97
CA VAL A 122 12.60 7.87 0.00
C VAL A 122 11.21 7.89 0.58
N GLU A 123 10.29 8.51 -0.08
CA GLU A 123 8.93 8.53 0.49
C GLU A 123 7.88 8.74 -0.61
N ALA A 124 6.91 7.86 -0.68
CA ALA A 124 5.83 8.01 -1.69
C ALA A 124 4.51 8.17 -0.96
N LYS A 125 3.53 8.81 -1.55
CA LYS A 125 2.23 8.99 -0.84
C LYS A 125 1.06 8.57 -1.73
N ARG A 126 0.09 7.92 -1.15
CA ARG A 126 -1.09 7.50 -1.93
C ARG A 126 -2.35 7.77 -1.10
N ILE A 127 -3.19 8.67 -1.53
CA ILE A 127 -4.41 8.99 -0.73
C ILE A 127 -5.67 8.50 -1.44
N PHE A 128 -6.45 7.69 -0.78
CA PHE A 128 -7.71 7.19 -1.39
C PHE A 128 -8.89 7.99 -0.87
N LYS A 129 -10.04 7.80 -1.44
CA LYS A 129 -11.26 8.54 -0.99
C LYS A 129 -12.50 7.72 -1.32
N LYS A 130 -13.59 7.99 -0.66
CA LYS A 130 -14.85 7.22 -0.93
C LYS A 130 -15.21 7.37 -2.41
N ASP A 131 -15.55 6.28 -3.05
CA ASP A 131 -15.92 6.36 -4.50
C ASP A 131 -17.29 7.03 -4.64
N ALA A 1 -11.42 0.20 10.34
CA ALA A 1 -11.69 1.55 9.78
C ALA A 1 -11.72 1.48 8.25
N PHE A 2 -11.82 2.60 7.59
CA PHE A 2 -11.85 2.59 6.10
C PHE A 2 -12.76 1.46 5.63
N ASP A 3 -13.85 1.23 6.31
CA ASP A 3 -14.76 0.14 5.90
C ASP A 3 -15.62 0.61 4.72
N SER A 4 -15.23 0.28 3.51
CA SER A 4 -16.02 0.72 2.33
C SER A 4 -15.13 0.69 1.07
N THR A 5 -15.61 1.23 -0.01
CA THR A 5 -14.81 1.23 -1.27
C THR A 5 -14.06 2.56 -1.38
N TRP A 6 -12.91 2.56 -2.01
CA TRP A 6 -12.14 3.83 -2.15
C TRP A 6 -11.32 3.80 -3.44
N LYS A 7 -10.75 4.90 -3.83
CA LYS A 7 -9.94 4.93 -5.08
C LYS A 7 -8.88 6.01 -4.98
N VAL A 8 -7.64 5.67 -5.18
CA VAL A 8 -6.56 6.69 -5.10
C VAL A 8 -7.06 7.99 -5.73
N ASP A 9 -7.34 8.97 -4.91
CA ASP A 9 -7.81 10.26 -5.46
C ASP A 9 -6.61 11.20 -5.58
N ARG A 10 -5.63 11.01 -4.75
CA ARG A 10 -4.42 11.90 -4.84
C ARG A 10 -3.17 11.12 -4.42
N SER A 11 -2.02 11.60 -4.77
CA SER A 11 -0.75 10.90 -4.40
C SER A 11 0.43 11.85 -4.57
N GLU A 12 1.62 11.41 -4.25
CA GLU A 12 2.80 12.30 -4.42
C GLU A 12 4.07 11.47 -4.61
N ASN A 13 5.09 12.06 -5.18
CA ASN A 13 6.37 11.33 -5.42
C ASN A 13 6.11 10.10 -6.28
N TYR A 14 6.19 8.93 -5.72
CA TYR A 14 5.95 7.69 -6.52
C TYR A 14 7.15 7.42 -7.42
N ASP A 15 7.54 8.38 -8.21
CA ASP A 15 8.71 8.15 -9.10
C ASP A 15 9.93 7.85 -8.22
N LYS A 16 10.09 8.57 -7.15
CA LYS A 16 11.25 8.30 -6.26
C LYS A 16 11.07 6.91 -5.66
N PHE A 17 9.85 6.51 -5.46
CA PHE A 17 9.60 5.15 -4.92
C PHE A 17 9.90 4.12 -6.00
N MET A 18 9.14 4.19 -7.05
CA MET A 18 9.34 3.23 -8.17
C MET A 18 10.77 3.36 -8.70
N GLU A 19 11.42 4.46 -8.44
CA GLU A 19 12.81 4.63 -8.94
C GLU A 19 13.78 3.89 -8.00
N LYS A 20 13.50 3.89 -6.73
CA LYS A 20 14.39 3.18 -5.78
C LYS A 20 14.30 1.69 -6.03
N MET A 21 13.12 1.18 -6.27
CA MET A 21 12.98 -0.27 -6.53
C MET A 21 13.64 -0.61 -7.87
N GLY A 22 14.09 0.38 -8.59
CA GLY A 22 14.75 0.12 -9.90
C GLY A 22 13.70 -0.36 -10.91
N VAL A 23 12.49 0.14 -10.79
CA VAL A 23 11.42 -0.28 -11.74
C VAL A 23 11.67 0.36 -13.10
N ASN A 24 11.68 -0.42 -14.14
CA ASN A 24 11.92 0.14 -15.50
C ASN A 24 11.14 1.46 -15.65
N ILE A 25 11.58 2.33 -16.52
CA ILE A 25 10.87 3.62 -16.71
C ILE A 25 9.60 3.38 -17.50
N VAL A 26 9.40 2.17 -17.89
CA VAL A 26 8.17 1.83 -18.68
C VAL A 26 7.01 1.63 -17.73
N LYS A 27 7.12 0.70 -16.82
CA LYS A 27 6.02 0.47 -15.85
C LYS A 27 5.85 1.72 -15.00
N ARG A 28 6.90 2.45 -14.77
CA ARG A 28 6.81 3.69 -13.96
C ARG A 28 6.03 4.74 -14.74
N LYS A 29 6.33 4.89 -16.00
CA LYS A 29 5.60 5.91 -16.81
C LYS A 29 4.11 5.55 -16.88
N LEU A 30 3.81 4.28 -16.90
CA LEU A 30 2.38 3.86 -16.97
C LEU A 30 1.80 3.79 -15.56
N ALA A 31 2.66 3.83 -14.60
CA ALA A 31 2.21 3.78 -13.18
C ALA A 31 1.72 5.15 -12.74
N ALA A 32 2.37 6.19 -13.20
CA ALA A 32 1.94 7.57 -12.79
C ALA A 32 0.42 7.66 -12.81
N HIS A 33 -0.23 6.82 -13.59
CA HIS A 33 -1.71 6.86 -13.65
C HIS A 33 -2.29 6.37 -12.31
N ASP A 34 -1.63 6.71 -11.23
CA ASP A 34 -2.12 6.26 -9.89
C ASP A 34 -3.65 6.44 -9.82
N ASN A 35 -4.38 5.42 -10.21
CA ASN A 35 -5.86 5.51 -10.16
C ASN A 35 -6.43 4.12 -9.88
N LEU A 36 -5.84 3.40 -8.96
CA LEU A 36 -6.32 2.04 -8.64
C LEU A 36 -7.48 2.10 -7.65
N LYS A 37 -8.26 1.04 -7.59
CA LYS A 37 -9.42 1.00 -6.66
C LYS A 37 -9.25 -0.16 -5.68
N LEU A 38 -9.77 -0.04 -4.49
CA LEU A 38 -9.62 -1.13 -3.51
C LEU A 38 -10.77 -1.10 -2.50
N THR A 39 -11.15 -2.24 -1.99
CA THR A 39 -12.27 -2.28 -0.99
C THR A 39 -11.71 -2.82 0.33
N ILE A 40 -11.86 -2.08 1.40
CA ILE A 40 -11.31 -2.55 2.71
C ILE A 40 -12.46 -2.93 3.65
N THR A 41 -12.36 -4.09 4.26
CA THR A 41 -13.41 -4.55 5.21
C THR A 41 -12.71 -5.05 6.47
N GLN A 42 -13.36 -4.98 7.60
CA GLN A 42 -12.72 -5.44 8.86
C GLN A 42 -13.50 -6.62 9.44
N GLU A 43 -12.84 -7.51 10.12
CA GLU A 43 -13.55 -8.68 10.72
C GLU A 43 -12.87 -9.08 12.03
N GLY A 44 -13.15 -8.37 13.09
CA GLY A 44 -12.53 -8.71 14.40
C GLY A 44 -11.04 -8.32 14.38
N ASN A 45 -10.18 -9.25 14.07
CA ASN A 45 -8.72 -8.95 14.03
C ASN A 45 -8.15 -9.37 12.68
N LYS A 46 -8.94 -9.35 11.66
CA LYS A 46 -8.45 -9.73 10.32
C LYS A 46 -9.23 -8.95 9.28
N PHE A 47 -8.57 -8.05 8.66
CA PHE A 47 -9.23 -7.21 7.62
C PHE A 47 -9.22 -7.92 6.28
N THR A 48 -9.86 -7.36 5.30
CA THR A 48 -9.90 -7.97 3.95
C THR A 48 -9.84 -6.86 2.92
N VAL A 49 -8.71 -6.66 2.33
CA VAL A 49 -8.56 -5.58 1.33
C VAL A 49 -8.66 -6.17 -0.08
N LYS A 50 -9.74 -5.90 -0.76
CA LYS A 50 -9.89 -6.44 -2.14
C LYS A 50 -9.40 -5.38 -3.15
N GLU A 51 -8.19 -5.53 -3.63
CA GLU A 51 -7.67 -4.53 -4.60
C GLU A 51 -8.43 -4.67 -5.92
N SER A 52 -8.48 -3.62 -6.70
CA SER A 52 -9.19 -3.69 -7.99
C SER A 52 -8.70 -2.57 -8.89
N SER A 53 -7.94 -2.91 -9.88
CA SER A 53 -7.41 -1.90 -10.81
C SER A 53 -7.38 -2.51 -12.22
N ALA A 54 -7.65 -1.73 -13.22
CA ALA A 54 -7.62 -2.29 -14.60
C ALA A 54 -6.25 -2.91 -14.87
N PHE A 55 -5.43 -3.00 -13.86
CA PHE A 55 -4.07 -3.57 -14.06
C PHE A 55 -3.98 -4.98 -13.44
N ARG A 56 -4.79 -5.28 -12.45
CA ARG A 56 -4.71 -6.64 -11.83
C ARG A 56 -5.37 -6.59 -10.45
N ASN A 57 -6.65 -6.80 -10.39
CA ASN A 57 -7.34 -6.76 -9.06
C ASN A 57 -6.79 -7.87 -8.17
N ILE A 58 -6.71 -7.64 -6.88
CA ILE A 58 -6.14 -8.67 -5.97
C ILE A 58 -6.91 -8.69 -4.65
N GLU A 59 -6.57 -9.64 -3.82
CA GLU A 59 -7.22 -9.74 -2.49
C GLU A 59 -6.13 -10.01 -1.46
N CYS A 60 -6.24 -9.45 -0.28
CA CYS A 60 -5.18 -9.68 0.74
C CYS A 60 -5.76 -9.49 2.15
N VAL A 61 -5.81 -10.54 2.92
CA VAL A 61 -6.34 -10.41 4.30
C VAL A 61 -5.26 -9.74 5.15
N PHE A 62 -5.63 -8.99 6.15
CA PHE A 62 -4.61 -8.29 6.97
C PHE A 62 -4.85 -8.54 8.46
N GLU A 63 -3.88 -9.12 9.12
CA GLU A 63 -4.02 -9.40 10.58
C GLU A 63 -2.84 -8.71 11.29
N LEU A 64 -3.07 -8.10 12.42
CA LEU A 64 -1.97 -7.41 13.13
C LEU A 64 -1.49 -8.26 14.32
N GLY A 65 -0.23 -8.18 14.64
CA GLY A 65 0.30 -8.96 15.80
C GLY A 65 0.98 -10.25 15.30
N VAL A 66 0.93 -10.52 14.03
CA VAL A 66 1.58 -11.76 13.51
C VAL A 66 2.17 -11.48 12.12
N THR A 67 3.46 -11.61 11.98
CA THR A 67 4.10 -11.37 10.65
C THR A 67 3.35 -12.15 9.59
N PHE A 68 3.27 -11.57 8.43
CA PHE A 68 2.59 -12.22 7.29
C PHE A 68 3.11 -11.55 6.02
N ASN A 69 2.50 -11.79 4.92
CA ASN A 69 3.02 -11.18 3.66
C ASN A 69 1.88 -10.83 2.70
N CYS A 70 2.15 -9.92 1.82
CA CYS A 70 1.15 -9.51 0.82
C CYS A 70 1.90 -9.11 -0.45
N ASN A 71 1.44 -9.53 -1.59
CA ASN A 71 2.16 -9.18 -2.84
C ASN A 71 1.54 -7.95 -3.50
N LEU A 72 2.34 -7.17 -4.16
CA LEU A 72 1.79 -5.94 -4.83
C LEU A 72 1.62 -6.22 -6.32
N ALA A 73 0.63 -5.62 -6.93
CA ALA A 73 0.38 -5.83 -8.38
C ALA A 73 1.72 -5.87 -9.12
N ASP A 74 2.68 -5.10 -8.69
CA ASP A 74 4.01 -5.12 -9.37
C ASP A 74 4.56 -6.54 -9.36
N GLY A 75 3.78 -7.49 -8.93
CA GLY A 75 4.27 -8.89 -8.89
C GLY A 75 5.34 -9.03 -7.80
N THR A 76 5.30 -8.18 -6.82
CA THR A 76 6.30 -8.24 -5.73
C THR A 76 5.68 -8.94 -4.51
N GLU A 77 6.52 -9.42 -3.63
CA GLU A 77 6.00 -10.10 -2.41
C GLU A 77 6.75 -9.58 -1.19
N LEU A 78 6.05 -9.07 -0.20
CA LEU A 78 6.76 -8.55 1.01
C LEU A 78 6.15 -9.12 2.29
N ARG A 79 6.89 -9.09 3.37
CA ARG A 79 6.35 -9.64 4.65
C ARG A 79 6.73 -8.73 5.83
N GLY A 80 5.93 -8.72 6.86
CA GLY A 80 6.21 -7.88 8.04
C GLY A 80 4.90 -7.77 8.81
N THR A 81 4.28 -6.63 8.81
CA THR A 81 2.97 -6.52 9.52
C THR A 81 2.56 -5.05 9.70
N TRP A 82 1.29 -4.81 9.77
CA TRP A 82 0.80 -3.42 9.98
C TRP A 82 0.24 -3.32 11.39
N SER A 83 0.63 -2.34 12.15
CA SER A 83 0.11 -2.23 13.55
C SER A 83 -0.07 -0.77 13.92
N LEU A 84 -0.91 -0.47 14.86
CA LEU A 84 -1.09 0.94 15.24
C LEU A 84 -0.06 1.29 16.31
N GLU A 85 0.55 2.45 16.22
CA GLU A 85 1.57 2.84 17.23
C GLU A 85 1.74 4.35 17.19
N GLY A 86 2.21 4.93 18.25
CA GLY A 86 2.37 6.41 18.24
C GLY A 86 1.04 7.03 17.81
N ASN A 87 1.01 7.73 16.71
CA ASN A 87 -0.26 8.35 16.25
C ASN A 87 -0.57 7.92 14.81
N LYS A 88 -0.22 6.73 14.40
CA LYS A 88 -0.52 6.34 13.00
C LYS A 88 -0.39 4.83 12.83
N LEU A 89 -0.93 4.30 11.76
CA LEU A 89 -0.82 2.84 11.52
C LEU A 89 0.51 2.57 10.82
N ILE A 90 1.32 1.72 11.37
CA ILE A 90 2.64 1.45 10.72
C ILE A 90 2.53 0.23 9.81
N GLY A 91 3.45 0.10 8.90
CA GLY A 91 3.45 -1.04 7.96
C GLY A 91 4.90 -1.38 7.61
N LYS A 92 5.44 -2.38 8.23
CA LYS A 92 6.85 -2.76 7.95
C LYS A 92 6.85 -3.92 6.96
N PHE A 93 7.26 -3.67 5.73
CA PHE A 93 7.26 -4.74 4.71
C PHE A 93 8.64 -4.84 4.06
N LYS A 94 9.09 -6.04 3.86
CA LYS A 94 10.41 -6.24 3.22
C LYS A 94 10.23 -7.17 2.02
N ARG A 95 10.71 -6.79 0.87
CA ARG A 95 10.56 -7.66 -0.33
C ARG A 95 11.12 -9.04 -0.01
N THR A 96 10.30 -10.05 0.00
CA THR A 96 10.80 -11.41 0.31
C THR A 96 11.66 -11.90 -0.84
N ASP A 97 11.62 -11.18 -1.89
CA ASP A 97 12.42 -11.54 -3.10
C ASP A 97 13.86 -11.02 -2.93
N ASN A 98 14.01 -9.79 -2.53
CA ASN A 98 15.38 -9.23 -2.36
C ASN A 98 15.48 -8.52 -1.01
N GLY A 99 14.50 -8.65 -0.17
CA GLY A 99 14.55 -7.98 1.16
C GLY A 99 14.97 -6.52 0.97
N ASN A 100 14.41 -5.84 0.01
CA ASN A 100 14.79 -4.42 -0.22
C ASN A 100 14.18 -3.54 0.86
N GLU A 101 13.64 -4.17 1.87
CA GLU A 101 13.03 -3.41 3.00
C GLU A 101 12.05 -2.34 2.49
N LEU A 102 10.91 -2.23 3.12
CA LEU A 102 9.91 -1.21 2.72
C LEU A 102 9.19 -0.74 3.98
N ASN A 103 9.22 0.53 4.28
CA ASN A 103 8.53 1.01 5.51
C ASN A 103 7.36 1.87 5.10
N THR A 104 6.31 1.92 5.87
CA THR A 104 5.17 2.76 5.44
C THR A 104 4.27 3.12 6.62
N VAL A 105 3.28 3.93 6.36
CA VAL A 105 2.33 4.33 7.44
C VAL A 105 0.92 4.47 6.84
N ARG A 106 -0.09 4.38 7.64
CA ARG A 106 -1.48 4.50 7.09
C ARG A 106 -2.29 5.50 7.94
N GLU A 107 -2.99 6.39 7.30
CA GLU A 107 -3.82 7.38 8.05
C GLU A 107 -5.18 7.51 7.36
N ILE A 108 -6.18 7.97 8.07
CA ILE A 108 -7.51 8.12 7.47
C ILE A 108 -7.98 9.55 7.68
N ILE A 109 -7.56 10.44 6.85
CA ILE A 109 -7.97 11.86 7.01
C ILE A 109 -9.48 11.96 6.85
N GLY A 110 -10.20 11.88 7.93
CA GLY A 110 -11.69 11.98 7.85
C GLY A 110 -12.24 10.96 6.87
N ASP A 111 -12.16 11.24 5.59
CA ASP A 111 -12.71 10.28 4.58
C ASP A 111 -11.65 10.01 3.49
N GLU A 112 -10.40 10.09 3.83
CA GLU A 112 -9.33 9.83 2.82
C GLU A 112 -8.27 8.93 3.45
N LEU A 113 -7.77 7.97 2.72
CA LEU A 113 -6.72 7.06 3.31
C LEU A 113 -5.36 7.46 2.77
N VAL A 114 -4.49 7.92 3.64
CA VAL A 114 -3.14 8.33 3.19
C VAL A 114 -2.14 7.23 3.56
N GLN A 115 -1.67 6.50 2.58
CA GLN A 115 -0.69 5.42 2.88
C GLN A 115 0.67 5.84 2.33
N THR A 116 1.59 6.21 3.18
CA THR A 116 2.92 6.64 2.69
C THR A 116 3.95 5.54 2.93
N TYR A 117 4.88 5.41 2.04
CA TYR A 117 5.94 4.37 2.21
C TYR A 117 7.31 5.00 2.05
N VAL A 118 8.27 4.45 2.73
CA VAL A 118 9.66 4.96 2.63
C VAL A 118 10.51 3.91 1.96
N TYR A 119 11.49 4.33 1.24
CA TYR A 119 12.37 3.34 0.56
C TYR A 119 13.83 3.80 0.62
N GLU A 120 14.62 3.11 1.37
CA GLU A 120 16.08 3.45 1.49
C GLU A 120 16.28 4.94 1.72
N GLY A 121 15.27 5.63 2.16
CA GLY A 121 15.41 7.09 2.40
C GLY A 121 14.58 7.85 1.39
N VAL A 122 13.51 7.25 0.93
CA VAL A 122 12.63 7.93 -0.03
C VAL A 122 11.24 7.94 0.56
N GLU A 123 10.31 8.54 -0.10
CA GLU A 123 8.95 8.54 0.46
C GLU A 123 7.89 8.69 -0.63
N ALA A 124 7.01 7.73 -0.72
CA ALA A 124 5.91 7.79 -1.74
C ALA A 124 4.59 7.93 -0.99
N LYS A 125 3.64 8.64 -1.53
CA LYS A 125 2.34 8.80 -0.81
C LYS A 125 1.16 8.38 -1.68
N ARG A 126 0.20 7.72 -1.08
CA ARG A 126 -1.01 7.29 -1.83
C ARG A 126 -2.24 7.74 -1.04
N ILE A 127 -3.02 8.64 -1.57
CA ILE A 127 -4.20 9.13 -0.81
C ILE A 127 -5.50 8.66 -1.47
N PHE A 128 -6.33 7.97 -0.74
CA PHE A 128 -7.63 7.49 -1.31
C PHE A 128 -8.76 8.37 -0.79
N LYS A 129 -9.96 8.14 -1.26
CA LYS A 129 -11.14 8.92 -0.80
C LYS A 129 -12.42 8.18 -1.20
N LYS A 130 -13.48 8.39 -0.46
CA LYS A 130 -14.76 7.69 -0.79
C LYS A 130 -15.04 7.83 -2.29
N ASP A 131 -15.38 6.74 -2.93
CA ASP A 131 -15.68 6.80 -4.39
C ASP A 131 -17.00 7.52 -4.61
N ALA A 1 -12.86 2.68 10.15
CA ALA A 1 -11.44 2.74 9.69
C ALA A 1 -11.37 2.52 8.18
N PHE A 2 -12.04 3.34 7.42
CA PHE A 2 -12.02 3.19 5.94
C PHE A 2 -12.78 1.91 5.56
N ASP A 3 -13.77 1.55 6.33
CA ASP A 3 -14.55 0.32 6.01
C ASP A 3 -15.49 0.60 4.84
N SER A 4 -15.06 0.33 3.64
CA SER A 4 -15.94 0.59 2.46
C SER A 4 -15.09 0.57 1.18
N THR A 5 -15.63 1.04 0.09
CA THR A 5 -14.86 1.06 -1.19
C THR A 5 -14.13 2.39 -1.33
N TRP A 6 -12.95 2.37 -1.90
CA TRP A 6 -12.17 3.62 -2.07
C TRP A 6 -11.28 3.50 -3.31
N LYS A 7 -10.70 4.58 -3.75
CA LYS A 7 -9.82 4.52 -4.94
C LYS A 7 -8.78 5.64 -4.89
N VAL A 8 -7.54 5.32 -5.15
CA VAL A 8 -6.49 6.36 -5.10
C VAL A 8 -7.02 7.65 -5.72
N ASP A 9 -7.30 8.63 -4.92
CA ASP A 9 -7.80 9.92 -5.44
C ASP A 9 -6.63 10.89 -5.51
N ARG A 10 -5.68 10.73 -4.64
CA ARG A 10 -4.50 11.64 -4.65
C ARG A 10 -3.23 10.85 -4.35
N SER A 11 -2.09 11.45 -4.53
CA SER A 11 -0.80 10.74 -4.26
C SER A 11 0.37 11.71 -4.44
N GLU A 12 1.57 11.26 -4.21
CA GLU A 12 2.74 12.18 -4.37
C GLU A 12 4.01 11.36 -4.63
N ASN A 13 4.97 11.96 -5.28
CA ASN A 13 6.25 11.24 -5.58
C ASN A 13 5.94 9.95 -6.36
N TYR A 14 6.10 8.82 -5.74
CA TYR A 14 5.83 7.53 -6.44
C TYR A 14 6.96 7.23 -7.41
N ASP A 15 7.28 8.13 -8.29
CA ASP A 15 8.38 7.86 -9.25
C ASP A 15 9.68 7.71 -8.46
N LYS A 16 9.90 8.55 -7.49
CA LYS A 16 11.13 8.44 -6.68
C LYS A 16 11.06 7.14 -5.89
N PHE A 17 9.88 6.73 -5.52
CA PHE A 17 9.74 5.46 -4.76
C PHE A 17 9.98 4.29 -5.69
N MET A 18 9.19 4.18 -6.72
CA MET A 18 9.38 3.08 -7.69
C MET A 18 10.82 3.13 -8.24
N GLU A 19 11.42 4.28 -8.23
CA GLU A 19 12.82 4.38 -8.74
C GLU A 19 13.80 3.87 -7.68
N LYS A 20 13.44 4.00 -6.43
CA LYS A 20 14.34 3.51 -5.36
C LYS A 20 14.38 1.99 -5.37
N MET A 21 13.24 1.36 -5.55
CA MET A 21 13.21 -0.13 -5.59
C MET A 21 13.92 -0.61 -6.86
N GLY A 22 14.31 0.30 -7.71
CA GLY A 22 15.01 -0.10 -8.96
C GLY A 22 14.01 -0.64 -9.97
N VAL A 23 12.79 -0.16 -9.92
CA VAL A 23 11.76 -0.64 -10.89
C VAL A 23 11.99 -0.01 -12.25
N ASN A 24 11.92 -0.78 -13.30
CA ASN A 24 12.14 -0.22 -14.67
C ASN A 24 11.30 1.05 -14.83
N ILE A 25 11.66 1.90 -15.75
CA ILE A 25 10.88 3.15 -15.96
C ILE A 25 9.68 2.85 -16.84
N VAL A 26 9.58 1.64 -17.25
CA VAL A 26 8.43 1.24 -18.12
C VAL A 26 7.20 1.00 -17.25
N LYS A 27 7.29 0.08 -16.34
CA LYS A 27 6.13 -0.19 -15.43
C LYS A 27 5.76 1.10 -14.72
N ARG A 28 6.74 1.84 -14.27
CA ARG A 28 6.46 3.11 -13.57
C ARG A 28 5.69 4.05 -14.51
N LYS A 29 6.15 4.16 -15.73
CA LYS A 29 5.43 5.05 -16.69
C LYS A 29 3.96 4.67 -16.75
N LEU A 30 3.67 3.40 -16.72
CA LEU A 30 2.25 2.96 -16.78
C LEU A 30 1.65 2.95 -15.37
N ALA A 31 2.49 3.04 -14.41
CA ALA A 31 2.02 3.04 -12.99
C ALA A 31 1.66 4.47 -12.57
N ALA A 32 2.45 5.42 -12.98
CA ALA A 32 2.17 6.84 -12.59
C ALA A 32 0.65 7.09 -12.63
N HIS A 33 -0.06 6.36 -13.45
CA HIS A 33 -1.53 6.56 -13.52
C HIS A 33 -2.18 6.05 -12.23
N ASP A 34 -1.55 6.28 -11.11
CA ASP A 34 -2.11 5.81 -9.81
C ASP A 34 -3.62 6.09 -9.78
N ASN A 35 -4.41 5.16 -10.24
CA ASN A 35 -5.88 5.36 -10.23
C ASN A 35 -6.57 4.01 -10.02
N LEU A 36 -6.07 3.21 -9.12
CA LEU A 36 -6.70 1.88 -8.89
C LEU A 36 -7.77 1.97 -7.80
N LYS A 37 -8.62 0.98 -7.73
CA LYS A 37 -9.70 0.96 -6.71
C LYS A 37 -9.35 -0.05 -5.61
N LEU A 38 -9.52 0.31 -4.37
CA LEU A 38 -9.18 -0.63 -3.27
C LEU A 38 -10.32 -0.66 -2.24
N THR A 39 -10.78 -1.83 -1.91
CA THR A 39 -11.88 -1.95 -0.91
C THR A 39 -11.27 -2.40 0.42
N ILE A 40 -11.42 -1.61 1.46
CA ILE A 40 -10.82 -2.00 2.76
C ILE A 40 -11.90 -2.44 3.75
N THR A 41 -11.79 -3.64 4.26
CA THR A 41 -12.77 -4.14 5.25
C THR A 41 -12.03 -4.47 6.55
N GLN A 42 -12.68 -4.39 7.67
CA GLN A 42 -11.98 -4.68 8.96
C GLN A 42 -12.84 -5.61 9.82
N GLU A 43 -12.22 -6.43 10.62
CA GLU A 43 -13.01 -7.36 11.49
C GLU A 43 -12.22 -7.59 12.79
N GLY A 44 -12.27 -6.66 13.71
CA GLY A 44 -11.53 -6.84 14.99
C GLY A 44 -10.03 -6.88 14.71
N ASN A 45 -9.49 -8.05 14.54
CA ASN A 45 -8.02 -8.17 14.27
C ASN A 45 -7.81 -8.90 12.96
N LYS A 46 -8.74 -8.78 12.05
CA LYS A 46 -8.60 -9.44 10.74
C LYS A 46 -9.14 -8.48 9.70
N PHE A 47 -8.26 -7.96 8.91
CA PHE A 47 -8.68 -6.98 7.86
C PHE A 47 -8.70 -7.66 6.50
N THR A 48 -9.18 -6.98 5.51
CA THR A 48 -9.22 -7.58 4.15
C THR A 48 -9.19 -6.46 3.11
N VAL A 49 -8.07 -6.24 2.51
CA VAL A 49 -7.97 -5.16 1.47
C VAL A 49 -8.13 -5.76 0.08
N LYS A 50 -9.22 -5.48 -0.57
CA LYS A 50 -9.44 -6.03 -1.93
C LYS A 50 -8.99 -5.02 -2.98
N GLU A 51 -7.82 -5.18 -3.54
CA GLU A 51 -7.34 -4.22 -4.57
C GLU A 51 -8.11 -4.47 -5.86
N SER A 52 -8.14 -3.51 -6.75
CA SER A 52 -8.86 -3.72 -8.03
C SER A 52 -8.36 -2.71 -9.05
N SER A 53 -7.61 -3.18 -9.99
CA SER A 53 -7.07 -2.31 -11.05
C SER A 53 -7.45 -2.90 -12.41
N ALA A 54 -7.74 -2.07 -13.37
CA ALA A 54 -8.13 -2.60 -14.70
C ALA A 54 -7.02 -3.48 -15.26
N PHE A 55 -6.02 -3.79 -14.47
CA PHE A 55 -4.90 -4.62 -14.97
C PHE A 55 -4.67 -5.86 -14.10
N ARG A 56 -5.13 -5.88 -12.86
CA ARG A 56 -4.88 -7.09 -12.02
C ARG A 56 -5.43 -6.86 -10.62
N ASN A 57 -6.70 -7.05 -10.43
CA ASN A 57 -7.29 -6.86 -9.08
C ASN A 57 -6.67 -7.87 -8.12
N ILE A 58 -6.48 -7.50 -6.89
CA ILE A 58 -5.86 -8.43 -5.91
C ILE A 58 -6.60 -8.38 -4.58
N GLU A 59 -6.22 -9.25 -3.68
CA GLU A 59 -6.87 -9.29 -2.34
C GLU A 59 -5.82 -9.71 -1.31
N CYS A 60 -5.89 -9.17 -0.12
CA CYS A 60 -4.88 -9.54 0.91
C CYS A 60 -5.50 -9.47 2.30
N VAL A 61 -5.69 -10.60 2.93
CA VAL A 61 -6.27 -10.60 4.30
C VAL A 61 -5.12 -10.50 5.29
N PHE A 62 -5.30 -9.86 6.40
CA PHE A 62 -4.15 -9.76 7.35
C PHE A 62 -4.63 -9.41 8.76
N GLU A 63 -3.86 -9.81 9.74
CA GLU A 63 -4.21 -9.51 11.16
C GLU A 63 -2.99 -8.88 11.84
N LEU A 64 -3.14 -7.70 12.39
CA LEU A 64 -1.98 -7.03 13.05
C LEU A 64 -1.41 -7.95 14.15
N GLY A 65 -0.13 -8.22 14.10
CA GLY A 65 0.48 -9.10 15.14
C GLY A 65 0.95 -10.42 14.51
N VAL A 66 0.82 -10.57 13.22
CA VAL A 66 1.26 -11.84 12.57
C VAL A 66 1.85 -11.53 11.19
N THR A 67 3.13 -11.75 11.02
CA THR A 67 3.76 -11.48 9.69
C THR A 67 3.04 -12.24 8.59
N PHE A 68 3.00 -11.66 7.43
CA PHE A 68 2.35 -12.32 6.27
C PHE A 68 2.95 -11.74 5.00
N ASN A 69 2.40 -12.03 3.86
CA ASN A 69 2.97 -11.49 2.61
C ASN A 69 1.86 -10.94 1.71
N CYS A 70 2.18 -9.98 0.89
CA CYS A 70 1.18 -9.39 -0.03
C CYS A 70 1.91 -8.78 -1.22
N ASN A 71 1.48 -9.06 -2.41
CA ASN A 71 2.18 -8.50 -3.59
C ASN A 71 1.48 -7.22 -4.07
N LEU A 72 2.23 -6.28 -4.55
CA LEU A 72 1.61 -5.01 -5.04
C LEU A 72 1.40 -5.09 -6.55
N ALA A 73 0.35 -4.47 -7.04
CA ALA A 73 0.07 -4.50 -8.50
C ALA A 73 1.37 -4.33 -9.28
N ASP A 74 2.29 -3.55 -8.78
CA ASP A 74 3.57 -3.35 -9.50
C ASP A 74 4.24 -4.71 -9.71
N GLY A 75 3.60 -5.76 -9.32
CA GLY A 75 4.19 -7.12 -9.50
C GLY A 75 5.27 -7.33 -8.44
N THR A 76 5.17 -6.67 -7.32
CA THR A 76 6.19 -6.83 -6.26
C THR A 76 5.65 -7.76 -5.17
N GLU A 77 6.51 -8.30 -4.37
CA GLU A 77 6.07 -9.22 -3.29
C GLU A 77 6.77 -8.83 -1.98
N LEU A 78 6.01 -8.50 -0.95
CA LEU A 78 6.66 -8.12 0.34
C LEU A 78 5.96 -8.80 1.51
N ARG A 79 6.62 -8.86 2.64
CA ARG A 79 5.99 -9.51 3.84
C ARG A 79 6.41 -8.76 5.10
N GLY A 80 5.55 -8.72 6.09
CA GLY A 80 5.88 -8.02 7.35
C GLY A 80 4.61 -7.93 8.18
N THR A 81 4.14 -6.75 8.45
CA THR A 81 2.89 -6.63 9.25
C THR A 81 2.58 -5.17 9.57
N TRP A 82 1.34 -4.90 9.89
CA TRP A 82 0.95 -3.51 10.25
C TRP A 82 0.81 -3.42 11.77
N SER A 83 1.23 -2.33 12.34
CA SER A 83 1.12 -2.17 13.82
C SER A 83 0.66 -0.75 14.12
N LEU A 84 0.07 -0.52 15.25
CA LEU A 84 -0.37 0.86 15.54
C LEU A 84 0.72 1.55 16.37
N GLU A 85 1.14 2.71 15.96
CA GLU A 85 2.19 3.44 16.71
C GLU A 85 1.70 4.87 16.94
N GLY A 86 1.75 5.34 18.16
CA GLY A 86 1.26 6.72 18.41
C GLY A 86 -0.15 6.85 17.84
N ASN A 87 -0.32 7.58 16.77
CA ASN A 87 -1.67 7.74 16.18
C ASN A 87 -1.67 7.35 14.70
N LYS A 88 -0.87 6.37 14.31
CA LYS A 88 -0.86 5.98 12.88
C LYS A 88 -0.70 4.46 12.75
N LEU A 89 -1.13 3.91 11.64
CA LEU A 89 -0.99 2.44 11.44
C LEU A 89 0.26 2.18 10.62
N ILE A 90 1.26 1.59 11.21
CA ILE A 90 2.52 1.33 10.45
C ILE A 90 2.37 0.08 9.60
N GLY A 91 3.27 -0.08 8.67
CA GLY A 91 3.24 -1.26 7.76
C GLY A 91 4.67 -1.63 7.42
N LYS A 92 5.25 -2.55 8.12
CA LYS A 92 6.65 -2.94 7.82
C LYS A 92 6.65 -4.02 6.75
N PHE A 93 6.95 -3.66 5.54
CA PHE A 93 6.97 -4.65 4.43
C PHE A 93 8.38 -4.78 3.88
N LYS A 94 8.75 -5.98 3.52
CA LYS A 94 10.12 -6.19 2.97
C LYS A 94 10.03 -7.05 1.71
N ARG A 95 10.55 -6.57 0.62
CA ARG A 95 10.49 -7.37 -0.65
C ARG A 95 10.87 -8.81 -0.33
N THR A 96 9.97 -9.73 -0.53
CA THR A 96 10.30 -11.15 -0.23
C THR A 96 11.29 -11.66 -1.25
N ASP A 97 11.53 -10.86 -2.22
CA ASP A 97 12.49 -11.24 -3.30
C ASP A 97 13.91 -10.85 -2.87
N ASN A 98 14.08 -9.66 -2.36
CA ASN A 98 15.44 -9.21 -1.93
C ASN A 98 15.36 -8.60 -0.53
N GLY A 99 14.23 -8.70 0.12
CA GLY A 99 14.10 -8.12 1.48
C GLY A 99 14.66 -6.69 1.48
N ASN A 100 14.32 -5.91 0.50
CA ASN A 100 14.83 -4.52 0.44
C ASN A 100 14.13 -3.67 1.49
N GLU A 101 13.44 -4.31 2.38
CA GLU A 101 12.73 -3.59 3.49
C GLU A 101 11.89 -2.43 2.93
N LEU A 102 10.78 -2.17 3.57
CA LEU A 102 9.89 -1.05 3.14
C LEU A 102 9.16 -0.52 4.38
N ASN A 103 9.25 0.75 4.64
CA ASN A 103 8.56 1.29 5.85
C ASN A 103 7.41 2.20 5.42
N THR A 104 6.20 1.79 5.68
CA THR A 104 5.03 2.62 5.26
C THR A 104 4.13 2.94 6.44
N VAL A 105 3.11 3.72 6.20
CA VAL A 105 2.17 4.10 7.29
C VAL A 105 0.77 4.30 6.70
N ARG A 106 -0.25 4.14 7.49
CA ARG A 106 -1.64 4.31 6.97
C ARG A 106 -2.40 5.31 7.84
N GLU A 107 -3.03 6.28 7.23
CA GLU A 107 -3.79 7.29 8.03
C GLU A 107 -5.19 7.43 7.44
N ILE A 108 -6.13 7.92 8.20
CA ILE A 108 -7.51 8.08 7.69
C ILE A 108 -7.88 9.55 7.77
N ILE A 109 -7.47 10.31 6.80
CA ILE A 109 -7.80 11.76 6.83
C ILE A 109 -9.32 11.92 6.73
N GLY A 110 -9.98 11.96 7.85
CA GLY A 110 -11.46 12.13 7.85
C GLY A 110 -12.11 11.09 6.94
N ASP A 111 -12.14 11.34 5.65
CA ASP A 111 -12.78 10.37 4.72
C ASP A 111 -11.80 9.96 3.62
N GLU A 112 -10.53 9.96 3.91
CA GLU A 112 -9.53 9.55 2.88
C GLU A 112 -8.47 8.67 3.53
N LEU A 113 -7.92 7.73 2.81
CA LEU A 113 -6.88 6.85 3.43
C LEU A 113 -5.51 7.21 2.87
N VAL A 114 -4.65 7.75 3.70
CA VAL A 114 -3.29 8.12 3.22
C VAL A 114 -2.32 6.98 3.51
N GLN A 115 -1.79 6.36 2.50
CA GLN A 115 -0.83 5.25 2.73
C GLN A 115 0.53 5.69 2.20
N THR A 116 1.43 6.05 3.07
CA THR A 116 2.77 6.50 2.62
C THR A 116 3.79 5.39 2.83
N TYR A 117 4.74 5.30 1.96
CA TYR A 117 5.79 4.25 2.11
C TYR A 117 7.17 4.89 2.04
N VAL A 118 8.12 4.27 2.67
CA VAL A 118 9.51 4.78 2.64
C VAL A 118 10.38 3.70 2.05
N TYR A 119 11.42 4.09 1.39
CA TYR A 119 12.31 3.09 0.78
C TYR A 119 13.77 3.52 0.85
N GLU A 120 14.53 2.83 1.66
CA GLU A 120 15.98 3.15 1.82
C GLU A 120 16.21 4.65 1.97
N GLY A 121 15.20 5.37 2.36
CA GLY A 121 15.37 6.84 2.54
C GLY A 121 14.55 7.57 1.49
N VAL A 122 13.48 6.98 1.04
CA VAL A 122 12.63 7.64 0.04
C VAL A 122 11.24 7.69 0.62
N GLU A 123 10.34 8.30 -0.08
CA GLU A 123 8.97 8.37 0.47
C GLU A 123 7.93 8.56 -0.63
N ALA A 124 6.96 7.69 -0.67
CA ALA A 124 5.87 7.82 -1.70
C ALA A 124 4.53 7.94 -0.96
N LYS A 125 3.57 8.61 -1.52
CA LYS A 125 2.27 8.75 -0.81
C LYS A 125 1.08 8.41 -1.71
N ARG A 126 0.11 7.72 -1.18
CA ARG A 126 -1.10 7.37 -1.98
C ARG A 126 -2.33 7.64 -1.11
N ILE A 127 -3.15 8.58 -1.50
CA ILE A 127 -4.35 8.91 -0.66
C ILE A 127 -5.63 8.44 -1.35
N PHE A 128 -6.42 7.65 -0.67
CA PHE A 128 -7.69 7.17 -1.27
C PHE A 128 -8.85 8.04 -0.78
N LYS A 129 -10.03 7.82 -1.30
CA LYS A 129 -11.21 8.64 -0.87
C LYS A 129 -12.49 7.89 -1.25
N LYS A 130 -13.57 8.18 -0.57
CA LYS A 130 -14.85 7.48 -0.87
C LYS A 130 -15.11 7.51 -2.39
N ASP A 131 -15.38 6.38 -2.97
CA ASP A 131 -15.64 6.35 -4.44
C ASP A 131 -17.11 6.70 -4.70
N ALA A 1 -13.03 1.98 9.99
CA ALA A 1 -11.72 2.40 9.42
C ALA A 1 -11.71 2.17 7.92
N PHE A 2 -11.91 3.20 7.14
CA PHE A 2 -11.91 3.04 5.66
C PHE A 2 -12.69 1.78 5.29
N ASP A 3 -13.71 1.45 6.03
CA ASP A 3 -14.49 0.22 5.72
C ASP A 3 -15.44 0.51 4.55
N SER A 4 -15.01 0.20 3.36
CA SER A 4 -15.88 0.45 2.17
C SER A 4 -15.03 0.42 0.89
N THR A 5 -15.58 0.89 -0.20
CA THR A 5 -14.81 0.90 -1.48
C THR A 5 -14.07 2.22 -1.62
N TRP A 6 -12.92 2.21 -2.23
CA TRP A 6 -12.14 3.47 -2.38
C TRP A 6 -11.27 3.38 -3.63
N LYS A 7 -10.68 4.47 -4.04
CA LYS A 7 -9.82 4.43 -5.27
C LYS A 7 -8.77 5.53 -5.19
N VAL A 8 -7.52 5.18 -5.35
CA VAL A 8 -6.45 6.20 -5.29
C VAL A 8 -6.94 7.50 -5.92
N ASP A 9 -7.22 8.47 -5.09
CA ASP A 9 -7.71 9.77 -5.62
C ASP A 9 -6.49 10.66 -5.85
N ARG A 10 -5.45 10.47 -5.07
CA ARG A 10 -4.23 11.30 -5.27
C ARG A 10 -2.98 10.51 -4.84
N SER A 11 -1.82 11.00 -5.19
CA SER A 11 -0.56 10.31 -4.81
C SER A 11 0.63 11.13 -5.29
N GLU A 12 1.82 10.83 -4.82
CA GLU A 12 3.01 11.62 -5.27
C GLU A 12 4.31 10.91 -4.87
N ASN A 13 5.41 11.33 -5.43
CA ASN A 13 6.73 10.70 -5.10
C ASN A 13 6.70 9.21 -5.44
N TYR A 14 5.82 8.80 -6.31
CA TYR A 14 5.75 7.36 -6.67
C TYR A 14 6.95 7.00 -7.55
N ASP A 15 7.13 7.66 -8.65
CA ASP A 15 8.28 7.33 -9.53
C ASP A 15 9.53 7.20 -8.66
N LYS A 16 9.83 8.18 -7.87
CA LYS A 16 11.03 8.10 -7.00
C LYS A 16 10.93 6.81 -6.18
N PHE A 17 9.76 6.51 -5.69
CA PHE A 17 9.57 5.27 -4.90
C PHE A 17 9.74 4.08 -5.83
N MET A 18 8.86 3.97 -6.78
CA MET A 18 8.96 2.84 -7.76
C MET A 18 10.37 2.80 -8.34
N GLU A 19 11.08 3.89 -8.28
CA GLU A 19 12.46 3.90 -8.84
C GLU A 19 13.42 3.25 -7.85
N LYS A 20 13.22 3.47 -6.58
CA LYS A 20 14.12 2.86 -5.57
C LYS A 20 13.94 1.34 -5.60
N MET A 21 12.74 0.88 -5.80
CA MET A 21 12.49 -0.59 -5.83
C MET A 21 13.16 -1.16 -7.09
N GLY A 22 13.65 -0.32 -7.96
CA GLY A 22 14.31 -0.82 -9.19
C GLY A 22 13.25 -1.25 -10.21
N VAL A 23 12.12 -0.59 -10.22
CA VAL A 23 11.05 -0.96 -11.18
C VAL A 23 11.37 -0.36 -12.55
N ASN A 24 11.14 -1.09 -13.61
CA ASN A 24 11.42 -0.56 -14.96
C ASN A 24 10.89 0.87 -15.07
N ILE A 25 11.21 1.56 -16.13
CA ILE A 25 10.72 2.96 -16.27
C ILE A 25 9.32 2.94 -16.89
N VAL A 26 8.88 1.79 -17.26
CA VAL A 26 7.53 1.65 -17.87
C VAL A 26 6.49 1.56 -16.75
N LYS A 27 6.60 0.56 -15.92
CA LYS A 27 5.63 0.43 -14.81
C LYS A 27 5.78 1.63 -13.88
N ARG A 28 6.94 2.25 -13.90
CA ARG A 28 7.17 3.44 -13.03
C ARG A 28 6.41 4.63 -13.59
N LYS A 29 6.52 4.88 -14.88
CA LYS A 29 5.80 6.03 -15.47
C LYS A 29 4.28 5.79 -15.41
N LEU A 30 3.87 4.56 -15.57
CA LEU A 30 2.41 4.26 -15.54
C LEU A 30 1.96 4.03 -14.10
N ALA A 31 2.89 3.88 -13.23
CA ALA A 31 2.56 3.63 -11.79
C ALA A 31 2.09 4.94 -11.15
N ALA A 32 2.52 6.07 -11.66
CA ALA A 32 2.10 7.36 -11.07
C ALA A 32 0.62 7.61 -11.38
N HIS A 33 0.27 7.69 -12.63
CA HIS A 33 -1.15 7.92 -13.01
C HIS A 33 -1.97 6.66 -12.70
N ASP A 34 -1.79 6.10 -11.54
CA ASP A 34 -2.55 4.87 -11.18
C ASP A 34 -3.87 5.25 -10.52
N ASN A 35 -4.96 4.73 -11.01
CA ASN A 35 -6.30 5.05 -10.43
C ASN A 35 -6.98 3.74 -10.03
N LEU A 36 -6.24 2.83 -9.45
CA LEU A 36 -6.83 1.51 -9.06
C LEU A 36 -7.84 1.68 -7.92
N LYS A 37 -8.71 0.71 -7.77
CA LYS A 37 -9.73 0.75 -6.68
C LYS A 37 -9.36 -0.26 -5.60
N LEU A 38 -9.70 0.02 -4.37
CA LEU A 38 -9.37 -0.94 -3.27
C LEU A 38 -10.54 -1.05 -2.30
N THR A 39 -10.96 -2.24 -2.00
CA THR A 39 -12.08 -2.43 -1.03
C THR A 39 -11.50 -2.80 0.32
N ILE A 40 -11.50 -1.88 1.25
CA ILE A 40 -10.92 -2.19 2.59
C ILE A 40 -12.00 -2.63 3.58
N THR A 41 -11.84 -3.80 4.14
CA THR A 41 -12.83 -4.29 5.14
C THR A 41 -12.09 -4.60 6.43
N GLN A 42 -12.75 -4.50 7.55
CA GLN A 42 -12.06 -4.77 8.85
C GLN A 42 -12.88 -5.76 9.68
N GLU A 43 -12.23 -6.57 10.46
CA GLU A 43 -12.98 -7.55 11.30
C GLU A 43 -12.26 -7.73 12.64
N GLY A 44 -12.44 -6.81 13.54
CA GLY A 44 -11.78 -6.92 14.88
C GLY A 44 -10.26 -7.07 14.72
N ASN A 45 -9.80 -8.26 14.44
CA ASN A 45 -8.33 -8.49 14.30
C ASN A 45 -8.02 -9.15 12.96
N LYS A 46 -8.83 -8.91 11.97
CA LYS A 46 -8.57 -9.50 10.65
C LYS A 46 -9.05 -8.51 9.59
N PHE A 47 -8.12 -7.94 8.89
CA PHE A 47 -8.46 -6.96 7.83
C PHE A 47 -8.59 -7.68 6.49
N THR A 48 -9.14 -7.04 5.50
CA THR A 48 -9.27 -7.68 4.18
C THR A 48 -9.37 -6.59 3.11
N VAL A 49 -8.31 -6.36 2.41
CA VAL A 49 -8.32 -5.31 1.35
C VAL A 49 -8.38 -5.97 -0.02
N LYS A 50 -9.42 -5.71 -0.77
CA LYS A 50 -9.53 -6.31 -2.13
C LYS A 50 -9.11 -5.28 -3.18
N GLU A 51 -7.90 -5.40 -3.67
CA GLU A 51 -7.43 -4.43 -4.70
C GLU A 51 -8.17 -4.71 -6.01
N SER A 52 -8.27 -3.72 -6.86
CA SER A 52 -8.97 -3.94 -8.15
C SER A 52 -8.51 -2.88 -9.14
N SER A 53 -7.72 -3.30 -10.08
CA SER A 53 -7.22 -2.37 -11.11
C SER A 53 -7.40 -3.03 -12.48
N ALA A 54 -7.71 -2.26 -13.50
CA ALA A 54 -7.91 -2.86 -14.85
C ALA A 54 -6.65 -3.64 -15.26
N PHE A 55 -5.70 -3.79 -14.36
CA PHE A 55 -4.45 -4.51 -14.74
C PHE A 55 -4.35 -5.85 -13.99
N ARG A 56 -5.04 -6.02 -12.90
CA ARG A 56 -4.96 -7.31 -12.15
C ARG A 56 -5.43 -7.11 -10.72
N ASN A 57 -6.70 -7.28 -10.50
CA ASN A 57 -7.25 -7.10 -9.13
C ASN A 57 -6.61 -8.12 -8.17
N ILE A 58 -6.44 -7.76 -6.93
CA ILE A 58 -5.81 -8.70 -5.97
C ILE A 58 -6.55 -8.66 -4.63
N GLU A 59 -6.16 -9.52 -3.74
CA GLU A 59 -6.79 -9.57 -2.40
C GLU A 59 -5.71 -9.86 -1.35
N CYS A 60 -5.81 -9.27 -0.20
CA CYS A 60 -4.77 -9.52 0.84
C CYS A 60 -5.37 -9.39 2.24
N VAL A 61 -5.37 -10.45 3.00
CA VAL A 61 -5.92 -10.37 4.38
C VAL A 61 -4.80 -9.96 5.33
N PHE A 62 -5.11 -9.24 6.37
CA PHE A 62 -4.03 -8.82 7.31
C PHE A 62 -4.49 -8.97 8.75
N GLU A 63 -3.56 -8.92 9.67
CA GLU A 63 -3.89 -9.04 11.12
C GLU A 63 -2.85 -8.28 11.94
N LEU A 64 -3.08 -8.11 13.20
CA LEU A 64 -2.10 -7.36 14.04
C LEU A 64 -1.23 -8.33 14.84
N GLY A 65 0.06 -8.31 14.61
CA GLY A 65 0.96 -9.23 15.37
C GLY A 65 1.13 -10.55 14.62
N VAL A 66 0.96 -10.54 13.33
CA VAL A 66 1.12 -11.80 12.55
C VAL A 66 1.74 -11.47 11.18
N THR A 67 3.01 -11.73 11.02
CA THR A 67 3.66 -11.43 9.71
C THR A 67 2.95 -12.18 8.60
N PHE A 68 2.84 -11.55 7.48
CA PHE A 68 2.18 -12.20 6.31
C PHE A 68 2.80 -11.61 5.05
N ASN A 69 2.26 -11.90 3.90
CA ASN A 69 2.84 -11.33 2.66
C ASN A 69 1.74 -10.88 1.72
N CYS A 70 2.03 -9.86 0.93
CA CYS A 70 1.03 -9.35 -0.04
C CYS A 70 1.80 -8.74 -1.21
N ASN A 71 1.37 -9.01 -2.42
CA ASN A 71 2.11 -8.46 -3.58
C ASN A 71 1.39 -7.20 -4.10
N LEU A 72 2.14 -6.23 -4.55
CA LEU A 72 1.51 -4.99 -5.06
C LEU A 72 1.30 -5.11 -6.58
N ALA A 73 0.25 -4.51 -7.08
CA ALA A 73 -0.03 -4.59 -8.54
C ALA A 73 1.26 -4.38 -9.33
N ASP A 74 2.16 -3.57 -8.83
CA ASP A 74 3.44 -3.34 -9.56
C ASP A 74 4.14 -4.67 -9.75
N GLY A 75 3.54 -5.76 -9.34
CA GLY A 75 4.18 -7.08 -9.50
C GLY A 75 5.24 -7.27 -8.41
N THR A 76 5.09 -6.59 -7.30
CA THR A 76 6.09 -6.73 -6.21
C THR A 76 5.55 -7.67 -5.13
N GLU A 77 6.42 -8.18 -4.32
CA GLU A 77 5.99 -9.10 -3.23
C GLU A 77 6.65 -8.66 -1.92
N LEU A 78 5.89 -8.44 -0.88
CA LEU A 78 6.51 -8.01 0.40
C LEU A 78 5.89 -8.77 1.59
N ARG A 79 6.53 -8.72 2.73
CA ARG A 79 5.99 -9.42 3.93
C ARG A 79 6.36 -8.66 5.20
N GLY A 80 5.48 -8.62 6.17
CA GLY A 80 5.77 -7.89 7.43
C GLY A 80 4.49 -7.80 8.24
N THR A 81 4.03 -6.62 8.52
CA THR A 81 2.76 -6.49 9.31
C THR A 81 2.51 -5.03 9.67
N TRP A 82 1.28 -4.70 9.97
CA TRP A 82 0.95 -3.30 10.36
C TRP A 82 0.81 -3.22 11.88
N SER A 83 1.23 -2.14 12.47
CA SER A 83 1.12 -2.00 13.94
C SER A 83 0.69 -0.58 14.26
N LEU A 84 0.09 -0.33 15.38
CA LEU A 84 -0.32 1.05 15.69
C LEU A 84 0.77 1.70 16.55
N GLU A 85 1.22 2.86 16.17
CA GLU A 85 2.29 3.56 16.94
C GLU A 85 1.84 5.00 17.16
N GLY A 86 1.81 5.43 18.39
CA GLY A 86 1.36 6.83 18.65
C GLY A 86 -0.03 7.01 18.06
N ASN A 87 -0.15 7.75 16.99
CA ASN A 87 -1.49 7.95 16.37
C ASN A 87 -1.44 7.58 14.88
N LYS A 88 -0.65 6.61 14.51
CA LYS A 88 -0.59 6.24 13.07
C LYS A 88 -0.49 4.72 12.92
N LEU A 89 -0.90 4.19 11.80
CA LEU A 89 -0.81 2.73 11.58
C LEU A 89 0.46 2.43 10.79
N ILE A 90 1.43 1.80 11.40
CA ILE A 90 2.69 1.51 10.68
C ILE A 90 2.52 0.27 9.81
N GLY A 91 3.44 0.09 8.91
CA GLY A 91 3.40 -1.08 7.99
C GLY A 91 4.84 -1.49 7.67
N LYS A 92 5.36 -2.44 8.38
CA LYS A 92 6.75 -2.89 8.13
C LYS A 92 6.73 -3.94 7.03
N PHE A 93 7.08 -3.57 5.83
CA PHE A 93 7.06 -4.54 4.70
C PHE A 93 8.45 -4.71 4.14
N LYS A 94 8.76 -5.89 3.69
CA LYS A 94 10.10 -6.14 3.09
C LYS A 94 9.92 -6.90 1.78
N ARG A 95 10.39 -6.34 0.70
CA ARG A 95 10.24 -7.03 -0.61
C ARG A 95 10.63 -8.50 -0.45
N THR A 96 9.70 -9.39 -0.62
CA THR A 96 10.02 -10.83 -0.48
C THR A 96 10.92 -11.26 -1.63
N ASP A 97 11.05 -10.40 -2.56
CA ASP A 97 11.91 -10.67 -3.75
C ASP A 97 13.38 -10.46 -3.38
N ASN A 98 13.69 -9.33 -2.80
CA ASN A 98 15.10 -9.05 -2.41
C ASN A 98 15.15 -8.53 -0.98
N GLY A 99 14.06 -8.60 -0.26
CA GLY A 99 14.05 -8.11 1.15
C GLY A 99 14.69 -6.71 1.20
N ASN A 100 14.28 -5.84 0.32
CA ASN A 100 14.87 -4.47 0.33
C ASN A 100 14.24 -3.64 1.45
N GLU A 101 13.56 -4.30 2.34
CA GLU A 101 12.92 -3.60 3.48
C GLU A 101 12.07 -2.41 2.98
N LEU A 102 10.95 -2.19 3.60
CA LEU A 102 10.08 -1.05 3.21
C LEU A 102 9.42 -0.49 4.46
N ASN A 103 9.44 0.80 4.66
CA ASN A 103 8.82 1.39 5.88
C ASN A 103 7.64 2.25 5.45
N THR A 104 6.44 1.85 5.77
CA THR A 104 5.27 2.65 5.35
C THR A 104 4.36 2.97 6.54
N VAL A 105 3.33 3.74 6.30
CA VAL A 105 2.38 4.10 7.39
C VAL A 105 0.98 4.26 6.78
N ARG A 106 -0.04 4.23 7.60
CA ARG A 106 -1.43 4.37 7.06
C ARG A 106 -2.22 5.38 7.90
N GLU A 107 -2.99 6.21 7.26
CA GLU A 107 -3.80 7.23 8.01
C GLU A 107 -5.17 7.36 7.36
N ILE A 108 -6.14 7.85 8.08
CA ILE A 108 -7.49 8.01 7.50
C ILE A 108 -7.86 9.49 7.54
N ILE A 109 -7.40 10.24 6.59
CA ILE A 109 -7.70 11.68 6.59
C ILE A 109 -9.22 11.87 6.48
N GLY A 110 -9.87 11.97 7.60
CA GLY A 110 -11.35 12.17 7.59
C GLY A 110 -12.02 11.09 6.73
N ASP A 111 -11.99 11.24 5.43
CA ASP A 111 -12.64 10.25 4.53
C ASP A 111 -11.68 9.82 3.43
N GLU A 112 -10.41 9.84 3.69
CA GLU A 112 -9.42 9.43 2.65
C GLU A 112 -8.35 8.56 3.29
N LEU A 113 -7.82 7.60 2.56
CA LEU A 113 -6.77 6.72 3.16
C LEU A 113 -5.41 7.16 2.65
N VAL A 114 -4.55 7.63 3.51
CA VAL A 114 -3.21 8.07 3.07
C VAL A 114 -2.18 7.03 3.49
N GLN A 115 -1.66 6.29 2.56
CA GLN A 115 -0.63 5.27 2.89
C GLN A 115 0.72 5.75 2.39
N THR A 116 1.60 6.12 3.28
CA THR A 116 2.93 6.60 2.85
C THR A 116 3.96 5.48 2.97
N TYR A 117 4.89 5.44 2.07
CA TYR A 117 5.95 4.39 2.15
C TYR A 117 7.32 5.03 2.10
N VAL A 118 8.25 4.40 2.71
CA VAL A 118 9.66 4.91 2.68
C VAL A 118 10.53 3.86 2.05
N TYR A 119 11.54 4.28 1.36
CA TYR A 119 12.42 3.29 0.70
C TYR A 119 13.87 3.75 0.71
N GLU A 120 14.69 3.09 1.47
CA GLU A 120 16.14 3.44 1.53
C GLU A 120 16.34 4.93 1.77
N GLY A 121 15.33 5.60 2.23
CA GLY A 121 15.45 7.05 2.49
C GLY A 121 14.59 7.82 1.49
N VAL A 122 13.54 7.21 1.03
CA VAL A 122 12.64 7.88 0.09
C VAL A 122 11.27 7.91 0.71
N GLU A 123 10.34 8.53 0.08
CA GLU A 123 8.99 8.55 0.69
C GLU A 123 7.91 8.78 -0.38
N ALA A 124 7.04 7.82 -0.56
CA ALA A 124 5.94 7.98 -1.55
C ALA A 124 4.61 8.08 -0.79
N LYS A 125 3.56 8.49 -1.45
CA LYS A 125 2.26 8.60 -0.74
C LYS A 125 1.10 8.23 -1.66
N ARG A 126 0.16 7.49 -1.14
CA ARG A 126 -1.03 7.09 -1.94
C ARG A 126 -2.28 7.52 -1.17
N ILE A 127 -3.03 8.46 -1.69
CA ILE A 127 -4.25 8.91 -0.97
C ILE A 127 -5.51 8.38 -1.63
N PHE A 128 -6.32 7.67 -0.90
CA PHE A 128 -7.58 7.13 -1.49
C PHE A 128 -8.74 8.01 -1.04
N LYS A 129 -9.88 7.87 -1.67
CA LYS A 129 -11.07 8.68 -1.30
C LYS A 129 -12.33 7.89 -1.60
N LYS A 130 -13.36 8.06 -0.81
CA LYS A 130 -14.63 7.32 -1.06
C LYS A 130 -15.01 7.41 -2.54
N ASP A 131 -15.41 6.32 -3.14
CA ASP A 131 -15.79 6.36 -4.57
C ASP A 131 -16.91 7.37 -4.79
N ALA A 1 -12.27 1.15 10.03
CA ALA A 1 -11.85 2.42 9.39
C ALA A 1 -11.84 2.25 7.87
N PHE A 2 -11.96 3.32 7.13
CA PHE A 2 -11.96 3.21 5.64
C PHE A 2 -12.75 1.97 5.23
N ASP A 3 -13.73 1.60 6.00
CA ASP A 3 -14.54 0.40 5.66
C ASP A 3 -15.44 0.70 4.46
N SER A 4 -15.02 0.35 3.28
CA SER A 4 -15.85 0.62 2.07
C SER A 4 -14.98 0.57 0.82
N THR A 5 -15.48 1.09 -0.28
CA THR A 5 -14.68 1.08 -1.53
C THR A 5 -14.00 2.43 -1.72
N TRP A 6 -12.79 2.42 -2.21
CA TRP A 6 -12.07 3.71 -2.41
C TRP A 6 -11.17 3.61 -3.64
N LYS A 7 -10.60 4.69 -4.09
CA LYS A 7 -9.72 4.63 -5.28
C LYS A 7 -8.69 5.75 -5.21
N VAL A 8 -7.44 5.43 -5.41
CA VAL A 8 -6.40 6.48 -5.34
C VAL A 8 -6.92 7.75 -6.01
N ASP A 9 -7.24 8.73 -5.21
CA ASP A 9 -7.73 10.02 -5.78
C ASP A 9 -6.56 10.98 -5.85
N ARG A 10 -5.64 10.86 -4.93
CA ARG A 10 -4.46 11.76 -4.94
C ARG A 10 -3.21 10.98 -4.51
N SER A 11 -2.05 11.51 -4.76
CA SER A 11 -0.79 10.81 -4.37
C SER A 11 0.41 11.75 -4.55
N GLU A 12 1.59 11.31 -4.22
CA GLU A 12 2.78 12.19 -4.39
C GLU A 12 4.04 11.34 -4.55
N ASN A 13 5.07 11.90 -5.14
CA ASN A 13 6.34 11.14 -5.33
C ASN A 13 6.07 9.87 -6.13
N TYR A 14 6.15 8.73 -5.50
CA TYR A 14 5.90 7.45 -6.23
C TYR A 14 7.08 7.17 -7.17
N ASP A 15 7.43 8.11 -8.00
CA ASP A 15 8.58 7.86 -8.92
C ASP A 15 9.82 7.60 -8.10
N LYS A 16 10.06 8.41 -7.10
CA LYS A 16 11.26 8.19 -6.24
C LYS A 16 11.09 6.84 -5.54
N PHE A 17 9.88 6.48 -5.21
CA PHE A 17 9.65 5.17 -4.55
C PHE A 17 9.87 4.06 -5.56
N MET A 18 9.10 4.06 -6.61
CA MET A 18 9.25 3.00 -7.65
C MET A 18 10.67 3.07 -8.22
N GLU A 19 11.31 4.20 -8.12
CA GLU A 19 12.70 4.31 -8.66
C GLU A 19 13.66 3.59 -7.71
N LYS A 20 13.43 3.69 -6.44
CA LYS A 20 14.33 3.00 -5.47
C LYS A 20 14.22 1.50 -5.67
N MET A 21 13.02 0.99 -5.78
CA MET A 21 12.85 -0.47 -5.98
C MET A 21 13.50 -0.88 -7.30
N GLY A 22 13.91 0.09 -8.08
CA GLY A 22 14.56 -0.23 -9.38
C GLY A 22 13.49 -0.68 -10.39
N VAL A 23 12.28 -0.20 -10.23
CA VAL A 23 11.20 -0.60 -11.16
C VAL A 23 11.38 0.13 -12.49
N ASN A 24 11.29 -0.58 -13.59
CA ASN A 24 11.47 0.07 -14.92
C ASN A 24 10.59 1.32 -14.99
N ILE A 25 10.80 2.15 -15.97
CA ILE A 25 9.97 3.39 -16.09
C ILE A 25 8.65 3.05 -16.77
N VAL A 26 8.51 1.83 -17.12
CA VAL A 26 7.25 1.38 -17.78
C VAL A 26 6.12 1.31 -16.76
N LYS A 27 6.29 0.52 -15.74
CA LYS A 27 5.23 0.42 -14.70
C LYS A 27 5.09 1.76 -13.99
N ARG A 28 6.16 2.51 -13.92
CA ARG A 28 6.10 3.83 -13.23
C ARG A 28 5.33 4.83 -14.11
N LYS A 29 5.39 4.67 -15.40
CA LYS A 29 4.66 5.61 -16.30
C LYS A 29 3.16 5.30 -16.28
N LEU A 30 2.79 4.05 -16.26
CA LEU A 30 1.35 3.70 -16.26
C LEU A 30 0.83 3.67 -14.82
N ALA A 31 1.72 3.69 -13.89
CA ALA A 31 1.32 3.66 -12.46
C ALA A 31 1.01 5.09 -11.99
N ALA A 32 1.90 6.02 -12.25
CA ALA A 32 1.67 7.42 -11.82
C ALA A 32 0.32 7.91 -12.37
N HIS A 33 -0.36 7.09 -13.11
CA HIS A 33 -1.68 7.51 -13.68
C HIS A 33 -2.67 6.35 -13.62
N ASP A 34 -2.73 5.68 -12.50
CA ASP A 34 -3.68 4.53 -12.38
C ASP A 34 -4.58 4.74 -11.16
N ASN A 35 -5.76 5.27 -11.38
CA ASN A 35 -6.69 5.49 -10.23
C ASN A 35 -7.23 4.15 -9.74
N LEU A 36 -6.38 3.16 -9.62
CA LEU A 36 -6.84 1.81 -9.18
C LEU A 36 -7.82 1.94 -7.99
N LYS A 37 -8.66 0.94 -7.82
CA LYS A 37 -9.65 0.96 -6.72
C LYS A 37 -9.22 -0.04 -5.64
N LEU A 38 -9.53 0.23 -4.40
CA LEU A 38 -9.15 -0.70 -3.31
C LEU A 38 -10.29 -0.82 -2.31
N THR A 39 -10.71 -2.02 -2.03
CA THR A 39 -11.83 -2.22 -1.05
C THR A 39 -11.24 -2.56 0.31
N ILE A 40 -11.36 -1.69 1.27
CA ILE A 40 -10.78 -1.98 2.61
C ILE A 40 -11.88 -2.43 3.58
N THR A 41 -11.74 -3.63 4.11
CA THR A 41 -12.74 -4.15 5.07
C THR A 41 -12.04 -4.45 6.38
N GLN A 42 -12.74 -4.38 7.48
CA GLN A 42 -12.10 -4.65 8.79
C GLN A 42 -12.96 -5.65 9.59
N GLU A 43 -12.34 -6.48 10.38
CA GLU A 43 -13.13 -7.46 11.18
C GLU A 43 -12.45 -7.67 12.54
N GLY A 44 -12.64 -6.75 13.45
CA GLY A 44 -12.02 -6.89 14.80
C GLY A 44 -10.50 -6.97 14.70
N ASN A 45 -9.96 -8.13 14.46
CA ASN A 45 -8.49 -8.29 14.37
C ASN A 45 -8.09 -8.92 13.03
N LYS A 46 -8.87 -8.71 12.02
CA LYS A 46 -8.54 -9.27 10.70
C LYS A 46 -9.05 -8.32 9.63
N PHE A 47 -8.15 -7.69 8.96
CA PHE A 47 -8.54 -6.72 7.89
C PHE A 47 -8.53 -7.44 6.54
N THR A 48 -9.02 -6.79 5.51
CA THR A 48 -9.03 -7.42 4.17
C THR A 48 -9.06 -6.34 3.11
N VAL A 49 -7.96 -6.09 2.48
CA VAL A 49 -7.90 -5.04 1.43
C VAL A 49 -7.98 -5.71 0.06
N LYS A 50 -9.02 -5.45 -0.68
CA LYS A 50 -9.15 -6.07 -2.03
C LYS A 50 -8.75 -5.06 -3.09
N GLU A 51 -7.55 -5.14 -3.61
CA GLU A 51 -7.13 -4.18 -4.66
C GLU A 51 -7.90 -4.48 -5.94
N SER A 52 -8.01 -3.52 -6.82
CA SER A 52 -8.75 -3.77 -8.08
C SER A 52 -8.33 -2.72 -9.10
N SER A 53 -7.56 -3.14 -10.06
CA SER A 53 -7.10 -2.21 -11.12
C SER A 53 -7.22 -2.94 -12.47
N ALA A 54 -7.56 -2.23 -13.51
CA ALA A 54 -7.69 -2.89 -14.83
C ALA A 54 -6.36 -3.57 -15.18
N PHE A 55 -5.43 -3.61 -14.27
CA PHE A 55 -4.11 -4.24 -14.56
C PHE A 55 -3.96 -5.56 -13.79
N ARG A 56 -4.64 -5.74 -12.68
CA ARG A 56 -4.49 -7.01 -11.93
C ARG A 56 -5.05 -6.83 -10.52
N ASN A 57 -6.32 -7.05 -10.35
CA ASN A 57 -6.94 -6.90 -9.01
C ASN A 57 -6.31 -7.91 -8.04
N ILE A 58 -6.18 -7.56 -6.80
CA ILE A 58 -5.55 -8.49 -5.82
C ILE A 58 -6.28 -8.43 -4.48
N GLU A 59 -5.90 -9.28 -3.58
CA GLU A 59 -6.54 -9.29 -2.23
C GLU A 59 -5.49 -9.68 -1.19
N CYS A 60 -5.54 -9.09 -0.03
CA CYS A 60 -4.54 -9.44 1.02
C CYS A 60 -5.14 -9.24 2.40
N VAL A 61 -5.11 -10.26 3.23
CA VAL A 61 -5.66 -10.12 4.60
C VAL A 61 -4.57 -9.56 5.51
N PHE A 62 -4.93 -8.83 6.53
CA PHE A 62 -3.89 -8.26 7.44
C PHE A 62 -4.31 -8.43 8.90
N GLU A 63 -3.41 -8.94 9.71
CA GLU A 63 -3.73 -9.12 11.16
C GLU A 63 -2.71 -8.32 11.98
N LEU A 64 -2.94 -8.19 13.26
CA LEU A 64 -1.99 -7.41 14.11
C LEU A 64 -1.11 -8.36 14.92
N GLY A 65 0.19 -8.30 14.72
CA GLY A 65 1.09 -9.18 15.51
C GLY A 65 1.29 -10.52 14.78
N VAL A 66 1.08 -10.57 13.50
CA VAL A 66 1.27 -11.84 12.76
C VAL A 66 1.85 -11.54 11.37
N THR A 67 3.10 -11.83 11.18
CA THR A 67 3.71 -11.55 9.84
C THR A 67 2.95 -12.29 8.75
N PHE A 68 2.82 -11.66 7.63
CA PHE A 68 2.12 -12.29 6.48
C PHE A 68 2.74 -11.74 5.21
N ASN A 69 2.18 -12.02 4.08
CA ASN A 69 2.78 -11.50 2.82
C ASN A 69 1.69 -11.02 1.86
N CYS A 70 2.04 -10.10 1.01
CA CYS A 70 1.08 -9.58 0.02
C CYS A 70 1.86 -9.08 -1.19
N ASN A 71 1.43 -9.39 -2.37
CA ASN A 71 2.20 -8.94 -3.57
C ASN A 71 1.64 -7.61 -4.08
N LEU A 72 2.50 -6.75 -4.55
CA LEU A 72 2.03 -5.43 -5.08
C LEU A 72 1.80 -5.55 -6.59
N ALA A 73 0.82 -4.83 -7.09
CA ALA A 73 0.53 -4.88 -8.55
C ALA A 73 1.85 -4.87 -9.35
N ASP A 74 2.83 -4.17 -8.87
CA ASP A 74 4.13 -4.11 -9.60
C ASP A 74 4.70 -5.53 -9.71
N GLY A 75 3.94 -6.53 -9.34
CA GLY A 75 4.46 -7.93 -9.42
C GLY A 75 5.50 -8.15 -8.33
N THR A 76 5.41 -7.42 -7.24
CA THR A 76 6.39 -7.58 -6.14
C THR A 76 5.79 -8.45 -5.04
N GLU A 77 6.61 -8.99 -4.19
CA GLU A 77 6.11 -9.83 -3.08
C GLU A 77 6.78 -9.39 -1.78
N LEU A 78 6.01 -8.98 -0.79
CA LEU A 78 6.64 -8.52 0.48
C LEU A 78 5.92 -9.14 1.69
N ARG A 79 6.56 -9.12 2.83
CA ARG A 79 5.93 -9.71 4.05
C ARG A 79 6.35 -8.92 5.29
N GLY A 80 5.48 -8.81 6.26
CA GLY A 80 5.82 -8.07 7.49
C GLY A 80 4.56 -7.94 8.33
N THR A 81 4.13 -6.74 8.59
CA THR A 81 2.89 -6.57 9.41
C THR A 81 2.66 -5.09 9.74
N TRP A 82 1.43 -4.74 10.02
CA TRP A 82 1.13 -3.32 10.39
C TRP A 82 0.94 -3.22 11.90
N SER A 83 1.38 -2.15 12.50
CA SER A 83 1.20 -2.01 13.98
C SER A 83 0.87 -0.58 14.33
N LEU A 84 -0.23 -0.32 14.97
CA LEU A 84 -0.56 1.08 15.28
C LEU A 84 0.51 1.66 16.20
N GLU A 85 1.17 2.68 15.74
CA GLU A 85 2.21 3.34 16.56
C GLU A 85 1.71 4.73 16.94
N GLY A 86 1.50 4.99 18.19
CA GLY A 86 0.99 6.33 18.59
C GLY A 86 -0.33 6.56 17.87
N ASN A 87 -0.33 7.36 16.84
CA ASN A 87 -1.60 7.62 16.09
C ASN A 87 -1.41 7.31 14.60
N LYS A 88 -0.60 6.34 14.26
CA LYS A 88 -0.40 6.03 12.82
C LYS A 88 -0.32 4.52 12.61
N LEU A 89 -0.86 4.03 11.52
CA LEU A 89 -0.79 2.57 11.24
C LEU A 89 0.49 2.27 10.48
N ILE A 90 1.47 1.72 11.12
CA ILE A 90 2.74 1.42 10.38
C ILE A 90 2.61 0.12 9.60
N GLY A 91 3.48 -0.08 8.66
CA GLY A 91 3.46 -1.31 7.83
C GLY A 91 4.90 -1.70 7.48
N LYS A 92 5.46 -2.58 8.24
CA LYS A 92 6.86 -3.01 7.97
C LYS A 92 6.83 -4.12 6.95
N PHE A 93 7.16 -3.82 5.71
CA PHE A 93 7.14 -4.87 4.66
C PHE A 93 8.54 -5.10 4.13
N LYS A 94 8.81 -6.31 3.72
CA LYS A 94 10.15 -6.63 3.18
C LYS A 94 10.00 -7.43 1.88
N ARG A 95 10.53 -6.92 0.81
CA ARG A 95 10.41 -7.65 -0.49
C ARG A 95 10.93 -9.07 -0.30
N THR A 96 10.08 -10.04 -0.44
CA THR A 96 10.53 -11.45 -0.26
C THR A 96 11.50 -11.81 -1.37
N ASP A 97 11.54 -11.00 -2.35
CA ASP A 97 12.45 -11.24 -3.50
C ASP A 97 13.87 -10.84 -3.13
N ASN A 98 14.06 -9.67 -2.59
CA ASN A 98 15.42 -9.22 -2.21
C ASN A 98 15.42 -8.66 -0.79
N GLY A 99 14.34 -8.84 -0.07
CA GLY A 99 14.28 -8.31 1.33
C GLY A 99 14.79 -6.87 1.35
N ASN A 100 14.43 -6.08 0.38
CA ASN A 100 14.91 -4.66 0.34
C ASN A 100 14.15 -3.84 1.39
N GLU A 101 13.56 -4.51 2.32
CA GLU A 101 12.80 -3.83 3.40
C GLU A 101 11.88 -2.74 2.82
N LEU A 102 10.94 -2.28 3.60
CA LEU A 102 10.01 -1.21 3.14
C LEU A 102 9.30 -0.66 4.37
N ASN A 103 9.32 0.64 4.56
CA ASN A 103 8.64 1.22 5.75
C ASN A 103 7.48 2.08 5.28
N THR A 104 6.27 1.71 5.62
CA THR A 104 5.10 2.51 5.18
C THR A 104 4.22 2.91 6.37
N VAL A 105 3.21 3.68 6.11
CA VAL A 105 2.30 4.12 7.19
C VAL A 105 0.89 4.32 6.61
N ARG A 106 -0.14 4.17 7.42
CA ARG A 106 -1.52 4.34 6.91
C ARG A 106 -2.26 5.39 7.75
N GLU A 107 -2.99 6.26 7.11
CA GLU A 107 -3.75 7.31 7.85
C GLU A 107 -5.14 7.46 7.23
N ILE A 108 -6.08 7.99 7.97
CA ILE A 108 -7.44 8.17 7.42
C ILE A 108 -7.81 9.63 7.52
N ILE A 109 -7.38 10.41 6.58
CA ILE A 109 -7.71 11.86 6.64
C ILE A 109 -9.22 12.03 6.52
N GLY A 110 -9.90 12.07 7.63
CA GLY A 110 -11.37 12.25 7.61
C GLY A 110 -12.01 11.18 6.73
N ASP A 111 -12.02 11.39 5.43
CA ASP A 111 -12.65 10.38 4.52
C ASP A 111 -11.67 9.99 3.41
N GLU A 112 -10.40 10.03 3.69
CA GLU A 112 -9.40 9.65 2.66
C GLU A 112 -8.36 8.74 3.31
N LEU A 113 -7.85 7.77 2.60
CA LEU A 113 -6.83 6.86 3.21
C LEU A 113 -5.45 7.21 2.65
N VAL A 114 -4.58 7.71 3.48
CA VAL A 114 -3.23 8.08 2.99
C VAL A 114 -2.24 6.98 3.35
N GLN A 115 -1.79 6.24 2.37
CA GLN A 115 -0.81 5.15 2.65
C GLN A 115 0.55 5.62 2.17
N THR A 116 1.43 5.95 3.07
CA THR A 116 2.77 6.43 2.65
C THR A 116 3.78 5.30 2.77
N TYR A 117 4.74 5.27 1.89
CA TYR A 117 5.78 4.21 1.96
C TYR A 117 7.15 4.86 2.07
N VAL A 118 8.08 4.14 2.59
CA VAL A 118 9.46 4.66 2.71
C VAL A 118 10.40 3.66 2.08
N TYR A 119 11.46 4.12 1.52
CA TYR A 119 12.41 3.19 0.89
C TYR A 119 13.86 3.68 1.02
N GLU A 120 14.62 3.00 1.82
CA GLU A 120 16.06 3.37 2.02
C GLU A 120 16.22 4.87 2.23
N GLY A 121 15.17 5.54 2.61
CA GLY A 121 15.28 7.00 2.85
C GLY A 121 14.45 7.74 1.80
N VAL A 122 13.43 7.11 1.32
CA VAL A 122 12.56 7.76 0.31
C VAL A 122 11.16 7.75 0.86
N GLU A 123 10.24 8.33 0.17
CA GLU A 123 8.86 8.33 0.70
C GLU A 123 7.84 8.50 -0.42
N ALA A 124 6.90 7.60 -0.51
CA ALA A 124 5.84 7.71 -1.55
C ALA A 124 4.49 7.89 -0.84
N LYS A 125 3.54 8.52 -1.46
CA LYS A 125 2.23 8.73 -0.76
C LYS A 125 1.07 8.38 -1.68
N ARG A 126 0.09 7.69 -1.17
CA ARG A 126 -1.11 7.33 -1.99
C ARG A 126 -2.36 7.66 -1.17
N ILE A 127 -3.13 8.61 -1.62
CA ILE A 127 -4.36 8.98 -0.84
C ILE A 127 -5.62 8.50 -1.55
N PHE A 128 -6.42 7.72 -0.88
CA PHE A 128 -7.69 7.24 -1.50
C PHE A 128 -8.85 8.07 -0.97
N LYS A 129 -10.03 7.83 -1.47
CA LYS A 129 -11.21 8.62 -1.00
C LYS A 129 -12.50 7.92 -1.47
N LYS A 130 -13.58 8.16 -0.79
CA LYS A 130 -14.87 7.49 -1.18
C LYS A 130 -15.07 7.63 -2.68
N ASP A 131 -15.35 6.54 -3.34
CA ASP A 131 -15.56 6.59 -4.83
C ASP A 131 -16.89 7.30 -5.11
N ALA A 1 -10.25 0.16 10.40
CA ALA A 1 -11.07 1.26 9.82
C ALA A 1 -11.14 1.11 8.30
N PHE A 2 -11.41 2.18 7.61
CA PHE A 2 -11.50 2.10 6.13
C PHE A 2 -12.43 0.95 5.73
N ASP A 3 -13.59 0.90 6.32
CA ASP A 3 -14.55 -0.18 5.99
C ASP A 3 -15.47 0.29 4.86
N SER A 4 -15.09 0.05 3.63
CA SER A 4 -15.95 0.49 2.49
C SER A 4 -15.13 0.49 1.19
N THR A 5 -15.60 1.17 0.18
CA THR A 5 -14.84 1.20 -1.10
C THR A 5 -14.11 2.54 -1.24
N TRP A 6 -12.93 2.52 -1.80
CA TRP A 6 -12.15 3.78 -1.96
C TRP A 6 -11.30 3.69 -3.22
N LYS A 7 -10.71 4.77 -3.65
CA LYS A 7 -9.88 4.72 -4.88
C LYS A 7 -8.82 5.82 -4.83
N VAL A 8 -7.59 5.49 -5.08
CA VAL A 8 -6.53 6.52 -5.04
C VAL A 8 -7.06 7.83 -5.62
N ASP A 9 -7.31 8.79 -4.79
CA ASP A 9 -7.81 10.10 -5.27
C ASP A 9 -6.60 10.97 -5.59
N ARG A 10 -5.50 10.72 -4.93
CA ARG A 10 -4.27 11.53 -5.18
C ARG A 10 -3.02 10.73 -4.82
N SER A 11 -1.87 11.19 -5.22
CA SER A 11 -0.61 10.47 -4.90
C SER A 11 0.57 11.28 -5.44
N GLU A 12 1.78 10.99 -5.01
CA GLU A 12 2.94 11.78 -5.53
C GLU A 12 4.26 11.09 -5.15
N ASN A 13 5.34 11.51 -5.77
CA ASN A 13 6.68 10.91 -5.48
C ASN A 13 6.70 9.45 -5.94
N TYR A 14 5.61 8.93 -6.39
CA TYR A 14 5.59 7.50 -6.84
C TYR A 14 6.79 7.24 -7.75
N ASP A 15 6.89 7.91 -8.86
CA ASP A 15 8.03 7.67 -9.77
C ASP A 15 9.32 7.60 -8.96
N LYS A 16 9.49 8.50 -8.03
CA LYS A 16 10.73 8.48 -7.21
C LYS A 16 10.74 7.18 -6.40
N PHE A 17 9.62 6.79 -5.88
CA PHE A 17 9.56 5.52 -5.10
C PHE A 17 9.78 4.34 -6.05
N MET A 18 8.98 4.26 -7.08
CA MET A 18 9.13 3.15 -8.05
C MET A 18 10.55 3.18 -8.62
N GLU A 19 11.13 4.35 -8.74
CA GLU A 19 12.52 4.44 -9.28
C GLU A 19 13.50 3.96 -8.22
N LYS A 20 13.13 4.05 -6.97
CA LYS A 20 14.05 3.59 -5.89
C LYS A 20 14.14 2.06 -5.93
N MET A 21 13.02 1.40 -5.98
CA MET A 21 13.04 -0.09 -6.02
C MET A 21 13.83 -0.54 -7.26
N GLY A 22 14.14 0.37 -8.14
CA GLY A 22 14.90 -0.01 -9.36
C GLY A 22 13.94 -0.55 -10.41
N VAL A 23 12.74 -0.05 -10.44
CA VAL A 23 11.75 -0.53 -11.44
C VAL A 23 12.05 0.08 -12.80
N ASN A 24 12.07 -0.72 -13.83
CA ASN A 24 12.36 -0.18 -15.19
C ASN A 24 11.49 1.06 -15.44
N ILE A 25 11.66 1.70 -16.57
CA ILE A 25 10.85 2.91 -16.87
C ILE A 25 9.51 2.49 -17.47
N VAL A 26 9.36 1.23 -17.67
CA VAL A 26 8.09 0.72 -18.24
C VAL A 26 7.05 0.58 -17.13
N LYS A 27 7.34 -0.22 -16.15
CA LYS A 27 6.38 -0.39 -15.04
C LYS A 27 6.27 0.93 -14.29
N ARG A 28 7.30 1.74 -14.35
CA ARG A 28 7.26 3.06 -13.65
C ARG A 28 6.33 4.00 -14.41
N LYS A 29 6.42 4.02 -15.72
CA LYS A 29 5.53 4.93 -16.50
C LYS A 29 4.09 4.40 -16.44
N LEU A 30 3.92 3.11 -16.37
CA LEU A 30 2.55 2.56 -16.31
C LEU A 30 2.07 2.52 -14.87
N ALA A 31 2.97 2.70 -13.96
CA ALA A 31 2.62 2.69 -12.52
C ALA A 31 2.16 4.08 -12.09
N ALA A 32 2.90 5.09 -12.45
CA ALA A 32 2.52 6.48 -12.07
C ALA A 32 1.01 6.64 -12.23
N HIS A 33 0.39 5.85 -13.05
CA HIS A 33 -1.08 5.96 -13.25
C HIS A 33 -1.80 5.51 -11.98
N ASP A 34 -1.24 5.82 -10.84
CA ASP A 34 -1.88 5.41 -9.55
C ASP A 34 -3.35 5.83 -9.56
N ASN A 35 -4.20 4.96 -10.04
CA ASN A 35 -5.67 5.28 -10.08
C ASN A 35 -6.46 3.98 -9.87
N LEU A 36 -6.04 3.16 -8.94
CA LEU A 36 -6.75 1.87 -8.71
C LEU A 36 -7.84 2.03 -7.64
N LYS A 37 -8.67 1.03 -7.52
CA LYS A 37 -9.75 1.05 -6.49
C LYS A 37 -9.40 0.04 -5.39
N LEU A 38 -9.82 0.27 -4.18
CA LEU A 38 -9.50 -0.69 -3.09
C LEU A 38 -10.70 -0.87 -2.16
N THR A 39 -11.18 -2.08 -2.05
CA THR A 39 -12.34 -2.35 -1.14
C THR A 39 -11.79 -2.97 0.14
N ILE A 40 -11.85 -2.28 1.25
CA ILE A 40 -11.29 -2.85 2.50
C ILE A 40 -12.40 -3.16 3.50
N THR A 41 -12.21 -4.23 4.23
CA THR A 41 -13.21 -4.63 5.27
C THR A 41 -12.45 -4.97 6.55
N GLN A 42 -13.05 -4.82 7.69
CA GLN A 42 -12.34 -5.14 8.95
C GLN A 42 -13.18 -6.09 9.81
N GLU A 43 -12.55 -6.97 10.55
CA GLU A 43 -13.33 -7.90 11.40
C GLU A 43 -12.58 -8.15 12.71
N GLY A 44 -12.67 -7.22 13.63
CA GLY A 44 -11.97 -7.39 14.94
C GLY A 44 -10.46 -7.45 14.74
N ASN A 45 -9.92 -8.63 14.52
CA ASN A 45 -8.45 -8.77 14.35
C ASN A 45 -8.13 -9.41 13.00
N LYS A 46 -8.97 -9.23 12.02
CA LYS A 46 -8.71 -9.82 10.69
C LYS A 46 -9.35 -8.93 9.64
N PHE A 47 -8.55 -8.27 8.89
CA PHE A 47 -9.08 -7.37 7.83
C PHE A 47 -9.01 -8.06 6.48
N THR A 48 -9.54 -7.43 5.46
CA THR A 48 -9.49 -8.03 4.11
C THR A 48 -9.44 -6.90 3.09
N VAL A 49 -8.29 -6.66 2.54
CA VAL A 49 -8.13 -5.57 1.54
C VAL A 49 -8.23 -6.15 0.13
N LYS A 50 -9.29 -5.84 -0.57
CA LYS A 50 -9.44 -6.36 -1.95
C LYS A 50 -9.05 -5.28 -2.95
N GLU A 51 -7.86 -5.36 -3.49
CA GLU A 51 -7.42 -4.33 -4.47
C GLU A 51 -8.15 -4.57 -5.80
N SER A 52 -8.22 -3.57 -6.65
CA SER A 52 -8.91 -3.76 -7.95
C SER A 52 -8.48 -2.64 -8.89
N SER A 53 -7.67 -2.98 -9.84
CA SER A 53 -7.21 -1.98 -10.82
C SER A 53 -7.30 -2.61 -12.22
N ALA A 54 -7.64 -1.83 -13.21
CA ALA A 54 -7.73 -2.40 -14.58
C ALA A 54 -6.39 -3.00 -14.97
N PHE A 55 -5.46 -3.07 -14.04
CA PHE A 55 -4.11 -3.62 -14.37
C PHE A 55 -3.87 -4.95 -13.64
N ARG A 56 -4.60 -5.23 -12.58
CA ARG A 56 -4.36 -6.51 -11.85
C ARG A 56 -4.99 -6.43 -10.46
N ASN A 57 -6.24 -6.75 -10.35
CA ASN A 57 -6.92 -6.70 -9.02
C ASN A 57 -6.24 -7.71 -8.08
N ILE A 58 -6.21 -7.43 -6.81
CA ILE A 58 -5.56 -8.36 -5.85
C ILE A 58 -6.33 -8.41 -4.54
N GLU A 59 -5.93 -9.28 -3.66
CA GLU A 59 -6.60 -9.40 -2.35
C GLU A 59 -5.56 -9.79 -1.29
N CYS A 60 -5.68 -9.29 -0.10
CA CYS A 60 -4.67 -9.62 0.95
C CYS A 60 -5.31 -9.52 2.34
N VAL A 61 -5.36 -10.61 3.05
CA VAL A 61 -5.94 -10.56 4.42
C VAL A 61 -4.90 -9.95 5.37
N PHE A 62 -5.33 -9.30 6.41
CA PHE A 62 -4.33 -8.68 7.34
C PHE A 62 -4.76 -8.89 8.79
N GLU A 63 -3.82 -8.87 9.69
CA GLU A 63 -4.14 -9.06 11.13
C GLU A 63 -3.11 -8.29 11.97
N LEU A 64 -3.35 -8.14 13.24
CA LEU A 64 -2.38 -7.39 14.09
C LEU A 64 -1.49 -8.37 14.86
N GLY A 65 -0.20 -8.24 14.71
CA GLY A 65 0.74 -9.15 15.45
C GLY A 65 0.87 -10.48 14.71
N VAL A 66 0.71 -10.49 13.41
CA VAL A 66 0.84 -11.75 12.66
C VAL A 66 1.50 -11.46 11.30
N THR A 67 2.77 -11.76 11.17
CA THR A 67 3.45 -11.50 9.87
C THR A 67 2.74 -12.23 8.75
N PHE A 68 2.66 -11.59 7.62
CA PHE A 68 2.02 -12.22 6.45
C PHE A 68 2.66 -11.63 5.21
N ASN A 69 2.15 -11.90 4.04
CA ASN A 69 2.78 -11.35 2.82
C ASN A 69 1.72 -10.86 1.84
N CYS A 70 2.05 -9.87 1.06
CA CYS A 70 1.11 -9.34 0.06
C CYS A 70 1.92 -8.77 -1.09
N ASN A 71 1.53 -9.02 -2.30
CA ASN A 71 2.31 -8.50 -3.45
C ASN A 71 1.71 -7.18 -3.95
N LEU A 72 2.54 -6.27 -4.37
CA LEU A 72 2.04 -4.97 -4.86
C LEU A 72 1.84 -5.04 -6.39
N ALA A 73 0.86 -4.34 -6.89
CA ALA A 73 0.61 -4.36 -8.36
C ALA A 73 1.93 -4.29 -9.13
N ASP A 74 2.88 -3.56 -8.61
CA ASP A 74 4.19 -3.46 -9.32
C ASP A 74 4.79 -4.86 -9.48
N GLY A 75 4.07 -5.87 -9.09
CA GLY A 75 4.59 -7.26 -9.23
C GLY A 75 5.62 -7.52 -8.14
N THR A 76 5.51 -6.83 -7.02
CA THR A 76 6.47 -7.03 -5.92
C THR A 76 5.86 -7.94 -4.85
N GLU A 77 6.67 -8.50 -4.01
CA GLU A 77 6.15 -9.38 -2.94
C GLU A 77 6.81 -9.00 -1.61
N LEU A 78 6.04 -8.65 -0.62
CA LEU A 78 6.65 -8.25 0.69
C LEU A 78 5.94 -8.93 1.86
N ARG A 79 6.55 -8.94 3.02
CA ARG A 79 5.91 -9.60 4.19
C ARG A 79 6.28 -8.84 5.48
N GLY A 80 5.36 -8.71 6.41
CA GLY A 80 5.65 -8.00 7.66
C GLY A 80 4.35 -7.87 8.44
N THR A 81 3.90 -6.67 8.67
CA THR A 81 2.62 -6.50 9.43
C THR A 81 2.39 -5.02 9.73
N TRP A 82 1.16 -4.65 9.97
CA TRP A 82 0.85 -3.25 10.30
C TRP A 82 0.62 -3.13 11.82
N SER A 83 1.06 -2.05 12.41
CA SER A 83 0.88 -1.89 13.87
C SER A 83 0.51 -0.44 14.16
N LEU A 84 -0.12 -0.17 15.26
CA LEU A 84 -0.47 1.24 15.54
C LEU A 84 0.63 1.84 16.42
N GLU A 85 1.16 2.96 16.03
CA GLU A 85 2.23 3.60 16.83
C GLU A 85 1.90 5.08 16.97
N GLY A 86 1.84 5.58 18.18
CA GLY A 86 1.51 7.01 18.35
C GLY A 86 0.10 7.24 17.81
N ASN A 87 -0.01 7.94 16.71
CA ASN A 87 -1.36 8.21 16.12
C ASN A 87 -1.42 7.76 14.66
N LYS A 88 -0.74 6.69 14.30
CA LYS A 88 -0.78 6.27 12.87
C LYS A 88 -0.66 4.75 12.77
N LEU A 89 -1.06 4.19 11.65
CA LEU A 89 -0.95 2.72 11.47
C LEU A 89 0.29 2.41 10.64
N ILE A 90 1.28 1.83 11.24
CA ILE A 90 2.53 1.53 10.49
C ILE A 90 2.34 0.27 9.63
N GLY A 91 3.24 0.09 8.71
CA GLY A 91 3.17 -1.10 7.81
C GLY A 91 4.60 -1.52 7.45
N LYS A 92 5.13 -2.46 8.17
CA LYS A 92 6.52 -2.92 7.89
C LYS A 92 6.49 -4.01 6.83
N PHE A 93 6.87 -3.68 5.62
CA PHE A 93 6.85 -4.70 4.53
C PHE A 93 8.27 -4.91 4.00
N LYS A 94 8.70 -6.13 3.96
CA LYS A 94 10.08 -6.43 3.46
C LYS A 94 9.97 -7.21 2.15
N ARG A 95 10.51 -6.69 1.08
CA ARG A 95 10.44 -7.41 -0.22
C ARG A 95 10.84 -8.87 -0.02
N THR A 96 9.92 -9.79 -0.23
CA THR A 96 10.26 -11.22 -0.05
C THR A 96 10.97 -11.72 -1.30
N ASP A 97 10.96 -10.92 -2.29
CA ASP A 97 11.61 -11.27 -3.57
C ASP A 97 13.06 -10.77 -3.58
N ASN A 98 13.34 -9.73 -2.83
CA ASN A 98 14.74 -9.21 -2.80
C ASN A 98 15.16 -8.98 -1.35
N GLY A 99 14.33 -9.37 -0.42
CA GLY A 99 14.69 -9.17 1.01
C GLY A 99 15.15 -7.73 1.24
N ASN A 100 14.44 -6.78 0.71
CA ASN A 100 14.82 -5.37 0.89
C ASN A 100 14.19 -4.85 2.17
N GLU A 101 13.42 -3.82 2.04
CA GLU A 101 12.76 -3.22 3.23
C GLU A 101 11.83 -2.09 2.79
N LEU A 102 10.66 -2.01 3.38
CA LEU A 102 9.71 -0.92 3.03
C LEU A 102 9.02 -0.45 4.31
N ASN A 103 9.18 0.79 4.65
CA ASN A 103 8.53 1.32 5.89
C ASN A 103 7.42 2.27 5.50
N THR A 104 6.19 1.90 5.74
CA THR A 104 5.06 2.78 5.34
C THR A 104 4.19 3.15 6.53
N VAL A 105 3.23 4.00 6.29
CA VAL A 105 2.30 4.45 7.35
C VAL A 105 0.90 4.61 6.74
N ARG A 106 -0.14 4.38 7.51
CA ARG A 106 -1.51 4.52 6.95
C ARG A 106 -2.34 5.47 7.81
N GLU A 107 -3.01 6.39 7.20
CA GLU A 107 -3.85 7.36 7.97
C GLU A 107 -5.21 7.50 7.27
N ILE A 108 -6.22 7.92 7.98
CA ILE A 108 -7.55 8.07 7.35
C ILE A 108 -8.06 9.47 7.64
N ILE A 109 -7.65 10.42 6.87
CA ILE A 109 -8.11 11.81 7.11
C ILE A 109 -9.62 11.89 6.90
N GLY A 110 -10.36 11.71 7.94
CA GLY A 110 -11.85 11.78 7.83
C GLY A 110 -12.34 10.79 6.76
N ASP A 111 -12.21 11.15 5.50
CA ASP A 111 -12.69 10.24 4.42
C ASP A 111 -11.60 10.05 3.36
N GLU A 112 -10.36 10.13 3.75
CA GLU A 112 -9.26 9.95 2.78
C GLU A 112 -8.18 9.04 3.39
N LEU A 113 -7.71 8.08 2.64
CA LEU A 113 -6.67 7.17 3.21
C LEU A 113 -5.29 7.60 2.72
N VAL A 114 -4.45 8.07 3.60
CA VAL A 114 -3.10 8.48 3.17
C VAL A 114 -2.11 7.37 3.49
N GLN A 115 -1.65 6.66 2.50
CA GLN A 115 -0.69 5.55 2.76
C GLN A 115 0.68 5.94 2.21
N THR A 116 1.59 6.30 3.06
CA THR A 116 2.94 6.69 2.56
C THR A 116 3.92 5.54 2.79
N TYR A 117 4.83 5.37 1.89
CA TYR A 117 5.84 4.26 2.07
C TYR A 117 7.24 4.82 1.88
N VAL A 118 8.15 4.29 2.63
CA VAL A 118 9.57 4.73 2.52
C VAL A 118 10.35 3.61 1.91
N TYR A 119 11.35 3.93 1.17
CA TYR A 119 12.16 2.86 0.54
C TYR A 119 13.61 3.31 0.39
N GLU A 120 14.48 2.64 1.10
CA GLU A 120 15.94 2.94 1.03
C GLU A 120 16.19 4.42 1.26
N GLY A 121 15.24 5.13 1.75
CA GLY A 121 15.42 6.57 2.01
C GLY A 121 14.55 7.36 1.05
N VAL A 122 13.47 6.77 0.63
CA VAL A 122 12.56 7.47 -0.30
C VAL A 122 11.21 7.55 0.37
N GLU A 123 10.28 8.18 -0.25
CA GLU A 123 8.95 8.28 0.37
C GLU A 123 7.87 8.49 -0.68
N ALA A 124 7.02 7.52 -0.88
CA ALA A 124 5.91 7.68 -1.87
C ALA A 124 4.62 7.89 -1.10
N LYS A 125 3.66 8.56 -1.69
CA LYS A 125 2.38 8.79 -0.95
C LYS A 125 1.18 8.41 -1.82
N ARG A 126 0.21 7.77 -1.23
CA ARG A 126 -1.01 7.38 -1.99
C ARG A 126 -2.23 7.80 -1.16
N ILE A 127 -3.00 8.73 -1.65
CA ILE A 127 -4.19 9.19 -0.87
C ILE A 127 -5.48 8.69 -1.50
N PHE A 128 -6.28 7.97 -0.75
CA PHE A 128 -7.57 7.47 -1.30
C PHE A 128 -8.71 8.39 -0.83
N LYS A 129 -9.90 8.13 -1.29
CA LYS A 129 -11.06 8.96 -0.89
C LYS A 129 -12.36 8.19 -1.18
N LYS A 130 -13.36 8.36 -0.36
CA LYS A 130 -14.64 7.63 -0.59
C LYS A 130 -15.05 7.79 -2.06
N ASP A 131 -15.44 6.71 -2.67
CA ASP A 131 -15.86 6.78 -4.11
C ASP A 131 -17.04 7.74 -4.25
N ALA A 1 -9.95 0.86 8.71
CA ALA A 1 -9.87 1.88 7.63
C ALA A 1 -11.28 2.42 7.34
N PHE A 2 -11.50 2.94 6.16
CA PHE A 2 -12.85 3.48 5.84
C PHE A 2 -13.86 2.34 5.81
N ASP A 3 -13.43 1.18 6.17
CA ASP A 3 -14.35 0.01 6.15
C ASP A 3 -15.28 0.13 4.93
N SER A 4 -14.72 0.23 3.75
CA SER A 4 -15.58 0.37 2.53
C SER A 4 -14.73 0.35 1.26
N THR A 5 -15.19 1.00 0.22
CA THR A 5 -14.42 1.02 -1.06
C THR A 5 -13.78 2.39 -1.28
N TRP A 6 -12.51 2.42 -1.58
CA TRP A 6 -11.80 3.71 -1.81
C TRP A 6 -10.76 3.52 -2.92
N LYS A 7 -10.34 4.56 -3.58
CA LYS A 7 -9.34 4.38 -4.66
C LYS A 7 -8.42 5.59 -4.77
N VAL A 8 -7.23 5.39 -5.26
CA VAL A 8 -6.26 6.51 -5.38
C VAL A 8 -6.95 7.75 -5.91
N ASP A 9 -7.15 8.72 -5.06
CA ASP A 9 -7.77 10.00 -5.51
C ASP A 9 -6.64 10.99 -5.77
N ARG A 10 -5.57 10.85 -5.04
CA ARG A 10 -4.39 11.75 -5.24
C ARG A 10 -3.12 11.01 -4.81
N SER A 11 -1.97 11.58 -5.06
CA SER A 11 -0.70 10.89 -4.66
C SER A 11 0.49 11.81 -4.90
N GLU A 12 1.68 11.39 -4.56
CA GLU A 12 2.87 12.26 -4.78
C GLU A 12 4.13 11.41 -4.87
N ASN A 13 5.19 11.96 -5.41
CA ASN A 13 6.47 11.20 -5.56
C ASN A 13 6.23 9.96 -6.41
N TYR A 14 6.27 8.80 -5.82
CA TYR A 14 6.06 7.55 -6.60
C TYR A 14 7.28 7.28 -7.47
N ASP A 15 7.69 8.22 -8.25
CA ASP A 15 8.88 7.98 -9.11
C ASP A 15 10.08 7.70 -8.21
N LYS A 16 10.24 8.46 -7.18
CA LYS A 16 11.38 8.21 -6.25
C LYS A 16 11.18 6.83 -5.62
N PHE A 17 9.95 6.43 -5.43
CA PHE A 17 9.68 5.09 -4.85
C PHE A 17 10.01 4.04 -5.89
N MET A 18 9.28 4.05 -6.97
CA MET A 18 9.53 3.06 -8.04
C MET A 18 10.97 3.18 -8.53
N GLU A 19 11.58 4.32 -8.35
CA GLU A 19 12.99 4.49 -8.81
C GLU A 19 13.93 3.86 -7.78
N LYS A 20 13.53 3.84 -6.53
CA LYS A 20 14.39 3.24 -5.48
C LYS A 20 14.41 1.72 -5.67
N MET A 21 13.28 1.13 -5.92
CA MET A 21 13.22 -0.34 -6.11
C MET A 21 13.96 -0.69 -7.40
N GLY A 22 14.38 0.29 -8.15
CA GLY A 22 15.12 -0.01 -9.42
C GLY A 22 14.14 -0.57 -10.45
N VAL A 23 12.91 -0.14 -10.41
CA VAL A 23 11.91 -0.65 -11.39
C VAL A 23 12.18 -0.04 -12.77
N ASN A 24 12.23 -0.84 -13.78
CA ASN A 24 12.50 -0.30 -15.15
C ASN A 24 11.54 0.87 -15.42
N ILE A 25 11.71 1.54 -16.53
CA ILE A 25 10.81 2.69 -16.84
C ILE A 25 9.54 2.16 -17.50
N VAL A 26 9.48 0.89 -17.69
CA VAL A 26 8.29 0.27 -18.33
C VAL A 26 7.21 0.07 -17.27
N LYS A 27 7.50 -0.68 -16.25
CA LYS A 27 6.49 -0.91 -15.18
C LYS A 27 6.06 0.44 -14.62
N ARG A 28 6.98 1.36 -14.50
CA ARG A 28 6.62 2.71 -13.97
C ARG A 28 5.67 3.39 -14.94
N LYS A 29 6.00 3.42 -16.20
CA LYS A 29 5.11 4.07 -17.20
C LYS A 29 3.69 3.52 -17.01
N LEU A 30 3.58 2.27 -16.69
CA LEU A 30 2.23 1.67 -16.50
C LEU A 30 1.78 1.89 -15.06
N ALA A 31 2.69 2.28 -14.24
CA ALA A 31 2.38 2.53 -12.81
C ALA A 31 1.82 3.95 -12.64
N ALA A 32 2.33 4.88 -13.38
CA ALA A 32 1.84 6.29 -13.27
C ALA A 32 0.32 6.28 -13.16
N HIS A 33 -0.33 5.39 -13.87
CA HIS A 33 -1.82 5.33 -13.80
C HIS A 33 -2.22 4.19 -12.84
N ASP A 34 -1.45 3.98 -11.81
CA ASP A 34 -1.78 2.90 -10.84
C ASP A 34 -2.86 3.39 -9.89
N ASN A 35 -3.82 4.12 -10.39
CA ASN A 35 -4.91 4.62 -9.51
C ASN A 35 -5.85 3.46 -9.16
N LEU A 36 -5.29 2.33 -8.84
CA LEU A 36 -6.14 1.14 -8.51
C LEU A 36 -7.16 1.46 -7.42
N LYS A 37 -8.08 0.54 -7.21
CA LYS A 37 -9.12 0.72 -6.17
C LYS A 37 -8.83 -0.28 -5.05
N LEU A 38 -9.15 0.06 -3.83
CA LEU A 38 -8.87 -0.89 -2.72
C LEU A 38 -10.05 -0.95 -1.75
N THR A 39 -10.57 -2.13 -1.53
CA THR A 39 -11.70 -2.28 -0.57
C THR A 39 -11.11 -2.65 0.79
N ILE A 40 -11.16 -1.75 1.73
CA ILE A 40 -10.56 -2.06 3.06
C ILE A 40 -11.65 -2.37 4.08
N THR A 41 -11.53 -3.49 4.75
CA THR A 41 -12.52 -3.86 5.78
C THR A 41 -11.78 -4.21 7.07
N GLN A 42 -12.38 -4.02 8.20
CA GLN A 42 -11.67 -4.33 9.47
C GLN A 42 -12.64 -4.97 10.47
N GLU A 43 -12.19 -5.96 11.19
CA GLU A 43 -13.09 -6.61 12.18
C GLU A 43 -12.31 -6.92 13.46
N GLY A 44 -12.11 -5.92 14.28
CA GLY A 44 -11.36 -6.13 15.56
C GLY A 44 -9.95 -6.65 15.28
N ASN A 45 -9.79 -7.94 15.19
CA ASN A 45 -8.43 -8.53 14.94
C ASN A 45 -8.40 -9.25 13.60
N LYS A 46 -9.20 -8.83 12.66
CA LYS A 46 -9.21 -9.48 11.34
C LYS A 46 -9.48 -8.42 10.29
N PHE A 47 -8.49 -8.12 9.52
CA PHE A 47 -8.65 -7.07 8.46
C PHE A 47 -8.77 -7.74 7.10
N THR A 48 -9.14 -7.02 6.09
CA THR A 48 -9.27 -7.63 4.75
C THR A 48 -9.11 -6.54 3.69
N VAL A 49 -7.98 -6.49 3.06
CA VAL A 49 -7.75 -5.46 2.01
C VAL A 49 -7.97 -6.09 0.63
N LYS A 50 -8.88 -5.56 -0.14
CA LYS A 50 -9.14 -6.14 -1.49
C LYS A 50 -8.70 -5.15 -2.57
N GLU A 51 -7.54 -5.35 -3.15
CA GLU A 51 -7.07 -4.42 -4.20
C GLU A 51 -7.81 -4.72 -5.51
N SER A 52 -7.88 -3.76 -6.40
CA SER A 52 -8.57 -4.00 -7.69
C SER A 52 -8.09 -2.97 -8.70
N SER A 53 -7.29 -3.42 -9.62
CA SER A 53 -6.77 -2.52 -10.68
C SER A 53 -6.98 -3.19 -12.03
N ALA A 54 -7.27 -2.43 -13.05
CA ALA A 54 -7.49 -3.03 -14.39
C ALA A 54 -6.21 -3.78 -14.80
N PHE A 55 -5.26 -3.91 -13.91
CA PHE A 55 -3.99 -4.60 -14.26
C PHE A 55 -3.84 -5.90 -13.46
N ARG A 56 -4.55 -6.07 -12.38
CA ARG A 56 -4.40 -7.32 -11.58
C ARG A 56 -4.96 -7.10 -10.18
N ASN A 57 -6.23 -7.32 -10.02
CA ASN A 57 -6.85 -7.12 -8.68
C ASN A 57 -6.24 -8.10 -7.68
N ILE A 58 -6.07 -7.67 -6.45
CA ILE A 58 -5.47 -8.58 -5.42
C ILE A 58 -6.25 -8.47 -4.12
N GLU A 59 -5.90 -9.29 -3.18
CA GLU A 59 -6.58 -9.26 -1.86
C GLU A 59 -5.66 -9.85 -0.79
N CYS A 60 -5.87 -9.50 0.44
CA CYS A 60 -4.99 -10.04 1.51
C CYS A 60 -5.66 -9.84 2.89
N VAL A 61 -6.12 -10.90 3.50
CA VAL A 61 -6.76 -10.78 4.82
C VAL A 61 -5.82 -11.27 5.90
N PHE A 62 -5.96 -10.77 7.08
CA PHE A 62 -5.05 -11.23 8.17
C PHE A 62 -5.33 -10.47 9.47
N GLU A 63 -4.59 -10.77 10.51
CA GLU A 63 -4.78 -10.09 11.81
C GLU A 63 -3.50 -9.32 12.17
N LEU A 64 -3.57 -8.47 13.16
CA LEU A 64 -2.36 -7.70 13.57
C LEU A 64 -1.46 -8.57 14.46
N GLY A 65 -0.17 -8.51 14.26
CA GLY A 65 0.75 -9.32 15.11
C GLY A 65 1.02 -10.67 14.42
N VAL A 66 0.86 -10.75 13.14
CA VAL A 66 1.12 -12.03 12.43
C VAL A 66 1.73 -11.75 11.06
N THR A 67 3.01 -11.95 10.92
CA THR A 67 3.66 -11.68 9.60
C THR A 67 2.95 -12.47 8.51
N PHE A 68 2.84 -11.88 7.37
CA PHE A 68 2.19 -12.55 6.21
C PHE A 68 2.81 -11.99 4.95
N ASN A 69 2.28 -12.32 3.80
CA ASN A 69 2.87 -11.80 2.55
C ASN A 69 1.77 -11.34 1.60
N CYS A 70 2.08 -10.38 0.77
CA CYS A 70 1.07 -9.88 -0.21
C CYS A 70 1.84 -9.23 -1.37
N ASN A 71 1.43 -9.48 -2.58
CA ASN A 71 2.16 -8.87 -3.73
C ASN A 71 1.54 -7.54 -4.12
N LEU A 72 2.36 -6.61 -4.52
CA LEU A 72 1.83 -5.27 -4.92
C LEU A 72 1.59 -5.27 -6.44
N ALA A 73 0.58 -4.54 -6.88
CA ALA A 73 0.28 -4.48 -8.34
C ALA A 73 1.59 -4.38 -9.13
N ASP A 74 2.58 -3.71 -8.60
CA ASP A 74 3.86 -3.57 -9.33
C ASP A 74 4.49 -4.95 -9.54
N GLY A 75 3.74 -6.00 -9.30
CA GLY A 75 4.28 -7.37 -9.49
C GLY A 75 5.34 -7.64 -8.42
N THR A 76 5.25 -7.00 -7.29
CA THR A 76 6.24 -7.22 -6.22
C THR A 76 5.68 -8.17 -5.17
N GLU A 77 6.52 -8.75 -4.37
CA GLU A 77 6.07 -9.69 -3.31
C GLU A 77 6.74 -9.30 -1.99
N LEU A 78 5.97 -8.94 -0.99
CA LEU A 78 6.60 -8.55 0.30
C LEU A 78 5.90 -9.22 1.49
N ARG A 79 6.54 -9.25 2.62
CA ARG A 79 5.93 -9.88 3.82
C ARG A 79 6.31 -9.09 5.08
N GLY A 80 5.39 -8.96 6.02
CA GLY A 80 5.69 -8.21 7.25
C GLY A 80 4.40 -8.11 8.05
N THR A 81 3.92 -6.91 8.27
CA THR A 81 2.65 -6.79 9.04
C THR A 81 2.35 -5.32 9.35
N TRP A 82 1.11 -5.01 9.61
CA TRP A 82 0.74 -3.60 9.95
C TRP A 82 0.55 -3.49 11.45
N SER A 83 0.95 -2.39 12.03
CA SER A 83 0.80 -2.22 13.50
C SER A 83 0.35 -0.80 13.77
N LEU A 84 -0.27 -0.54 14.88
CA LEU A 84 -0.71 0.85 15.14
C LEU A 84 0.36 1.51 16.02
N GLU A 85 0.86 2.64 15.60
CA GLU A 85 1.88 3.36 16.39
C GLU A 85 1.38 4.78 16.66
N GLY A 86 1.08 5.07 17.89
CA GLY A 86 0.56 6.42 18.21
C GLY A 86 -0.78 6.61 17.51
N ASN A 87 -0.81 7.38 16.45
CA ASN A 87 -2.10 7.58 15.71
C ASN A 87 -1.93 7.22 14.24
N LYS A 88 -1.12 6.24 13.93
CA LYS A 88 -0.92 5.87 12.51
C LYS A 88 -0.83 4.35 12.36
N LEU A 89 -1.26 3.82 11.25
CA LEU A 89 -1.18 2.36 11.03
C LEU A 89 0.09 2.06 10.24
N ILE A 90 1.08 1.50 10.87
CA ILE A 90 2.34 1.21 10.15
C ILE A 90 2.21 -0.04 9.29
N GLY A 91 3.12 -0.22 8.39
CA GLY A 91 3.11 -1.40 7.48
C GLY A 91 4.55 -1.78 7.16
N LYS A 92 5.11 -2.69 7.90
CA LYS A 92 6.51 -3.10 7.63
C LYS A 92 6.53 -4.20 6.60
N PHE A 93 6.89 -3.89 5.38
CA PHE A 93 6.91 -4.93 4.31
C PHE A 93 8.33 -5.13 3.80
N LYS A 94 8.70 -6.36 3.57
CA LYS A 94 10.05 -6.66 3.07
C LYS A 94 9.95 -7.40 1.74
N ARG A 95 10.52 -6.85 0.69
CA ARG A 95 10.46 -7.53 -0.62
C ARG A 95 10.97 -8.95 -0.46
N THR A 96 10.13 -9.93 -0.66
CA THR A 96 10.59 -11.35 -0.51
C THR A 96 11.57 -11.68 -1.62
N ASP A 97 11.62 -10.83 -2.57
CA ASP A 97 12.55 -11.03 -3.71
C ASP A 97 13.97 -10.66 -3.30
N ASN A 98 14.15 -9.49 -2.76
CA ASN A 98 15.51 -9.06 -2.34
C ASN A 98 15.46 -8.48 -0.92
N GLY A 99 14.38 -8.70 -0.20
CA GLY A 99 14.29 -8.15 1.18
C GLY A 99 14.75 -6.69 1.18
N ASN A 100 14.32 -5.93 0.21
CA ASN A 100 14.74 -4.50 0.15
C ASN A 100 13.96 -3.68 1.19
N GLU A 101 13.42 -4.36 2.15
CA GLU A 101 12.64 -3.69 3.24
C GLU A 101 11.72 -2.61 2.68
N LEU A 102 10.70 -2.26 3.42
CA LEU A 102 9.76 -1.20 2.98
C LEU A 102 9.03 -0.68 4.21
N ASN A 103 9.09 0.60 4.46
CA ASN A 103 8.39 1.15 5.66
C ASN A 103 7.24 2.05 5.21
N THR A 104 6.02 1.66 5.47
CA THR A 104 4.88 2.49 5.02
C THR A 104 3.95 2.83 6.20
N VAL A 105 2.94 3.61 5.93
CA VAL A 105 1.97 3.99 6.99
C VAL A 105 0.59 4.20 6.35
N ARG A 106 -0.46 3.96 7.09
CA ARG A 106 -1.83 4.14 6.51
C ARG A 106 -2.65 5.04 7.42
N GLU A 107 -3.36 5.99 6.87
CA GLU A 107 -4.19 6.90 7.72
C GLU A 107 -5.51 7.20 7.00
N ILE A 108 -6.51 7.61 7.75
CA ILE A 108 -7.81 7.93 7.13
C ILE A 108 -8.12 9.38 7.40
N ILE A 109 -7.57 10.25 6.61
CA ILE A 109 -7.80 11.70 6.83
C ILE A 109 -9.27 12.04 6.60
N GLY A 110 -10.04 11.99 7.65
CA GLY A 110 -11.49 12.32 7.54
C GLY A 110 -12.11 11.64 6.32
N ASP A 111 -11.86 12.15 5.13
CA ASP A 111 -12.47 11.54 3.92
C ASP A 111 -11.40 11.16 2.90
N GLU A 112 -10.22 10.83 3.35
CA GLU A 112 -9.14 10.44 2.40
C GLU A 112 -8.26 9.37 3.05
N LEU A 113 -7.91 8.35 2.30
CA LEU A 113 -7.04 7.28 2.90
C LEU A 113 -5.60 7.56 2.51
N VAL A 114 -4.77 7.94 3.44
CA VAL A 114 -3.36 8.26 3.09
C VAL A 114 -2.48 7.04 3.33
N GLN A 115 -1.88 6.54 2.29
CA GLN A 115 -0.97 5.36 2.45
C GLN A 115 0.41 5.77 1.95
N THR A 116 1.32 6.04 2.85
CA THR A 116 2.67 6.47 2.42
C THR A 116 3.67 5.34 2.60
N TYR A 117 4.64 5.26 1.74
CA TYR A 117 5.68 4.20 1.87
C TYR A 117 7.05 4.83 1.88
N VAL A 118 7.98 4.17 2.50
CA VAL A 118 9.37 4.68 2.56
C VAL A 118 10.28 3.64 1.94
N TYR A 119 11.32 4.06 1.33
CA TYR A 119 12.24 3.09 0.71
C TYR A 119 13.69 3.55 0.83
N GLU A 120 14.44 2.86 1.63
CA GLU A 120 15.89 3.19 1.83
C GLU A 120 16.08 4.68 2.05
N GLY A 121 15.05 5.37 2.43
CA GLY A 121 15.19 6.83 2.69
C GLY A 121 14.40 7.59 1.63
N VAL A 122 13.37 7.00 1.13
CA VAL A 122 12.53 7.67 0.12
C VAL A 122 11.12 7.68 0.64
N GLU A 123 10.23 8.28 -0.06
CA GLU A 123 8.84 8.31 0.45
C GLU A 123 7.84 8.49 -0.68
N ALA A 124 6.92 7.57 -0.82
CA ALA A 124 5.87 7.68 -1.87
C ALA A 124 4.52 7.87 -1.17
N LYS A 125 3.66 8.70 -1.69
CA LYS A 125 2.35 8.91 -1.01
C LYS A 125 1.18 8.52 -1.90
N ARG A 126 0.19 7.91 -1.33
CA ARG A 126 -1.02 7.52 -2.12
C ARG A 126 -2.26 7.90 -1.31
N ILE A 127 -3.03 8.83 -1.80
CA ILE A 127 -4.24 9.27 -1.04
C ILE A 127 -5.51 8.79 -1.72
N PHE A 128 -6.35 8.08 -1.02
CA PHE A 128 -7.63 7.60 -1.62
C PHE A 128 -8.78 8.53 -1.23
N LYS A 129 -9.94 8.25 -1.73
CA LYS A 129 -11.15 9.07 -1.42
C LYS A 129 -12.40 8.22 -1.67
N LYS A 130 -13.44 8.43 -0.91
CA LYS A 130 -14.68 7.61 -1.11
C LYS A 130 -15.03 7.55 -2.59
N ASP A 131 -15.25 6.37 -3.11
CA ASP A 131 -15.59 6.23 -4.55
C ASP A 131 -16.64 7.28 -4.92
N ALA A 1 -8.26 1.77 5.89
CA ALA A 1 -9.21 1.06 6.80
C ALA A 1 -10.56 1.77 6.77
N PHE A 2 -10.89 2.39 5.68
CA PHE A 2 -12.20 3.10 5.59
C PHE A 2 -13.33 2.10 5.73
N ASP A 3 -13.01 0.91 6.10
CA ASP A 3 -14.08 -0.13 6.24
C ASP A 3 -15.11 0.06 5.13
N SER A 4 -14.67 0.26 3.91
CA SER A 4 -15.62 0.45 2.78
C SER A 4 -14.89 0.39 1.43
N THR A 5 -15.41 1.07 0.43
CA THR A 5 -14.75 1.04 -0.91
C THR A 5 -14.10 2.39 -1.21
N TRP A 6 -12.84 2.39 -1.54
CA TRP A 6 -12.12 3.66 -1.85
C TRP A 6 -11.16 3.43 -3.01
N LYS A 7 -10.60 4.45 -3.58
CA LYS A 7 -9.67 4.24 -4.73
C LYS A 7 -8.64 5.37 -4.81
N VAL A 8 -7.43 5.05 -5.17
CA VAL A 8 -6.38 6.09 -5.28
C VAL A 8 -6.94 7.33 -5.96
N ASP A 9 -7.16 8.38 -5.20
CA ASP A 9 -7.68 9.64 -5.79
C ASP A 9 -6.49 10.55 -6.06
N ARG A 10 -5.46 10.44 -5.25
CA ARG A 10 -4.26 11.30 -5.45
C ARG A 10 -3.00 10.55 -4.98
N SER A 11 -1.84 11.02 -5.36
CA SER A 11 -0.59 10.34 -4.94
C SER A 11 0.61 11.23 -5.32
N GLU A 12 1.79 10.90 -4.86
CA GLU A 12 2.98 11.74 -5.21
C GLU A 12 4.28 11.01 -4.85
N ASN A 13 5.39 11.51 -5.33
CA ASN A 13 6.70 10.86 -5.02
C ASN A 13 6.75 9.43 -5.58
N TYR A 14 5.63 8.92 -6.00
CA TYR A 14 5.61 7.53 -6.55
C TYR A 14 6.82 7.32 -7.46
N ASP A 15 6.94 8.07 -8.50
CA ASP A 15 8.11 7.88 -9.41
C ASP A 15 9.38 7.82 -8.58
N LYS A 16 9.55 8.70 -7.64
CA LYS A 16 10.77 8.67 -6.81
C LYS A 16 10.82 7.33 -6.09
N PHE A 17 9.69 6.86 -5.63
CA PHE A 17 9.66 5.55 -4.94
C PHE A 17 9.96 4.46 -5.96
N MET A 18 9.12 4.33 -6.94
CA MET A 18 9.34 3.31 -7.99
C MET A 18 10.77 3.43 -8.49
N GLU A 19 11.32 4.61 -8.48
CA GLU A 19 12.72 4.79 -8.97
C GLU A 19 13.69 4.21 -7.93
N LYS A 20 13.30 4.24 -6.68
CA LYS A 20 14.19 3.69 -5.62
C LYS A 20 14.29 2.18 -5.79
N MET A 21 13.19 1.51 -5.95
CA MET A 21 13.22 0.03 -6.11
C MET A 21 13.98 -0.30 -7.40
N GLY A 22 14.32 0.69 -8.17
CA GLY A 22 15.06 0.43 -9.45
C GLY A 22 14.07 0.05 -10.54
N VAL A 23 12.84 0.48 -10.43
CA VAL A 23 11.82 0.15 -11.46
C VAL A 23 12.10 0.93 -12.74
N ASN A 24 12.01 0.29 -13.87
CA ASN A 24 12.27 1.00 -15.15
C ASN A 24 11.41 2.26 -15.23
N ILE A 25 11.58 3.06 -16.24
CA ILE A 25 10.77 4.30 -16.35
C ILE A 25 9.45 3.98 -17.04
N VAL A 26 9.30 2.76 -17.42
CA VAL A 26 8.04 2.34 -18.10
C VAL A 26 6.94 2.14 -17.05
N LYS A 27 7.16 1.24 -16.13
CA LYS A 27 6.15 1.01 -15.07
C LYS A 27 6.04 2.29 -14.22
N ARG A 28 7.07 3.09 -14.24
CA ARG A 28 7.05 4.35 -13.45
C ARG A 28 6.09 5.35 -14.09
N LYS A 29 6.14 5.48 -15.39
CA LYS A 29 5.23 6.44 -16.07
C LYS A 29 3.79 5.92 -16.00
N LEU A 30 3.62 4.63 -16.05
CA LEU A 30 2.24 4.06 -15.99
C LEU A 30 1.81 3.88 -14.54
N ALA A 31 2.74 3.98 -13.66
CA ALA A 31 2.43 3.82 -12.21
C ALA A 31 1.93 5.15 -11.64
N ALA A 32 2.67 6.21 -11.83
CA ALA A 32 2.23 7.52 -11.28
C ALA A 32 0.72 7.71 -11.52
N HIS A 33 0.28 7.49 -12.72
CA HIS A 33 -1.17 7.65 -13.02
C HIS A 33 -1.95 6.48 -12.43
N ASP A 34 -1.67 6.12 -11.21
CA ASP A 34 -2.39 4.98 -10.58
C ASP A 34 -3.84 5.37 -10.29
N ASN A 35 -4.76 4.50 -10.59
CA ASN A 35 -6.20 4.79 -10.34
C ASN A 35 -6.92 3.50 -9.99
N LEU A 36 -6.31 2.68 -9.16
CA LEU A 36 -6.95 1.38 -8.79
C LEU A 36 -7.95 1.57 -7.64
N LYS A 37 -8.81 0.61 -7.46
CA LYS A 37 -9.80 0.67 -6.35
C LYS A 37 -9.41 -0.33 -5.27
N LEU A 38 -9.68 -0.02 -4.03
CA LEU A 38 -9.31 -0.96 -2.94
C LEU A 38 -10.46 -1.07 -1.93
N THR A 39 -10.96 -2.25 -1.73
CA THR A 39 -12.07 -2.44 -0.75
C THR A 39 -11.45 -2.78 0.60
N ILE A 40 -11.42 -1.85 1.51
CA ILE A 40 -10.81 -2.14 2.84
C ILE A 40 -11.90 -2.49 3.85
N THR A 41 -11.85 -3.69 4.38
CA THR A 41 -12.85 -4.11 5.39
C THR A 41 -12.12 -4.47 6.68
N GLN A 42 -12.76 -4.33 7.81
CA GLN A 42 -12.09 -4.66 9.10
C GLN A 42 -12.96 -5.59 9.93
N GLU A 43 -12.37 -6.48 10.68
CA GLU A 43 -13.19 -7.41 11.52
C GLU A 43 -12.45 -7.69 12.82
N GLY A 44 -12.51 -6.78 13.77
CA GLY A 44 -11.83 -7.00 15.07
C GLY A 44 -10.31 -7.03 14.86
N ASN A 45 -9.75 -8.20 14.67
CA ASN A 45 -8.28 -8.31 14.47
C ASN A 45 -7.99 -8.98 13.13
N LYS A 46 -8.87 -8.84 12.18
CA LYS A 46 -8.63 -9.45 10.86
C LYS A 46 -9.24 -8.53 9.80
N PHE A 47 -8.39 -7.92 9.06
CA PHE A 47 -8.84 -6.97 8.00
C PHE A 47 -8.89 -7.69 6.66
N THR A 48 -9.39 -7.03 5.64
CA THR A 48 -9.46 -7.66 4.31
C THR A 48 -9.44 -6.57 3.25
N VAL A 49 -8.32 -6.41 2.61
CA VAL A 49 -8.21 -5.36 1.55
C VAL A 49 -8.32 -6.01 0.17
N LYS A 50 -9.38 -5.72 -0.54
CA LYS A 50 -9.55 -6.32 -1.89
C LYS A 50 -9.15 -5.30 -2.95
N GLU A 51 -7.97 -5.42 -3.49
CA GLU A 51 -7.53 -4.45 -4.54
C GLU A 51 -8.28 -4.74 -5.84
N SER A 52 -8.42 -3.76 -6.69
CA SER A 52 -9.13 -3.99 -7.97
C SER A 52 -8.71 -2.91 -8.96
N SER A 53 -7.92 -3.30 -9.90
CA SER A 53 -7.46 -2.34 -10.94
C SER A 53 -7.69 -2.98 -12.32
N ALA A 54 -8.04 -2.20 -13.29
CA ALA A 54 -8.27 -2.77 -14.65
C ALA A 54 -6.99 -3.46 -15.13
N PHE A 55 -6.00 -3.58 -14.27
CA PHE A 55 -4.73 -4.22 -14.69
C PHE A 55 -4.46 -5.51 -13.90
N ARG A 56 -5.08 -5.69 -12.75
CA ARG A 56 -4.81 -6.95 -11.98
C ARG A 56 -5.38 -6.81 -10.56
N ASN A 57 -6.64 -7.09 -10.41
CA ASN A 57 -7.26 -6.98 -9.06
C ASN A 57 -6.59 -7.96 -8.10
N ILE A 58 -6.42 -7.59 -6.86
CA ILE A 58 -5.76 -8.49 -5.87
C ILE A 58 -6.54 -8.48 -4.57
N GLU A 59 -6.12 -9.32 -3.66
CA GLU A 59 -6.80 -9.40 -2.33
C GLU A 59 -5.81 -9.93 -1.29
N CYS A 60 -5.87 -9.42 -0.10
CA CYS A 60 -4.91 -9.89 0.94
C CYS A 60 -5.47 -9.55 2.33
N VAL A 61 -5.47 -10.49 3.22
CA VAL A 61 -5.99 -10.22 4.59
C VAL A 61 -4.95 -9.40 5.34
N PHE A 62 -5.34 -8.80 6.43
CA PHE A 62 -4.36 -7.99 7.19
C PHE A 62 -4.68 -8.04 8.69
N GLU A 63 -3.78 -8.55 9.47
CA GLU A 63 -4.00 -8.62 10.94
C GLU A 63 -2.77 -8.04 11.64
N LEU A 64 -2.95 -7.41 12.77
CA LEU A 64 -1.76 -6.84 13.46
C LEU A 64 -1.26 -7.82 14.53
N GLY A 65 0.02 -8.08 14.54
CA GLY A 65 0.57 -9.03 15.55
C GLY A 65 0.84 -10.39 14.88
N VAL A 66 0.72 -10.46 13.59
CA VAL A 66 0.96 -11.77 12.90
C VAL A 66 1.62 -11.52 11.54
N THR A 67 2.90 -11.75 11.43
CA THR A 67 3.60 -11.52 10.13
C THR A 67 2.94 -12.35 9.04
N PHE A 68 2.91 -11.81 7.87
CA PHE A 68 2.33 -12.52 6.70
C PHE A 68 2.96 -11.95 5.45
N ASN A 69 2.47 -12.30 4.29
CA ASN A 69 3.09 -11.76 3.06
C ASN A 69 2.03 -11.51 1.99
N CYS A 70 2.27 -10.53 1.17
CA CYS A 70 1.31 -10.22 0.08
C CYS A 70 2.12 -9.62 -1.08
N ASN A 71 1.52 -9.44 -2.22
CA ASN A 71 2.29 -8.87 -3.36
C ASN A 71 1.66 -7.57 -3.84
N LEU A 72 2.45 -6.64 -4.27
CA LEU A 72 1.90 -5.35 -4.77
C LEU A 72 1.70 -5.42 -6.28
N ALA A 73 0.70 -4.75 -6.78
CA ALA A 73 0.44 -4.76 -8.25
C ALA A 73 1.75 -4.67 -9.01
N ASP A 74 2.70 -3.93 -8.51
CA ASP A 74 4.01 -3.81 -9.22
C ASP A 74 4.63 -5.21 -9.38
N GLY A 75 3.90 -6.23 -9.02
CA GLY A 75 4.45 -7.60 -9.15
C GLY A 75 5.50 -7.84 -8.07
N THR A 76 5.41 -7.14 -6.97
CA THR A 76 6.40 -7.33 -5.89
C THR A 76 5.80 -8.23 -4.81
N GLU A 77 6.64 -8.77 -3.97
CA GLU A 77 6.16 -9.65 -2.88
C GLU A 77 6.83 -9.23 -1.57
N LEU A 78 6.06 -8.92 -0.56
CA LEU A 78 6.70 -8.49 0.73
C LEU A 78 6.03 -9.20 1.93
N ARG A 79 6.66 -9.13 3.08
CA ARG A 79 6.08 -9.80 4.28
C ARG A 79 6.45 -9.01 5.54
N GLY A 80 5.55 -8.89 6.49
CA GLY A 80 5.85 -8.15 7.72
C GLY A 80 4.55 -8.02 8.51
N THR A 81 4.09 -6.83 8.72
CA THR A 81 2.81 -6.66 9.47
C THR A 81 2.56 -5.18 9.76
N TRP A 82 1.32 -4.83 10.02
CA TRP A 82 0.99 -3.42 10.35
C TRP A 82 0.78 -3.31 11.87
N SER A 83 1.18 -2.20 12.44
CA SER A 83 1.01 -2.02 13.90
C SER A 83 0.61 -0.57 14.16
N LEU A 84 -0.01 -0.27 15.26
CA LEU A 84 -0.39 1.13 15.50
C LEU A 84 0.78 1.83 16.22
N GLU A 85 1.22 2.94 15.71
CA GLU A 85 2.33 3.68 16.34
C GLU A 85 1.87 5.11 16.59
N GLY A 86 1.90 5.56 17.81
CA GLY A 86 1.42 6.94 18.08
C GLY A 86 -0.02 7.06 17.58
N ASN A 87 -0.22 7.77 16.50
CA ASN A 87 -1.61 7.91 15.97
C ASN A 87 -1.65 7.48 14.49
N LYS A 88 -0.85 6.51 14.11
CA LYS A 88 -0.86 6.07 12.69
C LYS A 88 -0.71 4.54 12.62
N LEU A 89 -1.10 3.96 11.52
CA LEU A 89 -0.96 2.48 11.38
C LEU A 89 0.31 2.18 10.58
N ILE A 90 1.32 1.66 11.22
CA ILE A 90 2.58 1.37 10.47
C ILE A 90 2.42 0.11 9.64
N GLY A 91 3.32 -0.08 8.71
CA GLY A 91 3.27 -1.28 7.84
C GLY A 91 4.70 -1.67 7.46
N LYS A 92 5.27 -2.59 8.17
CA LYS A 92 6.66 -3.00 7.86
C LYS A 92 6.63 -4.13 6.84
N PHE A 93 6.96 -3.84 5.62
CA PHE A 93 6.94 -4.90 4.56
C PHE A 93 8.34 -5.10 3.99
N LYS A 94 8.81 -6.32 4.02
CA LYS A 94 10.16 -6.62 3.49
C LYS A 94 10.02 -7.41 2.18
N ARG A 95 10.49 -6.86 1.09
CA ARG A 95 10.37 -7.58 -0.20
C ARG A 95 10.80 -9.04 -0.01
N THR A 96 9.87 -9.95 -0.18
CA THR A 96 10.22 -11.40 0.00
C THR A 96 10.86 -11.90 -1.27
N ASP A 97 10.81 -11.11 -2.26
CA ASP A 97 11.40 -11.48 -3.58
C ASP A 97 12.86 -11.00 -3.64
N ASN A 98 13.19 -9.96 -2.90
CA ASN A 98 14.58 -9.46 -2.92
C ASN A 98 15.07 -9.25 -1.49
N GLY A 99 14.25 -9.58 -0.52
CA GLY A 99 14.67 -9.40 0.90
C GLY A 99 15.14 -7.97 1.11
N ASN A 100 14.41 -7.01 0.61
CA ASN A 100 14.82 -5.60 0.78
C ASN A 100 14.22 -5.06 2.07
N GLU A 101 13.46 -4.03 1.95
CA GLU A 101 12.82 -3.41 3.15
C GLU A 101 11.89 -2.28 2.72
N LEU A 102 10.75 -2.18 3.34
CA LEU A 102 9.80 -1.09 2.98
C LEU A 102 9.09 -0.62 4.25
N ASN A 103 9.23 0.63 4.59
CA ASN A 103 8.55 1.14 5.83
C ASN A 103 7.39 2.02 5.43
N THR A 104 6.17 1.55 5.60
CA THR A 104 5.00 2.38 5.19
C THR A 104 4.07 2.65 6.37
N VAL A 105 3.06 3.43 6.13
CA VAL A 105 2.08 3.78 7.19
C VAL A 105 0.70 3.97 6.55
N ARG A 106 -0.35 3.87 7.32
CA ARG A 106 -1.71 4.04 6.74
C ARG A 106 -2.55 4.94 7.64
N GLU A 107 -3.29 5.86 7.05
CA GLU A 107 -4.14 6.77 7.86
C GLU A 107 -5.42 7.09 7.10
N ILE A 108 -6.44 7.51 7.78
CA ILE A 108 -7.72 7.82 7.11
C ILE A 108 -8.04 9.29 7.38
N ILE A 109 -7.47 10.16 6.60
CA ILE A 109 -7.73 11.60 6.81
C ILE A 109 -9.19 11.90 6.56
N GLY A 110 -10.00 11.84 7.58
CA GLY A 110 -11.45 12.14 7.43
C GLY A 110 -12.01 11.43 6.19
N ASP A 111 -11.82 11.99 5.03
CA ASP A 111 -12.37 11.37 3.79
C ASP A 111 -11.25 11.01 2.81
N GLU A 112 -10.09 10.69 3.29
CA GLU A 112 -8.98 10.32 2.37
C GLU A 112 -8.11 9.25 3.02
N LEU A 113 -7.80 8.20 2.29
CA LEU A 113 -6.93 7.13 2.88
C LEU A 113 -5.51 7.37 2.41
N VAL A 114 -4.62 7.71 3.30
CA VAL A 114 -3.23 7.98 2.86
C VAL A 114 -2.29 6.86 3.28
N GLN A 115 -1.77 6.14 2.33
CA GLN A 115 -0.81 5.05 2.65
C GLN A 115 0.57 5.49 2.18
N THR A 116 1.43 5.85 3.08
CA THR A 116 2.78 6.32 2.66
C THR A 116 3.79 5.18 2.83
N TYR A 117 4.77 5.13 1.97
CA TYR A 117 5.80 4.06 2.09
C TYR A 117 7.19 4.67 1.98
N VAL A 118 8.11 4.11 2.70
CA VAL A 118 9.51 4.60 2.66
C VAL A 118 10.35 3.55 2.01
N TYR A 119 11.37 3.96 1.34
CA TYR A 119 12.23 2.96 0.66
C TYR A 119 13.69 3.43 0.63
N GLU A 120 14.52 2.75 1.36
CA GLU A 120 15.97 3.08 1.40
C GLU A 120 16.18 4.56 1.69
N GLY A 121 15.18 5.22 2.18
CA GLY A 121 15.32 6.67 2.49
C GLY A 121 14.47 7.47 1.53
N VAL A 122 13.41 6.87 1.04
CA VAL A 122 12.52 7.59 0.11
C VAL A 122 11.14 7.59 0.73
N GLU A 123 10.22 8.23 0.10
CA GLU A 123 8.86 8.25 0.69
C GLU A 123 7.80 8.48 -0.39
N ALA A 124 6.98 7.50 -0.63
CA ALA A 124 5.89 7.67 -1.64
C ALA A 124 4.57 7.83 -0.90
N LYS A 125 3.59 8.43 -1.52
CA LYS A 125 2.29 8.61 -0.81
C LYS A 125 1.13 8.22 -1.73
N ARG A 126 0.19 7.50 -1.19
CA ARG A 126 -1.01 7.09 -1.98
C ARG A 126 -2.26 7.55 -1.24
N ILE A 127 -3.02 8.44 -1.82
CA ILE A 127 -4.25 8.93 -1.12
C ILE A 127 -5.52 8.43 -1.81
N PHE A 128 -6.37 7.77 -1.08
CA PHE A 128 -7.65 7.28 -1.68
C PHE A 128 -8.77 8.26 -1.34
N LYS A 129 -9.94 8.01 -1.86
CA LYS A 129 -11.11 8.89 -1.58
C LYS A 129 -12.39 8.08 -1.78
N LYS A 130 -13.44 8.41 -1.05
CA LYS A 130 -14.70 7.65 -1.19
C LYS A 130 -15.04 7.47 -2.68
N ASP A 131 -15.43 6.28 -3.07
CA ASP A 131 -15.78 6.04 -4.49
C ASP A 131 -17.10 6.74 -4.83
N ALA A 1 -12.11 0.29 10.30
CA ALA A 1 -11.58 1.56 9.71
C ALA A 1 -11.63 1.47 8.19
N PHE A 2 -11.65 2.59 7.52
CA PHE A 2 -11.71 2.58 6.03
C PHE A 2 -12.62 1.44 5.57
N ASP A 3 -13.62 1.14 6.34
CA ASP A 3 -14.56 0.04 5.96
C ASP A 3 -15.42 0.50 4.77
N SER A 4 -15.04 0.15 3.58
CA SER A 4 -15.84 0.57 2.39
C SER A 4 -14.99 0.47 1.12
N THR A 5 -15.44 1.06 0.05
CA THR A 5 -14.66 1.00 -1.22
C THR A 5 -13.94 2.34 -1.45
N TRP A 6 -12.74 2.30 -1.94
CA TRP A 6 -11.98 3.55 -2.17
C TRP A 6 -11.05 3.38 -3.37
N LYS A 7 -10.48 4.45 -3.87
CA LYS A 7 -9.57 4.33 -5.03
C LYS A 7 -8.57 5.48 -5.00
N VAL A 8 -7.30 5.19 -5.18
CA VAL A 8 -6.28 6.28 -5.16
C VAL A 8 -6.86 7.53 -5.82
N ASP A 9 -7.17 8.52 -5.03
CA ASP A 9 -7.72 9.78 -5.59
C ASP A 9 -6.57 10.76 -5.78
N ARG A 10 -5.54 10.64 -4.98
CA ARG A 10 -4.39 11.56 -5.12
C ARG A 10 -3.10 10.83 -4.72
N SER A 11 -1.96 11.44 -4.93
CA SER A 11 -0.67 10.79 -4.56
C SER A 11 0.47 11.78 -4.74
N GLU A 12 1.68 11.38 -4.43
CA GLU A 12 2.83 12.32 -4.57
C GLU A 12 4.11 11.54 -4.83
N ASN A 13 5.04 12.12 -5.53
CA ASN A 13 6.33 11.43 -5.83
C ASN A 13 6.06 10.13 -6.59
N TYR A 14 6.25 9.01 -5.96
CA TYR A 14 6.00 7.71 -6.65
C TYR A 14 7.13 7.40 -7.61
N ASP A 15 7.43 8.30 -8.50
CA ASP A 15 8.53 8.03 -9.46
C ASP A 15 9.84 7.86 -8.69
N LYS A 16 10.09 8.73 -7.76
CA LYS A 16 11.35 8.60 -6.97
C LYS A 16 11.25 7.34 -6.12
N PHE A 17 10.07 6.97 -5.73
CA PHE A 17 9.91 5.74 -4.91
C PHE A 17 10.14 4.52 -5.80
N MET A 18 9.39 4.40 -6.85
CA MET A 18 9.56 3.23 -7.76
C MET A 18 10.99 3.23 -8.29
N GLU A 19 11.61 4.37 -8.40
CA GLU A 19 13.00 4.43 -8.91
C GLU A 19 13.96 3.98 -7.81
N LYS A 20 13.58 4.18 -6.57
CA LYS A 20 14.47 3.77 -5.45
C LYS A 20 14.49 2.24 -5.36
N MET A 21 13.36 1.61 -5.48
CA MET A 21 13.31 0.13 -5.40
C MET A 21 14.02 -0.45 -6.64
N GLY A 22 14.41 0.39 -7.56
CA GLY A 22 15.10 -0.12 -8.78
C GLY A 22 14.06 -0.64 -9.78
N VAL A 23 12.86 -0.14 -9.71
CA VAL A 23 11.80 -0.60 -10.67
C VAL A 23 12.16 -0.15 -12.07
N ASN A 24 12.38 -1.07 -12.97
CA ASN A 24 12.74 -0.68 -14.37
C ASN A 24 11.85 0.48 -14.80
N ILE A 25 12.29 1.27 -15.75
CA ILE A 25 11.47 2.42 -16.21
C ILE A 25 10.22 1.89 -16.90
N VAL A 26 10.14 0.61 -17.03
CA VAL A 26 8.96 -0.02 -17.68
C VAL A 26 7.83 -0.13 -16.67
N LYS A 27 8.05 -0.84 -15.60
CA LYS A 27 6.98 -0.97 -14.57
C LYS A 27 6.64 0.42 -14.05
N ARG A 28 7.60 1.30 -14.03
CA ARG A 28 7.32 2.69 -13.56
C ARG A 28 6.37 3.38 -14.53
N LYS A 29 6.67 3.34 -15.80
CA LYS A 29 5.77 4.01 -16.79
C LYS A 29 4.36 3.44 -16.64
N LEU A 30 4.25 2.19 -16.32
CA LEU A 30 2.90 1.58 -16.16
C LEU A 30 2.38 1.81 -14.75
N ALA A 31 3.25 2.21 -13.90
CA ALA A 31 2.87 2.46 -12.48
C ALA A 31 2.29 3.87 -12.35
N ALA A 32 2.85 4.82 -13.06
CA ALA A 32 2.33 6.21 -12.97
C ALA A 32 0.81 6.20 -13.03
N HIS A 33 0.23 5.09 -13.43
CA HIS A 33 -1.25 5.00 -13.50
C HIS A 33 -1.82 4.98 -12.08
N ASP A 34 -1.36 5.86 -11.23
CA ASP A 34 -1.86 5.89 -9.83
C ASP A 34 -3.39 6.02 -9.83
N ASN A 35 -4.08 4.96 -10.19
CA ASN A 35 -5.56 5.01 -10.21
C ASN A 35 -6.12 3.62 -9.87
N LEU A 36 -5.54 2.96 -8.92
CA LEU A 36 -6.03 1.59 -8.56
C LEU A 36 -7.22 1.68 -7.60
N LYS A 37 -7.99 0.63 -7.54
CA LYS A 37 -9.18 0.62 -6.64
C LYS A 37 -9.04 -0.52 -5.62
N LEU A 38 -9.51 -0.34 -4.43
CA LEU A 38 -9.38 -1.42 -3.42
C LEU A 38 -10.49 -1.30 -2.36
N THR A 39 -11.00 -2.41 -1.92
CA THR A 39 -12.07 -2.38 -0.87
C THR A 39 -11.47 -2.88 0.43
N ILE A 40 -11.56 -2.11 1.49
CA ILE A 40 -10.98 -2.55 2.78
C ILE A 40 -12.07 -2.89 3.79
N THR A 41 -12.03 -4.08 4.33
CA THR A 41 -13.03 -4.49 5.34
C THR A 41 -12.30 -4.75 6.65
N GLN A 42 -12.95 -4.58 7.76
CA GLN A 42 -12.24 -4.82 9.06
C GLN A 42 -13.16 -5.59 10.01
N GLU A 43 -12.59 -6.40 10.88
CA GLU A 43 -13.42 -7.17 11.83
C GLU A 43 -12.64 -7.38 13.13
N GLY A 44 -12.59 -6.38 13.97
CA GLY A 44 -11.85 -6.52 15.26
C GLY A 44 -10.36 -6.72 14.99
N ASN A 45 -9.93 -7.95 14.85
CA ASN A 45 -8.49 -8.23 14.61
C ASN A 45 -8.32 -9.04 13.33
N LYS A 46 -9.23 -8.88 12.40
CA LYS A 46 -9.14 -9.62 11.14
C LYS A 46 -9.66 -8.70 10.04
N PHE A 47 -8.79 -8.25 9.19
CA PHE A 47 -9.20 -7.33 8.11
C PHE A 47 -9.08 -8.04 6.76
N THR A 48 -9.52 -7.41 5.71
CA THR A 48 -9.43 -8.04 4.38
C THR A 48 -9.31 -6.94 3.33
N VAL A 49 -8.13 -6.73 2.83
CA VAL A 49 -7.92 -5.68 1.81
C VAL A 49 -8.09 -6.28 0.41
N LYS A 50 -9.16 -5.94 -0.26
CA LYS A 50 -9.38 -6.50 -1.63
C LYS A 50 -8.97 -5.46 -2.67
N GLU A 51 -7.79 -5.59 -3.23
CA GLU A 51 -7.34 -4.61 -4.25
C GLU A 51 -8.02 -4.91 -5.59
N SER A 52 -8.08 -3.94 -6.46
CA SER A 52 -8.71 -4.17 -7.78
C SER A 52 -8.21 -3.12 -8.76
N SER A 53 -7.37 -3.53 -9.65
CA SER A 53 -6.82 -2.59 -10.65
C SER A 53 -7.05 -3.19 -12.04
N ALA A 54 -7.33 -2.38 -13.01
CA ALA A 54 -7.56 -2.91 -14.38
C ALA A 54 -6.32 -3.68 -14.86
N PHE A 55 -5.36 -3.89 -13.98
CA PHE A 55 -4.12 -4.61 -14.41
C PHE A 55 -3.88 -5.85 -13.54
N ARG A 56 -4.57 -6.03 -12.44
CA ARG A 56 -4.32 -7.24 -11.60
C ARG A 56 -4.93 -7.06 -10.21
N ASN A 57 -6.19 -7.36 -10.08
CA ASN A 57 -6.84 -7.21 -8.75
C ASN A 57 -6.20 -8.17 -7.76
N ILE A 58 -6.14 -7.80 -6.50
CA ILE A 58 -5.53 -8.69 -5.49
C ILE A 58 -6.34 -8.68 -4.21
N GLU A 59 -5.98 -9.50 -3.28
CA GLU A 59 -6.72 -9.56 -1.99
C GLU A 59 -5.80 -10.13 -0.90
N CYS A 60 -5.79 -9.54 0.25
CA CYS A 60 -4.91 -10.04 1.34
C CYS A 60 -5.59 -9.86 2.70
N VAL A 61 -6.02 -10.93 3.31
CA VAL A 61 -6.68 -10.83 4.64
C VAL A 61 -5.73 -11.29 5.73
N PHE A 62 -5.91 -10.80 6.92
CA PHE A 62 -5.00 -11.24 8.02
C PHE A 62 -5.30 -10.48 9.32
N GLU A 63 -4.55 -10.77 10.35
CA GLU A 63 -4.75 -10.08 11.66
C GLU A 63 -3.48 -9.32 12.01
N LEU A 64 -3.60 -8.11 12.50
CA LEU A 64 -2.39 -7.33 12.85
C LEU A 64 -1.61 -8.05 13.95
N GLY A 65 -0.30 -8.02 13.87
CA GLY A 65 0.53 -8.70 14.91
C GLY A 65 1.21 -9.94 14.31
N VAL A 66 0.58 -10.61 13.39
CA VAL A 66 1.20 -11.82 12.78
C VAL A 66 1.75 -11.50 11.40
N THR A 67 3.01 -11.76 11.18
CA THR A 67 3.61 -11.46 9.84
C THR A 67 2.88 -12.24 8.76
N PHE A 68 2.71 -11.63 7.63
CA PHE A 68 2.04 -12.31 6.50
C PHE A 68 2.65 -11.76 5.21
N ASN A 69 2.10 -12.11 4.08
CA ASN A 69 2.68 -11.60 2.81
C ASN A 69 1.58 -11.10 1.88
N CYS A 70 1.90 -10.14 1.05
CA CYS A 70 0.90 -9.61 0.09
C CYS A 70 1.66 -9.00 -1.08
N ASN A 71 1.23 -9.25 -2.28
CA ASN A 71 1.97 -8.70 -3.45
C ASN A 71 1.34 -7.38 -3.91
N LEU A 72 2.16 -6.47 -4.36
CA LEU A 72 1.63 -5.16 -4.83
C LEU A 72 1.33 -5.24 -6.33
N ALA A 73 0.32 -4.55 -6.79
CA ALA A 73 -0.02 -4.59 -8.24
C ALA A 73 1.26 -4.51 -9.07
N ASP A 74 2.23 -3.76 -8.61
CA ASP A 74 3.51 -3.65 -9.38
C ASP A 74 4.11 -5.04 -9.58
N GLY A 75 3.43 -6.06 -9.15
CA GLY A 75 3.96 -7.44 -9.31
C GLY A 75 5.04 -7.69 -8.27
N THR A 76 4.97 -7.01 -7.15
CA THR A 76 5.99 -7.20 -6.09
C THR A 76 5.43 -8.12 -5.01
N GLU A 77 6.28 -8.67 -4.20
CA GLU A 77 5.84 -9.56 -3.11
C GLU A 77 6.54 -9.16 -1.81
N LEU A 78 5.80 -8.82 -0.78
CA LEU A 78 6.47 -8.41 0.49
C LEU A 78 5.78 -9.07 1.69
N ARG A 79 6.43 -9.09 2.81
CA ARG A 79 5.82 -9.71 4.03
C ARG A 79 6.23 -8.91 5.28
N GLY A 80 5.33 -8.78 6.22
CA GLY A 80 5.64 -8.02 7.45
C GLY A 80 4.37 -7.89 8.26
N THR A 81 3.90 -6.70 8.46
CA THR A 81 2.63 -6.53 9.24
C THR A 81 2.37 -5.06 9.53
N TRP A 82 1.14 -4.74 9.80
CA TRP A 82 0.79 -3.32 10.14
C TRP A 82 0.63 -3.20 11.65
N SER A 83 1.08 -2.13 12.22
CA SER A 83 0.95 -1.95 13.69
C SER A 83 0.56 -0.51 13.99
N LEU A 84 -0.02 -0.24 15.11
CA LEU A 84 -0.39 1.16 15.40
C LEU A 84 0.73 1.79 16.22
N GLU A 85 1.25 2.90 15.77
CA GLU A 85 2.35 3.57 16.52
C GLU A 85 1.97 5.04 16.71
N GLY A 86 1.88 5.48 17.93
CA GLY A 86 1.50 6.90 18.16
C GLY A 86 0.09 7.12 17.62
N ASN A 87 -0.05 7.82 16.53
CA ASN A 87 -1.40 8.07 15.95
C ASN A 87 -1.46 7.62 14.49
N LYS A 88 -0.75 6.58 14.12
CA LYS A 88 -0.79 6.15 12.70
C LYS A 88 -0.67 4.63 12.60
N LEU A 89 -1.05 4.06 11.48
CA LEU A 89 -0.96 2.59 11.31
C LEU A 89 0.29 2.29 10.48
N ILE A 90 1.30 1.75 11.09
CA ILE A 90 2.55 1.44 10.34
C ILE A 90 2.36 0.21 9.47
N GLY A 91 3.24 0.03 8.53
CA GLY A 91 3.17 -1.14 7.61
C GLY A 91 4.59 -1.57 7.26
N LYS A 92 5.13 -2.51 7.97
CA LYS A 92 6.51 -2.96 7.67
C LYS A 92 6.47 -4.06 6.62
N PHE A 93 6.78 -3.75 5.40
CA PHE A 93 6.76 -4.79 4.33
C PHE A 93 8.17 -5.00 3.78
N LYS A 94 8.59 -6.23 3.71
CA LYS A 94 9.94 -6.52 3.17
C LYS A 94 9.81 -7.28 1.85
N ARG A 95 10.30 -6.71 0.78
CA ARG A 95 10.21 -7.39 -0.53
C ARG A 95 10.73 -8.82 -0.41
N THR A 96 9.87 -9.79 -0.59
CA THR A 96 10.31 -11.20 -0.48
C THR A 96 10.91 -11.64 -1.80
N ASP A 97 10.72 -10.83 -2.77
CA ASP A 97 11.25 -11.13 -4.13
C ASP A 97 12.66 -10.53 -4.27
N ASN A 98 12.97 -9.54 -3.48
CA ASN A 98 14.32 -8.91 -3.58
C ASN A 98 14.90 -8.77 -2.17
N GLY A 99 14.17 -9.17 -1.18
CA GLY A 99 14.68 -9.06 0.21
C GLY A 99 15.09 -7.61 0.49
N ASN A 100 14.30 -6.66 0.07
CA ASN A 100 14.64 -5.25 0.31
C ASN A 100 14.01 -4.79 1.61
N GLU A 101 13.22 -3.77 1.53
CA GLU A 101 12.55 -3.24 2.75
C GLU A 101 11.58 -2.12 2.37
N LEU A 102 10.43 -2.10 2.98
CA LEU A 102 9.43 -1.04 2.68
C LEU A 102 8.84 -0.54 4.00
N ASN A 103 9.14 0.67 4.39
CA ASN A 103 8.58 1.19 5.66
C ASN A 103 7.46 2.17 5.32
N THR A 104 6.23 1.80 5.55
CA THR A 104 5.11 2.71 5.18
C THR A 104 4.23 3.06 6.38
N VAL A 105 3.27 3.90 6.15
CA VAL A 105 2.33 4.31 7.23
C VAL A 105 0.95 4.55 6.60
N ARG A 106 -0.11 4.28 7.34
CA ARG A 106 -1.47 4.48 6.77
C ARG A 106 -2.28 5.42 7.65
N GLU A 107 -2.93 6.39 7.06
CA GLU A 107 -3.74 7.35 7.85
C GLU A 107 -5.12 7.48 7.19
N ILE A 108 -6.11 7.92 7.91
CA ILE A 108 -7.46 8.05 7.32
C ILE A 108 -7.92 9.49 7.53
N ILE A 109 -7.50 10.37 6.67
CA ILE A 109 -7.92 11.79 6.83
C ILE A 109 -9.43 11.89 6.63
N GLY A 110 -10.16 11.80 7.70
CA GLY A 110 -11.65 11.90 7.60
C GLY A 110 -12.17 10.89 6.56
N ASP A 111 -12.13 11.24 5.31
CA ASP A 111 -12.63 10.32 4.25
C ASP A 111 -11.55 10.06 3.21
N GLU A 112 -10.31 10.11 3.60
CA GLU A 112 -9.21 9.87 2.63
C GLU A 112 -8.16 8.96 3.28
N LEU A 113 -7.63 8.00 2.56
CA LEU A 113 -6.61 7.11 3.16
C LEU A 113 -5.23 7.50 2.66
N VAL A 114 -4.40 8.02 3.52
CA VAL A 114 -3.04 8.41 3.08
C VAL A 114 -2.07 7.28 3.39
N GLN A 115 -1.59 6.61 2.38
CA GLN A 115 -0.63 5.50 2.62
C GLN A 115 0.74 5.89 2.09
N THR A 116 1.65 6.25 2.96
CA THR A 116 3.00 6.66 2.48
C THR A 116 3.97 5.52 2.70
N TYR A 117 4.89 5.35 1.79
CA TYR A 117 5.90 4.27 1.94
C TYR A 117 7.30 4.86 1.85
N VAL A 118 8.21 4.29 2.56
CA VAL A 118 9.62 4.78 2.52
C VAL A 118 10.48 3.70 1.92
N TYR A 119 11.52 4.08 1.27
CA TYR A 119 12.40 3.07 0.65
C TYR A 119 13.87 3.50 0.73
N GLU A 120 14.62 2.81 1.53
CA GLU A 120 16.08 3.11 1.68
C GLU A 120 16.30 4.60 1.91
N GLY A 121 15.28 5.30 2.30
CA GLY A 121 15.44 6.76 2.55
C GLY A 121 14.65 7.54 1.51
N VAL A 122 13.60 6.95 1.01
CA VAL A 122 12.77 7.66 0.02
C VAL A 122 11.38 7.71 0.56
N GLU A 123 10.49 8.36 -0.11
CA GLU A 123 9.11 8.41 0.43
C GLU A 123 8.09 8.67 -0.67
N ALA A 124 7.13 7.80 -0.80
CA ALA A 124 6.06 8.00 -1.82
C ALA A 124 4.72 8.09 -1.09
N LYS A 125 3.74 8.77 -1.64
CA LYS A 125 2.44 8.88 -0.92
C LYS A 125 1.27 8.56 -1.86
N ARG A 126 0.29 7.87 -1.34
CA ARG A 126 -0.91 7.51 -2.15
C ARG A 126 -2.16 7.82 -1.31
N ILE A 127 -2.95 8.78 -1.70
CA ILE A 127 -4.15 9.13 -0.89
C ILE A 127 -5.42 8.61 -1.55
N PHE A 128 -6.19 7.83 -0.83
CA PHE A 128 -7.47 7.31 -1.40
C PHE A 128 -8.62 8.21 -0.98
N LYS A 129 -9.80 7.91 -1.46
CA LYS A 129 -11.00 8.73 -1.11
C LYS A 129 -12.26 7.96 -1.48
N LYS A 130 -13.33 8.14 -0.76
CA LYS A 130 -14.59 7.41 -1.08
C LYS A 130 -14.88 7.52 -2.58
N ASP A 131 -15.22 6.43 -3.21
CA ASP A 131 -15.51 6.48 -4.67
C ASP A 131 -16.86 7.17 -4.90
N ALA A 1 -8.05 1.80 5.47
CA ALA A 1 -8.96 1.15 6.47
C ALA A 1 -10.29 1.91 6.51
N PHE A 2 -10.71 2.46 5.42
CA PHE A 2 -12.00 3.20 5.41
C PHE A 2 -13.14 2.22 5.59
N ASP A 3 -12.84 1.04 6.00
CA ASP A 3 -13.92 0.02 6.16
C ASP A 3 -14.91 0.15 5.00
N SER A 4 -14.42 0.21 3.78
CA SER A 4 -15.34 0.36 2.62
C SER A 4 -14.55 0.27 1.30
N THR A 5 -15.06 0.90 0.26
CA THR A 5 -14.36 0.85 -1.07
C THR A 5 -13.71 2.21 -1.37
N TRP A 6 -12.46 2.20 -1.72
CA TRP A 6 -11.76 3.49 -2.02
C TRP A 6 -10.79 3.26 -3.19
N LYS A 7 -10.25 4.30 -3.77
CA LYS A 7 -9.34 4.09 -4.93
C LYS A 7 -8.33 5.25 -5.03
N VAL A 8 -7.10 4.94 -5.32
CA VAL A 8 -6.07 6.01 -5.44
C VAL A 8 -6.66 7.23 -6.15
N ASP A 9 -6.90 8.27 -5.41
CA ASP A 9 -7.46 9.51 -6.02
C ASP A 9 -6.30 10.46 -6.31
N ARG A 10 -5.28 10.42 -5.49
CA ARG A 10 -4.11 11.31 -5.71
C ARG A 10 -2.85 10.63 -5.16
N SER A 11 -1.70 11.26 -5.31
CA SER A 11 -0.44 10.66 -4.80
C SER A 11 0.70 11.68 -4.91
N GLU A 12 1.88 11.33 -4.47
CA GLU A 12 3.01 12.31 -4.55
C GLU A 12 4.34 11.55 -4.71
N ASN A 13 5.28 12.15 -5.38
CA ASN A 13 6.60 11.49 -5.58
C ASN A 13 6.42 10.20 -6.40
N TYR A 14 6.47 9.06 -5.77
CA TYR A 14 6.30 7.78 -6.52
C TYR A 14 7.49 7.54 -7.42
N ASP A 15 7.95 8.55 -8.12
CA ASP A 15 9.12 8.34 -9.01
C ASP A 15 10.33 7.98 -8.16
N LYS A 16 10.57 8.71 -7.11
CA LYS A 16 11.71 8.38 -6.22
C LYS A 16 11.49 6.98 -5.66
N PHE A 17 10.26 6.65 -5.36
CA PHE A 17 9.95 5.31 -4.83
C PHE A 17 10.15 4.29 -5.94
N MET A 18 9.38 4.39 -6.98
CA MET A 18 9.51 3.45 -8.11
C MET A 18 10.96 3.47 -8.60
N GLU A 19 11.66 4.56 -8.38
CA GLU A 19 13.08 4.62 -8.84
C GLU A 19 13.96 3.87 -7.86
N LYS A 20 13.55 3.78 -6.62
CA LYS A 20 14.37 3.05 -5.61
C LYS A 20 14.27 1.55 -5.89
N MET A 21 13.10 1.05 -6.16
CA MET A 21 12.95 -0.40 -6.45
C MET A 21 13.64 -0.71 -7.77
N GLY A 22 14.10 0.29 -8.47
CA GLY A 22 14.79 0.05 -9.77
C GLY A 22 13.75 -0.27 -10.85
N VAL A 23 12.58 0.30 -10.73
CA VAL A 23 11.53 0.04 -11.76
C VAL A 23 11.82 0.84 -13.02
N ASN A 24 11.29 0.43 -14.14
CA ASN A 24 11.53 1.19 -15.40
C ASN A 24 10.70 2.47 -15.40
N ILE A 25 10.86 3.30 -16.40
CA ILE A 25 10.08 4.56 -16.44
C ILE A 25 8.71 4.29 -17.06
N VAL A 26 8.50 3.07 -17.44
CA VAL A 26 7.20 2.69 -18.06
C VAL A 26 6.16 2.52 -16.96
N LYS A 27 6.40 1.63 -16.05
CA LYS A 27 5.42 1.41 -14.93
C LYS A 27 5.35 2.70 -14.11
N ARG A 28 6.40 3.46 -14.10
CA ARG A 28 6.40 4.73 -13.31
C ARG A 28 5.48 5.74 -13.99
N LYS A 29 5.53 5.83 -15.29
CA LYS A 29 4.65 6.79 -16.00
C LYS A 29 3.19 6.38 -15.84
N LEU A 30 2.93 5.10 -15.82
CA LEU A 30 1.52 4.63 -15.66
C LEU A 30 1.16 4.57 -14.19
N ALA A 31 2.14 4.65 -13.36
CA ALA A 31 1.91 4.59 -11.89
C ALA A 31 1.37 5.94 -11.39
N ALA A 32 1.99 7.02 -11.80
CA ALA A 32 1.52 8.36 -11.35
C ALA A 32 0.02 8.50 -11.64
N HIS A 33 -0.34 8.50 -12.88
CA HIS A 33 -1.78 8.63 -13.24
C HIS A 33 -2.49 7.29 -13.03
N ASP A 34 -2.25 6.66 -11.92
CA ASP A 34 -2.89 5.34 -11.67
C ASP A 34 -4.23 5.55 -10.95
N ASN A 35 -5.10 4.57 -11.01
CA ASN A 35 -6.42 4.70 -10.34
C ASN A 35 -6.80 3.35 -9.75
N LEU A 36 -5.87 2.67 -9.13
CA LEU A 36 -6.17 1.34 -8.53
C LEU A 36 -7.36 1.44 -7.57
N LYS A 37 -8.14 0.39 -7.49
CA LYS A 37 -9.32 0.39 -6.57
C LYS A 37 -9.13 -0.73 -5.54
N LEU A 38 -9.49 -0.48 -4.30
CA LEU A 38 -9.31 -1.53 -3.27
C LEU A 38 -10.42 -1.44 -2.23
N THR A 39 -10.75 -2.53 -1.60
CA THR A 39 -11.81 -2.53 -0.56
C THR A 39 -11.16 -2.88 0.78
N ILE A 40 -11.07 -1.93 1.67
CA ILE A 40 -10.43 -2.20 2.98
C ILE A 40 -11.50 -2.48 4.05
N THR A 41 -11.48 -3.65 4.62
CA THR A 41 -12.46 -3.98 5.68
C THR A 41 -11.71 -4.23 6.98
N GLN A 42 -12.33 -4.00 8.11
CA GLN A 42 -11.63 -4.22 9.40
C GLN A 42 -12.56 -4.95 10.37
N GLU A 43 -12.05 -5.89 11.13
CA GLU A 43 -12.92 -6.61 12.09
C GLU A 43 -12.15 -6.81 13.41
N GLY A 44 -12.09 -5.79 14.21
CA GLY A 44 -11.37 -5.91 15.52
C GLY A 44 -9.98 -6.52 15.32
N ASN A 45 -9.89 -7.82 15.22
CA ASN A 45 -8.56 -8.48 15.05
C ASN A 45 -8.50 -9.24 13.74
N LYS A 46 -9.22 -8.80 12.75
CA LYS A 46 -9.20 -9.49 11.44
C LYS A 46 -9.58 -8.49 10.37
N PHE A 47 -8.65 -8.13 9.55
CA PHE A 47 -8.92 -7.14 8.48
C PHE A 47 -8.94 -7.86 7.12
N THR A 48 -9.29 -7.15 6.08
CA THR A 48 -9.34 -7.79 4.75
C THR A 48 -9.18 -6.71 3.68
N VAL A 49 -8.02 -6.62 3.10
CA VAL A 49 -7.79 -5.60 2.05
C VAL A 49 -7.97 -6.24 0.67
N LYS A 50 -9.03 -5.90 -0.02
CA LYS A 50 -9.25 -6.50 -1.37
C LYS A 50 -8.81 -5.51 -2.45
N GLU A 51 -7.64 -5.69 -2.99
CA GLU A 51 -7.17 -4.75 -4.06
C GLU A 51 -7.94 -5.02 -5.34
N SER A 52 -8.03 -4.06 -6.22
CA SER A 52 -8.76 -4.27 -7.48
C SER A 52 -8.35 -3.20 -8.49
N SER A 53 -7.58 -3.60 -9.45
CA SER A 53 -7.12 -2.67 -10.50
C SER A 53 -7.18 -3.37 -11.85
N ALA A 54 -7.50 -2.67 -12.89
CA ALA A 54 -7.57 -3.33 -14.23
C ALA A 54 -6.23 -3.99 -14.55
N PHE A 55 -5.33 -4.02 -13.59
CA PHE A 55 -4.00 -4.63 -13.86
C PHE A 55 -3.86 -5.99 -13.13
N ARG A 56 -4.62 -6.21 -12.07
CA ARG A 56 -4.50 -7.50 -11.35
C ARG A 56 -5.07 -7.33 -9.94
N ASN A 57 -6.34 -7.54 -9.80
CA ASN A 57 -6.97 -7.40 -8.45
C ASN A 57 -6.37 -8.43 -7.48
N ILE A 58 -6.24 -8.06 -6.23
CA ILE A 58 -5.65 -8.99 -5.24
C ILE A 58 -6.42 -8.89 -3.93
N GLU A 59 -6.09 -9.73 -3.00
CA GLU A 59 -6.78 -9.71 -1.68
C GLU A 59 -5.86 -10.27 -0.60
N CYS A 60 -5.91 -9.72 0.59
CA CYS A 60 -5.03 -10.22 1.67
C CYS A 60 -5.72 -10.01 3.02
N VAL A 61 -6.19 -11.06 3.65
CA VAL A 61 -6.86 -10.92 4.96
C VAL A 61 -5.96 -11.43 6.06
N PHE A 62 -6.10 -10.91 7.23
CA PHE A 62 -5.25 -11.39 8.36
C PHE A 62 -5.52 -10.57 9.62
N GLU A 63 -4.82 -10.88 10.69
CA GLU A 63 -5.00 -10.15 11.97
C GLU A 63 -3.79 -9.24 12.21
N LEU A 64 -3.88 -8.34 13.15
CA LEU A 64 -2.74 -7.43 13.43
C LEU A 64 -1.69 -8.15 14.27
N GLY A 65 -0.45 -8.11 13.87
CA GLY A 65 0.62 -8.78 14.67
C GLY A 65 1.07 -10.07 13.98
N VAL A 66 0.19 -10.71 13.26
CA VAL A 66 0.58 -11.98 12.58
C VAL A 66 1.25 -11.66 11.23
N THR A 67 2.53 -11.92 11.13
CA THR A 67 3.23 -11.65 9.84
C THR A 67 2.56 -12.42 8.72
N PHE A 68 2.50 -11.83 7.57
CA PHE A 68 1.89 -12.51 6.41
C PHE A 68 2.57 -11.98 5.15
N ASN A 69 2.07 -12.32 4.00
CA ASN A 69 2.71 -11.83 2.76
C ASN A 69 1.65 -11.40 1.75
N CYS A 70 1.98 -10.45 0.93
CA CYS A 70 1.02 -9.96 -0.09
C CYS A 70 1.82 -9.32 -1.22
N ASN A 71 1.46 -9.58 -2.45
CA ASN A 71 2.22 -8.98 -3.57
C ASN A 71 1.60 -7.66 -4.01
N LEU A 72 2.41 -6.72 -4.40
CA LEU A 72 1.87 -5.40 -4.85
C LEU A 72 1.71 -5.42 -6.37
N ALA A 73 0.72 -4.73 -6.87
CA ALA A 73 0.50 -4.69 -8.35
C ALA A 73 1.84 -4.57 -9.07
N ASP A 74 2.82 -3.98 -8.44
CA ASP A 74 4.14 -3.84 -9.10
C ASP A 74 4.77 -5.23 -9.26
N GLY A 75 3.98 -6.26 -9.16
CA GLY A 75 4.52 -7.63 -9.31
C GLY A 75 5.55 -7.89 -8.20
N THR A 76 5.42 -7.22 -7.09
CA THR A 76 6.38 -7.40 -5.98
C THR A 76 5.77 -8.33 -4.93
N GLU A 77 6.58 -8.89 -4.09
CA GLU A 77 6.08 -9.79 -3.02
C GLU A 77 6.72 -9.41 -1.69
N LEU A 78 5.94 -9.04 -0.71
CA LEU A 78 6.55 -8.63 0.60
C LEU A 78 5.80 -9.29 1.76
N ARG A 79 6.42 -9.33 2.92
CA ARG A 79 5.76 -9.95 4.10
C ARG A 79 6.12 -9.17 5.37
N GLY A 80 5.19 -9.01 6.27
CA GLY A 80 5.46 -8.27 7.51
C GLY A 80 4.15 -8.11 8.26
N THR A 81 3.69 -6.90 8.43
CA THR A 81 2.40 -6.70 9.15
C THR A 81 2.16 -5.23 9.45
N TRP A 82 0.91 -4.86 9.63
CA TRP A 82 0.60 -3.43 9.95
C TRP A 82 0.32 -3.31 11.45
N SER A 83 0.72 -2.22 12.05
CA SER A 83 0.47 -2.07 13.51
C SER A 83 0.17 -0.60 13.82
N LEU A 84 -0.51 -0.32 14.88
CA LEU A 84 -0.81 1.10 15.16
C LEU A 84 0.33 1.73 15.95
N GLU A 85 0.93 2.73 15.38
CA GLU A 85 2.05 3.43 16.06
C GLU A 85 1.56 4.82 16.48
N GLY A 86 1.29 5.00 17.73
CA GLY A 86 0.78 6.33 18.18
C GLY A 86 -0.58 6.57 17.53
N ASN A 87 -0.63 7.36 16.50
CA ASN A 87 -1.94 7.61 15.82
C ASN A 87 -1.84 7.26 14.33
N LYS A 88 -1.07 6.28 13.98
CA LYS A 88 -0.94 5.92 12.53
C LYS A 88 -0.89 4.39 12.38
N LEU A 89 -1.24 3.91 11.22
CA LEU A 89 -1.20 2.42 11.00
C LEU A 89 0.08 2.10 10.23
N ILE A 90 1.08 1.60 10.92
CA ILE A 90 2.35 1.27 10.21
C ILE A 90 2.18 0.04 9.33
N GLY A 91 3.09 -0.15 8.43
CA GLY A 91 3.03 -1.32 7.51
C GLY A 91 4.47 -1.74 7.20
N LYS A 92 4.98 -2.70 7.91
CA LYS A 92 6.37 -3.15 7.68
C LYS A 92 6.34 -4.28 6.64
N PHE A 93 6.73 -3.99 5.44
CA PHE A 93 6.72 -5.03 4.37
C PHE A 93 8.15 -5.27 3.87
N LYS A 94 8.57 -6.50 3.92
CA LYS A 94 9.94 -6.83 3.44
C LYS A 94 9.84 -7.53 2.09
N ARG A 95 10.37 -6.93 1.07
CA ARG A 95 10.30 -7.58 -0.28
C ARG A 95 10.88 -9.00 -0.17
N THR A 96 10.08 -10.00 -0.37
CA THR A 96 10.61 -11.38 -0.26
C THR A 96 11.48 -11.69 -1.46
N ASP A 97 11.39 -10.84 -2.42
CA ASP A 97 12.20 -11.01 -3.66
C ASP A 97 13.63 -10.52 -3.42
N ASN A 98 13.78 -9.37 -2.83
CA ASN A 98 15.14 -8.83 -2.58
C ASN A 98 15.25 -8.33 -1.13
N GLY A 99 14.25 -8.56 -0.32
CA GLY A 99 14.31 -8.09 1.09
C GLY A 99 14.81 -6.65 1.12
N ASN A 100 14.34 -5.82 0.22
CA ASN A 100 14.80 -4.41 0.19
C ASN A 100 14.08 -3.63 1.30
N GLU A 101 13.45 -4.33 2.18
CA GLU A 101 12.74 -3.67 3.31
C GLU A 101 11.86 -2.51 2.81
N LEU A 102 10.61 -2.49 3.19
CA LEU A 102 9.70 -1.39 2.78
C LEU A 102 9.01 -0.85 4.03
N ASN A 103 9.18 0.41 4.32
CA ASN A 103 8.53 0.97 5.54
C ASN A 103 7.38 1.89 5.12
N THR A 104 6.16 1.46 5.31
CA THR A 104 5.01 2.30 4.89
C THR A 104 4.08 2.60 6.07
N VAL A 105 3.07 3.40 5.82
CA VAL A 105 2.11 3.75 6.90
C VAL A 105 0.72 3.95 6.26
N ARG A 106 -0.33 3.87 7.04
CA ARG A 106 -1.69 4.06 6.46
C ARG A 106 -2.48 5.05 7.32
N GLU A 107 -3.19 5.96 6.70
CA GLU A 107 -3.97 6.94 7.49
C GLU A 107 -5.34 7.16 6.81
N ILE A 108 -6.31 7.64 7.54
CA ILE A 108 -7.64 7.88 6.95
C ILE A 108 -7.96 9.35 7.16
N ILE A 109 -7.48 10.18 6.30
CA ILE A 109 -7.73 11.63 6.46
C ILE A 109 -9.20 11.92 6.21
N GLY A 110 -9.98 11.90 7.24
CA GLY A 110 -11.45 12.18 7.10
C GLY A 110 -12.00 11.51 5.84
N ASP A 111 -11.81 12.10 4.69
CA ASP A 111 -12.35 11.49 3.44
C ASP A 111 -11.23 11.13 2.48
N GLU A 112 -10.07 10.82 2.97
CA GLU A 112 -8.95 10.43 2.06
C GLU A 112 -8.08 9.39 2.76
N LEU A 113 -7.71 8.35 2.06
CA LEU A 113 -6.85 7.31 2.70
C LEU A 113 -5.41 7.55 2.29
N VAL A 114 -4.56 7.87 3.22
CA VAL A 114 -3.15 8.16 2.86
C VAL A 114 -2.27 6.94 3.15
N GLN A 115 -1.68 6.37 2.14
CA GLN A 115 -0.78 5.21 2.34
C GLN A 115 0.62 5.62 1.88
N THR A 116 1.50 5.90 2.80
CA THR A 116 2.87 6.34 2.40
C THR A 116 3.85 5.18 2.56
N TYR A 117 4.85 5.14 1.74
CA TYR A 117 5.87 4.06 1.84
C TYR A 117 7.26 4.67 1.87
N VAL A 118 8.17 3.99 2.49
CA VAL A 118 9.57 4.47 2.55
C VAL A 118 10.44 3.44 1.89
N TYR A 119 11.49 3.87 1.28
CA TYR A 119 12.38 2.90 0.61
C TYR A 119 13.85 3.32 0.73
N GLU A 120 14.59 2.58 1.48
CA GLU A 120 16.05 2.87 1.67
C GLU A 120 16.27 4.34 1.96
N GLY A 121 15.26 5.03 2.40
CA GLY A 121 15.43 6.47 2.73
C GLY A 121 14.65 7.31 1.73
N VAL A 122 13.59 6.75 1.21
CA VAL A 122 12.77 7.51 0.25
C VAL A 122 11.36 7.53 0.79
N GLU A 123 10.48 8.19 0.14
CA GLU A 123 9.09 8.22 0.66
C GLU A 123 8.08 8.49 -0.45
N ALA A 124 7.18 7.58 -0.67
CA ALA A 124 6.14 7.79 -1.71
C ALA A 124 4.78 7.96 -1.02
N LYS A 125 3.88 8.72 -1.58
CA LYS A 125 2.57 8.91 -0.89
C LYS A 125 1.42 8.54 -1.83
N ARG A 126 0.43 7.86 -1.30
CA ARG A 126 -0.76 7.49 -2.13
C ARG A 126 -2.01 7.95 -1.38
N ILE A 127 -2.87 8.68 -2.02
CA ILE A 127 -4.10 9.16 -1.33
C ILE A 127 -5.36 8.61 -2.00
N PHE A 128 -6.19 7.93 -1.25
CA PHE A 128 -7.45 7.39 -1.85
C PHE A 128 -8.60 8.33 -1.55
N LYS A 129 -9.76 8.03 -2.06
CA LYS A 129 -10.96 8.87 -1.82
C LYS A 129 -12.22 8.01 -1.99
N LYS A 130 -13.21 8.23 -1.18
CA LYS A 130 -14.46 7.41 -1.28
C LYS A 130 -14.90 7.33 -2.74
N ASP A 131 -15.21 6.16 -3.21
CA ASP A 131 -15.65 6.02 -4.63
C ASP A 131 -16.39 4.69 -4.80
N ALA A 1 -7.82 2.90 6.17
CA ALA A 1 -8.61 1.84 6.85
C ALA A 1 -10.08 2.26 6.92
N PHE A 2 -10.55 2.93 5.91
CA PHE A 2 -11.98 3.37 5.91
C PHE A 2 -12.88 2.16 6.04
N ASP A 3 -12.31 1.03 6.30
CA ASP A 3 -13.13 -0.20 6.42
C ASP A 3 -14.25 -0.17 5.36
N SER A 4 -13.91 0.08 4.12
CA SER A 4 -14.96 0.15 3.05
C SER A 4 -14.31 0.18 1.67
N THR A 5 -14.95 0.83 0.73
CA THR A 5 -14.39 0.89 -0.65
C THR A 5 -13.76 2.27 -0.90
N TRP A 6 -12.54 2.30 -1.38
CA TRP A 6 -11.86 3.61 -1.64
C TRP A 6 -10.91 3.45 -2.84
N LYS A 7 -10.42 4.52 -3.38
CA LYS A 7 -9.50 4.39 -4.55
C LYS A 7 -8.53 5.57 -4.62
N VAL A 8 -7.29 5.30 -4.95
CA VAL A 8 -6.29 6.39 -5.05
C VAL A 8 -6.87 7.57 -5.80
N ASP A 9 -7.16 8.64 -5.10
CA ASP A 9 -7.70 9.85 -5.76
C ASP A 9 -6.55 10.83 -5.93
N ARG A 10 -5.59 10.78 -5.05
CA ARG A 10 -4.42 11.70 -5.16
C ARG A 10 -3.15 10.97 -4.77
N SER A 11 -2.01 11.57 -4.97
CA SER A 11 -0.72 10.90 -4.61
C SER A 11 0.44 11.88 -4.80
N GLU A 12 1.64 11.47 -4.49
CA GLU A 12 2.81 12.39 -4.65
C GLU A 12 4.09 11.58 -4.82
N ASN A 13 5.09 12.17 -5.42
CA ASN A 13 6.38 11.44 -5.62
C ASN A 13 6.15 10.17 -6.44
N TYR A 14 6.26 9.02 -5.82
CA TYR A 14 6.03 7.76 -6.56
C TYR A 14 7.21 7.47 -7.49
N ASP A 15 7.58 8.41 -8.30
CA ASP A 15 8.73 8.16 -9.22
C ASP A 15 9.97 7.87 -8.38
N LYS A 16 10.25 8.69 -7.40
CA LYS A 16 11.43 8.43 -6.55
C LYS A 16 11.25 7.08 -5.88
N PHE A 17 10.04 6.72 -5.57
CA PHE A 17 9.78 5.41 -4.92
C PHE A 17 10.00 4.32 -5.96
N MET A 18 9.21 4.32 -6.99
CA MET A 18 9.36 3.30 -8.06
C MET A 18 10.79 3.33 -8.59
N GLU A 19 11.48 4.43 -8.42
CA GLU A 19 12.88 4.52 -8.93
C GLU A 19 13.80 3.80 -7.95
N LYS A 20 13.50 3.85 -6.68
CA LYS A 20 14.36 3.17 -5.68
C LYS A 20 14.26 1.66 -5.86
N MET A 21 13.07 1.16 -6.08
CA MET A 21 12.92 -0.31 -6.27
C MET A 21 13.61 -0.72 -7.56
N GLY A 22 14.06 0.24 -8.34
CA GLY A 22 14.73 -0.09 -9.62
C GLY A 22 13.69 -0.49 -10.66
N VAL A 23 12.48 -0.01 -10.52
CA VAL A 23 11.41 -0.36 -11.51
C VAL A 23 11.77 0.23 -12.87
N ASN A 24 11.86 -0.60 -13.87
CA ASN A 24 12.20 -0.09 -15.23
C ASN A 24 11.39 1.18 -15.52
N ILE A 25 11.73 1.89 -16.55
CA ILE A 25 10.97 3.14 -16.87
C ILE A 25 9.67 2.77 -17.55
N VAL A 26 9.47 1.52 -17.76
CA VAL A 26 8.22 1.04 -18.42
C VAL A 26 7.13 0.93 -17.37
N LYS A 27 7.33 0.11 -16.38
CA LYS A 27 6.30 -0.03 -15.31
C LYS A 27 6.13 1.31 -14.62
N ARG A 28 7.18 2.10 -14.55
CA ARG A 28 7.08 3.42 -13.90
C ARG A 28 6.21 4.34 -14.76
N LYS A 29 6.45 4.37 -16.04
CA LYS A 29 5.64 5.23 -16.94
C LYS A 29 4.16 4.88 -16.78
N LEU A 30 3.87 3.61 -16.63
CA LEU A 30 2.44 3.19 -16.47
C LEU A 30 2.04 3.30 -15.00
N ALA A 31 3.00 3.44 -14.17
CA ALA A 31 2.73 3.55 -12.70
C ALA A 31 2.05 4.89 -12.41
N ALA A 32 2.59 5.96 -12.92
CA ALA A 32 1.98 7.29 -12.66
C ALA A 32 0.46 7.19 -12.74
N HIS A 33 -0.04 6.18 -13.41
CA HIS A 33 -1.52 6.03 -13.51
C HIS A 33 -2.09 5.65 -12.15
N ASP A 34 -1.54 6.20 -11.10
CA ASP A 34 -2.04 5.87 -9.73
C ASP A 34 -3.56 6.07 -9.68
N ASN A 35 -4.31 5.08 -10.08
CA ASN A 35 -5.79 5.21 -10.05
C ASN A 35 -6.41 3.82 -9.76
N LEU A 36 -5.84 3.10 -8.84
CA LEU A 36 -6.38 1.75 -8.53
C LEU A 36 -7.44 1.84 -7.42
N LYS A 37 -8.24 0.82 -7.30
CA LYS A 37 -9.31 0.80 -6.25
C LYS A 37 -8.90 -0.19 -5.16
N LEU A 38 -9.22 0.10 -3.93
CA LEU A 38 -8.84 -0.84 -2.83
C LEU A 38 -9.98 -0.97 -1.83
N THR A 39 -10.44 -2.17 -1.60
CA THR A 39 -11.55 -2.36 -0.62
C THR A 39 -10.94 -2.79 0.71
N ILE A 40 -10.88 -1.90 1.67
CA ILE A 40 -10.28 -2.27 2.98
C ILE A 40 -11.38 -2.63 3.97
N THR A 41 -11.28 -3.78 4.59
CA THR A 41 -12.30 -4.20 5.58
C THR A 41 -11.59 -4.61 6.87
N GLN A 42 -12.25 -4.48 7.99
CA GLN A 42 -11.60 -4.85 9.28
C GLN A 42 -12.54 -5.76 10.08
N GLU A 43 -12.01 -6.73 10.77
CA GLU A 43 -12.88 -7.63 11.56
C GLU A 43 -12.22 -7.91 12.92
N GLY A 44 -12.33 -6.99 13.84
CA GLY A 44 -11.73 -7.20 15.19
C GLY A 44 -10.24 -7.49 15.06
N ASN A 45 -9.88 -8.73 14.80
CA ASN A 45 -8.43 -9.09 14.70
C ASN A 45 -8.16 -9.75 13.34
N LYS A 46 -8.92 -9.42 12.34
CA LYS A 46 -8.69 -10.01 11.01
C LYS A 46 -9.11 -8.98 9.97
N PHE A 47 -8.15 -8.44 9.29
CA PHE A 47 -8.44 -7.41 8.25
C PHE A 47 -8.50 -8.07 6.88
N THR A 48 -8.89 -7.32 5.88
CA THR A 48 -8.95 -7.90 4.51
C THR A 48 -8.80 -6.76 3.50
N VAL A 49 -7.65 -6.67 2.89
CA VAL A 49 -7.42 -5.60 1.89
C VAL A 49 -7.59 -6.17 0.48
N LYS A 50 -8.55 -5.69 -0.25
CA LYS A 50 -8.76 -6.23 -1.63
C LYS A 50 -8.39 -5.14 -2.65
N GLU A 51 -7.22 -5.25 -3.23
CA GLU A 51 -6.80 -4.24 -4.24
C GLU A 51 -7.50 -4.53 -5.56
N SER A 52 -7.63 -3.55 -6.41
CA SER A 52 -8.29 -3.79 -7.72
C SER A 52 -7.83 -2.73 -8.70
N SER A 53 -7.01 -3.12 -9.62
CA SER A 53 -6.50 -2.19 -10.65
C SER A 53 -6.62 -2.85 -12.01
N ALA A 54 -6.93 -2.10 -13.03
CA ALA A 54 -7.07 -2.71 -14.39
C ALA A 54 -5.78 -3.45 -14.75
N PHE A 55 -4.86 -3.58 -13.82
CA PHE A 55 -3.58 -4.27 -14.13
C PHE A 55 -3.52 -5.65 -13.45
N ARG A 56 -4.26 -5.85 -12.39
CA ARG A 56 -4.21 -7.17 -11.69
C ARG A 56 -4.76 -7.01 -10.28
N ASN A 57 -6.04 -7.14 -10.11
CA ASN A 57 -6.64 -6.99 -8.76
C ASN A 57 -6.10 -8.06 -7.82
N ILE A 58 -5.88 -7.73 -6.57
CA ILE A 58 -5.35 -8.73 -5.62
C ILE A 58 -6.14 -8.68 -4.31
N GLU A 59 -5.85 -9.59 -3.42
CA GLU A 59 -6.56 -9.64 -2.12
C GLU A 59 -5.71 -10.37 -1.09
N CYS A 60 -5.72 -9.93 0.12
CA CYS A 60 -4.90 -10.62 1.17
C CYS A 60 -5.36 -10.21 2.56
N VAL A 61 -5.63 -11.17 3.41
CA VAL A 61 -6.08 -10.85 4.78
C VAL A 61 -4.87 -10.56 5.65
N PHE A 62 -5.07 -9.91 6.76
CA PHE A 62 -3.90 -9.60 7.63
C PHE A 62 -4.37 -9.37 9.08
N GLU A 63 -3.70 -9.98 10.01
CA GLU A 63 -4.07 -9.81 11.44
C GLU A 63 -3.05 -8.89 12.12
N LEU A 64 -3.33 -8.44 13.30
CA LEU A 64 -2.38 -7.54 14.01
C LEU A 64 -1.38 -8.37 14.82
N GLY A 65 -0.11 -8.21 14.57
CA GLY A 65 0.91 -8.98 15.33
C GLY A 65 1.12 -10.36 14.70
N VAL A 66 0.93 -10.48 13.43
CA VAL A 66 1.13 -11.80 12.76
C VAL A 66 1.74 -11.60 11.37
N THR A 67 3.01 -11.84 11.23
CA THR A 67 3.64 -11.65 9.89
C THR A 67 2.80 -12.31 8.81
N PHE A 68 2.79 -11.71 7.67
CA PHE A 68 2.03 -12.25 6.52
C PHE A 68 2.52 -11.52 5.29
N ASN A 69 1.86 -11.63 4.20
CA ASN A 69 2.35 -10.94 2.99
C ASN A 69 1.22 -10.48 2.08
N CYS A 70 1.52 -9.51 1.27
CA CYS A 70 0.52 -8.97 0.31
C CYS A 70 1.28 -8.46 -0.91
N ASN A 71 0.80 -8.72 -2.08
CA ASN A 71 1.54 -8.25 -3.29
C ASN A 71 0.94 -6.95 -3.81
N LEU A 72 1.75 -6.13 -4.40
CA LEU A 72 1.24 -4.83 -4.94
C LEU A 72 0.94 -4.97 -6.43
N ALA A 73 -0.06 -4.28 -6.91
CA ALA A 73 -0.41 -4.37 -8.36
C ALA A 73 0.87 -4.40 -9.20
N ASP A 74 1.88 -3.70 -8.78
CA ASP A 74 3.16 -3.69 -9.55
C ASP A 74 3.67 -5.13 -9.70
N GLY A 75 2.91 -6.09 -9.24
CA GLY A 75 3.34 -7.50 -9.35
C GLY A 75 4.43 -7.77 -8.33
N THR A 76 4.47 -7.02 -7.26
CA THR A 76 5.51 -7.22 -6.23
C THR A 76 4.93 -8.01 -5.07
N GLU A 77 5.77 -8.60 -4.27
CA GLU A 77 5.30 -9.38 -3.10
C GLU A 77 6.10 -8.99 -1.86
N LEU A 78 5.45 -8.61 -0.79
CA LEU A 78 6.22 -8.22 0.43
C LEU A 78 5.62 -8.89 1.67
N ARG A 79 6.39 -8.98 2.73
CA ARG A 79 5.87 -9.64 3.97
C ARG A 79 6.25 -8.80 5.20
N GLY A 80 5.42 -8.83 6.22
CA GLY A 80 5.68 -8.05 7.45
C GLY A 80 4.36 -7.96 8.19
N THR A 81 3.77 -6.80 8.27
CA THR A 81 2.46 -6.69 8.96
C THR A 81 2.10 -5.23 9.21
N TRP A 82 0.83 -4.96 9.32
CA TRP A 82 0.38 -3.56 9.59
C TRP A 82 0.01 -3.46 11.07
N SER A 83 0.47 -2.43 11.74
CA SER A 83 0.14 -2.31 13.20
C SER A 83 -0.20 -0.86 13.52
N LEU A 84 -0.93 -0.61 14.56
CA LEU A 84 -1.25 0.79 14.89
C LEU A 84 -0.22 1.31 15.90
N GLU A 85 0.38 2.43 15.63
CA GLU A 85 1.39 2.98 16.56
C GLU A 85 1.04 4.43 16.86
N GLY A 86 0.78 4.75 18.10
CA GLY A 86 0.41 6.16 18.42
C GLY A 86 -0.87 6.51 17.69
N ASN A 87 -0.79 7.32 16.68
CA ASN A 87 -2.02 7.71 15.92
C ASN A 87 -1.86 7.40 14.43
N LYS A 88 -1.17 6.35 14.08
CA LYS A 88 -1.01 6.04 12.63
C LYS A 88 -0.91 4.54 12.41
N LEU A 89 -1.35 4.07 11.27
CA LEU A 89 -1.28 2.62 10.98
C LEU A 89 0.02 2.33 10.24
N ILE A 90 0.91 1.57 10.83
CA ILE A 90 2.20 1.27 10.18
C ILE A 90 2.06 0.06 9.26
N GLY A 91 3.02 -0.10 8.39
CA GLY A 91 3.01 -1.25 7.46
C GLY A 91 4.45 -1.66 7.17
N LYS A 92 4.96 -2.62 7.89
CA LYS A 92 6.35 -3.05 7.67
C LYS A 92 6.35 -4.12 6.58
N PHE A 93 6.72 -3.76 5.38
CA PHE A 93 6.72 -4.75 4.27
C PHE A 93 8.11 -4.85 3.65
N LYS A 94 8.54 -6.04 3.37
CA LYS A 94 9.87 -6.23 2.75
C LYS A 94 9.72 -7.10 1.51
N ARG A 95 10.20 -6.63 0.39
CA ARG A 95 10.07 -7.44 -0.86
C ARG A 95 10.41 -8.89 -0.55
N THR A 96 9.46 -9.77 -0.68
CA THR A 96 9.74 -11.20 -0.38
C THR A 96 10.70 -11.76 -1.42
N ASP A 97 10.98 -10.97 -2.38
CA ASP A 97 11.90 -11.38 -3.46
C ASP A 97 13.35 -11.10 -3.02
N ASN A 98 13.61 -9.92 -2.53
CA ASN A 98 14.98 -9.58 -2.09
C ASN A 98 14.93 -8.92 -0.70
N GLY A 99 13.79 -8.94 -0.07
CA GLY A 99 13.68 -8.32 1.28
C GLY A 99 14.30 -6.93 1.25
N ASN A 100 13.97 -6.14 0.27
CA ASN A 100 14.55 -4.76 0.19
C ASN A 100 13.92 -3.89 1.28
N GLU A 101 13.21 -4.50 2.17
CA GLU A 101 12.57 -3.75 3.30
C GLU A 101 11.80 -2.53 2.78
N LEU A 102 10.60 -2.33 3.26
CA LEU A 102 9.80 -1.15 2.86
C LEU A 102 9.09 -0.63 4.11
N ASN A 103 9.15 0.65 4.36
CA ASN A 103 8.49 1.20 5.58
C ASN A 103 7.35 2.12 5.16
N THR A 104 6.13 1.74 5.43
CA THR A 104 4.99 2.58 5.01
C THR A 104 4.08 2.91 6.21
N VAL A 105 3.10 3.74 5.98
CA VAL A 105 2.15 4.12 7.05
C VAL A 105 0.76 4.34 6.43
N ARG A 106 -0.26 4.37 7.24
CA ARG A 106 -1.63 4.56 6.68
C ARG A 106 -2.42 5.52 7.57
N GLU A 107 -3.12 6.45 6.98
CA GLU A 107 -3.91 7.42 7.78
C GLU A 107 -5.26 7.65 7.10
N ILE A 108 -6.24 8.11 7.83
CA ILE A 108 -7.56 8.35 7.23
C ILE A 108 -7.92 9.81 7.47
N ILE A 109 -7.42 10.68 6.63
CA ILE A 109 -7.73 12.12 6.82
C ILE A 109 -9.21 12.36 6.60
N GLY A 110 -9.97 12.30 7.65
CA GLY A 110 -11.44 12.53 7.54
C GLY A 110 -12.02 11.74 6.36
N ASP A 111 -11.90 12.24 5.16
CA ASP A 111 -12.47 11.53 3.98
C ASP A 111 -11.37 11.17 2.98
N GLU A 112 -10.17 10.95 3.45
CA GLU A 112 -9.07 10.59 2.51
C GLU A 112 -8.17 9.53 3.16
N LEU A 113 -7.83 8.50 2.43
CA LEU A 113 -6.95 7.44 3.02
C LEU A 113 -5.52 7.71 2.58
N VAL A 114 -4.66 8.11 3.48
CA VAL A 114 -3.26 8.41 3.06
C VAL A 114 -2.37 7.21 3.35
N GLN A 115 -1.78 6.65 2.35
CA GLN A 115 -0.86 5.49 2.54
C GLN A 115 0.52 5.89 2.02
N THR A 116 1.43 6.17 2.90
CA THR A 116 2.79 6.59 2.44
C THR A 116 3.78 5.44 2.61
N TYR A 117 4.72 5.35 1.72
CA TYR A 117 5.75 4.27 1.84
C TYR A 117 7.13 4.89 1.81
N VAL A 118 8.06 4.26 2.45
CA VAL A 118 9.46 4.75 2.47
C VAL A 118 10.34 3.71 1.85
N TYR A 119 11.37 4.13 1.22
CA TYR A 119 12.27 3.15 0.57
C TYR A 119 13.73 3.62 0.62
N GLU A 120 14.52 2.94 1.40
CA GLU A 120 15.97 3.28 1.52
C GLU A 120 16.15 4.76 1.85
N GLY A 121 15.13 5.40 2.29
CA GLY A 121 15.24 6.84 2.63
C GLY A 121 14.43 7.65 1.63
N VAL A 122 13.41 7.06 1.08
CA VAL A 122 12.57 7.80 0.12
C VAL A 122 11.17 7.80 0.67
N GLU A 123 10.27 8.45 0.02
CA GLU A 123 8.88 8.46 0.56
C GLU A 123 7.86 8.73 -0.56
N ALA A 124 6.99 7.78 -0.79
CA ALA A 124 5.93 7.99 -1.83
C ALA A 124 4.58 8.10 -1.10
N LYS A 125 3.64 8.83 -1.65
CA LYS A 125 2.34 8.96 -0.94
C LYS A 125 1.16 8.70 -1.88
N ARG A 126 0.18 8.01 -1.39
CA ARG A 126 -1.03 7.71 -2.21
C ARG A 126 -2.28 8.00 -1.36
N ILE A 127 -3.07 8.98 -1.75
CA ILE A 127 -4.27 9.30 -0.95
C ILE A 127 -5.54 8.79 -1.63
N PHE A 128 -6.38 8.09 -0.90
CA PHE A 128 -7.63 7.56 -1.51
C PHE A 128 -8.80 8.48 -1.15
N LYS A 129 -9.97 8.18 -1.66
CA LYS A 129 -11.18 8.99 -1.38
C LYS A 129 -12.41 8.09 -1.50
N LYS A 130 -13.40 8.31 -0.67
CA LYS A 130 -14.63 7.46 -0.73
C LYS A 130 -15.09 7.32 -2.17
N ASP A 131 -15.41 6.12 -2.59
CA ASP A 131 -15.87 5.92 -3.99
C ASP A 131 -16.47 4.51 -4.13
N ALA A 1 -12.92 2.16 10.18
CA ALA A 1 -11.74 2.81 9.53
C ALA A 1 -11.74 2.48 8.04
N PHE A 2 -11.96 3.46 7.20
CA PHE A 2 -11.96 3.20 5.73
C PHE A 2 -12.70 1.89 5.46
N ASP A 3 -13.68 1.57 6.26
CA ASP A 3 -14.44 0.31 6.05
C ASP A 3 -15.40 0.47 4.87
N SER A 4 -14.94 0.23 3.68
CA SER A 4 -15.83 0.37 2.48
C SER A 4 -14.98 0.32 1.21
N THR A 5 -15.50 0.82 0.12
CA THR A 5 -14.72 0.80 -1.15
C THR A 5 -13.96 2.12 -1.31
N TRP A 6 -12.80 2.07 -1.89
CA TRP A 6 -12.01 3.32 -2.07
C TRP A 6 -11.10 3.17 -3.30
N LYS A 7 -10.52 4.24 -3.76
CA LYS A 7 -9.62 4.15 -4.94
C LYS A 7 -8.62 5.30 -4.91
N VAL A 8 -7.37 5.02 -5.14
CA VAL A 8 -6.35 6.10 -5.12
C VAL A 8 -6.91 7.32 -5.84
N ASP A 9 -7.26 8.33 -5.10
CA ASP A 9 -7.79 9.57 -5.72
C ASP A 9 -6.65 10.58 -5.83
N ARG A 10 -5.69 10.49 -4.94
CA ARG A 10 -4.55 11.44 -5.00
C ARG A 10 -3.26 10.73 -4.62
N SER A 11 -2.13 11.36 -4.82
CA SER A 11 -0.83 10.72 -4.48
C SER A 11 0.30 11.74 -4.63
N GLU A 12 1.52 11.36 -4.34
CA GLU A 12 2.65 12.32 -4.47
C GLU A 12 3.95 11.56 -4.71
N ASN A 13 4.91 12.19 -5.34
CA ASN A 13 6.21 11.51 -5.61
C ASN A 13 5.96 10.23 -6.40
N TYR A 14 6.15 9.09 -5.79
CA TYR A 14 5.92 7.81 -6.51
C TYR A 14 7.09 7.54 -7.45
N ASP A 15 7.39 8.45 -8.32
CA ASP A 15 8.52 8.22 -9.25
C ASP A 15 9.78 7.96 -8.43
N LYS A 16 10.16 8.89 -7.61
CA LYS A 16 11.37 8.67 -6.77
C LYS A 16 11.24 7.35 -6.04
N PHE A 17 10.05 6.99 -5.63
CA PHE A 17 9.86 5.71 -4.93
C PHE A 17 10.11 4.57 -5.90
N MET A 18 9.31 4.51 -6.93
CA MET A 18 9.48 3.43 -7.95
C MET A 18 10.96 3.37 -8.38
N GLU A 19 11.63 4.49 -8.43
CA GLU A 19 13.06 4.46 -8.85
C GLU A 19 13.90 3.76 -7.77
N LYS A 20 13.57 4.00 -6.53
CA LYS A 20 14.34 3.35 -5.43
C LYS A 20 14.21 1.84 -5.52
N MET A 21 13.03 1.34 -5.77
CA MET A 21 12.84 -0.13 -5.87
C MET A 21 13.52 -0.64 -7.15
N GLY A 22 14.05 0.26 -7.93
CA GLY A 22 14.73 -0.16 -9.20
C GLY A 22 13.68 -0.61 -10.23
N VAL A 23 12.52 -0.01 -10.21
CA VAL A 23 11.47 -0.41 -11.19
C VAL A 23 11.82 0.13 -12.57
N ASN A 24 11.65 -0.65 -13.59
CA ASN A 24 11.98 -0.17 -14.97
C ASN A 24 11.42 1.25 -15.16
N ILE A 25 11.75 1.87 -16.25
CA ILE A 25 11.24 3.26 -16.49
C ILE A 25 9.84 3.17 -17.10
N VAL A 26 9.40 1.99 -17.32
CA VAL A 26 8.04 1.79 -17.91
C VAL A 26 6.99 1.90 -16.79
N LYS A 27 7.09 1.04 -15.82
CA LYS A 27 6.11 1.11 -14.69
C LYS A 27 6.33 2.42 -13.94
N ARG A 28 7.48 3.00 -14.09
CA ARG A 28 7.77 4.30 -13.40
C ARG A 28 7.02 5.42 -14.10
N LYS A 29 7.07 5.46 -15.41
CA LYS A 29 6.36 6.53 -16.15
C LYS A 29 4.85 6.32 -16.05
N LEU A 30 4.42 5.10 -16.06
CA LEU A 30 2.96 4.81 -15.97
C LEU A 30 2.54 4.76 -14.51
N ALA A 31 3.49 4.68 -13.65
CA ALA A 31 3.19 4.61 -12.19
C ALA A 31 2.46 5.88 -11.75
N ALA A 32 2.99 7.03 -12.06
CA ALA A 32 2.31 8.29 -11.66
C ALA A 32 0.81 8.17 -11.92
N HIS A 33 0.43 7.44 -12.93
CA HIS A 33 -1.02 7.27 -13.23
C HIS A 33 -1.64 6.32 -12.20
N ASP A 34 -1.29 6.46 -10.95
CA ASP A 34 -1.85 5.56 -9.90
C ASP A 34 -3.36 5.77 -9.82
N ASN A 35 -4.12 4.78 -10.21
CA ASN A 35 -5.60 4.90 -10.15
C ASN A 35 -6.22 3.54 -9.85
N LEU A 36 -5.64 2.79 -8.94
CA LEU A 36 -6.19 1.44 -8.63
C LEU A 36 -7.37 1.54 -7.66
N LYS A 37 -8.19 0.52 -7.64
CA LYS A 37 -9.37 0.53 -6.72
C LYS A 37 -9.17 -0.58 -5.68
N LEU A 38 -9.49 -0.32 -4.45
CA LEU A 38 -9.31 -1.36 -3.40
C LEU A 38 -10.39 -1.22 -2.32
N THR A 39 -10.83 -2.32 -1.78
CA THR A 39 -11.87 -2.28 -0.72
C THR A 39 -11.23 -2.68 0.61
N ILE A 40 -11.34 -1.86 1.62
CA ILE A 40 -10.72 -2.20 2.93
C ILE A 40 -11.80 -2.51 3.97
N THR A 41 -11.63 -3.58 4.70
CA THR A 41 -12.62 -3.95 5.75
C THR A 41 -11.85 -4.27 7.02
N GLN A 42 -12.45 -4.07 8.16
CA GLN A 42 -11.74 -4.37 9.44
C GLN A 42 -12.67 -5.06 10.42
N GLU A 43 -12.17 -6.02 11.15
CA GLU A 43 -13.04 -6.74 12.13
C GLU A 43 -12.26 -6.97 13.43
N GLY A 44 -12.14 -5.96 14.24
CA GLY A 44 -11.39 -6.10 15.53
C GLY A 44 -10.00 -6.69 15.28
N ASN A 45 -9.90 -7.98 15.14
CA ASN A 45 -8.57 -8.63 14.92
C ASN A 45 -8.56 -9.37 13.58
N LYS A 46 -9.33 -8.91 12.63
CA LYS A 46 -9.35 -9.58 11.32
C LYS A 46 -9.60 -8.52 10.26
N PHE A 47 -8.62 -8.24 9.48
CA PHE A 47 -8.76 -7.21 8.42
C PHE A 47 -8.90 -7.89 7.06
N THR A 48 -9.30 -7.16 6.05
CA THR A 48 -9.43 -7.77 4.72
C THR A 48 -9.26 -6.68 3.67
N VAL A 49 -8.12 -6.63 3.05
CA VAL A 49 -7.87 -5.60 2.01
C VAL A 49 -8.01 -6.22 0.61
N LYS A 50 -8.98 -5.79 -0.13
CA LYS A 50 -9.19 -6.35 -1.50
C LYS A 50 -8.76 -5.32 -2.54
N GLU A 51 -7.57 -5.46 -3.08
CA GLU A 51 -7.11 -4.49 -4.11
C GLU A 51 -7.72 -4.85 -5.46
N SER A 52 -7.85 -3.90 -6.35
CA SER A 52 -8.43 -4.20 -7.67
C SER A 52 -8.01 -3.12 -8.65
N SER A 53 -7.13 -3.47 -9.53
CA SER A 53 -6.65 -2.51 -10.55
C SER A 53 -7.00 -3.07 -11.93
N ALA A 54 -6.39 -2.57 -12.95
CA ALA A 54 -6.69 -3.07 -14.32
C ALA A 54 -5.60 -4.06 -14.75
N PHE A 55 -4.71 -4.42 -13.85
CA PHE A 55 -3.61 -5.34 -14.24
C PHE A 55 -3.56 -6.59 -13.33
N ARG A 56 -4.25 -6.63 -12.22
CA ARG A 56 -4.17 -7.84 -11.36
C ARG A 56 -4.75 -7.54 -9.98
N ASN A 57 -6.03 -7.67 -9.83
CA ASN A 57 -6.65 -7.41 -8.49
C ASN A 57 -6.10 -8.41 -7.48
N ILE A 58 -5.93 -8.00 -6.25
CA ILE A 58 -5.39 -8.91 -5.21
C ILE A 58 -6.26 -8.88 -3.95
N GLU A 59 -5.95 -9.72 -3.02
CA GLU A 59 -6.73 -9.78 -1.76
C GLU A 59 -5.82 -10.25 -0.62
N CYS A 60 -5.81 -9.55 0.48
CA CYS A 60 -4.94 -9.96 1.62
C CYS A 60 -5.76 -9.91 2.91
N VAL A 61 -6.06 -11.04 3.49
CA VAL A 61 -6.85 -11.05 4.75
C VAL A 61 -5.94 -11.50 5.90
N PHE A 62 -6.09 -10.93 7.05
CA PHE A 62 -5.21 -11.36 8.18
C PHE A 62 -5.48 -10.52 9.43
N GLU A 63 -4.87 -10.89 10.53
CA GLU A 63 -5.06 -10.14 11.79
C GLU A 63 -3.81 -9.29 12.04
N LEU A 64 -3.89 -8.30 12.89
CA LEU A 64 -2.69 -7.46 13.16
C LEU A 64 -1.80 -8.15 14.18
N GLY A 65 -0.52 -8.19 13.95
CA GLY A 65 0.41 -8.85 14.92
C GLY A 65 0.80 -10.23 14.38
N VAL A 66 0.66 -10.45 13.10
CA VAL A 66 1.02 -11.77 12.52
C VAL A 66 1.63 -11.56 11.13
N THR A 67 2.92 -11.72 11.01
CA THR A 67 3.56 -11.53 9.68
C THR A 67 2.83 -12.32 8.61
N PHE A 68 2.76 -11.77 7.44
CA PHE A 68 2.10 -12.46 6.31
C PHE A 68 2.67 -11.88 5.02
N ASN A 69 2.13 -12.21 3.89
CA ASN A 69 2.68 -11.68 2.63
C ASN A 69 1.57 -11.02 1.80
N CYS A 70 1.93 -10.06 1.00
CA CYS A 70 0.93 -9.37 0.15
C CYS A 70 1.64 -8.82 -1.08
N ASN A 71 1.15 -9.10 -2.25
CA ASN A 71 1.83 -8.60 -3.47
C ASN A 71 1.31 -7.21 -3.84
N LEU A 72 2.16 -6.40 -4.43
CA LEU A 72 1.72 -5.03 -4.82
C LEU A 72 1.39 -5.01 -6.32
N ALA A 73 0.44 -4.20 -6.72
CA ALA A 73 0.06 -4.14 -8.15
C ALA A 73 1.32 -4.10 -9.02
N ASP A 74 2.37 -3.49 -8.54
CA ASP A 74 3.62 -3.43 -9.34
C ASP A 74 4.18 -4.84 -9.52
N GLY A 75 3.40 -5.84 -9.24
CA GLY A 75 3.89 -7.24 -9.39
C GLY A 75 4.97 -7.52 -8.35
N THR A 76 4.92 -6.85 -7.22
CA THR A 76 5.94 -7.07 -6.18
C THR A 76 5.40 -8.01 -5.11
N GLU A 77 6.26 -8.58 -4.33
CA GLU A 77 5.82 -9.50 -3.25
C GLU A 77 6.52 -9.14 -1.95
N LEU A 78 5.78 -8.77 -0.93
CA LEU A 78 6.44 -8.38 0.35
C LEU A 78 5.77 -9.07 1.53
N ARG A 79 6.43 -9.11 2.66
CA ARG A 79 5.82 -9.77 3.86
C ARG A 79 6.21 -8.99 5.12
N GLY A 80 5.30 -8.86 6.06
CA GLY A 80 5.61 -8.13 7.30
C GLY A 80 4.33 -8.02 8.10
N THR A 81 3.85 -6.82 8.34
CA THR A 81 2.59 -6.69 9.11
C THR A 81 2.29 -5.23 9.42
N TRP A 82 1.05 -4.93 9.71
CA TRP A 82 0.68 -3.52 10.05
C TRP A 82 0.52 -3.41 11.57
N SER A 83 0.94 -2.32 12.14
CA SER A 83 0.81 -2.15 13.61
C SER A 83 0.39 -0.72 13.90
N LEU A 84 -0.18 -0.45 15.03
CA LEU A 84 -0.58 0.95 15.31
C LEU A 84 0.56 1.62 16.07
N GLU A 85 1.02 2.74 15.59
CA GLU A 85 2.12 3.47 16.27
C GLU A 85 1.63 4.87 16.61
N GLY A 86 1.64 5.24 17.86
CA GLY A 86 1.15 6.59 18.22
C GLY A 86 -0.27 6.76 17.67
N ASN A 87 -0.42 7.52 16.61
CA ASN A 87 -1.78 7.71 16.02
C ASN A 87 -1.77 7.33 14.55
N LYS A 88 -0.98 6.37 14.15
CA LYS A 88 -0.94 6.00 12.71
C LYS A 88 -0.84 4.47 12.57
N LEU A 89 -1.21 3.96 11.43
CA LEU A 89 -1.13 2.48 11.21
C LEU A 89 0.13 2.18 10.40
N ILE A 90 1.11 1.60 11.02
CA ILE A 90 2.37 1.31 10.27
C ILE A 90 2.21 0.07 9.40
N GLY A 91 3.11 -0.10 8.48
CA GLY A 91 3.06 -1.26 7.56
C GLY A 91 4.49 -1.66 7.20
N LYS A 92 5.04 -2.60 7.90
CA LYS A 92 6.43 -3.02 7.61
C LYS A 92 6.40 -4.12 6.55
N PHE A 93 6.74 -3.80 5.34
CA PHE A 93 6.72 -4.82 4.25
C PHE A 93 8.13 -5.01 3.71
N LYS A 94 8.55 -6.25 3.58
CA LYS A 94 9.90 -6.53 3.05
C LYS A 94 9.78 -7.28 1.72
N ARG A 95 10.30 -6.71 0.66
CA ARG A 95 10.20 -7.38 -0.66
C ARG A 95 10.74 -8.80 -0.55
N THR A 96 9.90 -9.77 -0.74
CA THR A 96 10.35 -11.18 -0.64
C THR A 96 10.97 -11.60 -1.95
N ASP A 97 10.78 -10.80 -2.93
CA ASP A 97 11.32 -11.09 -4.29
C ASP A 97 12.75 -10.56 -4.39
N ASN A 98 13.08 -9.54 -3.63
CA ASN A 98 14.46 -8.98 -3.69
C ASN A 98 15.00 -8.81 -2.27
N GLY A 99 14.23 -9.15 -1.29
CA GLY A 99 14.70 -9.01 0.12
C GLY A 99 15.09 -7.55 0.37
N ASN A 100 14.28 -6.63 -0.05
CA ASN A 100 14.59 -5.19 0.17
C ASN A 100 13.96 -4.74 1.47
N GLU A 101 13.15 -3.75 1.39
CA GLU A 101 12.49 -3.22 2.61
C GLU A 101 11.48 -2.11 2.22
N LEU A 102 10.32 -2.12 2.81
CA LEU A 102 9.32 -1.08 2.51
C LEU A 102 8.73 -0.56 3.83
N ASN A 103 9.05 0.63 4.22
CA ASN A 103 8.50 1.18 5.49
C ASN A 103 7.35 2.12 5.15
N THR A 104 6.14 1.70 5.37
CA THR A 104 4.99 2.57 5.02
C THR A 104 4.11 2.88 6.23
N VAL A 105 3.12 3.71 6.01
CA VAL A 105 2.19 4.09 7.10
C VAL A 105 0.80 4.34 6.50
N ARG A 106 -0.24 4.19 7.27
CA ARG A 106 -1.61 4.41 6.73
C ARG A 106 -2.37 5.40 7.61
N GLU A 107 -2.98 6.40 7.01
CA GLU A 107 -3.75 7.39 7.80
C GLU A 107 -5.15 7.54 7.21
N ILE A 108 -6.09 8.03 7.96
CA ILE A 108 -7.46 8.20 7.44
C ILE A 108 -7.83 9.67 7.50
N ILE A 109 -7.41 10.43 6.55
CA ILE A 109 -7.74 11.88 6.57
C ILE A 109 -9.25 12.04 6.48
N GLY A 110 -9.90 12.11 7.60
CA GLY A 110 -11.39 12.27 7.59
C GLY A 110 -12.04 11.23 6.69
N ASP A 111 -12.06 11.45 5.41
CA ASP A 111 -12.70 10.47 4.47
C ASP A 111 -11.73 10.04 3.39
N GLU A 112 -10.46 10.05 3.67
CA GLU A 112 -9.45 9.64 2.65
C GLU A 112 -8.40 8.77 3.33
N LEU A 113 -7.85 7.81 2.63
CA LEU A 113 -6.82 6.94 3.27
C LEU A 113 -5.44 7.27 2.72
N VAL A 114 -4.60 7.86 3.53
CA VAL A 114 -3.24 8.22 3.05
C VAL A 114 -2.28 7.06 3.32
N GLN A 115 -1.76 6.46 2.30
CA GLN A 115 -0.81 5.32 2.50
C GLN A 115 0.56 5.76 2.00
N THR A 116 1.45 6.09 2.90
CA THR A 116 2.80 6.53 2.46
C THR A 116 3.79 5.39 2.63
N TYR A 117 4.74 5.30 1.75
CA TYR A 117 5.77 4.24 1.87
C TYR A 117 7.16 4.85 1.82
N VAL A 118 8.08 4.23 2.48
CA VAL A 118 9.48 4.73 2.49
C VAL A 118 10.37 3.68 1.85
N TYR A 119 11.42 4.12 1.23
CA TYR A 119 12.32 3.13 0.59
C TYR A 119 13.78 3.55 0.74
N GLU A 120 14.51 2.82 1.54
CA GLU A 120 15.95 3.11 1.75
C GLU A 120 16.18 4.60 1.99
N GLY A 121 15.17 5.32 2.37
CA GLY A 121 15.35 6.76 2.62
C GLY A 121 14.57 7.55 1.58
N VAL A 122 13.51 6.99 1.08
CA VAL A 122 12.68 7.71 0.08
C VAL A 122 11.28 7.75 0.63
N GLU A 123 10.40 8.39 -0.05
CA GLU A 123 9.02 8.45 0.48
C GLU A 123 8.01 8.70 -0.63
N ALA A 124 7.02 7.85 -0.73
CA ALA A 124 5.95 8.03 -1.76
C ALA A 124 4.61 8.11 -1.04
N LYS A 125 3.65 8.80 -1.60
CA LYS A 125 2.33 8.90 -0.91
C LYS A 125 1.18 8.56 -1.85
N ARG A 126 0.20 7.85 -1.35
CA ARG A 126 -0.98 7.49 -2.18
C ARG A 126 -2.24 7.69 -1.32
N ILE A 127 -3.08 8.63 -1.68
CA ILE A 127 -4.29 8.87 -0.85
C ILE A 127 -5.55 8.34 -1.55
N PHE A 128 -6.35 7.60 -0.83
CA PHE A 128 -7.61 7.05 -1.41
C PHE A 128 -8.79 7.92 -0.96
N LYS A 129 -9.96 7.63 -1.44
CA LYS A 129 -11.16 8.43 -1.05
C LYS A 129 -12.42 7.66 -1.46
N LYS A 130 -13.53 7.95 -0.81
CA LYS A 130 -14.80 7.23 -1.15
C LYS A 130 -14.99 7.21 -2.67
N ASP A 131 -15.26 6.07 -3.23
CA ASP A 131 -15.45 5.98 -4.70
C ASP A 131 -16.37 7.11 -5.16
N ALA A 1 -12.74 2.02 10.26
CA ALA A 1 -11.48 2.53 9.64
C ALA A 1 -11.54 2.30 8.13
N PHE A 2 -11.79 3.32 7.36
CA PHE A 2 -11.86 3.16 5.88
C PHE A 2 -12.62 1.87 5.55
N ASP A 3 -13.59 1.52 6.35
CA ASP A 3 -14.37 0.28 6.09
C ASP A 3 -15.37 0.54 4.96
N SER A 4 -14.98 0.23 3.74
CA SER A 4 -15.91 0.46 2.60
C SER A 4 -15.12 0.44 1.29
N THR A 5 -15.72 0.92 0.22
CA THR A 5 -15.00 0.93 -1.08
C THR A 5 -14.25 2.26 -1.23
N TRP A 6 -13.11 2.25 -1.86
CA TRP A 6 -12.33 3.50 -2.02
C TRP A 6 -11.49 3.42 -3.30
N LYS A 7 -10.92 4.51 -3.72
CA LYS A 7 -10.09 4.49 -4.96
C LYS A 7 -9.06 5.60 -4.90
N VAL A 8 -7.82 5.30 -5.22
CA VAL A 8 -6.77 6.34 -5.18
C VAL A 8 -7.35 7.67 -5.68
N ASP A 9 -7.57 8.59 -4.78
CA ASP A 9 -8.11 9.91 -5.18
C ASP A 9 -6.93 10.85 -5.39
N ARG A 10 -5.85 10.61 -4.69
CA ARG A 10 -4.65 11.49 -4.85
C ARG A 10 -3.38 10.69 -4.52
N SER A 11 -2.24 11.27 -4.75
CA SER A 11 -0.96 10.55 -4.45
C SER A 11 0.21 11.53 -4.65
N GLU A 12 1.42 11.09 -4.39
CA GLU A 12 2.58 12.00 -4.57
C GLU A 12 3.86 11.17 -4.78
N ASN A 13 4.83 11.75 -5.44
CA ASN A 13 6.11 11.02 -5.69
C ASN A 13 5.82 9.71 -6.42
N TYR A 14 5.99 8.60 -5.75
CA TYR A 14 5.73 7.29 -6.41
C TYR A 14 6.88 6.94 -7.35
N ASP A 15 7.21 7.83 -8.25
CA ASP A 15 8.33 7.53 -9.18
C ASP A 15 9.60 7.29 -8.35
N LYS A 16 9.89 8.16 -7.44
CA LYS A 16 11.10 7.98 -6.60
C LYS A 16 10.95 6.66 -5.85
N PHE A 17 9.75 6.31 -5.49
CA PHE A 17 9.53 5.02 -4.77
C PHE A 17 9.74 3.88 -5.75
N MET A 18 8.92 3.82 -6.75
CA MET A 18 9.06 2.73 -7.76
C MET A 18 10.47 2.76 -8.36
N GLU A 19 11.12 3.89 -8.31
CA GLU A 19 12.50 3.97 -8.86
C GLU A 19 13.48 3.32 -7.89
N LYS A 20 13.27 3.50 -6.61
CA LYS A 20 14.18 2.88 -5.61
C LYS A 20 14.08 1.35 -5.71
N MET A 21 12.90 0.85 -5.90
CA MET A 21 12.74 -0.63 -6.01
C MET A 21 13.45 -1.12 -7.26
N GLY A 22 13.89 -0.21 -8.11
CA GLY A 22 14.60 -0.62 -9.35
C GLY A 22 13.58 -0.93 -10.44
N VAL A 23 12.45 -0.28 -10.41
CA VAL A 23 11.41 -0.52 -11.45
C VAL A 23 11.77 0.23 -12.73
N ASN A 24 11.83 -0.46 -13.84
CA ASN A 24 12.18 0.23 -15.11
C ASN A 24 11.44 1.57 -15.18
N ILE A 25 11.83 2.43 -16.08
CA ILE A 25 11.15 3.75 -16.20
C ILE A 25 9.85 3.57 -16.97
N VAL A 26 9.61 2.39 -17.39
CA VAL A 26 8.35 2.09 -18.15
C VAL A 26 7.20 1.93 -17.15
N LYS A 27 7.30 0.98 -16.27
CA LYS A 27 6.22 0.78 -15.27
C LYS A 27 6.16 2.02 -14.37
N ARG A 28 7.24 2.75 -14.29
CA ARG A 28 7.25 3.96 -13.44
C ARG A 28 6.43 5.06 -14.12
N LYS A 29 6.60 5.25 -15.40
CA LYS A 29 5.82 6.30 -16.11
C LYS A 29 4.36 5.87 -16.20
N LEU A 30 4.11 4.60 -16.33
CA LEU A 30 2.70 4.12 -16.43
C LEU A 30 2.13 3.92 -15.04
N ALA A 31 2.98 3.92 -14.07
CA ALA A 31 2.52 3.73 -12.67
C ALA A 31 1.93 5.04 -12.14
N ALA A 32 2.61 6.14 -12.36
CA ALA A 32 2.08 7.44 -11.86
C ALA A 32 0.58 7.52 -12.10
N HIS A 33 0.07 6.75 -13.03
CA HIS A 33 -1.40 6.78 -13.30
C HIS A 33 -2.14 6.15 -12.12
N ASP A 34 -1.69 6.40 -10.93
CA ASP A 34 -2.36 5.83 -9.73
C ASP A 34 -3.86 6.13 -9.79
N ASN A 35 -4.63 5.21 -10.31
CA ASN A 35 -6.10 5.44 -10.40
C ASN A 35 -6.83 4.10 -10.24
N LEU A 36 -6.40 3.28 -9.31
CA LEU A 36 -7.06 1.96 -9.12
C LEU A 36 -8.09 2.01 -7.99
N LYS A 37 -8.87 0.97 -7.86
CA LYS A 37 -9.90 0.93 -6.78
C LYS A 37 -9.47 -0.08 -5.70
N LEU A 38 -9.73 0.23 -4.46
CA LEU A 38 -9.35 -0.71 -3.37
C LEU A 38 -10.46 -0.78 -2.33
N THR A 39 -10.90 -1.96 -1.99
CA THR A 39 -11.98 -2.10 -0.97
C THR A 39 -11.34 -2.53 0.36
N ILE A 40 -11.44 -1.71 1.37
CA ILE A 40 -10.81 -2.08 2.68
C ILE A 40 -11.88 -2.55 3.67
N THR A 41 -11.73 -3.74 4.18
CA THR A 41 -12.72 -4.26 5.17
C THR A 41 -11.97 -4.55 6.48
N GLN A 42 -12.63 -4.47 7.59
CA GLN A 42 -11.96 -4.74 8.89
C GLN A 42 -12.72 -5.82 9.67
N GLU A 43 -12.02 -6.66 10.38
CA GLU A 43 -12.71 -7.72 11.16
C GLU A 43 -12.04 -7.88 12.53
N GLY A 44 -12.34 -6.99 13.44
CA GLY A 44 -11.74 -7.08 14.80
C GLY A 44 -10.22 -7.19 14.71
N ASN A 45 -9.71 -8.37 14.47
CA ASN A 45 -8.22 -8.55 14.39
C ASN A 45 -7.84 -9.14 13.04
N LYS A 46 -8.60 -8.87 12.01
CA LYS A 46 -8.27 -9.40 10.68
C LYS A 46 -8.86 -8.46 9.63
N PHE A 47 -8.02 -7.77 8.95
CA PHE A 47 -8.49 -6.83 7.90
C PHE A 47 -8.48 -7.52 6.54
N THR A 48 -8.98 -6.87 5.52
CA THR A 48 -9.00 -7.49 4.18
C THR A 48 -9.05 -6.40 3.13
N VAL A 49 -7.95 -6.14 2.51
CA VAL A 49 -7.91 -5.09 1.45
C VAL A 49 -8.02 -5.74 0.07
N LYS A 50 -9.10 -5.51 -0.62
CA LYS A 50 -9.27 -6.12 -1.97
C LYS A 50 -8.92 -5.09 -3.04
N GLU A 51 -7.75 -5.17 -3.60
CA GLU A 51 -7.35 -4.21 -4.66
C GLU A 51 -8.11 -4.54 -5.94
N SER A 52 -8.30 -3.59 -6.81
CA SER A 52 -9.02 -3.87 -8.07
C SER A 52 -8.69 -2.78 -9.09
N SER A 53 -7.90 -3.13 -10.04
CA SER A 53 -7.52 -2.18 -11.10
C SER A 53 -7.60 -2.89 -12.45
N ALA A 54 -8.00 -2.21 -13.48
CA ALA A 54 -8.08 -2.87 -14.81
C ALA A 54 -6.70 -3.42 -15.18
N PHE A 55 -5.77 -3.39 -14.27
CA PHE A 55 -4.41 -3.90 -14.57
C PHE A 55 -4.09 -5.17 -13.78
N ARG A 56 -4.62 -5.33 -12.59
CA ARG A 56 -4.30 -6.56 -11.81
C ARG A 56 -5.01 -6.48 -10.46
N ASN A 57 -6.25 -6.82 -10.40
CA ASN A 57 -6.97 -6.78 -9.10
C ASN A 57 -6.33 -7.77 -8.13
N ILE A 58 -6.20 -7.40 -6.88
CA ILE A 58 -5.56 -8.32 -5.90
C ILE A 58 -6.30 -8.29 -4.57
N GLU A 59 -5.90 -9.14 -3.67
CA GLU A 59 -6.56 -9.18 -2.34
C GLU A 59 -5.54 -9.68 -1.30
N CYS A 60 -5.57 -9.14 -0.12
CA CYS A 60 -4.60 -9.57 0.92
C CYS A 60 -5.21 -9.37 2.31
N VAL A 61 -5.12 -10.37 3.16
CA VAL A 61 -5.68 -10.24 4.53
C VAL A 61 -4.56 -9.76 5.47
N PHE A 62 -4.90 -9.04 6.50
CA PHE A 62 -3.85 -8.56 7.43
C PHE A 62 -4.31 -8.77 8.88
N GLU A 63 -3.41 -8.63 9.81
CA GLU A 63 -3.77 -8.81 11.25
C GLU A 63 -2.71 -8.13 12.12
N LEU A 64 -2.97 -7.97 13.38
CA LEU A 64 -1.99 -7.29 14.27
C LEU A 64 -1.16 -8.34 15.03
N GLY A 65 0.13 -8.30 14.88
CA GLY A 65 0.99 -9.27 15.61
C GLY A 65 1.09 -10.60 14.84
N VAL A 66 0.88 -10.57 13.55
CA VAL A 66 0.97 -11.83 12.76
C VAL A 66 1.57 -11.53 11.39
N THR A 67 2.82 -11.84 11.19
CA THR A 67 3.47 -11.56 9.87
C THR A 67 2.72 -12.30 8.77
N PHE A 68 2.60 -11.65 7.66
CA PHE A 68 1.92 -12.28 6.50
C PHE A 68 2.57 -11.73 5.24
N ASN A 69 2.04 -12.00 4.08
CA ASN A 69 2.68 -11.47 2.86
C ASN A 69 1.63 -11.05 1.84
N CYS A 70 1.97 -10.08 1.02
CA CYS A 70 1.04 -9.61 -0.02
C CYS A 70 1.87 -9.24 -1.25
N ASN A 71 1.25 -8.97 -2.36
CA ASN A 71 2.06 -8.62 -3.56
C ASN A 71 1.59 -7.28 -4.14
N LEU A 72 2.51 -6.48 -4.59
CA LEU A 72 2.13 -5.16 -5.18
C LEU A 72 1.98 -5.30 -6.69
N ALA A 73 1.08 -4.56 -7.26
CA ALA A 73 0.86 -4.64 -8.74
C ALA A 73 2.20 -4.75 -9.46
N ASP A 74 3.24 -4.20 -8.89
CA ASP A 74 4.57 -4.29 -9.55
C ASP A 74 5.05 -5.73 -9.54
N GLY A 75 4.16 -6.66 -9.34
CA GLY A 75 4.56 -8.10 -9.31
C GLY A 75 5.56 -8.32 -8.18
N THR A 76 5.47 -7.52 -7.15
CA THR A 76 6.42 -7.68 -6.01
C THR A 76 5.73 -8.43 -4.88
N GLU A 77 6.49 -8.97 -3.97
CA GLU A 77 5.89 -9.72 -2.83
C GLU A 77 6.53 -9.26 -1.52
N LEU A 78 5.76 -8.67 -0.63
CA LEU A 78 6.36 -8.18 0.66
C LEU A 78 5.68 -8.89 1.85
N ARG A 79 6.40 -9.05 2.93
CA ARG A 79 5.81 -9.72 4.13
C ARG A 79 6.21 -8.95 5.40
N GLY A 80 5.30 -8.81 6.33
CA GLY A 80 5.63 -8.08 7.58
C GLY A 80 4.35 -7.96 8.40
N THR A 81 3.91 -6.76 8.65
CA THR A 81 2.65 -6.58 9.42
C THR A 81 2.41 -5.11 9.74
N TRP A 82 1.19 -4.76 10.04
CA TRP A 82 0.88 -3.34 10.37
C TRP A 82 0.74 -3.21 11.89
N SER A 83 1.20 -2.12 12.43
CA SER A 83 1.10 -1.93 13.91
C SER A 83 0.69 -0.50 14.18
N LEU A 84 0.11 -0.21 15.30
CA LEU A 84 -0.29 1.20 15.56
C LEU A 84 0.83 1.86 16.38
N GLU A 85 1.31 2.99 15.93
CA GLU A 85 2.39 3.69 16.67
C GLU A 85 1.95 5.13 16.90
N GLY A 86 1.74 5.52 18.12
CA GLY A 86 1.30 6.91 18.40
C GLY A 86 -0.08 7.11 17.76
N ASN A 87 -0.14 7.84 16.69
CA ASN A 87 -1.46 8.07 16.02
C ASN A 87 -1.40 7.66 14.55
N LYS A 88 -0.65 6.63 14.22
CA LYS A 88 -0.58 6.22 12.79
C LYS A 88 -0.48 4.70 12.68
N LEU A 89 -0.98 4.14 11.61
CA LEU A 89 -0.90 2.67 11.43
C LEU A 89 0.34 2.34 10.60
N ILE A 90 1.33 1.76 11.20
CA ILE A 90 2.58 1.44 10.44
C ILE A 90 2.40 0.18 9.62
N GLY A 91 3.27 -0.03 8.69
CA GLY A 91 3.22 -1.24 7.82
C GLY A 91 4.64 -1.65 7.47
N LYS A 92 5.18 -2.58 8.20
CA LYS A 92 6.58 -3.03 7.91
C LYS A 92 6.52 -4.12 6.85
N PHE A 93 6.94 -3.81 5.65
CA PHE A 93 6.90 -4.83 4.56
C PHE A 93 8.31 -5.13 4.08
N LYS A 94 8.57 -6.37 3.80
CA LYS A 94 9.92 -6.77 3.31
C LYS A 94 9.79 -7.53 2.00
N ARG A 95 10.27 -6.95 0.93
CA ARG A 95 10.19 -7.65 -0.38
C ARG A 95 10.77 -9.05 -0.23
N THR A 96 9.97 -10.06 -0.39
CA THR A 96 10.47 -11.45 -0.23
C THR A 96 11.40 -11.78 -1.39
N ASP A 97 11.35 -10.97 -2.37
CA ASP A 97 12.21 -11.18 -3.57
C ASP A 97 13.63 -10.72 -3.27
N ASN A 98 13.79 -9.54 -2.72
CA ASN A 98 15.15 -9.03 -2.42
C ASN A 98 15.21 -8.47 -1.00
N GLY A 99 14.19 -8.70 -0.21
CA GLY A 99 14.19 -8.18 1.18
C GLY A 99 14.69 -6.74 1.18
N ASN A 100 14.29 -5.96 0.21
CA ASN A 100 14.73 -4.54 0.16
C ASN A 100 13.97 -3.73 1.20
N GLU A 101 13.40 -4.41 2.16
CA GLU A 101 12.63 -3.75 3.25
C GLU A 101 11.72 -2.65 2.69
N LEU A 102 10.74 -2.26 3.46
CA LEU A 102 9.80 -1.18 3.03
C LEU A 102 9.10 -0.64 4.27
N ASN A 103 9.18 0.64 4.51
CA ASN A 103 8.52 1.21 5.71
C ASN A 103 7.36 2.10 5.27
N THR A 104 6.15 1.72 5.59
CA THR A 104 4.99 2.53 5.17
C THR A 104 4.13 2.92 6.37
N VAL A 105 3.11 3.71 6.12
CA VAL A 105 2.21 4.14 7.22
C VAL A 105 0.80 4.36 6.64
N ARG A 106 -0.22 4.25 7.46
CA ARG A 106 -1.60 4.44 6.93
C ARG A 106 -2.33 5.48 7.79
N GLU A 107 -3.04 6.38 7.15
CA GLU A 107 -3.79 7.41 7.92
C GLU A 107 -5.19 7.57 7.30
N ILE A 108 -6.14 8.09 8.04
CA ILE A 108 -7.50 8.26 7.50
C ILE A 108 -7.86 9.73 7.57
N ILE A 109 -7.43 10.49 6.62
CA ILE A 109 -7.75 11.94 6.64
C ILE A 109 -9.26 12.12 6.53
N GLY A 110 -9.93 12.18 7.65
CA GLY A 110 -11.41 12.35 7.61
C GLY A 110 -12.06 11.24 6.78
N ASP A 111 -12.07 11.38 5.48
CA ASP A 111 -12.70 10.34 4.62
C ASP A 111 -11.73 9.93 3.51
N GLU A 112 -10.46 10.01 3.76
CA GLU A 112 -9.46 9.61 2.73
C GLU A 112 -8.40 8.72 3.38
N LEU A 113 -7.92 7.71 2.70
CA LEU A 113 -6.88 6.83 3.32
C LEU A 113 -5.52 7.18 2.75
N VAL A 114 -4.67 7.76 3.54
CA VAL A 114 -3.32 8.14 3.04
C VAL A 114 -2.33 7.03 3.40
N GLN A 115 -1.86 6.30 2.43
CA GLN A 115 -0.89 5.22 2.71
C GLN A 115 0.47 5.65 2.18
N THR A 116 1.38 6.00 3.05
CA THR A 116 2.71 6.45 2.58
C THR A 116 3.72 5.32 2.73
N TYR A 117 4.64 5.22 1.82
CA TYR A 117 5.67 4.15 1.91
C TYR A 117 7.05 4.79 1.91
N VAL A 118 7.97 4.13 2.51
CA VAL A 118 9.37 4.64 2.56
C VAL A 118 10.27 3.60 1.93
N TYR A 119 11.30 4.03 1.30
CA TYR A 119 12.22 3.06 0.66
C TYR A 119 13.67 3.54 0.76
N GLU A 120 14.45 2.85 1.55
CA GLU A 120 15.89 3.19 1.71
C GLU A 120 16.08 4.68 1.95
N GLY A 121 15.04 5.35 2.36
CA GLY A 121 15.17 6.81 2.64
C GLY A 121 14.35 7.58 1.60
N VAL A 122 13.33 6.98 1.10
CA VAL A 122 12.47 7.66 0.11
C VAL A 122 11.07 7.67 0.66
N GLU A 123 10.16 8.28 -0.01
CA GLU A 123 8.78 8.29 0.53
C GLU A 123 7.75 8.48 -0.59
N ALA A 124 6.82 7.58 -0.69
CA ALA A 124 5.74 7.71 -1.72
C ALA A 124 4.41 7.88 -0.99
N LYS A 125 3.44 8.50 -1.61
CA LYS A 125 2.13 8.68 -0.91
C LYS A 125 0.96 8.27 -1.79
N ARG A 126 -0.01 7.63 -1.22
CA ARG A 126 -1.21 7.20 -1.99
C ARG A 126 -2.46 7.53 -1.16
N ILE A 127 -3.28 8.44 -1.61
CA ILE A 127 -4.48 8.81 -0.81
C ILE A 127 -5.76 8.31 -1.48
N PHE A 128 -6.54 7.53 -0.77
CA PHE A 128 -7.82 7.03 -1.35
C PHE A 128 -8.97 7.91 -0.85
N LYS A 129 -10.17 7.66 -1.32
CA LYS A 129 -11.33 8.47 -0.87
C LYS A 129 -12.63 7.74 -1.24
N LYS A 130 -13.72 8.10 -0.62
CA LYS A 130 -15.01 7.42 -0.93
C LYS A 130 -15.20 7.35 -2.44
N ASP A 131 -15.55 6.20 -2.95
CA ASP A 131 -15.75 6.04 -4.42
C ASP A 131 -17.03 6.77 -4.83
N ALA A 1 -14.86 5.75 8.75
CA ALA A 1 -14.04 5.17 7.66
C ALA A 1 -14.96 4.53 6.61
N PHE A 2 -14.58 4.56 5.37
CA PHE A 2 -15.44 3.96 4.31
C PHE A 2 -15.24 2.45 4.30
N ASP A 3 -14.84 1.88 5.40
CA ASP A 3 -14.62 0.40 5.45
C ASP A 3 -15.25 -0.22 4.20
N SER A 4 -14.53 -0.23 3.11
CA SER A 4 -15.08 -0.79 1.84
C SER A 4 -14.18 -0.38 0.67
N THR A 5 -14.77 0.01 -0.43
CA THR A 5 -13.96 0.40 -1.63
C THR A 5 -13.58 1.89 -1.61
N TRP A 6 -12.33 2.16 -1.84
CA TRP A 6 -11.83 3.56 -1.90
C TRP A 6 -11.15 3.76 -3.27
N LYS A 7 -10.80 4.97 -3.63
CA LYS A 7 -10.16 5.16 -4.97
C LYS A 7 -9.10 6.26 -4.87
N VAL A 8 -7.87 5.96 -5.22
CA VAL A 8 -6.81 6.98 -5.15
C VAL A 8 -7.33 8.30 -5.70
N ASP A 9 -7.57 9.25 -4.83
CA ASP A 9 -8.06 10.58 -5.29
C ASP A 9 -6.85 11.49 -5.45
N ARG A 10 -5.83 11.28 -4.67
CA ARG A 10 -4.61 12.13 -4.79
C ARG A 10 -3.37 11.33 -4.39
N SER A 11 -2.21 11.82 -4.72
CA SER A 11 -0.95 11.09 -4.37
C SER A 11 0.26 12.00 -4.60
N GLU A 12 1.44 11.54 -4.31
CA GLU A 12 2.64 12.40 -4.54
C GLU A 12 3.89 11.53 -4.73
N ASN A 13 4.89 12.07 -5.38
CA ASN A 13 6.15 11.30 -5.63
C ASN A 13 5.84 10.03 -6.42
N TYR A 14 5.93 8.90 -5.80
CA TYR A 14 5.64 7.62 -6.51
C TYR A 14 6.78 7.29 -7.47
N ASP A 15 7.16 8.22 -8.31
CA ASP A 15 8.27 7.94 -9.26
C ASP A 15 9.55 7.67 -8.47
N LYS A 16 9.80 8.46 -7.46
CA LYS A 16 11.02 8.23 -6.64
C LYS A 16 10.86 6.92 -5.88
N PHE A 17 9.64 6.59 -5.54
CA PHE A 17 9.40 5.32 -4.80
C PHE A 17 9.56 4.15 -5.77
N MET A 18 8.80 4.17 -6.83
CA MET A 18 8.91 3.08 -7.83
C MET A 18 10.33 3.04 -8.39
N GLU A 19 10.99 4.17 -8.43
CA GLU A 19 12.38 4.20 -8.97
C GLU A 19 13.35 3.63 -7.92
N LYS A 20 13.02 3.75 -6.67
CA LYS A 20 13.93 3.22 -5.61
C LYS A 20 13.86 1.69 -5.61
N MET A 21 12.69 1.15 -5.82
CA MET A 21 12.56 -0.33 -5.82
C MET A 21 13.26 -0.88 -7.06
N GLY A 22 13.67 -0.02 -7.94
CA GLY A 22 14.37 -0.48 -9.18
C GLY A 22 13.34 -0.92 -10.22
N VAL A 23 12.18 -0.33 -10.20
CA VAL A 23 11.12 -0.72 -11.19
C VAL A 23 11.45 -0.09 -12.55
N ASN A 24 11.50 -0.87 -13.58
CA ASN A 24 11.82 -0.32 -14.93
C ASN A 24 11.06 1.00 -15.13
N ILE A 25 11.44 1.79 -16.10
CA ILE A 25 10.74 3.07 -16.34
C ILE A 25 9.45 2.81 -17.11
N VAL A 26 9.23 1.58 -17.42
CA VAL A 26 7.99 1.21 -18.16
C VAL A 26 6.83 1.10 -17.18
N LYS A 27 6.95 0.23 -16.22
CA LYS A 27 5.85 0.08 -15.22
C LYS A 27 5.73 1.38 -14.44
N ARG A 28 6.81 2.11 -14.30
CA ARG A 28 6.75 3.40 -13.56
C ARG A 28 5.98 4.42 -14.39
N LYS A 29 6.23 4.48 -15.67
CA LYS A 29 5.51 5.47 -16.52
C LYS A 29 4.02 5.10 -16.58
N LEU A 30 3.72 3.82 -16.53
CA LEU A 30 2.30 3.39 -16.59
C LEU A 30 1.70 3.40 -15.18
N ALA A 31 2.54 3.49 -14.22
CA ALA A 31 2.08 3.50 -12.80
C ALA A 31 1.72 4.93 -12.39
N ALA A 32 2.46 5.90 -12.87
CA ALA A 32 2.17 7.31 -12.51
C ALA A 32 0.66 7.56 -12.59
N HIS A 33 -0.06 6.68 -13.24
CA HIS A 33 -1.53 6.88 -13.36
C HIS A 33 -2.21 6.43 -12.07
N ASP A 34 -1.70 6.83 -10.94
CA ASP A 34 -2.31 6.42 -9.64
C ASP A 34 -3.84 6.58 -9.74
N ASN A 35 -4.52 5.55 -10.16
CA ASN A 35 -6.01 5.63 -10.27
C ASN A 35 -6.60 4.25 -9.99
N LEU A 36 -6.11 3.56 -9.00
CA LEU A 36 -6.64 2.20 -8.69
C LEU A 36 -7.67 2.26 -7.57
N LYS A 37 -8.27 1.14 -7.27
CA LYS A 37 -9.29 1.08 -6.19
C LYS A 37 -8.82 0.08 -5.13
N LEU A 38 -9.23 0.26 -3.90
CA LEU A 38 -8.80 -0.67 -2.83
C LEU A 38 -9.97 -0.96 -1.90
N THR A 39 -10.25 -2.22 -1.64
CA THR A 39 -11.38 -2.55 -0.74
C THR A 39 -10.82 -2.84 0.66
N ILE A 40 -10.97 -1.93 1.57
CA ILE A 40 -10.43 -2.17 2.95
C ILE A 40 -11.58 -2.47 3.91
N THR A 41 -11.48 -3.57 4.61
CA THR A 41 -12.52 -3.93 5.59
C THR A 41 -11.82 -4.33 6.89
N GLN A 42 -12.46 -4.17 8.01
CA GLN A 42 -11.80 -4.55 9.29
C GLN A 42 -12.77 -5.33 10.19
N GLU A 43 -12.28 -6.30 10.90
CA GLU A 43 -13.17 -7.09 11.79
C GLU A 43 -12.44 -7.39 13.09
N GLY A 44 -12.38 -6.44 13.98
CA GLY A 44 -11.68 -6.65 15.28
C GLY A 44 -10.24 -7.13 15.05
N ASN A 45 -10.06 -8.42 14.90
CA ASN A 45 -8.69 -8.96 14.69
C ASN A 45 -8.60 -9.64 13.32
N LYS A 46 -9.36 -9.20 12.37
CA LYS A 46 -9.30 -9.80 11.03
C LYS A 46 -9.55 -8.71 10.01
N PHE A 47 -8.54 -8.37 9.27
CA PHE A 47 -8.67 -7.30 8.25
C PHE A 47 -8.82 -7.94 6.88
N THR A 48 -9.20 -7.19 5.90
CA THR A 48 -9.35 -7.76 4.54
C THR A 48 -9.18 -6.63 3.52
N VAL A 49 -8.03 -6.58 2.89
CA VAL A 49 -7.79 -5.53 1.88
C VAL A 49 -7.88 -6.13 0.48
N LYS A 50 -8.46 -5.42 -0.46
CA LYS A 50 -8.58 -5.97 -1.83
C LYS A 50 -8.19 -4.90 -2.86
N GLU A 51 -6.98 -4.97 -3.37
CA GLU A 51 -6.56 -3.96 -4.38
C GLU A 51 -7.25 -4.27 -5.71
N SER A 52 -7.38 -3.30 -6.57
CA SER A 52 -8.05 -3.56 -7.87
C SER A 52 -7.58 -2.53 -8.89
N SER A 53 -6.77 -2.96 -9.79
CA SER A 53 -6.25 -2.06 -10.84
C SER A 53 -6.28 -2.81 -12.18
N ALA A 54 -6.55 -2.12 -13.25
CA ALA A 54 -6.59 -2.81 -14.57
C ALA A 54 -5.25 -3.50 -14.82
N PHE A 55 -4.38 -3.52 -13.83
CA PHE A 55 -3.06 -4.16 -14.03
C PHE A 55 -3.00 -5.51 -13.31
N ARG A 56 -3.78 -5.70 -12.27
CA ARG A 56 -3.75 -7.02 -11.55
C ARG A 56 -4.33 -6.82 -10.15
N ASN A 57 -5.61 -6.97 -10.01
CA ASN A 57 -6.24 -6.79 -8.68
C ASN A 57 -5.70 -7.85 -7.72
N ILE A 58 -5.55 -7.50 -6.46
CA ILE A 58 -5.00 -8.47 -5.47
C ILE A 58 -5.85 -8.46 -4.20
N GLU A 59 -5.56 -9.35 -3.30
CA GLU A 59 -6.32 -9.42 -2.03
C GLU A 59 -5.43 -9.95 -0.91
N CYS A 60 -5.65 -9.50 0.29
CA CYS A 60 -4.81 -9.97 1.43
C CYS A 60 -5.64 -9.92 2.72
N VAL A 61 -5.97 -11.05 3.26
CA VAL A 61 -6.78 -11.08 4.51
C VAL A 61 -5.89 -11.57 5.66
N PHE A 62 -6.07 -11.04 6.83
CA PHE A 62 -5.20 -11.52 7.96
C PHE A 62 -5.49 -10.71 9.24
N GLU A 63 -4.95 -11.16 10.35
CA GLU A 63 -5.16 -10.45 11.63
C GLU A 63 -3.98 -9.50 11.86
N LEU A 64 -4.20 -8.41 12.56
CA LEU A 64 -3.07 -7.47 12.80
C LEU A 64 -2.17 -8.05 13.90
N GLY A 65 -0.88 -8.03 13.69
CA GLY A 65 0.06 -8.58 14.72
C GLY A 65 0.51 -9.98 14.30
N VAL A 66 0.43 -10.29 13.03
CA VAL A 66 0.87 -11.63 12.55
C VAL A 66 1.51 -11.49 11.18
N THR A 67 2.82 -11.61 11.10
CA THR A 67 3.50 -11.48 9.80
C THR A 67 2.78 -12.29 8.74
N PHE A 68 2.78 -11.80 7.54
CA PHE A 68 2.13 -12.51 6.41
C PHE A 68 2.71 -11.94 5.13
N ASN A 69 2.16 -12.31 4.00
CA ASN A 69 2.72 -11.78 2.73
C ASN A 69 1.62 -11.07 1.94
N CYS A 70 2.00 -10.14 1.12
CA CYS A 70 1.01 -9.40 0.30
C CYS A 70 1.73 -8.81 -0.91
N ASN A 71 1.22 -9.02 -2.09
CA ASN A 71 1.90 -8.48 -3.30
C ASN A 71 1.38 -7.09 -3.63
N LEU A 72 2.22 -6.25 -4.16
CA LEU A 72 1.77 -4.87 -4.51
C LEU A 72 1.46 -4.80 -6.01
N ALA A 73 0.49 -4.00 -6.38
CA ALA A 73 0.12 -3.88 -7.83
C ALA A 73 1.39 -3.83 -8.68
N ASP A 74 2.45 -3.27 -8.16
CA ASP A 74 3.72 -3.19 -8.95
C ASP A 74 4.25 -4.60 -9.18
N GLY A 75 3.43 -5.61 -8.98
CA GLY A 75 3.89 -7.01 -9.19
C GLY A 75 4.99 -7.33 -8.17
N THR A 76 4.97 -6.68 -7.04
CA THR A 76 6.00 -6.96 -6.02
C THR A 76 5.44 -7.92 -4.97
N GLU A 77 6.31 -8.53 -4.21
CA GLU A 77 5.86 -9.47 -3.16
C GLU A 77 6.58 -9.16 -1.85
N LEU A 78 5.87 -8.82 -0.82
CA LEU A 78 6.56 -8.49 0.47
C LEU A 78 5.84 -9.16 1.65
N ARG A 79 6.50 -9.24 2.78
CA ARG A 79 5.86 -9.87 3.97
C ARG A 79 6.25 -9.10 5.23
N GLY A 80 5.32 -8.93 6.14
CA GLY A 80 5.62 -8.20 7.39
C GLY A 80 4.31 -8.05 8.16
N THR A 81 3.87 -6.86 8.38
CA THR A 81 2.58 -6.68 9.13
C THR A 81 2.35 -5.20 9.45
N TRP A 82 1.11 -4.85 9.67
CA TRP A 82 0.79 -3.44 10.03
C TRP A 82 0.54 -3.35 11.52
N SER A 83 0.98 -2.30 12.14
CA SER A 83 0.76 -2.16 13.61
C SER A 83 0.43 -0.70 13.92
N LEU A 84 -0.22 -0.43 15.01
CA LEU A 84 -0.55 0.98 15.30
C LEU A 84 0.57 1.56 16.17
N GLU A 85 1.13 2.66 15.76
CA GLU A 85 2.23 3.29 16.55
C GLU A 85 1.81 4.73 16.86
N GLY A 86 1.58 5.04 18.11
CA GLY A 86 1.17 6.42 18.45
C GLY A 86 -0.18 6.70 17.80
N ASN A 87 -0.19 7.48 16.74
CA ASN A 87 -1.49 7.79 16.06
C ASN A 87 -1.40 7.43 14.57
N LYS A 88 -0.68 6.39 14.21
CA LYS A 88 -0.58 6.04 12.77
C LYS A 88 -0.51 4.52 12.60
N LEU A 89 -0.99 4.01 11.50
CA LEU A 89 -0.94 2.55 11.27
C LEU A 89 0.31 2.22 10.45
N ILE A 90 1.28 1.61 11.05
CA ILE A 90 2.54 1.30 10.31
C ILE A 90 2.36 0.06 9.44
N GLY A 91 3.24 -0.12 8.51
CA GLY A 91 3.19 -1.30 7.60
C GLY A 91 4.61 -1.71 7.25
N LYS A 92 5.15 -2.66 7.94
CA LYS A 92 6.54 -3.10 7.65
C LYS A 92 6.50 -4.21 6.61
N PHE A 93 6.93 -3.92 5.41
CA PHE A 93 6.92 -4.95 4.34
C PHE A 93 8.32 -5.23 3.86
N LYS A 94 8.65 -6.48 3.69
CA LYS A 94 10.00 -6.85 3.22
C LYS A 94 9.89 -7.58 1.88
N ARG A 95 10.41 -6.99 0.84
CA ARG A 95 10.35 -7.65 -0.50
C ARG A 95 10.82 -9.10 -0.35
N THR A 96 9.94 -10.04 -0.57
CA THR A 96 10.35 -11.46 -0.43
C THR A 96 11.24 -11.85 -1.60
N ASP A 97 11.29 -11.00 -2.54
CA ASP A 97 12.12 -11.25 -3.74
C ASP A 97 13.53 -10.70 -3.52
N ASN A 98 13.65 -9.56 -2.92
CA ASN A 98 15.00 -8.98 -2.68
C ASN A 98 15.12 -8.49 -1.23
N GLY A 99 14.14 -8.76 -0.41
CA GLY A 99 14.22 -8.30 1.01
C GLY A 99 14.75 -6.87 1.06
N ASN A 100 14.41 -6.06 0.09
CA ASN A 100 14.91 -4.65 0.07
C ASN A 100 14.13 -3.84 1.11
N GLU A 101 13.51 -4.52 2.03
CA GLU A 101 12.72 -3.85 3.10
C GLU A 101 11.84 -2.72 2.55
N LEU A 102 10.84 -2.36 3.27
CA LEU A 102 9.93 -1.27 2.84
C LEU A 102 9.21 -0.73 4.09
N ASN A 103 9.19 0.56 4.29
CA ASN A 103 8.52 1.11 5.50
C ASN A 103 7.37 2.00 5.07
N THR A 104 6.16 1.67 5.44
CA THR A 104 5.01 2.51 5.02
C THR A 104 4.12 2.84 6.22
N VAL A 105 3.11 3.63 5.99
CA VAL A 105 2.17 4.01 7.09
C VAL A 105 0.77 4.18 6.51
N ARG A 106 -0.24 4.08 7.33
CA ARG A 106 -1.63 4.24 6.81
C ARG A 106 -2.40 5.22 7.69
N GLU A 107 -3.13 6.12 7.08
CA GLU A 107 -3.92 7.11 7.87
C GLU A 107 -5.26 7.35 7.17
N ILE A 108 -6.24 7.82 7.89
CA ILE A 108 -7.55 8.08 7.28
C ILE A 108 -7.90 9.55 7.48
N ILE A 109 -7.40 10.38 6.63
CA ILE A 109 -7.66 11.84 6.76
C ILE A 109 -9.17 12.10 6.68
N GLY A 110 -9.81 12.11 7.81
CA GLY A 110 -11.29 12.37 7.83
C GLY A 110 -12.01 11.52 6.77
N ASP A 111 -11.90 11.87 5.53
CA ASP A 111 -12.61 11.12 4.46
C ASP A 111 -11.63 10.65 3.37
N GLU A 112 -10.40 10.41 3.71
CA GLU A 112 -9.43 9.96 2.68
C GLU A 112 -8.42 8.98 3.31
N LEU A 113 -7.94 8.01 2.56
CA LEU A 113 -6.96 7.06 3.13
C LEU A 113 -5.56 7.43 2.63
N VAL A 114 -4.70 7.82 3.52
CA VAL A 114 -3.33 8.20 3.08
C VAL A 114 -2.35 7.07 3.40
N GLN A 115 -1.88 6.39 2.40
CA GLN A 115 -0.91 5.28 2.62
C GLN A 115 0.45 5.73 2.11
N THR A 116 1.36 6.05 2.99
CA THR A 116 2.70 6.52 2.53
C THR A 116 3.72 5.39 2.68
N TYR A 117 4.65 5.33 1.79
CA TYR A 117 5.69 4.27 1.89
C TYR A 117 7.06 4.92 1.90
N VAL A 118 8.02 4.21 2.39
CA VAL A 118 9.41 4.72 2.42
C VAL A 118 10.30 3.66 1.80
N TYR A 119 11.34 4.09 1.16
CA TYR A 119 12.24 3.11 0.51
C TYR A 119 13.69 3.57 0.61
N GLU A 120 14.47 2.89 1.40
CA GLU A 120 15.92 3.23 1.55
C GLU A 120 16.11 4.71 1.77
N GLY A 121 15.09 5.40 2.18
CA GLY A 121 15.23 6.86 2.43
C GLY A 121 14.41 7.63 1.41
N VAL A 122 13.36 7.03 0.93
CA VAL A 122 12.49 7.72 -0.05
C VAL A 122 11.10 7.72 0.52
N GLU A 123 10.18 8.34 -0.14
CA GLU A 123 8.82 8.35 0.42
C GLU A 123 7.77 8.57 -0.67
N ALA A 124 6.80 7.70 -0.75
CA ALA A 124 5.71 7.87 -1.75
C ALA A 124 4.39 8.04 -1.00
N LYS A 125 3.45 8.76 -1.54
CA LYS A 125 2.16 8.95 -0.80
C LYS A 125 0.97 8.54 -1.68
N ARG A 126 0.01 7.89 -1.09
CA ARG A 126 -1.20 7.47 -1.85
C ARG A 126 -2.44 7.91 -1.07
N ILE A 127 -3.21 8.81 -1.61
CA ILE A 127 -4.41 9.29 -0.87
C ILE A 127 -5.69 8.80 -1.56
N PHE A 128 -6.51 8.08 -0.85
CA PHE A 128 -7.78 7.57 -1.45
C PHE A 128 -8.98 8.35 -0.91
N LYS A 129 -10.15 8.03 -1.41
CA LYS A 129 -11.39 8.72 -0.94
C LYS A 129 -12.57 7.76 -1.14
N LYS A 130 -13.68 8.03 -0.53
CA LYS A 130 -14.86 7.13 -0.69
C LYS A 130 -15.05 6.79 -2.17
N ASP A 131 -15.35 5.56 -2.49
CA ASP A 131 -15.55 5.18 -3.92
C ASP A 131 -16.34 6.28 -4.63
#